data_1CXW
#
_entry.id   1CXW
#
_cell.length_a   1.000
_cell.length_b   1.000
_cell.length_c   1.000
_cell.angle_alpha   90.00
_cell.angle_beta   90.00
_cell.angle_gamma   90.00
#
_symmetry.space_group_name_H-M   'P 1'
#
_entity_poly.entity_id   1
_entity_poly.type   'polypeptide(L)'
_entity_poly.pdbx_seq_one_letter_code
;TALFTMGGNAEGQPCKFPFRFQGTSYDSCTTEGRTDGYRWCGTTEDYDRDKKYGFCPETA
;
_entity_poly.pdbx_strand_id   A
#
# COMPACT_ATOMS: atom_id res chain seq x y z
N THR A 1 -1.71 -13.56 -6.08
CA THR A 1 -2.45 -12.71 -7.01
C THR A 1 -1.45 -11.62 -7.34
N ALA A 2 -1.77 -10.89 -8.43
CA ALA A 2 -1.00 -9.70 -8.75
C ALA A 2 -1.65 -8.59 -7.89
N LEU A 3 -1.04 -7.40 -7.97
CA LEU A 3 -1.49 -6.27 -7.18
C LEU A 3 -2.08 -5.22 -8.14
N PHE A 4 -3.24 -4.70 -7.70
CA PHE A 4 -4.05 -3.71 -8.40
C PHE A 4 -4.44 -2.71 -7.29
N THR A 5 -5.15 -1.60 -7.59
CA THR A 5 -5.48 -0.70 -6.48
C THR A 5 -6.69 -1.23 -5.71
N MET A 6 -7.69 -1.57 -6.55
CA MET A 6 -9.00 -2.15 -6.21
C MET A 6 -9.46 -1.77 -4.80
N GLY A 7 -9.81 -0.47 -4.71
CA GLY A 7 -10.23 0.16 -3.46
C GLY A 7 -9.26 1.30 -3.15
N GLY A 8 -7.99 0.98 -3.50
CA GLY A 8 -6.84 1.87 -3.42
C GLY A 8 -7.08 3.22 -4.11
N ASN A 9 -6.19 4.16 -3.76
CA ASN A 9 -6.36 5.55 -4.22
C ASN A 9 -5.24 6.01 -5.16
N ALA A 10 -4.27 5.10 -5.39
CA ALA A 10 -3.10 5.45 -6.19
C ALA A 10 -3.32 5.42 -7.72
N GLU A 11 -4.30 6.21 -8.18
CA GLU A 11 -4.60 6.41 -9.61
C GLU A 11 -4.43 5.16 -10.52
N GLY A 12 -4.91 4.00 -10.02
CA GLY A 12 -4.91 2.76 -10.81
C GLY A 12 -3.55 2.02 -10.84
N GLN A 13 -2.51 2.63 -10.24
CA GLN A 13 -1.20 1.99 -10.23
C GLN A 13 -1.21 0.72 -9.33
N PRO A 14 -0.52 -0.36 -9.81
CA PRO A 14 -0.31 -1.56 -9.01
C PRO A 14 0.69 -1.24 -7.88
N CYS A 15 0.59 -2.05 -6.80
CA CYS A 15 1.48 -1.89 -5.64
C CYS A 15 2.95 -1.72 -6.04
N LYS A 16 3.64 -0.90 -5.22
CA LYS A 16 5.06 -0.68 -5.41
C LYS A 16 5.79 -1.31 -4.23
N PHE A 17 6.79 -2.11 -4.63
CA PHE A 17 7.65 -2.78 -3.67
C PHE A 17 9.08 -2.45 -4.13
N PRO A 18 10.04 -2.26 -3.20
CA PRO A 18 9.81 -1.98 -1.79
C PRO A 18 9.34 -0.52 -1.64
N PHE A 19 8.33 -0.31 -0.79
CA PHE A 19 7.82 1.04 -0.53
C PHE A 19 8.25 1.40 0.90
N ARG A 20 8.57 2.69 1.08
CA ARG A 20 9.02 3.20 2.37
C ARG A 20 7.81 3.81 3.10
N PHE A 21 7.68 3.45 4.39
CA PHE A 21 6.61 3.98 5.24
C PHE A 21 7.18 3.96 6.66
N GLN A 22 6.85 4.99 7.45
CA GLN A 22 7.39 5.13 8.80
C GLN A 22 8.94 4.99 8.80
N GLY A 23 9.59 5.50 7.71
CA GLY A 23 11.06 5.40 7.65
C GLY A 23 11.61 3.95 7.55
N THR A 24 10.68 3.01 7.36
CA THR A 24 10.95 1.58 7.27
C THR A 24 10.58 1.11 5.85
N SER A 25 11.37 0.18 5.28
CA SER A 25 11.07 -0.29 3.93
C SER A 25 10.29 -1.62 4.03
N TYR A 26 9.24 -1.68 3.20
CA TYR A 26 8.31 -2.80 3.14
C TYR A 26 8.32 -3.38 1.73
N ASP A 27 8.41 -4.73 1.68
CA ASP A 27 8.39 -5.44 0.42
C ASP A 27 7.20 -6.44 0.42
N SER A 28 6.16 -6.02 1.18
CA SER A 28 4.99 -6.86 1.32
C SER A 28 3.85 -6.01 1.92
N CYS A 29 2.64 -6.60 1.80
CA CYS A 29 1.40 -6.03 2.31
C CYS A 29 1.46 -5.76 3.83
N THR A 30 0.99 -4.55 4.24
CA THR A 30 0.95 -4.21 5.67
C THR A 30 -0.49 -3.89 6.07
N THR A 31 -0.70 -3.92 7.39
CA THR A 31 -1.99 -3.60 8.02
C THR A 31 -1.89 -2.36 8.91
N GLU A 32 -0.68 -1.78 8.96
CA GLU A 32 -0.46 -0.64 9.84
C GLU A 32 -1.38 0.53 9.46
N GLY A 33 -2.18 0.95 10.45
CA GLY A 33 -3.07 2.08 10.26
C GLY A 33 -4.49 1.67 9.81
N ARG A 34 -4.68 0.36 9.55
CA ARG A 34 -6.04 -0.06 9.16
C ARG A 34 -6.63 -1.00 10.21
N THR A 35 -7.76 -0.53 10.76
CA THR A 35 -8.51 -1.29 11.76
C THR A 35 -9.83 -1.77 11.15
N ASP A 36 -9.84 -1.81 9.80
CA ASP A 36 -11.02 -2.21 9.04
C ASP A 36 -10.86 -3.62 8.41
N GLY A 37 -9.70 -4.25 8.70
CA GLY A 37 -9.45 -5.61 8.24
C GLY A 37 -8.56 -5.70 7.00
N TYR A 38 -8.47 -4.58 6.26
CA TYR A 38 -7.76 -4.63 4.98
C TYR A 38 -6.27 -4.34 5.12
N ARG A 39 -5.53 -4.88 4.14
CA ARG A 39 -4.05 -4.73 4.12
C ARG A 39 -3.72 -3.94 2.85
N TRP A 40 -2.82 -2.95 3.00
CA TRP A 40 -2.47 -2.03 1.93
C TRP A 40 -0.95 -2.09 1.62
N CYS A 41 -0.63 -1.52 0.44
CA CYS A 41 0.74 -1.39 -0.02
C CYS A 41 0.95 0.06 -0.51
N GLY A 42 2.19 0.55 -0.38
CA GLY A 42 2.49 1.86 -0.94
C GLY A 42 2.60 1.72 -2.46
N THR A 43 2.45 2.86 -3.16
CA THR A 43 2.52 2.82 -4.63
C THR A 43 3.60 3.73 -5.19
N THR A 44 4.57 4.04 -4.31
CA THR A 44 5.68 4.87 -4.70
C THR A 44 6.90 4.34 -3.95
N GLU A 45 8.03 5.01 -4.22
CA GLU A 45 9.26 4.71 -3.51
C GLU A 45 9.06 5.03 -2.01
N ASP A 46 8.47 6.23 -1.81
CA ASP A 46 8.21 6.71 -0.46
C ASP A 46 6.72 7.10 -0.27
N TYR A 47 6.06 6.28 0.58
CA TYR A 47 4.67 6.53 0.90
C TYR A 47 4.57 7.73 1.87
N ASP A 48 5.59 7.85 2.73
CA ASP A 48 5.53 8.92 3.73
C ASP A 48 5.42 10.29 3.03
N ARG A 49 6.20 10.43 1.95
CA ARG A 49 6.14 11.65 1.16
C ARG A 49 4.81 11.75 0.35
N ASP A 50 4.54 10.74 -0.49
CA ASP A 50 3.41 10.78 -1.44
C ASP A 50 1.98 10.61 -0.88
N LYS A 51 1.80 9.64 0.04
CA LYS A 51 0.50 9.29 0.64
C LYS A 51 -0.50 8.68 -0.35
N LYS A 52 0.01 7.94 -1.35
CA LYS A 52 -0.90 7.25 -2.26
C LYS A 52 -0.60 5.74 -2.15
N TYR A 53 -1.69 4.97 -1.96
CA TYR A 53 -1.59 3.54 -1.72
C TYR A 53 -2.62 2.76 -2.56
N GLY A 54 -2.42 1.44 -2.42
CA GLY A 54 -3.29 0.45 -3.05
C GLY A 54 -3.64 -0.63 -2.02
N PHE A 55 -4.59 -1.52 -2.39
CA PHE A 55 -4.95 -2.59 -1.44
C PHE A 55 -4.14 -3.82 -1.88
N CYS A 56 -4.01 -4.69 -0.87
CA CYS A 56 -3.20 -5.91 -0.99
C CYS A 56 -4.17 -7.04 -0.63
N PRO A 57 -3.78 -8.32 -0.90
CA PRO A 57 -4.63 -9.44 -0.52
C PRO A 57 -4.58 -9.69 1.00
N GLU A 58 -5.77 -9.68 1.62
CA GLU A 58 -5.84 -10.03 3.03
C GLU A 58 -5.52 -11.53 3.16
N THR A 59 -5.12 -11.91 4.39
CA THR A 59 -4.74 -13.30 4.66
C THR A 59 -3.46 -13.67 3.88
N ALA A 60 -2.57 -12.67 3.93
CA ALA A 60 -1.25 -12.67 3.33
C ALA A 60 -0.52 -11.46 3.95
N THR A 1 4.44 -9.31 -8.92
CA THR A 1 3.65 -8.81 -10.02
C THR A 1 2.99 -7.56 -9.47
N ALA A 2 2.17 -6.90 -10.30
CA ALA A 2 1.45 -5.71 -9.87
C ALA A 2 0.07 -6.19 -9.37
N LEU A 3 -0.39 -5.56 -8.27
CA LEU A 3 -1.66 -5.94 -7.66
C LEU A 3 -2.68 -4.78 -7.79
N PHE A 4 -3.95 -5.21 -7.83
CA PHE A 4 -5.14 -4.34 -7.91
C PHE A 4 -5.17 -3.30 -6.76
N THR A 5 -5.99 -2.24 -6.92
CA THR A 5 -6.11 -1.19 -5.91
C THR A 5 -7.30 -1.44 -4.95
N MET A 6 -8.34 -1.98 -5.60
CA MET A 6 -9.60 -2.45 -5.02
C MET A 6 -10.01 -1.80 -3.68
N GLY A 7 -10.30 -0.49 -3.78
CA GLY A 7 -10.74 0.30 -2.62
C GLY A 7 -9.88 1.57 -2.50
N GLY A 8 -8.60 1.31 -2.83
CA GLY A 8 -7.52 2.27 -2.95
C GLY A 8 -7.87 3.61 -3.62
N ASN A 9 -6.94 4.58 -3.41
CA ASN A 9 -7.12 5.93 -3.95
C ASN A 9 -6.01 6.34 -4.93
N ALA A 10 -5.12 5.37 -5.23
CA ALA A 10 -3.98 5.64 -6.11
C ALA A 10 -4.33 5.75 -7.62
N GLU A 11 -5.56 6.22 -7.92
CA GLU A 11 -6.01 6.45 -9.29
C GLU A 11 -5.77 5.26 -10.26
N GLY A 12 -5.97 4.05 -9.69
CA GLY A 12 -5.84 2.82 -10.49
C GLY A 12 -4.40 2.28 -10.52
N GLN A 13 -3.44 3.07 -9.98
CA GLN A 13 -2.06 2.59 -9.94
C GLN A 13 -2.00 1.37 -8.98
N PRO A 14 -1.42 0.23 -9.47
CA PRO A 14 -1.38 -1.00 -8.69
C PRO A 14 -0.40 -0.87 -7.51
N CYS A 15 -0.68 -1.65 -6.43
CA CYS A 15 0.19 -1.64 -5.24
C CYS A 15 1.68 -1.71 -5.62
N LYS A 16 2.45 -0.95 -4.82
CA LYS A 16 3.88 -0.85 -5.01
C LYS A 16 4.57 -1.44 -3.78
N PHE A 17 5.30 -2.54 -4.08
CA PHE A 17 6.12 -3.24 -3.11
C PHE A 17 7.56 -3.15 -3.67
N PRO A 18 8.56 -2.80 -2.82
CA PRO A 18 8.40 -2.27 -1.46
C PRO A 18 8.04 -0.77 -1.48
N PHE A 19 7.19 -0.38 -0.52
CA PHE A 19 6.84 1.03 -0.31
C PHE A 19 7.39 1.40 1.08
N ARG A 20 7.97 2.60 1.16
CA ARG A 20 8.60 3.08 2.39
C ARG A 20 7.63 4.06 3.08
N PHE A 21 7.20 3.66 4.29
CA PHE A 21 6.29 4.47 5.10
C PHE A 21 6.85 4.46 6.53
N GLN A 22 6.72 5.63 7.20
CA GLN A 22 7.19 5.82 8.58
C GLN A 22 8.72 5.67 8.72
N GLY A 23 9.41 5.58 7.57
CA GLY A 23 10.86 5.41 7.57
C GLY A 23 11.28 3.94 7.38
N THR A 24 10.28 3.06 7.25
CA THR A 24 10.55 1.63 7.07
C THR A 24 9.94 1.14 5.75
N SER A 25 10.65 0.17 5.16
CA SER A 25 10.26 -0.46 3.93
C SER A 25 9.29 -1.61 4.24
N TYR A 26 8.17 -1.58 3.51
CA TYR A 26 7.09 -2.56 3.65
C TYR A 26 6.86 -3.22 2.29
N ASP A 27 6.84 -4.56 2.33
CA ASP A 27 6.69 -5.38 1.11
C ASP A 27 5.41 -6.24 1.19
N SER A 28 4.41 -5.69 1.90
CA SER A 28 3.14 -6.37 2.05
C SER A 28 2.17 -5.33 2.61
N CYS A 29 0.86 -5.67 2.58
CA CYS A 29 -0.12 -4.72 3.08
C CYS A 29 0.12 -4.41 4.59
N THR A 30 0.10 -3.12 4.99
CA THR A 30 0.28 -2.75 6.40
C THR A 30 -1.03 -2.16 6.93
N THR A 31 -1.16 -2.24 8.26
CA THR A 31 -2.34 -1.70 8.96
C THR A 31 -2.02 -0.34 9.60
N GLU A 32 -0.73 0.04 9.53
CA GLU A 32 -0.34 1.31 10.15
C GLU A 32 -1.12 2.47 9.50
N GLY A 33 -2.04 3.04 10.31
CA GLY A 33 -2.86 4.16 9.87
C GLY A 33 -4.36 3.84 9.77
N ARG A 34 -4.68 2.53 9.67
CA ARG A 34 -6.11 2.15 9.55
C ARG A 34 -6.47 1.14 10.64
N THR A 35 -7.50 1.51 11.41
CA THR A 35 -7.99 0.66 12.50
C THR A 35 -9.40 0.15 12.18
N ASP A 36 -9.67 0.04 10.86
CA ASP A 36 -10.97 -0.38 10.35
C ASP A 36 -10.93 -1.76 9.68
N GLY A 37 -9.74 -2.40 9.76
CA GLY A 37 -9.57 -3.74 9.19
C GLY A 37 -8.84 -3.76 7.85
N TYR A 38 -8.86 -2.62 7.15
CA TYR A 38 -8.31 -2.62 5.80
C TYR A 38 -6.80 -2.34 5.80
N ARG A 39 -6.05 -3.46 5.64
CA ARG A 39 -4.59 -3.30 5.47
C ARG A 39 -4.41 -2.69 4.06
N TRP A 40 -3.52 -1.69 3.95
CA TRP A 40 -3.31 -0.98 2.70
C TRP A 40 -1.85 -1.15 2.22
N CYS A 41 -1.62 -0.80 0.95
CA CYS A 41 -0.30 -0.84 0.35
C CYS A 41 0.02 0.54 -0.24
N GLY A 42 1.29 0.94 -0.16
CA GLY A 42 1.65 2.22 -0.78
C GLY A 42 1.75 2.01 -2.29
N THR A 43 1.81 3.14 -3.02
CA THR A 43 1.87 3.03 -4.49
C THR A 43 3.10 3.72 -5.09
N THR A 44 4.09 3.95 -4.21
CA THR A 44 5.34 4.56 -4.63
C THR A 44 6.42 4.03 -3.68
N GLU A 45 7.67 4.30 -4.09
CA GLU A 45 8.80 3.94 -3.25
C GLU A 45 8.73 4.73 -1.93
N ASP A 46 8.38 6.03 -2.09
CA ASP A 46 8.24 6.92 -0.92
C ASP A 46 6.75 7.19 -0.70
N TYR A 47 6.19 6.46 0.28
CA TYR A 47 4.76 6.67 0.52
C TYR A 47 4.49 7.98 1.27
N ASP A 48 5.38 8.26 2.26
CA ASP A 48 5.14 9.40 3.13
C ASP A 48 4.93 10.71 2.35
N ARG A 49 5.72 10.86 1.26
CA ARG A 49 5.63 12.07 0.45
C ARG A 49 4.35 12.07 -0.42
N ASP A 50 4.09 10.92 -1.08
CA ASP A 50 2.91 10.83 -1.96
C ASP A 50 1.55 10.89 -1.22
N LYS A 51 1.32 9.92 -0.32
CA LYS A 51 0.04 9.76 0.38
C LYS A 51 -1.07 9.25 -0.55
N LYS A 52 -0.69 8.29 -1.41
CA LYS A 52 -1.67 7.65 -2.26
C LYS A 52 -1.39 6.14 -2.17
N TYR A 53 -2.48 5.38 -1.99
CA TYR A 53 -2.37 3.97 -1.68
C TYR A 53 -3.44 3.12 -2.38
N GLY A 54 -3.29 1.83 -2.06
CA GLY A 54 -4.22 0.79 -2.46
C GLY A 54 -4.66 -0.01 -1.22
N PHE A 55 -5.67 -0.89 -1.39
CA PHE A 55 -6.13 -1.72 -0.26
C PHE A 55 -5.51 -3.09 -0.50
N CYS A 56 -5.45 -3.90 0.58
CA CYS A 56 -4.74 -5.23 0.46
C CYS A 56 -5.33 -6.07 -0.70
N PRO A 57 -4.58 -6.20 -1.84
CA PRO A 57 -5.13 -6.96 -2.94
C PRO A 57 -4.56 -8.39 -2.87
N GLU A 58 -5.47 -9.35 -2.56
CA GLU A 58 -5.01 -10.75 -2.40
C GLU A 58 -3.87 -10.75 -1.35
N THR A 59 -2.66 -11.18 -1.78
CA THR A 59 -1.48 -11.16 -0.94
C THR A 59 -1.55 -12.20 0.22
N ALA A 60 -2.38 -11.84 1.22
CA ALA A 60 -2.60 -12.60 2.44
C ALA A 60 -1.44 -12.37 3.44
N THR A 1 -0.58 -12.76 -12.96
CA THR A 1 -1.52 -12.37 -11.94
C THR A 1 -1.07 -11.15 -11.12
N ALA A 2 0.02 -11.37 -10.34
CA ALA A 2 0.54 -10.33 -9.46
C ALA A 2 -0.49 -10.08 -8.35
N LEU A 3 -0.59 -8.81 -7.92
CA LEU A 3 -1.53 -8.41 -6.88
C LEU A 3 -2.37 -7.29 -7.53
N PHE A 4 -3.70 -7.37 -7.35
CA PHE A 4 -4.59 -6.34 -7.91
C PHE A 4 -4.82 -5.30 -6.81
N THR A 5 -5.15 -4.05 -7.21
CA THR A 5 -5.30 -3.01 -6.18
C THR A 5 -6.69 -3.13 -5.53
N MET A 6 -7.68 -3.03 -6.42
CA MET A 6 -9.10 -3.14 -6.10
C MET A 6 -9.58 -1.82 -5.45
N GLY A 7 -8.95 -1.53 -4.31
CA GLY A 7 -9.14 -0.31 -3.56
C GLY A 7 -7.80 0.42 -3.56
N GLY A 8 -7.84 1.70 -3.14
CA GLY A 8 -6.63 2.49 -3.11
C GLY A 8 -6.95 3.92 -3.50
N ASN A 9 -5.93 4.79 -3.33
CA ASN A 9 -6.05 6.19 -3.75
C ASN A 9 -5.00 6.50 -4.84
N ALA A 10 -4.10 5.53 -5.10
CA ALA A 10 -3.02 5.71 -6.07
C ALA A 10 -3.47 5.37 -7.49
N GLU A 11 -4.64 5.92 -7.85
CA GLU A 11 -5.21 5.80 -9.20
C GLU A 11 -5.07 4.37 -9.84
N GLY A 12 -5.32 3.34 -9.00
CA GLY A 12 -5.34 1.96 -9.48
C GLY A 12 -3.93 1.37 -9.77
N GLN A 13 -2.87 2.15 -9.44
CA GLN A 13 -1.51 1.68 -9.70
C GLN A 13 -1.20 0.47 -8.78
N PRO A 14 -0.69 -0.64 -9.38
CA PRO A 14 -0.37 -1.86 -8.62
C PRO A 14 0.70 -1.59 -7.56
N CYS A 15 0.65 -2.41 -6.49
CA CYS A 15 1.62 -2.23 -5.41
C CYS A 15 3.06 -2.17 -5.94
N LYS A 16 3.81 -1.33 -5.23
CA LYS A 16 5.20 -1.08 -5.52
C LYS A 16 5.90 -1.69 -4.29
N PHE A 17 6.66 -2.76 -4.58
CA PHE A 17 7.44 -3.42 -3.54
C PHE A 17 8.89 -3.29 -4.03
N PRO A 18 9.85 -2.92 -3.12
CA PRO A 18 9.62 -2.46 -1.75
C PRO A 18 9.20 -0.99 -1.71
N PHE A 19 8.26 -0.66 -0.80
CA PHE A 19 7.86 0.73 -0.58
C PHE A 19 8.36 1.12 0.82
N ARG A 20 8.73 2.42 0.97
CA ARG A 20 9.29 2.90 2.24
C ARG A 20 8.22 3.74 2.99
N PHE A 21 7.86 3.25 4.20
CA PHE A 21 6.87 3.90 5.08
C PHE A 21 7.44 3.85 6.51
N GLN A 22 7.17 4.90 7.30
CA GLN A 22 7.70 5.01 8.67
C GLN A 22 9.23 4.78 8.69
N GLY A 23 9.95 5.32 7.66
CA GLY A 23 11.40 5.13 7.61
C GLY A 23 11.86 3.66 7.47
N THR A 24 10.88 2.78 7.21
CA THR A 24 11.07 1.34 7.12
C THR A 24 10.67 0.87 5.71
N SER A 25 11.37 -0.19 5.25
CA SER A 25 11.13 -0.79 3.95
C SER A 25 10.13 -1.95 4.11
N TYR A 26 9.18 -2.00 3.16
CA TYR A 26 8.16 -3.02 3.15
C TYR A 26 8.11 -3.70 1.77
N ASP A 27 8.29 -5.03 1.83
CA ASP A 27 8.28 -5.88 0.64
C ASP A 27 7.03 -6.77 0.65
N SER A 28 5.97 -6.25 1.30
CA SER A 28 4.75 -7.01 1.42
C SER A 28 3.64 -6.08 1.92
N CYS A 29 2.41 -6.59 1.75
CA CYS A 29 1.19 -5.93 2.19
C CYS A 29 1.20 -5.70 3.72
N THR A 30 0.85 -4.47 4.17
CA THR A 30 0.80 -4.20 5.61
C THR A 30 -0.62 -3.77 6.01
N THR A 31 -0.76 -3.63 7.33
CA THR A 31 -2.00 -3.19 7.97
C THR A 31 -1.77 -1.96 8.87
N GLU A 32 -0.48 -1.54 9.00
CA GLU A 32 -0.19 -0.39 9.87
C GLU A 32 -0.88 0.86 9.33
N GLY A 33 -1.88 1.33 10.10
CA GLY A 33 -2.63 2.53 9.70
C GLY A 33 -4.13 2.23 9.57
N ARG A 34 -4.44 0.93 9.41
CA ARG A 34 -5.87 0.57 9.33
C ARG A 34 -6.19 -0.35 10.51
N THR A 35 -7.51 -0.41 10.81
CA THR A 35 -7.93 -1.20 11.96
C THR A 35 -9.04 -2.23 11.65
N ASP A 36 -9.52 -2.34 10.37
CA ASP A 36 -10.67 -3.24 10.19
C ASP A 36 -10.36 -4.60 9.51
N GLY A 37 -9.24 -4.67 8.76
CA GLY A 37 -9.00 -5.92 8.04
C GLY A 37 -8.17 -5.75 6.78
N TYR A 38 -8.58 -4.76 5.95
CA TYR A 38 -7.94 -4.65 4.64
C TYR A 38 -6.49 -4.18 4.79
N ARG A 39 -5.67 -4.72 3.88
CA ARG A 39 -4.22 -4.48 3.92
C ARG A 39 -3.88 -3.48 2.81
N TRP A 40 -2.92 -2.56 3.07
CA TRP A 40 -2.54 -1.59 2.05
C TRP A 40 -1.03 -1.71 1.76
N CYS A 41 -0.64 -1.14 0.60
CA CYS A 41 0.74 -1.08 0.20
C CYS A 41 1.01 0.33 -0.35
N GLY A 42 2.27 0.78 -0.16
CA GLY A 42 2.66 2.06 -0.73
C GLY A 42 2.86 1.85 -2.23
N THR A 43 2.62 2.94 -2.99
CA THR A 43 2.74 2.85 -4.44
C THR A 43 3.78 3.84 -4.97
N THR A 44 4.76 4.11 -4.10
CA THR A 44 5.86 4.98 -4.47
C THR A 44 7.09 4.48 -3.70
N GLU A 45 8.23 5.07 -4.10
CA GLU A 45 9.49 4.81 -3.43
C GLU A 45 9.44 5.25 -1.96
N ASP A 46 8.93 6.49 -1.83
CA ASP A 46 8.81 7.15 -0.53
C ASP A 46 7.31 7.41 -0.26
N TYR A 47 6.74 6.48 0.52
CA TYR A 47 5.30 6.61 0.79
C TYR A 47 5.00 7.80 1.70
N ASP A 48 5.87 7.98 2.71
CA ASP A 48 5.63 9.01 3.70
C ASP A 48 5.45 10.40 3.02
N ARG A 49 6.33 10.62 2.02
CA ARG A 49 6.30 11.84 1.25
C ARG A 49 5.04 11.93 0.37
N ASP A 50 4.90 10.96 -0.56
CA ASP A 50 3.83 11.02 -1.55
C ASP A 50 2.39 10.88 -0.99
N LYS A 51 2.20 9.83 -0.18
CA LYS A 51 0.91 9.50 0.46
C LYS A 51 -0.11 8.85 -0.49
N LYS A 52 0.43 8.19 -1.54
CA LYS A 52 -0.47 7.48 -2.45
C LYS A 52 -0.22 5.97 -2.25
N TYR A 53 -1.33 5.28 -1.92
CA TYR A 53 -1.33 3.86 -1.64
C TYR A 53 -2.42 3.15 -2.46
N GLY A 54 -2.31 1.83 -2.33
CA GLY A 54 -3.24 0.90 -2.94
C GLY A 54 -3.66 -0.14 -1.89
N PHE A 55 -4.67 -0.97 -2.24
CA PHE A 55 -5.04 -2.06 -1.33
C PHE A 55 -4.23 -3.25 -1.86
N CYS A 56 -3.92 -4.12 -0.90
CA CYS A 56 -2.98 -5.23 -1.17
C CYS A 56 -3.68 -6.49 -0.68
N PRO A 57 -3.38 -7.68 -1.28
CA PRO A 57 -4.19 -8.87 -0.97
C PRO A 57 -4.21 -9.27 0.52
N GLU A 58 -5.45 -9.28 1.07
CA GLU A 58 -5.72 -9.66 2.45
C GLU A 58 -5.15 -11.04 2.85
N THR A 59 -4.81 -11.82 1.81
CA THR A 59 -4.25 -13.16 1.94
C THR A 59 -3.01 -13.24 2.88
N ALA A 60 -2.23 -12.14 2.90
CA ALA A 60 -1.04 -12.10 3.74
C ALA A 60 -0.54 -10.65 3.84
N THR A 1 3.04 -8.90 -10.31
CA THR A 1 2.34 -8.15 -11.35
C THR A 1 1.39 -7.28 -10.54
N ALA A 2 0.29 -6.83 -11.16
CA ALA A 2 -0.69 -5.98 -10.49
C ALA A 2 -1.41 -6.77 -9.36
N LEU A 3 -0.79 -6.71 -8.18
CA LEU A 3 -1.33 -7.45 -7.02
C LEU A 3 -2.19 -6.54 -6.06
N PHE A 4 -2.57 -5.30 -6.48
CA PHE A 4 -2.88 -4.36 -5.39
C PHE A 4 -3.98 -3.27 -5.51
N THR A 5 -4.84 -3.24 -6.56
CA THR A 5 -5.92 -2.24 -6.45
C THR A 5 -7.27 -2.87 -6.81
N MET A 6 -8.29 -2.38 -6.06
CA MET A 6 -9.69 -2.80 -6.07
C MET A 6 -10.28 -2.25 -4.75
N GLY A 7 -10.02 -0.94 -4.57
CA GLY A 7 -10.37 -0.25 -3.32
C GLY A 7 -9.37 0.89 -3.09
N GLY A 8 -8.12 0.53 -3.45
CA GLY A 8 -6.96 1.42 -3.43
C GLY A 8 -7.24 2.77 -4.09
N ASN A 9 -6.41 3.77 -3.70
CA ASN A 9 -6.66 5.15 -4.16
C ASN A 9 -5.53 5.70 -5.05
N ALA A 10 -4.49 4.89 -5.25
CA ALA A 10 -3.35 5.35 -6.03
C ALA A 10 -3.58 5.29 -7.54
N GLU A 11 -4.64 6.00 -8.01
CA GLU A 11 -5.00 6.08 -9.44
C GLU A 11 -5.04 4.71 -10.17
N GLY A 12 -5.37 3.65 -9.41
CA GLY A 12 -5.46 2.30 -10.00
C GLY A 12 -4.07 1.63 -10.14
N GLN A 13 -3.01 2.41 -9.81
CA GLN A 13 -1.65 1.88 -9.84
C GLN A 13 -1.47 0.93 -8.63
N PRO A 14 -1.05 -0.33 -8.89
CA PRO A 14 -0.79 -1.28 -7.82
C PRO A 14 0.47 -0.90 -7.02
N CYS A 15 0.46 -1.34 -5.73
CA CYS A 15 1.54 -1.05 -4.79
C CYS A 15 2.90 -1.37 -5.38
N LYS A 16 3.85 -0.59 -4.85
CA LYS A 16 5.23 -0.72 -5.25
C LYS A 16 5.98 -1.28 -4.06
N PHE A 17 6.77 -2.31 -4.38
CA PHE A 17 7.62 -2.94 -3.37
C PHE A 17 9.03 -2.73 -3.94
N PRO A 18 9.99 -2.30 -3.08
CA PRO A 18 9.78 -1.85 -1.71
C PRO A 18 9.27 -0.39 -1.67
N PHE A 19 8.28 -0.14 -0.78
CA PHE A 19 7.78 1.21 -0.58
C PHE A 19 8.30 1.66 0.79
N ARG A 20 8.66 2.94 0.86
CA ARG A 20 9.23 3.51 2.07
C ARG A 20 8.11 4.32 2.76
N PHE A 21 7.88 3.96 4.04
CA PHE A 21 6.82 4.58 4.84
C PHE A 21 7.40 4.75 6.26
N GLN A 22 7.05 5.88 6.89
CA GLN A 22 7.52 6.22 8.24
C GLN A 22 9.07 6.30 8.34
N GLY A 23 9.74 6.38 7.18
CA GLY A 23 11.20 6.39 7.20
C GLY A 23 11.81 4.97 7.21
N THR A 24 10.93 3.95 7.07
CA THR A 24 11.33 2.55 7.04
C THR A 24 10.91 1.92 5.70
N SER A 25 11.67 0.90 5.29
CA SER A 25 11.45 0.18 4.04
C SER A 25 10.49 -1.01 4.26
N TYR A 26 9.45 -1.06 3.41
CA TYR A 26 8.45 -2.12 3.43
C TYR A 26 8.47 -2.85 2.08
N ASP A 27 8.47 -4.19 2.20
CA ASP A 27 8.49 -5.11 1.07
C ASP A 27 7.21 -5.96 1.00
N SER A 28 6.28 -5.67 1.94
CA SER A 28 5.10 -6.49 2.05
C SER A 28 4.01 -5.69 2.78
N CYS A 29 2.81 -6.30 2.79
CA CYS A 29 1.60 -5.75 3.39
C CYS A 29 1.76 -5.23 4.83
N THR A 30 1.17 -4.03 5.09
CA THR A 30 1.10 -3.53 6.47
C THR A 30 -0.37 -3.23 6.77
N THR A 31 -0.61 -3.06 8.09
CA THR A 31 -1.93 -2.70 8.58
C THR A 31 -1.86 -1.41 9.43
N GLU A 32 -0.67 -0.79 9.42
CA GLU A 32 -0.45 0.43 10.18
C GLU A 32 -1.42 1.54 9.72
N GLY A 33 -2.36 1.86 10.62
CA GLY A 33 -3.32 2.93 10.36
C GLY A 33 -4.72 2.43 10.00
N ARG A 34 -4.86 1.10 9.79
CA ARG A 34 -6.22 0.61 9.47
C ARG A 34 -6.71 -0.33 10.57
N THR A 35 -7.89 0.05 11.08
CA THR A 35 -8.59 -0.69 12.12
C THR A 35 -9.90 -1.26 11.54
N ASP A 36 -9.94 -1.33 10.19
CA ASP A 36 -11.12 -1.82 9.49
C ASP A 36 -10.93 -3.27 8.98
N GLY A 37 -9.72 -3.81 9.27
CA GLY A 37 -9.44 -5.21 8.93
C GLY A 37 -8.55 -5.38 7.70
N TYR A 38 -8.46 -4.34 6.86
CA TYR A 38 -7.73 -4.49 5.61
C TYR A 38 -6.28 -4.03 5.74
N ARG A 39 -5.43 -4.77 5.01
CA ARG A 39 -3.99 -4.48 5.00
C ARG A 39 -3.72 -3.70 3.70
N TRP A 40 -2.92 -2.63 3.80
CA TRP A 40 -2.62 -1.77 2.66
C TRP A 40 -1.11 -1.79 2.38
N CYS A 41 -0.77 -1.31 1.17
CA CYS A 41 0.61 -1.17 0.78
C CYS A 41 0.73 0.15 -0.02
N GLY A 42 1.94 0.75 0.00
CA GLY A 42 2.16 2.04 -0.63
C GLY A 42 2.45 1.94 -2.14
N THR A 43 2.35 3.11 -2.80
CA THR A 43 2.74 3.23 -4.20
C THR A 43 3.96 4.16 -4.25
N THR A 44 4.81 3.84 -5.23
CA THR A 44 6.09 4.50 -5.45
C THR A 44 7.08 4.02 -4.35
N GLU A 45 8.32 4.51 -4.53
CA GLU A 45 9.37 4.24 -3.56
C GLU A 45 9.12 5.02 -2.25
N ASP A 46 8.45 6.19 -2.40
CA ASP A 46 8.27 7.10 -1.24
C ASP A 46 6.76 7.32 -0.97
N TYR A 47 6.26 6.50 -0.02
CA TYR A 47 4.84 6.60 0.30
C TYR A 47 4.54 7.90 1.06
N ASP A 48 5.46 8.24 1.98
CA ASP A 48 5.22 9.39 2.84
C ASP A 48 4.95 10.67 2.02
N ARG A 49 5.70 10.79 0.92
CA ARG A 49 5.59 11.92 0.01
C ARG A 49 4.20 11.97 -0.67
N ASP A 50 3.93 10.98 -1.53
CA ASP A 50 2.70 10.96 -2.35
C ASP A 50 1.40 10.68 -1.57
N LYS A 51 1.53 9.75 -0.60
CA LYS A 51 0.41 9.35 0.26
C LYS A 51 -0.70 8.67 -0.56
N LYS A 52 -0.29 7.75 -1.44
CA LYS A 52 -1.27 7.04 -2.24
C LYS A 52 -1.00 5.55 -2.03
N TYR A 53 -2.10 4.81 -1.83
CA TYR A 53 -1.97 3.40 -1.50
C TYR A 53 -2.93 2.53 -2.31
N GLY A 54 -2.66 1.24 -2.08
CA GLY A 54 -3.40 0.12 -2.66
C GLY A 54 -3.72 -0.87 -1.53
N PHE A 55 -4.49 -1.93 -1.87
CA PHE A 55 -4.85 -2.91 -0.84
C PHE A 55 -3.95 -4.11 -1.10
N CYS A 56 -3.61 -4.78 0.01
CA CYS A 56 -2.69 -5.94 -0.09
C CYS A 56 -3.60 -7.18 0.00
N PRO A 57 -3.15 -8.34 -0.55
CA PRO A 57 -4.05 -9.50 -0.67
C PRO A 57 -4.63 -9.94 0.68
N GLU A 58 -5.98 -9.93 0.73
CA GLU A 58 -6.72 -10.33 1.92
C GLU A 58 -7.29 -11.73 1.67
N THR A 59 -8.35 -12.05 2.42
CA THR A 59 -9.00 -13.35 2.26
C THR A 59 -9.86 -13.32 0.99
N ALA A 60 -9.30 -13.92 -0.07
CA ALA A 60 -9.96 -14.02 -1.36
C ALA A 60 -9.34 -15.19 -2.13
N THR A 1 -1.89 -12.28 -10.21
CA THR A 1 -0.57 -11.69 -10.38
C THR A 1 -0.82 -10.20 -10.30
N ALA A 2 0.18 -9.46 -9.78
CA ALA A 2 0.05 -8.01 -9.59
C ALA A 2 -1.05 -7.70 -8.56
N LEU A 3 -1.11 -6.39 -8.23
CA LEU A 3 -2.09 -5.85 -7.30
C LEU A 3 -2.79 -4.71 -8.07
N PHE A 4 -4.13 -4.69 -7.90
CA PHE A 4 -5.03 -3.77 -8.59
C PHE A 4 -5.74 -2.94 -7.52
N THR A 5 -6.25 -1.76 -7.92
CA THR A 5 -6.93 -0.89 -6.97
C THR A 5 -8.44 -1.08 -7.13
N MET A 6 -9.18 -0.40 -6.23
CA MET A 6 -10.63 -0.42 -6.25
C MET A 6 -11.14 0.60 -5.20
N GLY A 7 -10.69 0.33 -3.96
CA GLY A 7 -11.01 1.21 -2.84
C GLY A 7 -9.92 2.27 -2.65
N GLY A 8 -8.71 1.85 -3.07
CA GLY A 8 -7.50 2.67 -3.04
C GLY A 8 -7.62 3.90 -3.94
N ASN A 9 -6.56 4.74 -3.89
CA ASN A 9 -6.54 5.99 -4.65
C ASN A 9 -5.39 5.93 -5.70
N ALA A 10 -4.47 6.91 -5.63
CA ALA A 10 -3.27 6.93 -6.51
C ALA A 10 -3.56 6.67 -8.00
N GLU A 11 -4.72 7.22 -8.42
CA GLU A 11 -5.19 7.15 -9.80
C GLU A 11 -5.15 5.74 -10.42
N GLY A 12 -5.36 4.72 -9.56
CA GLY A 12 -5.42 3.35 -10.09
C GLY A 12 -4.02 2.71 -10.25
N GLN A 13 -2.97 3.41 -9.78
CA GLN A 13 -1.62 2.84 -9.90
C GLN A 13 -1.50 1.55 -9.07
N PRO A 14 -0.74 0.55 -9.61
CA PRO A 14 -0.51 -0.70 -8.91
C PRO A 14 0.44 -0.53 -7.71
N CYS A 15 0.12 -1.29 -6.65
CA CYS A 15 0.89 -1.32 -5.40
C CYS A 15 2.38 -1.30 -5.69
N LYS A 16 3.10 -0.61 -4.78
CA LYS A 16 4.51 -0.38 -4.98
C LYS A 16 5.28 -0.96 -3.81
N PHE A 17 6.38 -1.62 -4.22
CA PHE A 17 7.29 -2.26 -3.28
C PHE A 17 8.69 -1.93 -3.79
N PRO A 18 9.60 -1.47 -2.89
CA PRO A 18 9.37 -1.14 -1.48
C PRO A 18 8.67 0.23 -1.35
N PHE A 19 7.61 0.27 -0.52
CA PHE A 19 6.97 1.56 -0.24
C PHE A 19 7.37 1.91 1.21
N ARG A 20 7.96 3.10 1.36
CA ARG A 20 8.38 3.53 2.68
C ARG A 20 7.19 4.23 3.36
N PHE A 21 7.04 3.98 4.67
CA PHE A 21 5.99 4.61 5.46
C PHE A 21 6.51 4.64 6.90
N GLN A 22 6.09 5.66 7.67
CA GLN A 22 6.54 5.83 9.05
C GLN A 22 8.10 5.85 9.08
N GLY A 23 8.70 6.42 8.03
CA GLY A 23 10.16 6.48 7.94
C GLY A 23 10.83 5.13 7.62
N THR A 24 10.01 4.06 7.69
CA THR A 24 10.44 2.67 7.54
C THR A 24 10.12 2.19 6.12
N SER A 25 10.60 0.98 5.79
CA SER A 25 10.45 0.37 4.46
C SER A 25 9.52 -0.85 4.55
N TYR A 26 8.50 -0.87 3.67
CA TYR A 26 7.56 -2.00 3.61
C TYR A 26 7.60 -2.61 2.19
N ASP A 27 7.74 -3.94 2.18
CA ASP A 27 7.73 -4.71 0.94
C ASP A 27 6.58 -5.72 0.99
N SER A 28 5.53 -5.31 1.72
CA SER A 28 4.40 -6.20 1.89
C SER A 28 3.21 -5.38 2.42
N CYS A 29 2.02 -5.97 2.17
CA CYS A 29 0.75 -5.41 2.62
C CYS A 29 0.75 -5.09 4.14
N THR A 30 0.45 -3.82 4.49
CA THR A 30 0.47 -3.43 5.90
C THR A 30 -0.94 -2.99 6.34
N THR A 31 -1.05 -2.87 7.67
CA THR A 31 -2.25 -2.37 8.32
C THR A 31 -1.94 -1.11 9.15
N GLU A 32 -0.66 -0.72 9.18
CA GLU A 32 -0.30 0.45 9.97
C GLU A 32 -1.04 1.68 9.42
N GLY A 33 -1.77 2.33 10.33
CA GLY A 33 -2.52 3.53 9.96
C GLY A 33 -4.03 3.27 9.74
N ARG A 34 -4.41 1.98 9.61
CA ARG A 34 -5.85 1.70 9.42
C ARG A 34 -6.34 0.84 10.59
N THR A 35 -7.45 1.32 11.17
CA THR A 35 -8.11 0.66 12.28
C THR A 35 -9.46 0.08 11.82
N ASP A 36 -9.62 0.01 10.47
CA ASP A 36 -10.84 -0.50 9.86
C ASP A 36 -10.64 -1.92 9.29
N GLY A 37 -9.42 -2.46 9.50
CA GLY A 37 -9.13 -3.84 9.10
C GLY A 37 -8.26 -3.95 7.85
N TYR A 38 -8.68 -3.18 6.84
CA TYR A 38 -8.14 -3.34 5.49
C TYR A 38 -6.63 -3.17 5.38
N ARG A 39 -6.05 -4.15 4.65
CA ARG A 39 -4.59 -4.11 4.43
C ARG A 39 -4.36 -3.26 3.17
N TRP A 40 -3.43 -2.29 3.30
CA TRP A 40 -3.12 -1.36 2.22
C TRP A 40 -1.64 -1.46 1.84
N CYS A 41 -1.35 -0.90 0.64
CA CYS A 41 0.00 -0.83 0.12
C CYS A 41 0.24 0.62 -0.34
N GLY A 42 1.51 1.06 -0.25
CA GLY A 42 1.84 2.37 -0.78
C GLY A 42 1.92 2.24 -2.30
N THR A 43 1.72 3.37 -3.00
CA THR A 43 1.79 3.32 -4.48
C THR A 43 3.00 4.09 -5.00
N THR A 44 3.89 4.45 -4.07
CA THR A 44 5.12 5.14 -4.42
C THR A 44 6.19 4.58 -3.50
N GLU A 45 7.44 4.88 -3.90
CA GLU A 45 8.60 4.41 -3.15
C GLU A 45 8.64 5.07 -1.76
N ASP A 46 8.08 6.30 -1.69
CA ASP A 46 7.97 7.02 -0.42
C ASP A 46 6.50 7.45 -0.22
N TYR A 47 5.80 6.66 0.62
CA TYR A 47 4.39 6.95 0.86
C TYR A 47 4.22 8.19 1.75
N ASP A 48 5.18 8.34 2.69
CA ASP A 48 5.08 9.45 3.63
C ASP A 48 4.99 10.79 2.88
N ARG A 49 5.73 10.83 1.76
CA ARG A 49 5.76 12.01 0.89
C ARG A 49 4.43 12.19 0.10
N ASP A 50 4.05 11.14 -0.65
CA ASP A 50 2.88 11.23 -1.55
C ASP A 50 1.49 11.17 -0.89
N LYS A 51 1.34 10.23 0.07
CA LYS A 51 0.10 9.94 0.78
C LYS A 51 -0.98 9.34 -0.13
N LYS A 52 -0.52 8.53 -1.11
CA LYS A 52 -1.48 7.88 -1.99
C LYS A 52 -1.16 6.37 -1.99
N TYR A 53 -2.25 5.58 -1.85
CA TYR A 53 -2.18 4.16 -1.60
C TYR A 53 -3.17 3.36 -2.46
N GLY A 54 -3.01 2.04 -2.26
CA GLY A 54 -3.82 1.01 -2.87
C GLY A 54 -4.24 0.00 -1.79
N PHE A 55 -5.14 -0.96 -2.17
CA PHE A 55 -5.56 -1.98 -1.20
C PHE A 55 -4.77 -3.25 -1.56
N CYS A 56 -4.66 -4.09 -0.54
CA CYS A 56 -3.86 -5.32 -0.64
C CYS A 56 -4.83 -6.48 -0.35
N PRO A 57 -4.41 -7.74 -0.64
CA PRO A 57 -5.23 -8.89 -0.26
C PRO A 57 -5.26 -9.00 1.28
N GLU A 58 -6.51 -9.09 1.79
CA GLU A 58 -6.71 -9.12 3.24
C GLU A 58 -5.95 -10.28 3.91
N THR A 59 -6.07 -11.46 3.25
CA THR A 59 -5.43 -12.66 3.75
C THR A 59 -3.96 -12.72 3.29
N ALA A 60 -3.83 -12.86 1.96
CA ALA A 60 -2.54 -12.96 1.28
C ALA A 60 -2.85 -13.05 -0.23
N THR A 1 -0.28 -13.47 -8.02
CA THR A 1 -0.73 -12.76 -9.19
C THR A 1 -0.25 -11.33 -8.96
N ALA A 2 -0.47 -10.45 -9.95
CA ALA A 2 -0.09 -9.06 -9.77
C ALA A 2 -1.13 -8.38 -8.87
N LEU A 3 -0.65 -7.34 -8.17
CA LEU A 3 -1.47 -6.58 -7.23
C LEU A 3 -1.64 -5.15 -7.78
N PHE A 4 -2.89 -4.90 -8.26
CA PHE A 4 -3.28 -3.60 -8.83
C PHE A 4 -3.56 -2.66 -7.61
N THR A 5 -4.77 -2.10 -7.45
CA THR A 5 -5.07 -1.28 -6.28
C THR A 5 -6.02 -2.02 -5.32
N MET A 6 -6.82 -2.87 -5.97
CA MET A 6 -7.76 -3.77 -5.30
C MET A 6 -8.74 -3.03 -4.37
N GLY A 7 -9.13 -1.84 -4.85
CA GLY A 7 -10.04 -0.96 -4.10
C GLY A 7 -9.39 0.40 -3.80
N GLY A 8 -8.04 0.32 -3.72
CA GLY A 8 -7.12 1.43 -3.45
C GLY A 8 -7.49 2.78 -4.10
N ASN A 9 -6.85 3.83 -3.54
CA ASN A 9 -7.17 5.20 -3.95
C ASN A 9 -6.05 5.85 -4.79
N ALA A 10 -4.96 5.09 -4.99
CA ALA A 10 -3.81 5.63 -5.69
C ALA A 10 -3.94 5.70 -7.22
N GLU A 11 -5.00 6.37 -7.71
CA GLU A 11 -5.16 6.61 -9.15
C GLU A 11 -5.02 5.31 -10.00
N GLY A 12 -5.50 4.18 -9.44
CA GLY A 12 -5.44 2.91 -10.17
C GLY A 12 -4.00 2.34 -10.30
N GLN A 13 -3.01 3.07 -9.73
CA GLN A 13 -1.61 2.66 -9.80
C GLN A 13 -1.38 1.40 -8.95
N PRO A 14 -0.55 0.46 -9.48
CA PRO A 14 -0.32 -0.83 -8.83
C PRO A 14 0.48 -0.73 -7.53
N CYS A 15 0.11 -1.61 -6.57
CA CYS A 15 0.87 -1.73 -5.31
C CYS A 15 2.38 -1.82 -5.63
N LYS A 16 3.15 -1.11 -4.78
CA LYS A 16 4.58 -1.01 -4.96
C LYS A 16 5.30 -1.60 -3.76
N PHE A 17 6.31 -2.40 -4.13
CA PHE A 17 7.24 -3.00 -3.21
C PHE A 17 8.60 -2.68 -3.85
N PRO A 18 9.58 -2.13 -3.06
CA PRO A 18 9.42 -1.64 -1.70
C PRO A 18 8.84 -0.21 -1.66
N PHE A 19 7.94 0.00 -0.67
CA PHE A 19 7.37 1.31 -0.39
C PHE A 19 7.87 1.67 1.01
N ARG A 20 8.29 2.94 1.17
CA ARG A 20 8.86 3.37 2.44
C ARG A 20 7.82 4.23 3.19
N PHE A 21 7.52 3.80 4.43
CA PHE A 21 6.54 4.52 5.27
C PHE A 21 7.12 4.59 6.70
N GLN A 22 6.89 5.76 7.33
CA GLN A 22 7.37 6.06 8.69
C GLN A 22 8.91 6.03 8.74
N GLY A 23 9.54 6.20 7.57
CA GLY A 23 11.00 6.16 7.52
C GLY A 23 11.55 4.73 7.43
N THR A 24 10.63 3.75 7.30
CA THR A 24 11.01 2.34 7.24
C THR A 24 10.55 1.75 5.88
N SER A 25 11.46 0.93 5.32
CA SER A 25 11.22 0.28 4.04
C SER A 25 10.35 -0.98 4.26
N TYR A 26 9.24 -1.03 3.51
CA TYR A 26 8.30 -2.14 3.58
C TYR A 26 8.20 -2.79 2.20
N ASP A 27 8.35 -4.13 2.22
CA ASP A 27 8.29 -4.93 0.99
C ASP A 27 7.14 -5.95 1.08
N SER A 28 6.10 -5.54 1.84
CA SER A 28 4.93 -6.39 1.99
C SER A 28 3.83 -5.53 2.60
N CYS A 29 2.61 -6.08 2.46
CA CYS A 29 1.38 -5.44 2.95
C CYS A 29 1.46 -5.12 4.45
N THR A 30 1.11 -3.86 4.85
CA THR A 30 1.14 -3.50 6.26
C THR A 30 -0.25 -3.03 6.69
N THR A 31 -0.50 -3.17 8.01
CA THR A 31 -1.74 -2.69 8.62
C THR A 31 -1.46 -1.39 9.40
N GLU A 32 -0.20 -0.92 9.36
CA GLU A 32 0.12 0.31 10.08
C GLU A 32 -0.71 1.48 9.52
N GLY A 33 -1.66 1.92 10.37
CA GLY A 33 -2.55 3.03 10.02
C GLY A 33 -4.01 2.57 9.82
N ARG A 34 -4.17 1.26 9.58
CA ARG A 34 -5.53 0.72 9.36
C ARG A 34 -5.83 -0.40 10.37
N THR A 35 -6.88 -0.12 11.16
CA THR A 35 -7.34 -1.08 12.16
C THR A 35 -8.71 -1.63 11.75
N ASP A 36 -8.90 -1.70 10.42
CA ASP A 36 -10.15 -2.16 9.82
C ASP A 36 -9.99 -3.51 9.08
N GLY A 37 -8.77 -4.09 9.16
CA GLY A 37 -8.53 -5.40 8.55
C GLY A 37 -7.87 -5.31 7.17
N TYR A 38 -7.87 -4.06 6.64
CA TYR A 38 -7.37 -3.88 5.28
C TYR A 38 -5.88 -3.56 5.32
N ARG A 39 -5.10 -4.60 4.97
CA ARG A 39 -3.63 -4.39 4.91
C ARG A 39 -3.42 -3.62 3.59
N TRP A 40 -2.62 -2.54 3.65
CA TRP A 40 -2.42 -1.70 2.48
C TRP A 40 -0.95 -1.73 2.03
N CYS A 41 -0.76 -1.27 0.78
CA CYS A 41 0.52 -1.13 0.12
C CYS A 41 0.63 0.32 -0.37
N GLY A 42 1.89 0.82 -0.38
CA GLY A 42 2.12 2.15 -0.94
C GLY A 42 2.35 1.99 -2.44
N THR A 43 2.40 3.15 -3.13
CA THR A 43 2.66 3.18 -4.56
C THR A 43 3.97 3.93 -4.79
N THR A 44 3.98 5.21 -4.39
CA THR A 44 5.21 5.96 -4.51
C THR A 44 6.25 5.39 -3.52
N GLU A 45 7.53 5.61 -3.85
CA GLU A 45 8.63 5.06 -3.07
C GLU A 45 8.63 5.56 -1.60
N ASP A 46 7.97 6.72 -1.39
CA ASP A 46 7.78 7.30 -0.06
C ASP A 46 6.27 7.44 0.08
N TYR A 47 5.77 7.02 1.25
CA TYR A 47 4.33 7.08 1.47
C TYR A 47 3.93 8.33 2.25
N ASP A 48 4.79 8.69 3.23
CA ASP A 48 4.46 9.78 4.13
C ASP A 48 4.12 11.08 3.38
N ARG A 49 4.92 11.29 2.32
CA ARG A 49 4.77 12.46 1.45
C ARG A 49 3.49 12.34 0.60
N ASP A 50 3.40 11.21 -0.12
CA ASP A 50 2.29 10.99 -1.06
C ASP A 50 0.93 10.80 -0.33
N LYS A 51 0.81 9.72 0.46
CA LYS A 51 -0.42 9.36 1.18
C LYS A 51 -1.50 8.79 0.26
N LYS A 52 -1.02 8.04 -0.74
CA LYS A 52 -1.92 7.36 -1.66
C LYS A 52 -1.53 5.89 -1.57
N TYR A 53 -2.55 5.02 -1.51
CA TYR A 53 -2.31 3.61 -1.27
C TYR A 53 -3.27 2.72 -2.10
N GLY A 54 -2.97 1.43 -1.89
CA GLY A 54 -3.75 0.31 -2.42
C GLY A 54 -3.95 -0.73 -1.30
N PHE A 55 -4.79 -1.78 -1.57
CA PHE A 55 -5.08 -2.77 -0.52
C PHE A 55 -4.31 -4.09 -0.69
N CYS A 56 -3.18 -4.00 -1.43
CA CYS A 56 -2.32 -5.25 -1.57
C CYS A 56 -3.15 -6.43 -2.18
N PRO A 57 -2.57 -7.67 -2.23
CA PRO A 57 -3.39 -8.87 -2.34
C PRO A 57 -4.38 -9.00 -1.17
N GLU A 58 -5.49 -9.70 -1.51
CA GLU A 58 -6.66 -10.04 -0.70
C GLU A 58 -6.36 -9.96 0.83
N THR A 59 -7.30 -9.27 1.49
CA THR A 59 -7.16 -8.99 2.92
C THR A 59 -8.28 -9.64 3.76
N ALA A 60 -8.93 -10.63 3.11
CA ALA A 60 -10.07 -11.36 3.64
C ALA A 60 -11.35 -10.51 3.40
N THR A 1 -2.94 -14.14 -12.08
CA THR A 1 -3.20 -12.97 -11.26
C THR A 1 -1.85 -12.30 -11.11
N ALA A 2 -1.85 -11.10 -10.51
CA ALA A 2 -0.62 -10.37 -10.23
C ALA A 2 -0.95 -9.47 -9.05
N LEU A 3 -0.18 -8.37 -8.91
CA LEU A 3 -0.34 -7.47 -7.78
C LEU A 3 -0.80 -6.09 -8.30
N PHE A 4 -2.12 -5.99 -8.58
CA PHE A 4 -2.70 -4.73 -9.08
C PHE A 4 -2.96 -3.82 -7.82
N THR A 5 -4.13 -3.13 -7.70
CA THR A 5 -4.39 -2.29 -6.54
C THR A 5 -5.38 -2.93 -5.58
N MET A 6 -6.17 -3.82 -6.19
CA MET A 6 -7.10 -4.70 -5.49
C MET A 6 -8.09 -3.97 -4.55
N GLY A 7 -8.32 -2.67 -4.80
CA GLY A 7 -9.27 -1.90 -3.98
C GLY A 7 -8.67 -0.65 -3.35
N GLY A 8 -7.32 -0.67 -3.21
CA GLY A 8 -6.62 0.46 -2.59
C GLY A 8 -6.68 1.75 -3.44
N ASN A 9 -5.79 2.74 -3.12
CA ASN A 9 -5.88 4.07 -3.75
C ASN A 9 -4.66 4.39 -4.64
N ALA A 10 -3.94 3.31 -4.99
CA ALA A 10 -2.68 3.34 -5.73
C ALA A 10 -2.75 3.88 -7.19
N GLU A 11 -3.78 4.68 -7.52
CA GLU A 11 -3.88 5.28 -8.86
C GLU A 11 -3.80 4.24 -10.01
N GLY A 12 -4.31 3.03 -9.69
CA GLY A 12 -4.34 1.93 -10.65
C GLY A 12 -2.97 1.23 -10.82
N GLN A 13 -1.93 1.81 -10.19
CA GLN A 13 -0.59 1.23 -10.31
C GLN A 13 -0.49 -0.05 -9.44
N PRO A 14 0.32 -1.05 -9.92
CA PRO A 14 0.57 -2.27 -9.16
C PRO A 14 1.44 -1.94 -7.93
N CYS A 15 1.20 -2.68 -6.82
CA CYS A 15 2.02 -2.39 -5.62
C CYS A 15 3.53 -2.53 -5.93
N LYS A 16 4.29 -1.73 -5.17
CA LYS A 16 5.72 -1.60 -5.33
C LYS A 16 6.42 -2.13 -4.07
N PHE A 17 7.45 -2.93 -4.38
CA PHE A 17 8.35 -3.48 -3.38
C PHE A 17 9.75 -3.06 -3.87
N PRO A 18 10.67 -2.65 -2.95
CA PRO A 18 10.41 -2.32 -1.55
C PRO A 18 9.72 -0.94 -1.46
N PHE A 19 8.74 -0.83 -0.55
CA PHE A 19 8.09 0.46 -0.29
C PHE A 19 8.54 0.88 1.12
N ARG A 20 9.08 2.10 1.21
CA ARG A 20 9.59 2.60 2.48
C ARG A 20 8.45 3.30 3.26
N PHE A 21 8.14 2.72 4.45
CA PHE A 21 7.12 3.29 5.34
C PHE A 21 7.76 3.30 6.73
N GLN A 22 7.40 4.34 7.51
CA GLN A 22 7.95 4.53 8.84
C GLN A 22 9.50 4.59 8.73
N GLY A 23 9.97 5.23 7.62
CA GLY A 23 11.41 5.38 7.43
C GLY A 23 12.16 4.08 7.06
N THR A 24 11.38 2.98 6.98
CA THR A 24 11.96 1.65 6.82
C THR A 24 11.43 0.96 5.54
N SER A 25 12.35 0.31 4.81
CA SER A 25 12.00 -0.41 3.58
C SER A 25 11.22 -1.70 3.90
N TYR A 26 10.04 -1.83 3.25
CA TYR A 26 9.17 -2.98 3.44
C TYR A 26 9.08 -3.72 2.09
N ASP A 27 9.25 -5.05 2.14
CA ASP A 27 9.19 -5.87 0.93
C ASP A 27 8.04 -6.90 1.02
N SER A 28 6.98 -6.51 1.75
CA SER A 28 5.87 -7.45 1.88
C SER A 28 4.64 -6.72 2.44
N CYS A 29 3.51 -7.42 2.26
CA CYS A 29 2.20 -6.98 2.71
C CYS A 29 2.17 -6.67 4.23
N THR A 30 1.79 -5.42 4.62
CA THR A 30 1.72 -5.09 6.04
C THR A 30 0.29 -4.69 6.38
N THR A 31 0.05 -4.59 7.69
CA THR A 31 -1.23 -4.12 8.24
C THR A 31 -1.02 -2.85 9.09
N GLU A 32 0.26 -2.39 9.18
CA GLU A 32 0.54 -1.23 10.00
C GLU A 32 -0.21 0.00 9.46
N GLY A 33 -1.12 0.50 10.31
CA GLY A 33 -1.91 1.68 9.96
C GLY A 33 -3.37 1.36 9.66
N ARG A 34 -3.69 0.04 9.55
CA ARG A 34 -5.09 -0.32 9.28
C ARG A 34 -5.62 -1.18 10.44
N THR A 35 -6.85 -0.82 10.84
CA THR A 35 -7.54 -1.53 11.92
C THR A 35 -8.83 -2.17 11.38
N ASP A 36 -8.85 -2.34 10.04
CA ASP A 36 -10.01 -2.91 9.34
C ASP A 36 -9.78 -4.37 8.88
N GLY A 37 -8.54 -4.85 9.10
CA GLY A 37 -8.24 -6.25 8.80
C GLY A 37 -7.56 -6.50 7.46
N TYR A 38 -7.36 -5.42 6.67
CA TYR A 38 -6.83 -5.60 5.31
C TYR A 38 -5.33 -5.28 5.28
N ARG A 39 -4.60 -6.09 4.50
CA ARG A 39 -3.14 -5.86 4.41
C ARG A 39 -2.89 -4.98 3.16
N TRP A 40 -2.08 -3.92 3.35
CA TRP A 40 -1.78 -2.99 2.28
C TRP A 40 -0.29 -3.05 1.95
N CYS A 41 0.01 -2.53 0.74
CA CYS A 41 1.37 -2.42 0.25
C CYS A 41 1.50 -1.06 -0.45
N GLY A 42 2.71 -0.49 -0.38
CA GLY A 42 2.95 0.85 -0.96
C GLY A 42 3.01 0.76 -2.49
N THR A 43 3.01 1.96 -3.13
CA THR A 43 3.10 1.98 -4.61
C THR A 43 4.30 2.76 -5.13
N THR A 44 5.24 3.03 -4.21
CA THR A 44 6.46 3.69 -4.58
C THR A 44 7.50 3.22 -3.57
N GLU A 45 8.76 3.52 -3.92
CA GLU A 45 9.87 3.23 -3.01
C GLU A 45 9.75 4.06 -1.72
N ASP A 46 8.92 5.14 -1.78
CA ASP A 46 8.69 6.00 -0.61
C ASP A 46 7.18 6.18 -0.40
N TYR A 47 6.66 5.37 0.52
CA TYR A 47 5.22 5.49 0.82
C TYR A 47 4.95 6.74 1.66
N ASP A 48 6.01 7.19 2.34
CA ASP A 48 5.80 8.37 3.16
C ASP A 48 5.61 9.63 2.33
N ARG A 49 6.41 9.75 1.27
CA ARG A 49 6.20 10.89 0.37
C ARG A 49 4.83 10.80 -0.37
N ASP A 50 4.58 9.64 -0.98
CA ASP A 50 3.40 9.49 -1.85
C ASP A 50 2.02 9.29 -1.19
N LYS A 51 1.95 8.45 -0.14
CA LYS A 51 0.65 8.08 0.46
C LYS A 51 -0.34 7.45 -0.55
N LYS A 52 0.24 6.63 -1.44
CA LYS A 52 -0.56 5.85 -2.37
C LYS A 52 -0.18 4.39 -2.08
N TYR A 53 -1.24 3.55 -2.00
CA TYR A 53 -1.08 2.15 -1.68
C TYR A 53 -2.19 1.36 -2.36
N GLY A 54 -1.93 0.05 -2.36
CA GLY A 54 -2.91 -0.92 -2.85
C GLY A 54 -3.12 -1.97 -1.76
N PHE A 55 -4.04 -2.93 -2.01
CA PHE A 55 -4.23 -4.02 -1.06
C PHE A 55 -3.34 -5.15 -1.60
N CYS A 56 -2.74 -5.84 -0.63
CA CYS A 56 -1.67 -6.78 -0.99
C CYS A 56 -2.30 -8.18 -1.15
N PRO A 57 -1.70 -9.05 -2.01
CA PRO A 57 -2.32 -10.32 -2.32
C PRO A 57 -2.20 -11.33 -1.15
N GLU A 58 -3.36 -11.48 -0.49
CA GLU A 58 -3.58 -12.41 0.61
C GLU A 58 -5.10 -12.47 0.72
N THR A 59 -5.61 -13.06 1.82
CA THR A 59 -7.04 -13.17 2.05
C THR A 59 -7.76 -11.80 1.94
N ALA A 60 -7.06 -10.77 2.45
CA ALA A 60 -7.57 -9.40 2.40
C ALA A 60 -6.46 -8.45 2.85
N THR A 1 2.55 -8.63 -12.20
CA THR A 1 2.21 -8.28 -10.83
C THR A 1 0.75 -8.72 -10.70
N ALA A 2 0.20 -8.66 -9.47
CA ALA A 2 -1.19 -9.06 -9.28
C ALA A 2 -1.79 -8.33 -8.06
N LEU A 3 -1.31 -7.08 -7.92
CA LEU A 3 -1.72 -6.22 -6.81
C LEU A 3 -2.46 -5.01 -7.43
N PHE A 4 -3.67 -5.37 -7.90
CA PHE A 4 -4.59 -4.43 -8.55
C PHE A 4 -5.26 -3.59 -7.44
N THR A 5 -5.77 -2.39 -7.82
CA THR A 5 -6.36 -1.54 -6.80
C THR A 5 -7.88 -1.77 -6.78
N MET A 6 -8.41 -1.92 -5.55
CA MET A 6 -9.83 -2.15 -5.33
C MET A 6 -10.43 -0.85 -4.75
N GLY A 7 -10.16 -0.63 -3.45
CA GLY A 7 -10.62 0.59 -2.78
C GLY A 7 -9.53 1.68 -2.74
N GLY A 8 -8.35 1.29 -3.25
CA GLY A 8 -7.15 2.13 -3.34
C GLY A 8 -7.41 3.50 -3.97
N ASN A 9 -6.48 4.43 -3.67
CA ASN A 9 -6.67 5.82 -4.13
C ASN A 9 -5.57 6.28 -5.10
N ALA A 10 -4.57 5.40 -5.33
CA ALA A 10 -3.42 5.77 -6.15
C ALA A 10 -3.66 5.72 -7.68
N GLU A 11 -4.76 6.36 -8.13
CA GLU A 11 -5.03 6.47 -9.56
C GLU A 11 -4.95 5.13 -10.34
N GLY A 12 -5.36 4.04 -9.66
CA GLY A 12 -5.37 2.72 -10.32
C GLY A 12 -3.98 2.06 -10.40
N GLN A 13 -2.95 2.76 -9.87
CA GLN A 13 -1.60 2.20 -9.90
C GLN A 13 -1.51 0.98 -8.97
N PRO A 14 -0.92 -0.14 -9.46
CA PRO A 14 -0.76 -1.35 -8.65
C PRO A 14 0.28 -1.13 -7.55
N CYS A 15 0.17 -1.96 -6.49
CA CYS A 15 1.07 -1.85 -5.33
C CYS A 15 2.56 -1.75 -5.75
N LYS A 16 3.27 -0.94 -4.94
CA LYS A 16 4.68 -0.70 -5.14
C LYS A 16 5.44 -1.22 -3.92
N PHE A 17 6.46 -2.02 -4.24
CA PHE A 17 7.35 -2.61 -3.23
C PHE A 17 8.77 -2.31 -3.75
N PRO A 18 9.73 -1.98 -2.85
CA PRO A 18 9.54 -1.70 -1.42
C PRO A 18 8.99 -0.26 -1.24
N PHE A 19 7.92 -0.11 -0.46
CA PHE A 19 7.40 1.24 -0.21
C PHE A 19 7.83 1.62 1.21
N ARG A 20 8.32 2.86 1.34
CA ARG A 20 8.79 3.37 2.63
C ARG A 20 7.60 4.06 3.34
N PHE A 21 7.39 3.64 4.60
CA PHE A 21 6.33 4.21 5.43
C PHE A 21 6.89 4.23 6.86
N GLN A 22 6.62 5.32 7.59
CA GLN A 22 7.13 5.51 8.94
C GLN A 22 8.68 5.37 9.01
N GLY A 23 9.36 5.56 7.86
CA GLY A 23 10.82 5.41 7.87
C GLY A 23 11.30 3.93 7.78
N THR A 24 10.34 3.01 7.61
CA THR A 24 10.61 1.58 7.45
C THR A 24 10.20 1.17 6.03
N SER A 25 10.93 0.20 5.45
CA SER A 25 10.62 -0.26 4.10
C SER A 25 9.75 -1.53 4.20
N TYR A 26 8.71 -1.54 3.35
CA TYR A 26 7.72 -2.61 3.32
C TYR A 26 7.66 -3.22 1.91
N ASP A 27 7.73 -4.57 1.88
CA ASP A 27 7.64 -5.32 0.63
C ASP A 27 6.42 -6.26 0.69
N SER A 28 5.41 -5.80 1.45
CA SER A 28 4.24 -6.62 1.64
C SER A 28 3.11 -5.75 2.21
N CYS A 29 1.91 -6.35 2.18
CA CYS A 29 0.70 -5.77 2.73
C CYS A 29 0.89 -5.35 4.20
N THR A 30 0.48 -4.10 4.54
CA THR A 30 0.64 -3.64 5.92
C THR A 30 -0.69 -3.08 6.45
N THR A 31 -0.91 -3.27 7.76
CA THR A 31 -2.12 -2.79 8.44
C THR A 31 -1.85 -1.46 9.18
N GLU A 32 -0.56 -1.24 9.49
CA GLU A 32 -0.18 -0.04 10.22
C GLU A 32 -0.68 1.22 9.48
N GLY A 33 -1.49 2.01 10.23
CA GLY A 33 -2.07 3.22 9.67
C GLY A 33 -3.59 3.13 9.54
N ARG A 34 -4.09 1.87 9.54
CA ARG A 34 -5.55 1.69 9.43
C ARG A 34 -6.05 0.91 10.65
N THR A 35 -7.27 1.30 11.08
CA THR A 35 -7.93 0.66 12.21
C THR A 35 -9.32 0.15 11.79
N ASP A 36 -9.45 -0.08 10.46
CA ASP A 36 -10.72 -0.49 9.87
C ASP A 36 -10.70 -1.93 9.32
N GLY A 37 -9.56 -2.62 9.53
CA GLY A 37 -9.45 -4.02 9.11
C GLY A 37 -8.67 -4.23 7.81
N TYR A 38 -8.60 -3.16 6.99
CA TYR A 38 -8.00 -3.35 5.67
C TYR A 38 -6.47 -3.18 5.74
N ARG A 39 -5.87 -3.92 4.79
CA ARG A 39 -4.40 -3.95 4.66
C ARG A 39 -4.11 -3.20 3.35
N TRP A 40 -3.13 -2.29 3.43
CA TRP A 40 -2.80 -1.43 2.31
C TRP A 40 -1.32 -1.58 1.93
N CYS A 41 -1.01 -1.06 0.73
CA CYS A 41 0.35 -1.01 0.21
C CYS A 41 0.59 0.41 -0.35
N GLY A 42 1.85 0.87 -0.26
CA GLY A 42 2.17 2.15 -0.86
C GLY A 42 2.25 1.96 -2.39
N THR A 43 2.16 3.08 -3.12
CA THR A 43 2.22 3.00 -4.59
C THR A 43 3.38 3.81 -5.17
N THR A 44 4.33 4.09 -4.28
CA THR A 44 5.56 4.76 -4.66
C THR A 44 6.61 4.13 -3.77
N GLU A 45 7.89 4.41 -4.10
CA GLU A 45 8.94 3.87 -3.25
C GLU A 45 8.92 4.55 -1.86
N ASP A 46 8.24 5.73 -1.78
CA ASP A 46 8.12 6.46 -0.52
C ASP A 46 6.68 6.97 -0.31
N TYR A 47 5.97 6.24 0.57
CA TYR A 47 4.57 6.58 0.86
C TYR A 47 4.49 7.84 1.73
N ASP A 48 5.47 7.94 2.65
CA ASP A 48 5.44 9.07 3.59
C ASP A 48 5.38 10.41 2.83
N ARG A 49 6.14 10.42 1.72
CA ARG A 49 6.21 11.56 0.83
C ARG A 49 4.88 11.76 0.05
N ASP A 50 4.51 10.74 -0.75
CA ASP A 50 3.38 10.85 -1.69
C ASP A 50 1.95 10.76 -1.11
N LYS A 51 1.72 9.86 -0.15
CA LYS A 51 0.40 9.61 0.46
C LYS A 51 -0.63 8.98 -0.50
N LYS A 52 -0.14 8.22 -1.49
CA LYS A 52 -1.07 7.52 -2.37
C LYS A 52 -0.82 6.02 -2.18
N TYR A 53 -1.92 5.28 -1.99
CA TYR A 53 -1.87 3.86 -1.68
C TYR A 53 -2.95 3.06 -2.44
N GLY A 54 -2.78 1.75 -2.20
CA GLY A 54 -3.62 0.68 -2.75
C GLY A 54 -4.01 -0.29 -1.61
N PHE A 55 -4.87 -1.29 -1.93
CA PHE A 55 -5.35 -2.27 -0.96
C PHE A 55 -4.66 -3.59 -1.31
N CYS A 56 -4.60 -4.43 -0.28
CA CYS A 56 -3.88 -5.72 -0.41
C CYS A 56 -4.89 -6.86 -0.14
N PRO A 57 -4.59 -8.08 -0.65
CA PRO A 57 -5.55 -9.18 -0.62
C PRO A 57 -5.72 -9.74 0.80
N GLU A 58 -6.53 -10.82 0.88
CA GLU A 58 -6.81 -11.52 2.13
C GLU A 58 -5.93 -12.79 2.20
N THR A 59 -4.64 -12.52 1.95
CA THR A 59 -3.62 -13.56 1.90
C THR A 59 -2.30 -12.83 1.70
N ALA A 60 -1.25 -13.67 1.75
CA ALA A 60 0.11 -13.28 1.44
C ALA A 60 0.43 -13.86 0.05
N THR A 1 2.20 -6.83 -14.72
CA THR A 1 1.20 -7.29 -13.76
C THR A 1 1.83 -6.98 -12.42
N ALA A 2 1.20 -7.47 -11.34
CA ALA A 2 1.60 -7.31 -9.94
C ALA A 2 0.32 -7.41 -9.09
N LEU A 3 -0.15 -6.23 -8.63
CA LEU A 3 -1.37 -6.15 -7.84
C LEU A 3 -2.25 -5.04 -8.45
N PHE A 4 -3.50 -5.05 -7.99
CA PHE A 4 -4.55 -4.12 -8.42
C PHE A 4 -4.81 -3.16 -7.24
N THR A 5 -5.44 -2.00 -7.52
CA THR A 5 -5.65 -1.04 -6.44
C THR A 5 -6.92 -1.37 -5.62
N MET A 6 -7.92 -1.78 -6.40
CA MET A 6 -9.28 -2.18 -6.00
C MET A 6 -9.73 -1.57 -4.65
N GLY A 7 -10.03 -0.26 -4.74
CA GLY A 7 -10.47 0.52 -3.58
C GLY A 7 -9.46 1.62 -3.27
N GLY A 8 -8.19 1.21 -3.48
CA GLY A 8 -7.00 2.05 -3.33
C GLY A 8 -7.15 3.45 -3.96
N ASN A 9 -6.22 4.33 -3.52
CA ASN A 9 -6.29 5.73 -3.95
C ASN A 9 -5.20 6.06 -4.98
N ALA A 10 -4.35 5.06 -5.25
CA ALA A 10 -3.20 5.24 -6.12
C ALA A 10 -3.48 5.38 -7.64
N GLU A 11 -4.67 5.88 -8.01
CA GLU A 11 -5.01 6.14 -9.41
C GLU A 11 -4.71 4.96 -10.38
N GLY A 12 -5.01 3.74 -9.88
CA GLY A 12 -4.84 2.54 -10.70
C GLY A 12 -3.41 1.95 -10.67
N GLN A 13 -2.48 2.65 -9.99
CA GLN A 13 -1.11 2.14 -9.93
C GLN A 13 -1.04 0.80 -9.14
N PRO A 14 -0.27 -0.19 -9.68
CA PRO A 14 -0.09 -1.48 -9.02
C PRO A 14 0.85 -1.37 -7.80
N CYS A 15 0.49 -2.18 -6.76
CA CYS A 15 1.26 -2.22 -5.50
C CYS A 15 2.75 -2.20 -5.77
N LYS A 16 3.47 -1.51 -4.87
CA LYS A 16 4.89 -1.31 -5.04
C LYS A 16 5.62 -1.89 -3.83
N PHE A 17 6.67 -2.61 -4.20
CA PHE A 17 7.53 -3.27 -3.23
C PHE A 17 8.95 -3.01 -3.74
N PRO A 18 9.91 -2.59 -2.85
CA PRO A 18 9.69 -2.19 -1.47
C PRO A 18 9.21 -0.72 -1.36
N PHE A 19 8.23 -0.51 -0.46
CA PHE A 19 7.71 0.83 -0.18
C PHE A 19 8.20 1.23 1.23
N ARG A 20 8.65 2.49 1.34
CA ARG A 20 9.20 3.01 2.59
C ARG A 20 8.14 3.92 3.24
N PHE A 21 7.70 3.52 4.46
CA PHE A 21 6.65 4.23 5.20
C PHE A 21 7.10 4.32 6.67
N GLN A 22 6.75 5.44 7.34
CA GLN A 22 7.14 5.64 8.73
C GLN A 22 8.68 5.45 8.90
N GLY A 23 9.46 5.89 7.89
CA GLY A 23 10.92 5.76 8.02
C GLY A 23 11.43 4.29 8.00
N THR A 24 10.50 3.37 7.68
CA THR A 24 10.75 1.94 7.69
C THR A 24 10.47 1.36 6.28
N SER A 25 11.21 0.29 5.95
CA SER A 25 11.12 -0.36 4.65
C SER A 25 10.16 -1.58 4.73
N TYR A 26 9.20 -1.62 3.78
CA TYR A 26 8.20 -2.68 3.70
C TYR A 26 8.30 -3.34 2.31
N ASP A 27 8.20 -4.68 2.32
CA ASP A 27 8.22 -5.47 1.09
C ASP A 27 7.02 -6.44 1.10
N SER A 28 5.96 -6.00 1.81
CA SER A 28 4.78 -6.84 1.95
C SER A 28 3.63 -5.97 2.47
N CYS A 29 2.42 -6.57 2.37
CA CYS A 29 1.19 -5.94 2.86
C CYS A 29 1.27 -5.61 4.37
N THR A 30 0.68 -4.45 4.77
CA THR A 30 0.57 -4.16 6.21
C THR A 30 -0.83 -3.60 6.49
N THR A 31 -1.12 -3.48 7.79
CA THR A 31 -2.35 -2.88 8.29
C THR A 31 -2.04 -1.60 9.06
N GLU A 32 -0.75 -1.25 9.15
CA GLU A 32 -0.38 -0.06 9.92
C GLU A 32 -1.07 1.20 9.34
N GLY A 33 -1.84 1.86 10.22
CA GLY A 33 -2.58 3.06 9.85
C GLY A 33 -4.08 2.77 9.60
N ARG A 34 -4.38 1.47 9.40
CA ARG A 34 -5.77 1.07 9.15
C ARG A 34 -6.16 -0.03 10.14
N THR A 35 -7.03 0.39 11.08
CA THR A 35 -7.50 -0.52 12.12
C THR A 35 -8.94 -0.97 11.79
N ASP A 36 -9.20 -1.01 10.46
CA ASP A 36 -10.50 -1.39 9.93
C ASP A 36 -10.43 -2.77 9.24
N GLY A 37 -9.24 -3.41 9.31
CA GLY A 37 -9.06 -4.74 8.76
C GLY A 37 -8.23 -4.78 7.47
N TYR A 38 -8.57 -3.83 6.58
CA TYR A 38 -8.03 -3.88 5.22
C TYR A 38 -6.51 -3.66 5.17
N ARG A 39 -5.86 -4.72 4.66
CA ARG A 39 -4.38 -4.67 4.52
C ARG A 39 -4.09 -3.87 3.22
N TRP A 40 -3.10 -2.95 3.30
CA TRP A 40 -2.75 -2.10 2.17
C TRP A 40 -1.25 -2.26 1.81
N CYS A 41 -0.93 -1.76 0.59
CA CYS A 41 0.42 -1.73 0.06
C CYS A 41 0.70 -0.30 -0.44
N GLY A 42 1.96 0.14 -0.30
CA GLY A 42 2.30 1.46 -0.85
C GLY A 42 2.40 1.32 -2.37
N THR A 43 2.26 2.47 -3.08
CA THR A 43 2.34 2.42 -4.55
C THR A 43 3.55 3.17 -5.10
N THR A 44 4.40 3.62 -4.17
CA THR A 44 5.63 4.28 -4.55
C THR A 44 6.68 3.76 -3.57
N GLU A 45 7.93 4.01 -3.98
CA GLU A 45 9.07 3.59 -3.16
C GLU A 45 9.09 4.39 -1.83
N ASP A 46 8.46 5.58 -1.88
CA ASP A 46 8.39 6.48 -0.73
C ASP A 46 6.93 6.88 -0.44
N TYR A 47 6.37 6.24 0.60
CA TYR A 47 4.97 6.51 0.96
C TYR A 47 4.86 7.87 1.65
N ASP A 48 5.84 8.16 2.52
CA ASP A 48 5.72 9.36 3.34
C ASP A 48 5.57 10.63 2.47
N ARG A 49 6.27 10.57 1.33
CA ARG A 49 6.21 11.63 0.34
C ARG A 49 4.81 11.67 -0.35
N ASP A 50 4.48 10.57 -1.06
CA ASP A 50 3.28 10.52 -1.92
C ASP A 50 1.90 10.38 -1.22
N LYS A 51 1.84 9.53 -0.19
CA LYS A 51 0.61 9.19 0.54
C LYS A 51 -0.43 8.51 -0.36
N LYS A 52 0.10 7.72 -1.31
CA LYS A 52 -0.81 7.02 -2.21
C LYS A 52 -0.52 5.51 -2.11
N TYR A 53 -1.62 4.76 -1.94
CA TYR A 53 -1.58 3.33 -1.69
C TYR A 53 -2.74 2.62 -2.39
N GLY A 54 -2.63 1.29 -2.25
CA GLY A 54 -3.64 0.39 -2.79
C GLY A 54 -3.96 -0.68 -1.75
N PHE A 55 -4.99 -1.52 -2.06
CA PHE A 55 -5.31 -2.56 -1.09
C PHE A 55 -4.54 -3.82 -1.52
N CYS A 56 -4.31 -4.63 -0.48
CA CYS A 56 -3.52 -5.87 -0.62
C CYS A 56 -4.58 -6.98 -0.49
N PRO A 57 -4.18 -8.27 -0.65
CA PRO A 57 -5.15 -9.34 -0.43
C PRO A 57 -5.38 -9.48 1.09
N GLU A 58 -6.03 -10.60 1.46
CA GLU A 58 -6.31 -10.90 2.87
C GLU A 58 -5.65 -12.23 3.26
N THR A 59 -4.47 -12.44 2.63
CA THR A 59 -3.67 -13.63 2.87
C THR A 59 -3.03 -13.57 4.27
N ALA A 60 -2.90 -14.78 4.83
CA ALA A 60 -2.27 -14.99 6.13
C ALA A 60 -1.77 -16.46 6.15
N THR A 1 4.54 -9.79 -9.81
CA THR A 1 3.58 -9.12 -8.96
C THR A 1 2.27 -9.84 -9.20
N ALA A 2 1.35 -9.79 -8.22
CA ALA A 2 0.06 -10.48 -8.38
C ALA A 2 -1.02 -9.86 -7.47
N LEU A 3 -0.71 -8.67 -6.94
CA LEU A 3 -1.60 -7.93 -6.07
C LEU A 3 -1.72 -6.59 -6.80
N PHE A 4 -2.91 -6.40 -7.38
CA PHE A 4 -3.16 -5.23 -8.23
C PHE A 4 -3.52 -4.02 -7.35
N THR A 5 -4.83 -3.72 -7.19
CA THR A 5 -5.21 -2.53 -6.43
C THR A 5 -6.42 -2.77 -5.53
N MET A 6 -7.44 -3.31 -6.20
CA MET A 6 -8.71 -3.61 -5.55
C MET A 6 -9.33 -2.33 -4.95
N GLY A 7 -9.01 -1.21 -5.64
CA GLY A 7 -9.43 0.11 -5.23
C GLY A 7 -8.19 1.02 -5.29
N GLY A 8 -8.03 1.81 -4.22
CA GLY A 8 -6.88 2.72 -4.15
C GLY A 8 -7.33 4.16 -4.37
N ASN A 9 -6.38 5.12 -4.18
CA ASN A 9 -6.74 6.55 -4.36
C ASN A 9 -6.15 7.17 -5.66
N ALA A 10 -5.05 6.57 -6.12
CA ALA A 10 -4.36 6.79 -7.41
C ALA A 10 -5.18 6.14 -8.56
N GLU A 11 -6.51 6.41 -8.54
CA GLU A 11 -7.49 5.91 -9.52
C GLU A 11 -7.20 4.47 -10.01
N GLY A 12 -6.93 3.57 -9.03
CA GLY A 12 -6.56 2.19 -9.33
C GLY A 12 -5.05 2.07 -8.94
N GLN A 13 -4.63 2.08 -7.63
CA GLN A 13 -3.19 2.16 -7.33
C GLN A 13 -2.38 0.82 -7.31
N PRO A 14 -1.52 0.52 -8.32
CA PRO A 14 -0.83 -0.78 -8.41
C PRO A 14 0.25 -0.97 -7.34
N CYS A 15 0.13 -2.05 -6.53
CA CYS A 15 1.10 -2.18 -5.44
C CYS A 15 2.57 -2.06 -5.89
N LYS A 16 3.31 -1.30 -5.06
CA LYS A 16 4.71 -1.02 -5.27
C LYS A 16 5.47 -1.66 -4.12
N PHE A 17 6.27 -2.66 -4.52
CA PHE A 17 7.10 -3.41 -3.59
C PHE A 17 8.53 -3.27 -4.15
N PRO A 18 9.48 -2.78 -3.33
CA PRO A 18 9.27 -2.26 -1.98
C PRO A 18 8.62 -0.87 -1.97
N PHE A 19 7.88 -0.61 -0.87
CA PHE A 19 7.37 0.72 -0.54
C PHE A 19 7.93 1.00 0.85
N ARG A 20 8.51 2.21 1.03
CA ARG A 20 9.14 2.56 2.30
C ARG A 20 8.15 3.42 3.13
N PHE A 21 7.77 2.88 4.31
CA PHE A 21 6.81 3.53 5.21
C PHE A 21 7.38 3.42 6.64
N GLN A 22 7.16 4.48 7.44
CA GLN A 22 7.64 4.57 8.83
C GLN A 22 9.17 4.38 8.97
N GLY A 23 9.90 4.49 7.84
CA GLY A 23 11.35 4.30 7.88
C GLY A 23 11.78 2.86 7.55
N THR A 24 10.75 2.02 7.32
CA THR A 24 10.93 0.60 7.04
C THR A 24 10.50 0.30 5.59
N SER A 25 11.26 -0.60 4.96
CA SER A 25 10.97 -1.07 3.63
C SER A 25 10.01 -2.26 3.74
N TYR A 26 8.91 -2.17 2.97
CA TYR A 26 7.89 -3.21 2.97
C TYR A 26 7.73 -3.75 1.55
N ASP A 27 7.69 -5.09 1.47
CA ASP A 27 7.48 -5.79 0.20
C ASP A 27 6.26 -6.70 0.35
N SER A 28 5.28 -6.23 1.14
CA SER A 28 4.10 -7.05 1.37
C SER A 28 2.95 -6.19 1.88
N CYS A 29 1.74 -6.78 1.81
CA CYS A 29 0.53 -6.10 2.27
C CYS A 29 0.61 -5.80 3.79
N THR A 30 0.30 -4.55 4.20
CA THR A 30 0.31 -4.24 5.64
C THR A 30 -1.05 -3.66 6.08
N THR A 31 -1.26 -3.76 7.41
CA THR A 31 -2.42 -3.22 8.08
C THR A 31 -2.04 -1.91 8.83
N GLU A 32 -0.71 -1.69 8.97
CA GLU A 32 -0.24 -0.56 9.77
C GLU A 32 -0.79 0.77 9.22
N GLY A 33 -1.51 1.47 10.11
CA GLY A 33 -2.08 2.77 9.74
C GLY A 33 -3.59 2.71 9.53
N ARG A 34 -4.14 1.47 9.46
CA ARG A 34 -5.59 1.37 9.27
C ARG A 34 -6.19 0.63 10.48
N THR A 35 -7.43 1.04 10.79
CA THR A 35 -8.18 0.43 11.88
C THR A 35 -9.60 0.05 11.39
N ASP A 36 -9.71 -0.09 10.06
CA ASP A 36 -10.97 -0.39 9.39
C ASP A 36 -11.02 -1.82 8.81
N GLY A 37 -9.93 -2.57 9.02
CA GLY A 37 -9.89 -3.96 8.59
C GLY A 37 -9.13 -4.20 7.27
N TYR A 38 -8.90 -3.12 6.51
CA TYR A 38 -8.29 -3.31 5.19
C TYR A 38 -6.76 -3.28 5.26
N ARG A 39 -6.21 -3.94 4.23
CA ARG A 39 -4.75 -4.06 4.10
C ARG A 39 -4.40 -3.23 2.86
N TRP A 40 -3.30 -2.45 2.97
CA TRP A 40 -2.90 -1.57 1.89
C TRP A 40 -1.45 -1.82 1.51
N CYS A 41 -1.12 -1.29 0.30
CA CYS A 41 0.24 -1.35 -0.19
C CYS A 41 0.56 0.05 -0.75
N GLY A 42 1.79 0.51 -0.42
CA GLY A 42 2.20 1.79 -0.97
C GLY A 42 2.34 1.61 -2.49
N THR A 43 2.20 2.73 -3.21
CA THR A 43 2.27 2.66 -4.66
C THR A 43 3.39 3.54 -5.20
N THR A 44 4.34 3.86 -4.30
CA THR A 44 5.50 4.64 -4.66
C THR A 44 6.65 4.05 -3.86
N GLU A 45 7.86 4.50 -4.24
CA GLU A 45 9.06 4.01 -3.57
C GLU A 45 9.07 4.49 -2.10
N ASP A 46 8.62 5.76 -1.96
CA ASP A 46 8.56 6.45 -0.67
C ASP A 46 7.09 6.78 -0.35
N TYR A 47 6.56 5.99 0.60
CA TYR A 47 5.15 6.18 0.96
C TYR A 47 4.97 7.39 1.90
N ASP A 48 5.94 7.54 2.83
CA ASP A 48 5.78 8.59 3.83
C ASP A 48 5.57 9.97 3.18
N ARG A 49 6.32 10.14 2.08
CA ARG A 49 6.25 11.34 1.27
C ARG A 49 4.91 11.45 0.50
N ASP A 50 4.60 10.38 -0.25
CA ASP A 50 3.42 10.41 -1.13
C ASP A 50 2.04 10.35 -0.48
N LYS A 51 1.86 9.44 0.50
CA LYS A 51 0.57 9.15 1.13
C LYS A 51 -0.45 8.62 0.12
N LYS A 52 0.08 7.72 -0.74
CA LYS A 52 -0.76 7.16 -1.78
C LYS A 52 -0.53 5.65 -1.84
N TYR A 53 -1.68 4.93 -1.92
CA TYR A 53 -1.62 3.48 -1.81
C TYR A 53 -2.86 2.81 -2.42
N GLY A 54 -2.63 1.56 -2.82
CA GLY A 54 -3.73 0.74 -3.34
C GLY A 54 -4.16 -0.20 -2.18
N PHE A 55 -5.16 -1.09 -2.42
CA PHE A 55 -5.51 -2.07 -1.40
C PHE A 55 -4.78 -3.37 -1.80
N CYS A 56 -4.52 -4.15 -0.75
CA CYS A 56 -3.68 -5.35 -0.90
C CYS A 56 -4.44 -6.49 -0.19
N PRO A 57 -4.16 -7.77 -0.56
CA PRO A 57 -4.77 -8.88 0.16
C PRO A 57 -4.03 -9.13 1.51
N GLU A 58 -4.01 -10.43 1.88
CA GLU A 58 -3.45 -10.91 3.13
C GLU A 58 -2.24 -11.80 2.83
N THR A 59 -2.49 -12.68 1.84
CA THR A 59 -1.52 -13.64 1.38
C THR A 59 -0.53 -13.01 0.37
N ALA A 60 0.03 -11.87 0.81
CA ALA A 60 0.99 -11.12 0.01
C ALA A 60 1.61 -10.03 0.88
N THR A 1 -0.59 -12.85 -8.04
CA THR A 1 -1.37 -12.31 -9.13
C THR A 1 -0.90 -10.86 -9.25
N ALA A 2 -1.31 -10.18 -10.33
CA ALA A 2 -0.92 -8.78 -10.47
C ALA A 2 -1.65 -7.96 -9.39
N LEU A 3 -0.91 -6.95 -8.89
CA LEU A 3 -1.41 -6.11 -7.82
C LEU A 3 -1.54 -4.68 -8.35
N PHE A 4 -2.78 -4.36 -8.78
CA PHE A 4 -3.13 -3.00 -9.23
C PHE A 4 -3.41 -2.22 -7.92
N THR A 5 -4.59 -1.56 -7.75
CA THR A 5 -4.86 -0.92 -6.46
C THR A 5 -5.73 -1.81 -5.57
N MET A 6 -6.38 -2.76 -6.24
CA MET A 6 -7.17 -3.79 -5.57
C MET A 6 -8.30 -3.23 -4.68
N GLY A 7 -8.71 -1.97 -4.98
CA GLY A 7 -9.76 -1.31 -4.20
C GLY A 7 -9.27 -0.02 -3.54
N GLY A 8 -7.93 0.05 -3.34
CA GLY A 8 -7.30 1.20 -2.71
C GLY A 8 -7.39 2.49 -3.58
N ASN A 9 -6.49 3.48 -3.32
CA ASN A 9 -6.69 4.81 -3.94
C ASN A 9 -5.57 5.29 -4.87
N ALA A 10 -4.58 4.42 -5.12
CA ALA A 10 -3.46 4.86 -5.94
C ALA A 10 -3.74 4.83 -7.45
N GLU A 11 -4.77 5.59 -7.89
CA GLU A 11 -5.12 5.77 -9.31
C GLU A 11 -4.96 4.53 -10.25
N GLY A 12 -5.29 3.34 -9.71
CA GLY A 12 -5.19 2.10 -10.51
C GLY A 12 -3.74 1.60 -10.70
N GLN A 13 -2.77 2.39 -10.21
CA GLN A 13 -1.36 2.05 -10.29
C GLN A 13 -1.10 0.85 -9.36
N PRO A 14 -0.08 0.04 -9.72
CA PRO A 14 0.23 -1.18 -8.98
C PRO A 14 0.98 -0.95 -7.65
N CYS A 15 0.77 -1.94 -6.75
CA CYS A 15 1.48 -1.97 -5.47
C CYS A 15 2.98 -1.80 -5.75
N LYS A 16 3.61 -0.99 -4.88
CA LYS A 16 5.02 -0.69 -5.05
C LYS A 16 5.82 -1.31 -3.91
N PHE A 17 6.67 -2.24 -4.34
CA PHE A 17 7.62 -2.92 -3.47
C PHE A 17 9.02 -2.60 -4.04
N PRO A 18 9.99 -2.19 -3.18
CA PRO A 18 9.80 -1.77 -1.80
C PRO A 18 9.28 -0.31 -1.73
N PHE A 19 8.30 -0.10 -0.81
CA PHE A 19 7.77 1.24 -0.56
C PHE A 19 8.23 1.66 0.84
N ARG A 20 8.60 2.95 0.96
CA ARG A 20 9.08 3.50 2.23
C ARG A 20 7.89 4.11 2.97
N PHE A 21 7.75 3.70 4.25
CA PHE A 21 6.68 4.20 5.12
C PHE A 21 7.27 4.27 6.54
N GLN A 22 6.91 5.33 7.27
CA GLN A 22 7.41 5.59 8.61
C GLN A 22 8.97 5.58 8.66
N GLY A 23 9.61 5.83 7.49
CA GLY A 23 11.06 5.84 7.45
C GLY A 23 11.70 4.43 7.29
N THR A 24 10.85 3.39 7.21
CA THR A 24 11.29 2.01 7.04
C THR A 24 10.84 1.54 5.65
N SER A 25 11.63 0.63 5.04
CA SER A 25 11.29 0.12 3.71
C SER A 25 10.52 -1.21 3.89
N TYR A 26 9.41 -1.29 3.13
CA TYR A 26 8.47 -2.40 3.17
C TYR A 26 8.45 -3.07 1.79
N ASP A 27 8.71 -4.38 1.82
CA ASP A 27 8.69 -5.19 0.60
C ASP A 27 7.59 -6.26 0.73
N SER A 28 6.53 -5.86 1.48
CA SER A 28 5.42 -6.78 1.66
C SER A 28 4.24 -6.00 2.28
N CYS A 29 3.07 -6.64 2.12
CA CYS A 29 1.78 -6.19 2.62
C CYS A 29 1.75 -5.94 4.15
N THR A 30 1.36 -4.71 4.58
CA THR A 30 1.23 -4.45 6.02
C THR A 30 -0.21 -4.03 6.33
N THR A 31 -0.47 -3.99 7.64
CA THR A 31 -1.76 -3.57 8.19
C THR A 31 -1.60 -2.30 9.04
N GLU A 32 -0.34 -1.83 9.18
CA GLU A 32 -0.08 -0.65 9.99
C GLU A 32 -0.85 0.56 9.44
N GLY A 33 -1.77 1.06 10.31
CA GLY A 33 -2.58 2.22 9.94
C GLY A 33 -4.04 1.85 9.69
N ARG A 34 -4.32 0.54 9.55
CA ARG A 34 -5.73 0.15 9.32
C ARG A 34 -6.21 -0.74 10.48
N THR A 35 -7.44 -0.40 10.92
CA THR A 35 -8.09 -1.10 12.00
C THR A 35 -9.36 -1.83 11.49
N ASP A 36 -9.42 -1.96 10.15
CA ASP A 36 -10.57 -2.59 9.48
C ASP A 36 -10.25 -4.01 8.97
N GLY A 37 -8.99 -4.45 9.20
CA GLY A 37 -8.59 -5.81 8.84
C GLY A 37 -7.74 -5.89 7.58
N TYR A 38 -7.94 -4.89 6.69
CA TYR A 38 -7.32 -4.98 5.37
C TYR A 38 -5.83 -4.64 5.38
N ARG A 39 -5.11 -5.46 4.59
CA ARG A 39 -3.67 -5.25 4.44
C ARG A 39 -3.50 -4.39 3.19
N TRP A 40 -2.64 -3.35 3.30
CA TRP A 40 -2.38 -2.43 2.21
C TRP A 40 -0.89 -2.44 1.83
N CYS A 41 -0.65 -1.93 0.62
CA CYS A 41 0.67 -1.72 0.06
C CYS A 41 0.73 -0.25 -0.35
N GLY A 42 1.92 0.35 -0.20
CA GLY A 42 2.07 1.73 -0.63
C GLY A 42 2.38 1.74 -2.13
N THR A 43 2.17 2.92 -2.75
CA THR A 43 2.66 3.11 -4.10
C THR A 43 3.78 4.15 -3.96
N THR A 44 4.58 4.21 -5.04
CA THR A 44 5.77 5.05 -5.12
C THR A 44 6.85 4.43 -4.23
N GLU A 45 8.07 4.97 -4.41
CA GLU A 45 9.18 4.56 -3.58
C GLU A 45 9.00 5.10 -2.14
N ASP A 46 8.28 6.24 -2.05
CA ASP A 46 8.10 6.93 -0.77
C ASP A 46 6.61 7.24 -0.50
N TYR A 47 6.04 6.34 0.34
CA TYR A 47 4.63 6.50 0.72
C TYR A 47 4.46 7.70 1.65
N ASP A 48 5.50 7.92 2.48
CA ASP A 48 5.40 9.01 3.44
C ASP A 48 5.16 10.36 2.74
N ARG A 49 5.79 10.49 1.56
CA ARG A 49 5.66 11.69 0.76
C ARG A 49 4.27 11.77 0.07
N ASP A 50 3.98 10.77 -0.79
CA ASP A 50 2.79 10.76 -1.65
C ASP A 50 1.44 10.35 -0.99
N LYS A 51 1.54 9.38 -0.07
CA LYS A 51 0.38 8.81 0.63
C LYS A 51 -0.67 8.28 -0.34
N LYS A 52 -0.25 7.30 -1.16
CA LYS A 52 -1.21 6.64 -2.03
C LYS A 52 -0.98 5.15 -1.83
N TYR A 53 -2.10 4.41 -1.78
CA TYR A 53 -2.01 2.98 -1.50
C TYR A 53 -3.01 2.17 -2.32
N GLY A 54 -2.80 0.87 -2.14
CA GLY A 54 -3.61 -0.19 -2.73
C GLY A 54 -3.82 -1.27 -1.66
N PHE A 55 -4.67 -2.29 -1.98
CA PHE A 55 -4.90 -3.39 -1.04
C PHE A 55 -4.01 -4.54 -1.51
N CYS A 56 -3.72 -5.39 -0.52
CA CYS A 56 -2.76 -6.49 -0.72
C CYS A 56 -3.54 -7.79 -0.46
N PRO A 57 -2.91 -8.97 -0.76
CA PRO A 57 -3.51 -10.26 -0.38
C PRO A 57 -3.47 -10.47 1.14
N GLU A 58 -4.08 -11.60 1.54
CA GLU A 58 -4.15 -11.98 2.99
C GLU A 58 -4.84 -10.86 3.80
N THR A 59 -5.80 -10.24 3.08
CA THR A 59 -6.57 -9.10 3.56
C THR A 59 -8.00 -9.56 3.94
N ALA A 60 -8.34 -10.71 3.35
CA ALA A 60 -9.63 -11.38 3.54
C ALA A 60 -9.50 -12.77 2.90
N THR A 1 4.32 -9.67 -11.42
CA THR A 1 3.85 -8.83 -12.51
C THR A 1 3.13 -7.71 -11.78
N ALA A 2 2.29 -6.94 -12.50
CA ALA A 2 1.54 -5.87 -11.86
C ALA A 2 0.47 -6.48 -10.94
N LEU A 3 0.37 -5.87 -9.73
CA LEU A 3 -0.62 -6.32 -8.76
C LEU A 3 -1.71 -5.24 -8.67
N PHE A 4 -2.73 -5.47 -9.52
CA PHE A 4 -3.90 -4.61 -9.69
C PHE A 4 -4.57 -4.32 -8.32
N THR A 5 -5.24 -3.15 -8.26
CA THR A 5 -5.84 -2.72 -7.00
C THR A 5 -7.35 -3.05 -7.02
N MET A 6 -7.99 -2.60 -5.92
CA MET A 6 -9.44 -2.78 -5.77
C MET A 6 -10.00 -1.60 -4.95
N GLY A 7 -9.89 -1.72 -3.62
CA GLY A 7 -10.37 -0.64 -2.74
C GLY A 7 -9.43 0.58 -2.74
N GLY A 8 -8.16 0.25 -3.08
CA GLY A 8 -7.02 1.15 -3.17
C GLY A 8 -7.34 2.50 -3.83
N ASN A 9 -6.50 3.51 -3.49
CA ASN A 9 -6.73 4.87 -3.98
C ASN A 9 -5.64 5.32 -4.96
N ALA A 10 -4.80 4.35 -5.36
CA ALA A 10 -3.70 4.61 -6.27
C ALA A 10 -4.11 4.69 -7.76
N GLU A 11 -5.39 5.03 -8.01
CA GLU A 11 -5.91 5.13 -9.38
C GLU A 11 -5.62 3.89 -10.25
N GLY A 12 -5.64 2.71 -9.59
CA GLY A 12 -5.41 1.44 -10.32
C GLY A 12 -3.92 1.09 -10.42
N GLN A 13 -3.04 2.02 -9.99
CA GLN A 13 -1.61 1.75 -10.02
C GLN A 13 -1.33 0.59 -9.02
N PRO A 14 -0.60 -0.44 -9.50
CA PRO A 14 -0.45 -1.68 -8.74
C PRO A 14 0.37 -1.51 -7.46
N CYS A 15 0.08 -2.39 -6.47
CA CYS A 15 0.86 -2.38 -5.22
C CYS A 15 2.36 -2.43 -5.55
N LYS A 16 3.11 -1.67 -4.74
CA LYS A 16 4.54 -1.53 -4.94
C LYS A 16 5.28 -2.08 -3.73
N PHE A 17 6.27 -2.91 -4.10
CA PHE A 17 7.14 -3.55 -3.14
C PHE A 17 8.56 -3.31 -3.68
N PRO A 18 9.55 -3.08 -2.77
CA PRO A 18 9.37 -2.74 -1.36
C PRO A 18 8.94 -1.27 -1.24
N PHE A 19 7.97 -1.01 -0.35
CA PHE A 19 7.52 0.36 -0.11
C PHE A 19 8.03 0.76 1.28
N ARG A 20 8.62 1.97 1.36
CA ARG A 20 9.16 2.44 2.63
C ARG A 20 8.11 3.38 3.24
N PHE A 21 7.79 3.09 4.53
CA PHE A 21 6.81 3.85 5.30
C PHE A 21 7.37 3.88 6.72
N GLN A 22 7.18 5.00 7.42
CA GLN A 22 7.78 5.20 8.73
C GLN A 22 9.31 4.94 8.66
N GLY A 23 9.89 5.30 7.48
CA GLY A 23 11.33 5.09 7.28
C GLY A 23 11.78 3.61 7.24
N THR A 24 10.78 2.72 7.31
CA THR A 24 10.96 1.28 7.37
C THR A 24 10.48 0.65 6.06
N SER A 25 11.27 -0.32 5.56
CA SER A 25 10.97 -1.00 4.31
C SER A 25 10.01 -2.17 4.55
N TYR A 26 8.90 -2.15 3.78
CA TYR A 26 7.89 -3.19 3.82
C TYR A 26 7.83 -3.84 2.43
N ASP A 27 7.66 -5.18 2.43
CA ASP A 27 7.56 -5.95 1.18
C ASP A 27 6.26 -6.76 1.17
N SER A 28 5.29 -6.27 1.97
CA SER A 28 4.01 -6.93 2.10
C SER A 28 3.07 -5.94 2.82
N CYS A 29 1.75 -6.23 2.70
CA CYS A 29 0.77 -5.35 3.34
C CYS A 29 0.97 -5.18 4.87
N THR A 30 0.77 -3.93 5.36
CA THR A 30 0.75 -3.68 6.81
C THR A 30 -0.60 -3.04 7.16
N THR A 31 -0.91 -3.08 8.47
CA THR A 31 -2.11 -2.46 9.00
C THR A 31 -1.76 -1.09 9.63
N GLU A 32 -0.44 -0.87 9.83
CA GLU A 32 0.01 0.36 10.48
C GLU A 32 -0.51 1.59 9.70
N GLY A 33 -1.17 2.48 10.46
CA GLY A 33 -1.73 3.69 9.87
C GLY A 33 -3.25 3.62 9.74
N ARG A 34 -3.80 2.40 9.85
CA ARG A 34 -5.27 2.27 9.75
C ARG A 34 -5.80 1.82 11.12
N THR A 35 -7.02 2.32 11.42
CA THR A 35 -7.69 2.00 12.67
C THR A 35 -9.06 1.30 12.39
N ASP A 36 -9.21 0.87 11.13
CA ASP A 36 -10.43 0.23 10.66
C ASP A 36 -10.25 -1.29 10.41
N GLY A 37 -9.01 -1.78 10.62
CA GLY A 37 -8.74 -3.21 10.51
C GLY A 37 -8.12 -3.64 9.17
N TYR A 38 -8.07 -2.72 8.20
CA TYR A 38 -7.63 -3.14 6.86
C TYR A 38 -6.10 -3.05 6.71
N ARG A 39 -5.68 -3.90 5.75
CA ARG A 39 -4.26 -4.06 5.37
C ARG A 39 -4.06 -3.20 4.12
N TRP A 40 -2.82 -2.65 3.96
CA TRP A 40 -2.51 -1.87 2.78
C TRP A 40 -1.03 -2.02 2.36
N CYS A 41 -0.80 -1.64 1.07
CA CYS A 41 0.50 -1.61 0.43
C CYS A 41 0.71 -0.19 -0.12
N GLY A 42 1.96 0.28 -0.09
CA GLY A 42 2.24 1.57 -0.72
C GLY A 42 2.41 1.30 -2.22
N THR A 43 2.31 2.38 -3.02
CA THR A 43 2.45 2.22 -4.47
C THR A 43 3.71 2.94 -5.00
N THR A 44 4.62 3.22 -4.07
CA THR A 44 5.88 3.83 -4.43
C THR A 44 6.92 3.30 -3.42
N GLU A 45 8.19 3.42 -3.84
CA GLU A 45 9.30 3.04 -2.98
C GLU A 45 9.33 3.92 -1.70
N ASP A 46 8.72 5.11 -1.81
CA ASP A 46 8.59 6.05 -0.69
C ASP A 46 7.10 6.34 -0.52
N TYR A 47 6.49 5.57 0.40
CA TYR A 47 5.07 5.78 0.65
C TYR A 47 4.86 7.12 1.37
N ASP A 48 5.81 7.43 2.26
CA ASP A 48 5.61 8.64 3.04
C ASP A 48 5.49 9.90 2.19
N ARG A 49 6.24 9.94 1.09
CA ARG A 49 6.14 11.09 0.21
C ARG A 49 4.75 11.17 -0.46
N ASP A 50 4.30 10.02 -0.98
CA ASP A 50 3.08 9.95 -1.78
C ASP A 50 1.72 9.89 -1.02
N LYS A 51 1.62 9.03 0.00
CA LYS A 51 0.35 8.78 0.70
C LYS A 51 -0.78 8.31 -0.26
N LYS A 52 -0.39 7.40 -1.17
CA LYS A 52 -1.33 6.72 -2.05
C LYS A 52 -1.00 5.24 -1.90
N TYR A 53 -2.07 4.42 -1.85
CA TYR A 53 -1.90 3.00 -1.53
C TYR A 53 -2.99 2.14 -2.18
N GLY A 54 -2.77 0.84 -1.91
CA GLY A 54 -3.64 -0.27 -2.25
C GLY A 54 -3.89 -1.12 -0.99
N PHE A 55 -4.73 -2.19 -1.08
CA PHE A 55 -5.09 -2.90 0.17
C PHE A 55 -4.24 -4.18 0.46
N CYS A 56 -3.38 -4.56 -0.49
CA CYS A 56 -2.53 -5.80 -0.30
C CYS A 56 -2.06 -6.25 -1.70
N PRO A 57 -1.06 -7.20 -1.74
CA PRO A 57 -0.86 -8.05 -2.87
C PRO A 57 -2.02 -9.08 -2.89
N GLU A 58 -1.64 -10.36 -2.84
CA GLU A 58 -2.64 -11.43 -2.76
C GLU A 58 -3.39 -11.29 -1.42
N THR A 59 -4.55 -11.95 -1.34
CA THR A 59 -5.34 -11.90 -0.10
C THR A 59 -4.66 -12.77 0.97
N ALA A 60 -3.66 -12.14 1.62
CA ALA A 60 -2.87 -12.76 2.67
C ALA A 60 -2.20 -11.60 3.44
N THR A 1 6.21 -7.49 -8.87
CA THR A 1 5.32 -6.66 -8.05
C THR A 1 4.30 -5.94 -8.95
N ALA A 2 3.28 -6.72 -9.34
CA ALA A 2 2.21 -6.21 -10.19
C ALA A 2 0.91 -6.86 -9.71
N LEU A 3 0.27 -6.15 -8.76
CA LEU A 3 -0.97 -6.60 -8.15
C LEU A 3 -2.05 -5.55 -8.49
N PHE A 4 -3.22 -6.07 -8.88
CA PHE A 4 -4.38 -5.24 -9.20
C PHE A 4 -4.86 -4.52 -7.91
N THR A 5 -5.53 -3.37 -8.08
CA THR A 5 -6.03 -2.63 -6.93
C THR A 5 -7.56 -2.84 -6.83
N MET A 6 -8.06 -2.31 -5.71
CA MET A 6 -9.46 -2.33 -5.31
C MET A 6 -9.51 -1.57 -3.98
N GLY A 7 -10.54 -0.72 -3.82
CA GLY A 7 -10.70 0.10 -2.60
C GLY A 7 -9.80 1.36 -2.59
N GLY A 8 -8.52 1.06 -2.81
CA GLY A 8 -7.35 1.95 -2.87
C GLY A 8 -7.58 3.32 -3.53
N ASN A 9 -6.57 4.19 -3.28
CA ASN A 9 -6.65 5.57 -3.79
C ASN A 9 -5.54 5.84 -4.83
N ALA A 10 -4.69 4.82 -5.07
CA ALA A 10 -3.55 5.00 -5.97
C ALA A 10 -3.88 5.07 -7.47
N GLU A 11 -5.11 5.52 -7.82
CA GLU A 11 -5.51 5.69 -9.21
C GLU A 11 -5.27 4.46 -10.11
N GLY A 12 -5.44 3.27 -9.49
CA GLY A 12 -5.30 2.01 -10.24
C GLY A 12 -3.84 1.53 -10.31
N GLN A 13 -2.90 2.32 -9.76
CA GLN A 13 -1.51 1.90 -9.78
C GLN A 13 -1.36 0.61 -8.93
N PRO A 14 -0.72 -0.44 -9.50
CA PRO A 14 -0.59 -1.73 -8.82
C PRO A 14 0.33 -1.63 -7.60
N CYS A 15 -0.01 -2.39 -6.53
CA CYS A 15 0.80 -2.39 -5.31
C CYS A 15 2.30 -2.45 -5.62
N LYS A 16 3.05 -1.74 -4.76
CA LYS A 16 4.49 -1.67 -4.95
C LYS A 16 5.18 -2.32 -3.77
N PHE A 17 5.96 -3.35 -4.16
CA PHE A 17 6.71 -4.14 -3.20
C PHE A 17 8.15 -4.14 -3.74
N PRO A 18 9.15 -3.73 -2.92
CA PRO A 18 9.00 -3.20 -1.56
C PRO A 18 8.65 -1.69 -1.56
N PHE A 19 7.75 -1.32 -0.63
CA PHE A 19 7.40 0.10 -0.44
C PHE A 19 7.96 0.50 0.94
N ARG A 20 8.45 1.74 0.98
CA ARG A 20 9.09 2.28 2.18
C ARG A 20 8.09 3.24 2.88
N PHE A 21 7.83 2.92 4.16
CA PHE A 21 6.89 3.69 4.97
C PHE A 21 7.48 3.78 6.40
N GLN A 22 7.35 4.96 7.02
CA GLN A 22 7.88 5.23 8.36
C GLN A 22 9.41 4.97 8.48
N GLY A 23 10.11 4.95 7.33
CA GLY A 23 11.55 4.67 7.38
C GLY A 23 11.88 3.15 7.33
N THR A 24 10.80 2.34 7.23
CA THR A 24 10.88 0.88 7.19
C THR A 24 10.43 0.39 5.80
N SER A 25 11.06 -0.71 5.36
CA SER A 25 10.74 -1.34 4.08
C SER A 25 9.72 -2.48 4.32
N TYR A 26 8.70 -2.49 3.45
CA TYR A 26 7.63 -3.47 3.50
C TYR A 26 7.48 -4.16 2.15
N ASP A 27 7.36 -5.50 2.20
CA ASP A 27 7.20 -6.31 0.99
C ASP A 27 5.89 -7.13 1.07
N SER A 28 4.92 -6.56 1.81
CA SER A 28 3.62 -7.21 1.97
C SER A 28 2.69 -6.14 2.55
N CYS A 29 1.38 -6.43 2.49
CA CYS A 29 0.40 -5.48 3.00
C CYS A 29 0.57 -5.27 4.53
N THR A 30 0.45 -4.02 5.02
CA THR A 30 0.55 -3.74 6.46
C THR A 30 -0.78 -3.14 6.94
N THR A 31 -0.97 -3.19 8.28
CA THR A 31 -2.16 -2.64 8.92
C THR A 31 -1.86 -1.32 9.65
N GLU A 32 -0.56 -0.96 9.66
CA GLU A 32 -0.17 0.27 10.35
C GLU A 32 -0.90 1.48 9.74
N GLY A 33 -1.70 2.13 10.60
CA GLY A 33 -2.43 3.33 10.16
C GLY A 33 -3.92 3.07 9.93
N ARG A 34 -4.32 1.78 9.91
CA ARG A 34 -5.77 1.50 9.71
C ARG A 34 -6.32 0.79 10.95
N THR A 35 -7.49 1.31 11.36
CA THR A 35 -8.21 0.80 12.51
C THR A 35 -9.54 0.17 12.07
N ASP A 36 -9.63 -0.09 10.75
CA ASP A 36 -10.84 -0.66 10.15
C ASP A 36 -10.67 -2.17 9.82
N GLY A 37 -9.47 -2.69 10.11
CA GLY A 37 -9.21 -4.12 9.93
C GLY A 37 -8.50 -4.48 8.62
N TYR A 38 -8.40 -3.50 7.71
CA TYR A 38 -7.84 -3.83 6.40
C TYR A 38 -6.34 -3.54 6.33
N ARG A 39 -5.68 -4.40 5.54
CA ARG A 39 -4.22 -4.24 5.33
C ARG A 39 -4.06 -3.55 3.97
N TRP A 40 -3.15 -2.56 3.90
CA TRP A 40 -2.90 -1.78 2.70
C TRP A 40 -1.45 -1.96 2.23
N CYS A 41 -1.22 -1.58 0.96
CA CYS A 41 0.10 -1.61 0.36
C CYS A 41 0.41 -0.22 -0.21
N GLY A 42 1.69 0.18 -0.11
CA GLY A 42 2.08 1.44 -0.73
C GLY A 42 2.19 1.20 -2.24
N THR A 43 2.11 2.29 -3.01
CA THR A 43 2.16 2.17 -4.47
C THR A 43 3.38 2.85 -5.08
N THR A 44 4.35 3.16 -4.22
CA THR A 44 5.59 3.77 -4.66
C THR A 44 6.70 3.21 -3.79
N GLU A 45 7.93 3.52 -4.22
CA GLU A 45 9.11 3.13 -3.45
C GLU A 45 9.14 3.90 -2.11
N ASP A 46 8.74 5.19 -2.20
CA ASP A 46 8.68 6.07 -1.04
C ASP A 46 7.21 6.43 -0.77
N TYR A 47 6.61 5.60 0.11
CA TYR A 47 5.18 5.82 0.40
C TYR A 47 4.96 7.13 1.15
N ASP A 48 5.89 7.40 2.08
CA ASP A 48 5.74 8.57 2.93
C ASP A 48 5.56 9.86 2.09
N ARG A 49 6.35 9.90 1.00
CA ARG A 49 6.28 11.03 0.08
C ARG A 49 4.89 11.14 -0.59
N ASP A 50 4.52 10.09 -1.36
CA ASP A 50 3.30 10.12 -2.17
C ASP A 50 1.97 10.09 -1.39
N LYS A 51 1.90 9.14 -0.44
CA LYS A 51 0.72 8.91 0.42
C LYS A 51 -0.44 8.25 -0.33
N LYS A 52 -0.07 7.53 -1.41
CA LYS A 52 -1.08 6.86 -2.20
C LYS A 52 -0.86 5.35 -2.06
N TYR A 53 -1.98 4.64 -1.80
CA TYR A 53 -1.97 3.21 -1.50
C TYR A 53 -3.13 2.47 -2.19
N GLY A 54 -3.03 1.15 -1.97
CA GLY A 54 -4.02 0.16 -2.40
C GLY A 54 -4.36 -0.73 -1.17
N PHE A 55 -5.40 -1.60 -1.32
CA PHE A 55 -5.78 -2.52 -0.24
C PHE A 55 -5.12 -3.84 -0.62
N CYS A 56 -4.95 -4.69 0.42
CA CYS A 56 -4.18 -5.95 0.20
C CYS A 56 -4.70 -6.77 -0.99
N PRO A 57 -3.88 -6.91 -2.07
CA PRO A 57 -4.26 -7.83 -3.14
C PRO A 57 -3.55 -9.20 -3.10
N GLU A 58 -2.65 -9.29 -2.11
CA GLU A 58 -1.83 -10.47 -1.86
C GLU A 58 -1.01 -10.20 -0.59
N THR A 59 -0.97 -11.24 0.25
CA THR A 59 -0.26 -11.34 1.53
C THR A 59 -0.70 -12.67 2.17
N ALA A 60 -2.04 -12.85 2.12
CA ALA A 60 -2.72 -14.02 2.64
C ALA A 60 -4.20 -13.91 2.20
N THR A 1 2.66 -10.67 -10.47
CA THR A 1 1.50 -10.64 -9.59
C THR A 1 0.70 -9.46 -10.12
N ALA A 2 -0.44 -9.16 -9.49
CA ALA A 2 -1.27 -8.03 -9.91
C ALA A 2 -1.92 -7.46 -8.66
N LEU A 3 -1.50 -6.23 -8.33
CA LEU A 3 -1.96 -5.52 -7.15
C LEU A 3 -2.66 -4.24 -7.60
N PHE A 4 -3.96 -4.44 -7.87
CA PHE A 4 -4.89 -3.39 -8.31
C PHE A 4 -5.10 -2.41 -7.12
N THR A 5 -5.66 -1.21 -7.41
CA THR A 5 -5.86 -0.26 -6.31
C THR A 5 -7.16 -0.55 -5.54
N MET A 6 -8.11 -0.99 -6.39
CA MET A 6 -9.45 -1.46 -6.06
C MET A 6 -9.98 -0.99 -4.68
N GLY A 7 -10.48 0.25 -4.70
CA GLY A 7 -11.06 0.87 -3.49
C GLY A 7 -10.18 2.01 -2.99
N GLY A 8 -8.86 1.73 -3.04
CA GLY A 8 -7.87 2.71 -2.62
C GLY A 8 -7.85 3.95 -3.56
N ASN A 9 -6.90 4.87 -3.28
CA ASN A 9 -6.88 6.17 -3.96
C ASN A 9 -5.64 6.41 -4.84
N ALA A 10 -4.86 5.34 -5.02
CA ALA A 10 -3.57 5.25 -5.72
C ALA A 10 -3.49 5.75 -7.19
N GLU A 11 -4.43 6.58 -7.67
CA GLU A 11 -4.36 7.07 -9.06
C GLU A 11 -4.43 5.92 -10.11
N GLY A 12 -4.95 4.75 -9.65
CA GLY A 12 -5.00 3.58 -10.54
C GLY A 12 -3.62 2.88 -10.65
N GLN A 13 -2.60 3.46 -10.00
CA GLN A 13 -1.25 2.90 -10.05
C GLN A 13 -1.21 1.60 -9.20
N PRO A 14 -0.54 0.55 -9.72
CA PRO A 14 -0.40 -0.71 -8.99
C PRO A 14 0.52 -0.55 -7.77
N CYS A 15 0.13 -1.27 -6.69
CA CYS A 15 0.87 -1.26 -5.41
C CYS A 15 2.37 -1.26 -5.66
N LYS A 16 3.08 -0.51 -4.79
CA LYS A 16 4.52 -0.36 -4.98
C LYS A 16 5.26 -0.90 -3.78
N PHE A 17 6.31 -1.64 -4.13
CA PHE A 17 7.19 -2.26 -3.15
C PHE A 17 8.61 -1.97 -3.66
N PRO A 18 9.53 -1.49 -2.79
CA PRO A 18 9.29 -1.11 -1.39
C PRO A 18 8.64 0.28 -1.29
N PHE A 19 7.60 0.39 -0.43
CA PHE A 19 6.96 1.67 -0.18
C PHE A 19 7.32 2.11 1.26
N ARG A 20 7.84 3.35 1.37
CA ARG A 20 8.21 3.91 2.68
C ARG A 20 6.97 4.46 3.41
N PHE A 21 6.81 3.99 4.67
CA PHE A 21 5.79 4.59 5.54
C PHE A 21 6.37 4.61 6.96
N GLN A 22 6.19 5.75 7.63
CA GLN A 22 6.74 6.01 8.97
C GLN A 22 8.29 5.90 8.88
N GLY A 23 8.86 6.41 7.75
CA GLY A 23 10.30 6.44 7.57
C GLY A 23 10.93 5.03 7.46
N THR A 24 10.05 4.03 7.29
CA THR A 24 10.49 2.65 7.22
C THR A 24 10.01 2.04 5.87
N SER A 25 10.95 1.37 5.16
CA SER A 25 10.62 0.77 3.86
C SER A 25 9.85 -0.56 4.07
N TYR A 26 8.69 -0.68 3.41
CA TYR A 26 7.84 -1.88 3.53
C TYR A 26 7.76 -2.58 2.15
N ASP A 27 7.89 -3.92 2.19
CA ASP A 27 7.78 -4.73 0.97
C ASP A 27 6.62 -5.73 1.12
N SER A 28 5.56 -5.26 1.81
CA SER A 28 4.44 -6.15 2.05
C SER A 28 3.21 -5.32 2.44
N CYS A 29 2.05 -5.89 2.10
CA CYS A 29 0.75 -5.31 2.45
C CYS A 29 0.66 -5.00 3.97
N THR A 30 0.39 -3.72 4.33
CA THR A 30 0.40 -3.32 5.74
C THR A 30 -1.01 -2.90 6.20
N THR A 31 -1.31 -3.25 7.47
CA THR A 31 -2.56 -2.84 8.11
C THR A 31 -2.31 -1.61 9.00
N GLU A 32 -1.01 -1.35 9.17
CA GLU A 32 -0.50 -0.34 10.06
C GLU A 32 -0.94 1.04 9.51
N GLY A 33 -1.91 1.62 10.24
CA GLY A 33 -2.47 2.91 9.86
C GLY A 33 -4.00 2.85 9.69
N ARG A 34 -4.53 1.63 9.53
CA ARG A 34 -6.00 1.52 9.37
C ARG A 34 -6.56 0.68 10.52
N THR A 35 -7.82 1.01 10.87
CA THR A 35 -8.54 0.32 11.94
C THR A 35 -9.88 -0.24 11.42
N ASP A 36 -9.93 -0.43 10.09
CA ASP A 36 -11.15 -0.90 9.42
C ASP A 36 -11.05 -2.35 8.91
N GLY A 37 -9.86 -2.96 9.10
CA GLY A 37 -9.70 -4.36 8.75
C GLY A 37 -9.12 -4.63 7.36
N TYR A 38 -8.72 -3.56 6.64
CA TYR A 38 -8.21 -3.78 5.28
C TYR A 38 -6.71 -3.48 5.21
N ARG A 39 -6.01 -4.32 4.44
CA ARG A 39 -4.55 -4.07 4.29
C ARG A 39 -4.39 -3.07 3.14
N TRP A 40 -3.52 -2.07 3.33
CA TRP A 40 -3.23 -1.10 2.30
C TRP A 40 -1.77 -1.27 1.87
N CYS A 41 -1.49 -0.73 0.67
CA CYS A 41 -0.15 -0.71 0.12
C CYS A 41 0.10 0.72 -0.35
N GLY A 42 1.36 1.16 -0.23
CA GLY A 42 1.66 2.50 -0.73
C GLY A 42 1.87 2.43 -2.24
N THR A 43 1.63 3.60 -2.86
CA THR A 43 1.93 3.75 -4.26
C THR A 43 3.00 4.83 -4.28
N THR A 44 3.97 4.53 -5.17
CA THR A 44 5.25 5.21 -5.29
C THR A 44 6.15 4.56 -4.24
N GLU A 45 7.45 4.80 -4.43
CA GLU A 45 8.43 4.22 -3.54
C GLU A 45 8.34 4.84 -2.13
N ASP A 46 7.70 6.03 -2.05
CA ASP A 46 7.63 6.73 -0.77
C ASP A 46 6.22 7.30 -0.47
N TYR A 47 5.54 6.58 0.46
CA TYR A 47 4.17 6.96 0.82
C TYR A 47 4.18 8.20 1.70
N ASP A 48 5.19 8.26 2.57
CA ASP A 48 5.24 9.41 3.47
C ASP A 48 5.25 10.72 2.68
N ARG A 49 5.96 10.67 1.53
CA ARG A 49 6.02 11.82 0.63
C ARG A 49 4.66 12.06 -0.10
N ASP A 50 4.22 11.07 -0.90
CA ASP A 50 3.03 11.23 -1.76
C ASP A 50 1.63 11.14 -1.08
N LYS A 51 1.49 10.19 -0.14
CA LYS A 51 0.23 9.92 0.56
C LYS A 51 -0.90 9.40 -0.34
N LYS A 52 -0.54 8.50 -1.28
CA LYS A 52 -1.58 7.86 -2.08
C LYS A 52 -1.32 6.35 -1.98
N TYR A 53 -2.42 5.60 -1.77
CA TYR A 53 -2.34 4.17 -1.52
C TYR A 53 -3.45 3.41 -2.26
N GLY A 54 -3.24 2.09 -2.23
CA GLY A 54 -4.20 1.13 -2.78
C GLY A 54 -4.52 0.06 -1.72
N PHE A 55 -5.46 -0.86 -2.06
CA PHE A 55 -5.75 -1.94 -1.10
C PHE A 55 -5.01 -3.20 -1.56
N CYS A 56 -4.83 -4.07 -0.56
CA CYS A 56 -4.02 -5.29 -0.72
C CYS A 56 -4.93 -6.43 -0.22
N PRO A 57 -4.49 -7.70 -0.43
CA PRO A 57 -5.22 -8.84 0.14
C PRO A 57 -4.96 -8.93 1.66
N GLU A 58 -5.16 -10.16 2.21
CA GLU A 58 -4.92 -10.43 3.62
C GLU A 58 -4.64 -11.94 3.71
N THR A 59 -5.74 -12.70 3.75
CA THR A 59 -5.63 -14.15 3.76
C THR A 59 -5.34 -14.61 2.31
N ALA A 60 -4.05 -14.76 2.02
CA ALA A 60 -3.58 -15.17 0.72
C ALA A 60 -2.17 -15.77 0.87
N THR A 1 4.73 -6.44 -12.74
CA THR A 1 5.25 -7.29 -11.68
C THR A 1 4.28 -7.04 -10.54
N ALA A 2 4.61 -7.58 -9.35
CA ALA A 2 3.77 -7.45 -8.17
C ALA A 2 2.40 -8.11 -8.40
N LEU A 3 1.44 -7.74 -7.52
CA LEU A 3 0.11 -8.28 -7.54
C LEU A 3 -0.85 -7.08 -7.78
N PHE A 4 -1.79 -7.30 -8.73
CA PHE A 4 -2.79 -6.30 -9.16
C PHE A 4 -3.71 -5.91 -7.98
N THR A 5 -4.22 -4.66 -7.99
CA THR A 5 -4.96 -4.16 -6.83
C THR A 5 -6.47 -4.20 -7.16
N MET A 6 -7.25 -3.93 -6.08
CA MET A 6 -8.70 -3.93 -6.18
C MET A 6 -9.22 -2.74 -5.35
N GLY A 7 -8.89 -2.80 -4.06
CA GLY A 7 -9.15 -1.68 -3.17
C GLY A 7 -7.88 -0.83 -3.23
N GLY A 8 -8.03 0.49 -3.06
CA GLY A 8 -6.85 1.33 -3.21
C GLY A 8 -7.29 2.74 -3.59
N ASN A 9 -6.29 3.64 -3.59
CA ASN A 9 -6.53 5.03 -3.98
C ASN A 9 -5.57 5.48 -5.09
N ALA A 10 -4.57 4.63 -5.40
CA ALA A 10 -3.58 5.03 -6.40
C ALA A 10 -4.01 4.70 -7.86
N GLU A 11 -5.13 5.35 -8.26
CA GLU A 11 -5.68 5.33 -9.61
C GLU A 11 -5.47 4.02 -10.45
N GLY A 12 -5.86 2.86 -9.86
CA GLY A 12 -5.87 1.61 -10.67
C GLY A 12 -4.55 0.80 -10.59
N GLN A 13 -3.61 1.30 -9.77
CA GLN A 13 -2.30 0.71 -9.48
C GLN A 13 -2.21 -0.84 -9.46
N PRO A 14 -0.96 -1.29 -9.75
CA PRO A 14 -0.41 -2.54 -9.22
C PRO A 14 0.23 -2.20 -7.86
N CYS A 15 0.20 -3.15 -6.90
CA CYS A 15 0.95 -2.86 -5.66
C CYS A 15 2.44 -2.82 -6.05
N LYS A 16 3.23 -2.13 -5.21
CA LYS A 16 4.64 -1.95 -5.49
C LYS A 16 5.33 -2.50 -4.23
N PHE A 17 6.04 -3.62 -4.43
CA PHE A 17 6.78 -4.25 -3.35
C PHE A 17 8.25 -4.21 -3.81
N PRO A 18 9.21 -3.93 -2.88
CA PRO A 18 8.99 -3.50 -1.50
C PRO A 18 8.71 -1.99 -1.43
N PHE A 19 7.69 -1.59 -0.65
CA PHE A 19 7.36 -0.17 -0.50
C PHE A 19 7.95 0.30 0.83
N ARG A 20 8.25 1.62 0.86
CA ARG A 20 8.90 2.22 2.02
C ARG A 20 7.87 3.06 2.79
N PHE A 21 7.73 2.75 4.09
CA PHE A 21 6.82 3.47 4.98
C PHE A 21 7.49 3.50 6.36
N GLN A 22 7.34 4.63 7.06
CA GLN A 22 7.97 4.86 8.35
C GLN A 22 9.52 4.68 8.28
N GLY A 23 10.08 4.79 7.05
CA GLY A 23 11.52 4.56 6.92
C GLY A 23 11.92 3.06 6.88
N THR A 24 10.88 2.20 6.92
CA THR A 24 11.01 0.74 6.89
C THR A 24 10.50 0.25 5.53
N SER A 25 11.12 -0.86 5.05
CA SER A 25 10.72 -1.43 3.78
C SER A 25 9.82 -2.64 4.07
N TYR A 26 8.76 -2.74 3.24
CA TYR A 26 7.73 -3.77 3.38
C TYR A 26 7.58 -4.52 2.06
N ASP A 27 7.65 -5.85 2.18
CA ASP A 27 7.57 -6.76 1.04
C ASP A 27 6.23 -7.52 1.04
N SER A 28 5.27 -6.97 1.82
CA SER A 28 3.96 -7.59 1.93
C SER A 28 3.03 -6.52 2.53
N CYS A 29 1.71 -6.79 2.41
CA CYS A 29 0.72 -5.88 2.96
C CYS A 29 0.88 -5.75 4.50
N THR A 30 0.61 -4.54 5.04
CA THR A 30 0.65 -4.37 6.49
C THR A 30 -0.65 -3.65 6.91
N THR A 31 -0.88 -3.65 8.24
CA THR A 31 -2.00 -2.95 8.84
C THR A 31 -1.50 -1.69 9.56
N GLU A 32 -0.17 -1.55 9.66
CA GLU A 32 0.40 -0.38 10.36
C GLU A 32 -0.11 0.92 9.74
N GLY A 33 -0.68 1.77 10.63
CA GLY A 33 -1.20 3.05 10.20
C GLY A 33 -2.73 3.06 10.11
N ARG A 34 -3.31 1.83 10.09
CA ARG A 34 -4.79 1.75 10.04
C ARG A 34 -5.29 1.11 11.33
N THR A 35 -6.45 1.63 11.78
CA THR A 35 -7.09 1.14 12.99
C THR A 35 -8.52 0.63 12.66
N ASP A 36 -8.73 0.37 11.36
CA ASP A 36 -10.03 -0.05 10.85
C ASP A 36 -10.05 -1.54 10.38
N GLY A 37 -8.88 -2.20 10.48
CA GLY A 37 -8.81 -3.63 10.16
C GLY A 37 -8.27 -3.95 8.77
N TYR A 38 -8.14 -2.92 7.91
CA TYR A 38 -7.75 -3.21 6.52
C TYR A 38 -6.23 -3.30 6.35
N ARG A 39 -5.87 -4.29 5.51
CA ARG A 39 -4.45 -4.50 5.19
C ARG A 39 -4.22 -3.65 3.94
N TRP A 40 -3.11 -2.89 3.93
CA TRP A 40 -2.82 -2.04 2.77
C TRP A 40 -1.40 -2.35 2.25
N CYS A 41 -1.17 -1.91 0.99
CA CYS A 41 0.13 -1.99 0.36
C CYS A 41 0.44 -0.57 -0.07
N GLY A 42 1.68 -0.12 0.17
CA GLY A 42 2.01 1.22 -0.28
C GLY A 42 2.39 1.12 -1.75
N THR A 43 2.23 2.27 -2.43
CA THR A 43 2.63 2.34 -3.82
C THR A 43 3.73 3.38 -3.89
N THR A 44 4.62 3.11 -4.87
CA THR A 44 5.83 3.86 -5.19
C THR A 44 7.02 3.37 -4.33
N GLU A 45 8.14 4.01 -4.63
CA GLU A 45 9.37 3.84 -3.88
C GLU A 45 9.28 4.46 -2.47
N ASP A 46 8.45 5.52 -2.36
CA ASP A 46 8.31 6.24 -1.09
C ASP A 46 6.83 6.52 -0.76
N TYR A 47 6.32 5.70 0.18
CA TYR A 47 4.92 5.90 0.60
C TYR A 47 4.81 7.15 1.49
N ASP A 48 5.83 7.32 2.35
CA ASP A 48 5.78 8.42 3.31
C ASP A 48 5.59 9.77 2.60
N ARG A 49 6.27 9.88 1.45
CA ARG A 49 6.15 11.09 0.65
C ARG A 49 4.78 11.19 -0.06
N ASP A 50 4.44 10.14 -0.84
CA ASP A 50 3.24 10.14 -1.70
C ASP A 50 1.85 9.98 -1.03
N LYS A 51 1.74 9.07 -0.03
CA LYS A 51 0.49 8.76 0.66
C LYS A 51 -0.59 8.12 -0.23
N LYS A 52 -0.13 7.35 -1.23
CA LYS A 52 -1.10 6.65 -2.07
C LYS A 52 -0.83 5.14 -1.92
N TYR A 53 -1.92 4.39 -1.71
CA TYR A 53 -1.83 2.97 -1.38
C TYR A 53 -3.05 2.17 -1.89
N GLY A 54 -2.83 0.84 -1.84
CA GLY A 54 -3.82 -0.18 -2.18
C GLY A 54 -4.34 -0.86 -0.89
N PHE A 55 -5.45 -1.64 -0.96
CA PHE A 55 -5.95 -2.35 0.24
C PHE A 55 -5.49 -3.81 0.18
N CYS A 56 -4.17 -3.93 -0.12
CA CYS A 56 -3.52 -5.29 -0.27
C CYS A 56 -4.02 -5.88 -1.62
N PRO A 57 -3.11 -6.38 -2.50
CA PRO A 57 -3.62 -6.72 -3.83
C PRO A 57 -4.23 -8.13 -3.94
N GLU A 58 -3.75 -8.92 -2.99
CA GLU A 58 -4.07 -10.31 -2.77
C GLU A 58 -3.29 -10.68 -1.51
N THR A 59 -3.80 -11.73 -0.83
CA THR A 59 -3.23 -12.28 0.41
C THR A 59 -2.57 -11.20 1.32
N ALA A 60 -1.23 -11.15 1.24
CA ALA A 60 -0.41 -10.22 1.99
C ALA A 60 1.02 -10.34 1.48
N THR A 1 -0.55 -8.44 -10.51
CA THR A 1 -1.98 -8.19 -10.56
C THR A 1 -2.42 -6.96 -9.75
N ALA A 2 -2.01 -6.98 -8.47
CA ALA A 2 -2.28 -5.99 -7.45
C ALA A 2 -3.48 -6.47 -6.64
N LEU A 3 -3.54 -5.99 -5.39
CA LEU A 3 -4.67 -6.37 -4.54
C LEU A 3 -5.77 -5.27 -4.63
N PHE A 4 -6.01 -4.90 -5.93
CA PHE A 4 -6.92 -3.89 -6.54
C PHE A 4 -7.31 -2.64 -5.69
N THR A 5 -7.61 -1.54 -6.42
CA THR A 5 -8.02 -0.31 -5.76
C THR A 5 -9.56 -0.25 -5.87
N MET A 6 -10.24 0.08 -4.76
CA MET A 6 -11.69 0.06 -4.75
C MET A 6 -12.26 1.09 -3.76
N GLY A 7 -12.33 0.71 -2.47
CA GLY A 7 -12.89 1.61 -1.46
C GLY A 7 -11.96 2.77 -1.08
N GLY A 8 -10.64 2.48 -1.23
CA GLY A 8 -9.62 3.47 -0.95
C GLY A 8 -9.53 4.46 -2.12
N ASN A 9 -8.35 5.10 -2.34
CA ASN A 9 -8.23 6.00 -3.48
C ASN A 9 -7.15 5.41 -4.39
N ALA A 10 -6.18 6.27 -4.77
CA ALA A 10 -5.03 5.94 -5.62
C ALA A 10 -5.14 6.76 -6.90
N GLU A 11 -6.38 6.74 -7.45
CA GLU A 11 -6.70 7.46 -8.69
C GLU A 11 -6.17 6.69 -9.93
N GLY A 12 -6.57 5.38 -10.01
CA GLY A 12 -6.19 4.54 -11.15
C GLY A 12 -4.86 3.79 -10.91
N GLN A 13 -3.95 4.36 -10.09
CA GLN A 13 -2.69 3.63 -9.88
C GLN A 13 -2.94 2.42 -8.95
N PRO A 14 -2.44 1.22 -9.34
CA PRO A 14 -2.37 0.09 -8.41
C PRO A 14 -1.25 0.39 -7.40
N CYS A 15 -1.37 -0.31 -6.25
CA CYS A 15 -0.44 -0.12 -5.14
C CYS A 15 1.05 -0.21 -5.53
N LYS A 16 1.84 0.50 -4.67
CA LYS A 16 3.28 0.54 -4.86
C LYS A 16 3.97 -0.10 -3.66
N PHE A 17 5.00 -0.89 -4.00
CA PHE A 17 5.86 -1.54 -3.03
C PHE A 17 7.29 -1.24 -3.50
N PRO A 18 8.24 -1.13 -2.53
CA PRO A 18 7.99 -0.92 -1.11
C PRO A 18 7.53 0.54 -0.93
N PHE A 19 6.43 0.75 -0.18
CA PHE A 19 6.00 2.13 0.04
C PHE A 19 6.49 2.50 1.45
N ARG A 20 7.03 3.73 1.54
CA ARG A 20 7.61 4.20 2.78
C ARG A 20 6.59 5.15 3.46
N PHE A 21 6.25 4.79 4.71
CA PHE A 21 5.28 5.53 5.50
C PHE A 21 5.81 5.58 6.93
N GLN A 22 5.64 6.74 7.59
CA GLN A 22 6.11 6.94 8.96
C GLN A 22 7.64 6.70 9.16
N GLY A 23 8.39 6.62 8.05
CA GLY A 23 9.82 6.35 8.16
C GLY A 23 10.18 4.85 8.05
N THR A 24 9.14 4.02 7.79
CA THR A 24 9.30 2.57 7.66
C THR A 24 8.80 2.14 6.26
N SER A 25 9.42 1.06 5.74
CA SER A 25 9.08 0.48 4.45
C SER A 25 8.03 -0.63 4.65
N TYR A 26 7.07 -0.65 3.71
CA TYR A 26 5.96 -1.61 3.74
C TYR A 26 5.81 -2.28 2.36
N ASP A 27 5.64 -3.62 2.44
CA ASP A 27 5.47 -4.45 1.26
C ASP A 27 4.16 -5.30 1.32
N SER A 28 3.15 -4.76 2.05
CA SER A 28 1.87 -5.44 2.18
C SER A 28 0.85 -4.46 2.80
N CYS A 29 -0.46 -4.83 2.72
CA CYS A 29 -1.53 -3.98 3.29
C CYS A 29 -1.30 -3.76 4.81
N THR A 30 -1.45 -2.49 5.27
CA THR A 30 -1.34 -2.15 6.69
C THR A 30 -2.70 -1.60 7.15
N THR A 31 -2.78 -1.34 8.47
CA THR A 31 -3.97 -0.78 9.09
C THR A 31 -3.65 0.48 9.94
N GLU A 32 -2.38 0.92 9.88
CA GLU A 32 -2.03 2.09 10.69
C GLU A 32 -2.76 3.38 10.24
N GLY A 33 -2.98 4.25 11.26
CA GLY A 33 -3.47 5.61 11.03
C GLY A 33 -4.96 5.82 10.73
N ARG A 34 -5.76 4.73 10.67
CA ARG A 34 -7.20 4.94 10.34
C ARG A 34 -8.11 4.30 11.42
N THR A 35 -9.43 4.65 11.34
CA THR A 35 -10.43 4.17 12.30
C THR A 35 -11.69 3.48 11.65
N ASP A 36 -11.69 3.34 10.31
CA ASP A 36 -12.81 2.76 9.54
C ASP A 36 -12.54 1.30 9.04
N GLY A 37 -11.78 0.53 9.84
CA GLY A 37 -11.38 -0.88 9.66
C GLY A 37 -10.96 -1.42 8.26
N TYR A 38 -10.60 -0.44 7.44
CA TYR A 38 -9.84 -0.48 6.19
C TYR A 38 -8.66 -1.49 6.24
N ARG A 39 -7.99 -1.53 5.10
CA ARG A 39 -6.65 -2.14 4.93
C ARG A 39 -6.08 -1.17 3.90
N TRP A 40 -4.78 -0.81 3.92
CA TRP A 40 -4.32 0.14 2.88
C TRP A 40 -2.85 -0.04 2.50
N CYS A 41 -2.51 0.53 1.31
CA CYS A 41 -1.17 0.56 0.77
C CYS A 41 -0.88 1.98 0.26
N GLY A 42 0.41 2.36 0.26
CA GLY A 42 0.78 3.61 -0.39
C GLY A 42 0.88 3.35 -1.91
N THR A 43 0.74 4.43 -2.68
CA THR A 43 0.81 4.28 -4.14
C THR A 43 2.04 4.97 -4.75
N THR A 44 3.02 5.19 -3.87
CA THR A 44 4.29 5.78 -4.28
C THR A 44 5.35 5.16 -3.36
N GLU A 45 6.61 5.37 -3.76
CA GLU A 45 7.73 4.87 -2.97
C GLU A 45 7.80 5.59 -1.60
N ASP A 46 7.31 6.85 -1.64
CA ASP A 46 7.24 7.71 -0.47
C ASP A 46 5.76 8.11 -0.31
N TYR A 47 5.11 7.44 0.66
CA TYR A 47 3.68 7.70 0.87
C TYR A 47 3.48 9.03 1.60
N ASP A 48 4.38 9.28 2.57
CA ASP A 48 4.23 10.47 3.40
C ASP A 48 4.14 11.74 2.51
N ARG A 49 4.95 11.70 1.44
CA ARG A 49 5.00 12.71 0.39
C ARG A 49 3.60 12.94 -0.26
N ASP A 50 3.13 11.94 -1.03
CA ASP A 50 1.91 12.09 -1.83
C ASP A 50 0.60 12.00 -1.05
N LYS A 51 0.56 10.99 -0.16
CA LYS A 51 -0.56 10.68 0.73
C LYS A 51 -1.70 9.90 0.05
N LYS A 52 -1.44 9.45 -1.19
CA LYS A 52 -2.48 8.75 -1.94
C LYS A 52 -2.26 7.25 -1.73
N TYR A 53 -3.39 6.54 -1.50
CA TYR A 53 -3.35 5.13 -1.14
C TYR A 53 -4.49 4.33 -1.79
N GLY A 54 -4.26 3.01 -1.74
CA GLY A 54 -5.28 2.01 -2.14
C GLY A 54 -5.69 1.23 -0.89
N PHE A 55 -6.72 0.33 -1.00
CA PHE A 55 -7.16 -0.41 0.20
C PHE A 55 -6.51 -1.81 0.32
N CYS A 56 -5.53 -2.07 -0.55
CA CYS A 56 -4.73 -3.33 -0.35
C CYS A 56 -3.76 -3.44 -1.57
N PRO A 57 -2.48 -3.87 -1.37
CA PRO A 57 -1.49 -3.95 -2.46
C PRO A 57 -0.88 -5.33 -2.81
N GLU A 58 -0.55 -5.60 -4.12
CA GLU A 58 0.03 -6.89 -4.65
C GLU A 58 0.53 -7.93 -3.58
N THR A 59 1.85 -8.03 -3.37
CA THR A 59 2.43 -8.97 -2.41
C THR A 59 2.31 -10.43 -2.92
N ALA A 60 1.10 -11.00 -2.70
CA ALA A 60 0.80 -12.37 -3.05
C ALA A 60 -0.69 -12.61 -2.75
N THR A 1 6.39 -6.55 -13.05
CA THR A 1 4.99 -6.77 -12.74
C THR A 1 4.95 -6.85 -11.23
N ALA A 2 3.72 -6.89 -10.68
CA ALA A 2 3.51 -7.01 -9.24
C ALA A 2 2.07 -7.50 -9.06
N LEU A 3 1.38 -6.98 -8.03
CA LEU A 3 0.01 -7.41 -7.75
C LEU A 3 -0.98 -6.27 -8.07
N PHE A 4 -2.05 -6.70 -8.78
CA PHE A 4 -3.15 -5.81 -9.15
C PHE A 4 -3.89 -5.37 -7.87
N THR A 5 -4.54 -4.19 -7.97
CA THR A 5 -5.23 -3.64 -6.80
C THR A 5 -6.73 -3.88 -6.96
N MET A 6 -7.37 -4.08 -5.79
CA MET A 6 -8.81 -4.33 -5.77
C MET A 6 -9.47 -3.52 -4.64
N GLY A 7 -8.77 -2.42 -4.31
CA GLY A 7 -9.22 -1.51 -3.28
C GLY A 7 -8.00 -0.72 -2.82
N GLY A 8 -8.30 0.43 -2.17
CA GLY A 8 -7.26 1.35 -1.71
C GLY A 8 -7.37 2.64 -2.57
N ASN A 9 -6.28 3.43 -2.68
CA ASN A 9 -6.31 4.66 -3.50
C ASN A 9 -5.16 4.68 -4.54
N ALA A 10 -4.65 3.46 -4.79
CA ALA A 10 -3.49 3.20 -5.65
C ALA A 10 -3.60 3.76 -7.08
N GLU A 11 -4.82 4.17 -7.48
CA GLU A 11 -4.98 4.77 -8.81
C GLU A 11 -4.63 3.77 -9.94
N GLY A 12 -4.87 2.47 -9.62
CA GLY A 12 -4.59 1.39 -10.57
C GLY A 12 -3.13 0.91 -10.50
N GLN A 13 -2.29 1.64 -9.73
CA GLN A 13 -0.89 1.24 -9.63
C GLN A 13 -0.80 -0.08 -8.81
N PRO A 14 -0.13 -1.12 -9.36
CA PRO A 14 -0.03 -2.40 -8.66
C PRO A 14 0.86 -2.24 -7.41
N CYS A 15 0.57 -3.07 -6.38
CA CYS A 15 1.34 -3.00 -5.13
C CYS A 15 2.85 -2.97 -5.42
N LYS A 16 3.53 -2.13 -4.61
CA LYS A 16 4.95 -1.90 -4.81
C LYS A 16 5.74 -2.43 -3.61
N PHE A 17 6.58 -3.42 -3.97
CA PHE A 17 7.53 -4.02 -3.05
C PHE A 17 8.93 -3.74 -3.64
N PRO A 18 9.85 -3.16 -2.83
CA PRO A 18 9.61 -2.61 -1.49
C PRO A 18 8.93 -1.23 -1.55
N PHE A 19 8.04 -0.99 -0.58
CA PHE A 19 7.43 0.33 -0.37
C PHE A 19 7.97 0.81 0.98
N ARG A 20 8.65 1.96 0.96
CA ARG A 20 9.21 2.49 2.20
C ARG A 20 8.14 3.27 2.97
N PHE A 21 7.86 2.81 4.20
CA PHE A 21 6.92 3.52 5.08
C PHE A 21 7.64 3.71 6.42
N GLN A 22 7.41 4.90 7.00
CA GLN A 22 8.04 5.32 8.24
C GLN A 22 9.58 5.26 8.11
N GLY A 23 10.07 5.40 6.85
CA GLY A 23 11.51 5.38 6.61
C GLY A 23 12.09 3.99 6.33
N THR A 24 11.25 2.95 6.48
CA THR A 24 11.72 1.57 6.34
C THR A 24 11.02 0.85 5.16
N SER A 25 11.86 0.16 4.36
CA SER A 25 11.41 -0.61 3.21
C SER A 25 10.58 -1.84 3.67
N TYR A 26 9.34 -1.92 3.16
CA TYR A 26 8.42 -3.01 3.48
C TYR A 26 8.14 -3.78 2.19
N ASP A 27 8.07 -5.12 2.29
CA ASP A 27 7.81 -5.97 1.11
C ASP A 27 6.60 -6.89 1.37
N SER A 28 5.63 -6.37 2.14
CA SER A 28 4.47 -7.17 2.47
C SER A 28 3.38 -6.23 2.97
N CYS A 29 2.10 -6.65 2.80
CA CYS A 29 1.01 -5.81 3.29
C CYS A 29 1.15 -5.59 4.82
N THR A 30 0.95 -4.33 5.28
CA THR A 30 1.04 -4.02 6.72
C THR A 30 -0.31 -3.45 7.18
N THR A 31 -0.45 -3.43 8.52
CA THR A 31 -1.64 -2.83 9.14
C THR A 31 -1.27 -1.51 9.82
N GLU A 32 0.04 -1.18 9.79
CA GLU A 32 0.48 0.06 10.44
C GLU A 32 -0.22 1.27 9.80
N GLY A 33 -1.01 1.96 10.65
CA GLY A 33 -1.74 3.15 10.20
C GLY A 33 -3.25 2.91 10.07
N ARG A 34 -3.65 1.62 10.09
CA ARG A 34 -5.09 1.34 9.97
C ARG A 34 -5.57 0.58 11.21
N THR A 35 -6.73 1.06 11.70
CA THR A 35 -7.38 0.47 12.86
C THR A 35 -8.76 -0.07 12.47
N ASP A 36 -8.91 -0.34 11.16
CA ASP A 36 -10.18 -0.82 10.60
C ASP A 36 -10.12 -2.29 10.18
N GLY A 37 -8.95 -2.93 10.45
CA GLY A 37 -8.81 -4.36 10.19
C GLY A 37 -8.11 -4.70 8.88
N TYR A 38 -7.95 -3.69 8.00
CA TYR A 38 -7.42 -3.99 6.67
C TYR A 38 -5.90 -3.77 6.59
N ARG A 39 -5.26 -4.74 5.93
CA ARG A 39 -3.80 -4.61 5.69
C ARG A 39 -3.67 -3.97 4.30
N TRP A 40 -2.76 -2.99 4.19
CA TRP A 40 -2.54 -2.25 2.97
C TRP A 40 -1.11 -2.47 2.46
N CYS A 41 -0.92 -2.21 1.15
CA CYS A 41 0.39 -2.28 0.52
C CYS A 41 0.64 -0.89 -0.04
N GLY A 42 1.92 -0.45 0.01
CA GLY A 42 2.21 0.87 -0.53
C GLY A 42 2.38 0.76 -2.04
N THR A 43 2.22 1.93 -2.68
CA THR A 43 2.49 2.04 -4.10
C THR A 43 3.54 3.14 -4.22
N THR A 44 4.48 2.85 -5.15
CA THR A 44 5.64 3.69 -5.35
C THR A 44 6.65 3.36 -4.21
N GLU A 45 7.94 3.49 -4.57
CA GLU A 45 9.04 3.08 -3.70
C GLU A 45 9.10 3.84 -2.35
N ASP A 46 8.58 5.09 -2.39
CA ASP A 46 8.60 5.93 -1.17
C ASP A 46 7.15 6.28 -0.78
N TYR A 47 6.61 5.45 0.14
CA TYR A 47 5.21 5.66 0.52
C TYR A 47 5.07 6.98 1.30
N ASP A 48 6.06 7.24 2.15
CA ASP A 48 5.96 8.44 2.98
C ASP A 48 5.73 9.71 2.12
N ARG A 49 6.48 9.75 1.00
CA ARG A 49 6.35 10.86 0.08
C ARG A 49 5.01 10.80 -0.70
N ASP A 50 4.82 9.70 -1.45
CA ASP A 50 3.65 9.58 -2.35
C ASP A 50 2.29 9.47 -1.62
N LYS A 51 2.25 8.58 -0.62
CA LYS A 51 1.11 8.32 0.29
C LYS A 51 -0.02 7.48 -0.32
N LYS A 52 0.23 6.93 -1.51
CA LYS A 52 -0.82 6.20 -2.21
C LYS A 52 -0.60 4.70 -1.94
N TYR A 53 -1.74 4.01 -1.70
CA TYR A 53 -1.71 2.60 -1.31
C TYR A 53 -2.87 1.82 -1.95
N GLY A 54 -2.76 0.51 -1.73
CA GLY A 54 -3.76 -0.47 -2.14
C GLY A 54 -4.13 -1.33 -0.92
N PHE A 55 -5.18 -2.19 -1.04
CA PHE A 55 -5.46 -3.12 0.06
C PHE A 55 -4.74 -4.42 -0.30
N CYS A 56 -4.50 -5.24 0.74
CA CYS A 56 -3.68 -6.46 0.55
C CYS A 56 -4.20 -7.34 -0.62
N PRO A 57 -3.42 -7.50 -1.72
CA PRO A 57 -3.81 -8.45 -2.75
C PRO A 57 -3.31 -9.86 -2.38
N GLU A 58 -4.28 -10.76 -2.17
CA GLU A 58 -3.99 -12.14 -1.82
C GLU A 58 -5.20 -12.95 -2.29
N THR A 59 -4.98 -14.27 -2.44
CA THR A 59 -6.03 -15.19 -2.86
C THR A 59 -6.67 -15.87 -1.64
N ALA A 60 -6.76 -15.07 -0.56
CA ALA A 60 -7.31 -15.51 0.71
C ALA A 60 -7.58 -14.26 1.56
N THR A 1 1.15 -9.00 -14.97
CA THR A 1 0.50 -9.41 -13.75
C THR A 1 0.06 -8.18 -12.94
N ALA A 2 1.09 -7.56 -12.31
CA ALA A 2 0.91 -6.40 -11.44
C ALA A 2 0.23 -6.85 -10.14
N LEU A 3 0.02 -5.85 -9.27
CA LEU A 3 -0.61 -6.09 -7.97
C LEU A 3 -1.88 -5.21 -7.92
N PHE A 4 -3.00 -5.89 -8.26
CA PHE A 4 -4.33 -5.28 -8.27
C PHE A 4 -4.60 -4.53 -6.95
N THR A 5 -5.41 -3.47 -7.08
CA THR A 5 -5.64 -2.55 -5.98
C THR A 5 -6.89 -2.92 -5.18
N MET A 6 -7.96 -3.07 -5.97
CA MET A 6 -9.29 -3.46 -5.46
C MET A 6 -9.86 -2.37 -4.52
N GLY A 7 -9.31 -1.16 -4.69
CA GLY A 7 -9.65 0.00 -3.89
C GLY A 7 -8.39 0.86 -3.85
N GLY A 8 -8.57 2.14 -3.47
CA GLY A 8 -7.41 3.02 -3.43
C GLY A 8 -7.78 4.45 -3.79
N ASN A 9 -6.80 5.34 -3.55
CA ASN A 9 -6.92 6.75 -3.92
C ASN A 9 -5.81 7.17 -4.91
N ALA A 10 -4.88 6.23 -5.18
CA ALA A 10 -3.73 6.52 -6.05
C ALA A 10 -4.03 6.28 -7.53
N GLU A 11 -5.15 6.86 -7.99
CA GLU A 11 -5.51 6.80 -9.40
C GLU A 11 -5.55 5.36 -9.98
N GLY A 12 -5.83 4.39 -9.08
CA GLY A 12 -5.95 2.98 -9.51
C GLY A 12 -4.57 2.31 -9.74
N GLN A 13 -3.47 3.02 -9.41
CA GLN A 13 -2.14 2.43 -9.61
C GLN A 13 -1.94 1.19 -8.70
N PRO A 14 -1.29 0.13 -9.26
CA PRO A 14 -1.03 -1.11 -8.52
C PRO A 14 -0.04 -0.88 -7.37
N CYS A 15 -0.20 -1.72 -6.31
CA CYS A 15 0.67 -1.61 -5.13
C CYS A 15 2.15 -1.59 -5.52
N LYS A 16 2.89 -0.78 -4.74
CA LYS A 16 4.30 -0.56 -4.99
C LYS A 16 5.14 -1.11 -3.83
N PHE A 17 6.16 -1.92 -4.19
CA PHE A 17 7.11 -2.48 -3.22
C PHE A 17 8.50 -2.31 -3.87
N PRO A 18 9.60 -2.22 -3.08
CA PRO A 18 9.62 -1.89 -1.65
C PRO A 18 9.26 -0.41 -1.50
N PHE A 19 8.41 -0.18 -0.49
CA PHE A 19 7.84 1.15 -0.25
C PHE A 19 8.20 1.58 1.17
N ARG A 20 8.27 2.91 1.34
CA ARG A 20 8.69 3.48 2.62
C ARG A 20 7.48 4.12 3.32
N PHE A 21 7.29 3.69 4.59
CA PHE A 21 6.29 4.31 5.47
C PHE A 21 7.03 4.48 6.81
N GLN A 22 6.73 5.58 7.51
CA GLN A 22 7.44 5.98 8.72
C GLN A 22 8.95 6.22 8.45
N GLY A 23 9.28 6.46 7.17
CA GLY A 23 10.69 6.62 6.80
C GLY A 23 11.46 5.28 6.77
N THR A 24 10.69 4.18 6.96
CA THR A 24 11.25 2.84 7.03
C THR A 24 10.74 2.03 5.84
N SER A 25 11.61 1.12 5.36
CA SER A 25 11.28 0.26 4.23
C SER A 25 10.37 -0.88 4.71
N TYR A 26 9.31 -1.06 3.91
CA TYR A 26 8.28 -2.07 4.06
C TYR A 26 8.30 -2.80 2.69
N ASP A 27 7.94 -4.10 2.69
CA ASP A 27 7.97 -4.89 1.44
C ASP A 27 6.66 -5.67 1.21
N SER A 28 5.62 -5.35 2.01
CA SER A 28 4.40 -6.13 1.87
C SER A 28 3.20 -5.31 2.40
N CYS A 29 2.01 -5.80 2.01
CA CYS A 29 0.72 -5.20 2.38
C CYS A 29 0.60 -4.92 3.90
N THR A 30 0.41 -3.63 4.26
CA THR A 30 0.38 -3.25 5.67
C THR A 30 -1.03 -2.79 6.07
N THR A 31 -1.35 -3.13 7.32
CA THR A 31 -2.61 -2.78 7.96
C THR A 31 -2.44 -1.53 8.86
N GLU A 32 -1.16 -1.29 9.13
CA GLU A 32 -0.68 -0.27 10.03
C GLU A 32 -1.09 1.10 9.46
N GLY A 33 -2.05 1.71 10.18
CA GLY A 33 -2.58 3.01 9.76
C GLY A 33 -4.11 2.98 9.60
N ARG A 34 -4.66 1.77 9.46
CA ARG A 34 -6.14 1.68 9.32
C ARG A 34 -6.70 0.88 10.50
N THR A 35 -7.97 1.18 10.79
CA THR A 35 -8.69 0.53 11.89
C THR A 35 -10.03 -0.07 11.40
N ASP A 36 -10.11 -0.23 10.06
CA ASP A 36 -11.32 -0.74 9.41
C ASP A 36 -11.18 -2.19 8.94
N GLY A 37 -9.95 -2.74 9.09
CA GLY A 37 -9.71 -4.16 8.78
C GLY A 37 -9.13 -4.42 7.40
N TYR A 38 -8.90 -3.36 6.59
CA TYR A 38 -8.41 -3.59 5.23
C TYR A 38 -6.92 -3.31 5.15
N ARG A 39 -6.25 -4.17 4.34
CA ARG A 39 -4.80 -3.95 4.17
C ARG A 39 -4.65 -2.90 3.06
N TRP A 40 -3.73 -1.93 3.30
CA TRP A 40 -3.47 -0.91 2.29
C TRP A 40 -2.01 -1.03 1.85
N CYS A 41 -1.74 -0.42 0.69
CA CYS A 41 -0.39 -0.34 0.19
C CYS A 41 -0.09 1.06 -0.35
N GLY A 42 1.13 1.53 -0.05
CA GLY A 42 1.61 2.75 -0.67
C GLY A 42 1.79 2.46 -2.18
N THR A 43 1.66 3.51 -2.99
CA THR A 43 1.78 3.32 -4.44
C THR A 43 2.97 4.07 -5.02
N THR A 44 3.96 4.30 -4.14
CA THR A 44 5.18 4.97 -4.54
C THR A 44 6.30 4.38 -3.68
N GLU A 45 7.53 4.75 -4.08
CA GLU A 45 8.71 4.36 -3.33
C GLU A 45 8.82 5.19 -2.02
N ASP A 46 7.93 6.20 -1.89
CA ASP A 46 7.92 7.05 -0.70
C ASP A 46 6.46 7.38 -0.34
N TYR A 47 5.90 6.58 0.59
CA TYR A 47 4.50 6.84 0.93
C TYR A 47 4.38 8.11 1.76
N ASP A 48 5.37 8.26 2.66
CA ASP A 48 5.34 9.37 3.59
C ASP A 48 5.22 10.73 2.87
N ARG A 49 5.94 10.82 1.75
CA ARG A 49 5.99 12.04 0.95
C ARG A 49 4.74 12.22 0.07
N ASP A 50 4.42 11.15 -0.69
CA ASP A 50 3.32 11.23 -1.67
C ASP A 50 1.89 11.17 -1.10
N LYS A 51 1.67 10.27 -0.12
CA LYS A 51 0.37 10.06 0.53
C LYS A 51 -0.72 9.50 -0.41
N LYS A 52 -0.28 8.69 -1.39
CA LYS A 52 -1.27 8.06 -2.26
C LYS A 52 -1.10 6.54 -2.11
N TYR A 53 -2.25 5.88 -1.89
CA TYR A 53 -2.30 4.45 -1.62
C TYR A 53 -3.39 3.75 -2.46
N GLY A 54 -3.31 2.43 -2.29
CA GLY A 54 -4.18 1.43 -2.90
C GLY A 54 -4.57 0.41 -1.82
N PHE A 55 -5.48 -0.54 -2.17
CA PHE A 55 -5.85 -1.57 -1.20
C PHE A 55 -5.04 -2.81 -1.59
N CYS A 56 -5.02 -3.74 -0.62
CA CYS A 56 -4.20 -4.97 -0.76
C CYS A 56 -5.14 -6.12 -0.38
N PRO A 57 -4.70 -7.39 -0.63
CA PRO A 57 -5.46 -8.56 -0.21
C PRO A 57 -5.25 -8.78 1.31
N GLU A 58 -5.18 -10.07 1.72
CA GLU A 58 -4.96 -10.45 3.11
C GLU A 58 -4.53 -11.92 3.05
N THR A 59 -4.18 -12.44 4.23
CA THR A 59 -3.71 -13.80 4.41
C THR A 59 -4.80 -14.84 4.07
N ALA A 60 -6.05 -14.37 4.24
CA ALA A 60 -7.24 -15.17 3.97
C ALA A 60 -8.43 -14.21 3.89
N THR A 1 -2.76 -5.07 -12.68
CA THR A 1 -2.02 -6.14 -13.34
C THR A 1 -1.93 -7.34 -12.40
N ALA A 2 -1.11 -7.14 -11.34
CA ALA A 2 -0.92 -8.15 -10.31
C ALA A 2 -1.61 -7.66 -9.02
N LEU A 3 -1.03 -6.58 -8.47
CA LEU A 3 -1.51 -6.03 -7.21
C LEU A 3 -2.21 -4.68 -7.49
N PHE A 4 -3.45 -4.86 -8.01
CA PHE A 4 -4.39 -3.78 -8.33
C PHE A 4 -4.63 -2.89 -7.07
N THR A 5 -5.21 -1.69 -7.26
CA THR A 5 -5.48 -0.80 -6.14
C THR A 5 -6.75 -1.24 -5.37
N MET A 6 -7.63 -1.82 -6.19
CA MET A 6 -8.91 -2.43 -5.82
C MET A 6 -9.58 -1.75 -4.60
N GLY A 7 -10.01 -0.50 -4.87
CA GLY A 7 -10.69 0.32 -3.87
C GLY A 7 -9.82 1.49 -3.43
N GLY A 8 -8.50 1.17 -3.36
CA GLY A 8 -7.49 2.15 -3.03
C GLY A 8 -7.42 3.25 -4.13
N ASN A 9 -6.49 4.22 -3.92
CA ASN A 9 -6.44 5.39 -4.78
C ASN A 9 -5.20 5.34 -5.71
N ALA A 10 -4.29 6.33 -5.55
CA ALA A 10 -3.02 6.35 -6.31
C ALA A 10 -3.18 6.14 -7.83
N GLU A 11 -4.23 6.78 -8.39
CA GLU A 11 -4.46 6.78 -9.83
C GLU A 11 -4.42 5.38 -10.48
N GLY A 12 -4.94 4.38 -9.73
CA GLY A 12 -5.00 3.03 -10.30
C GLY A 12 -3.62 2.34 -10.34
N GLN A 13 -2.57 3.04 -9.86
CA GLN A 13 -1.24 2.46 -9.88
C GLN A 13 -1.17 1.30 -8.86
N PRO A 14 -0.65 0.13 -9.30
CA PRO A 14 -0.62 -1.06 -8.47
C PRO A 14 0.31 -0.90 -7.24
N CYS A 15 -0.14 -1.53 -6.12
CA CYS A 15 0.61 -1.53 -4.86
C CYS A 15 2.09 -1.69 -5.14
N LYS A 16 2.88 -0.92 -4.38
CA LYS A 16 4.31 -0.88 -4.66
C LYS A 16 5.07 -1.44 -3.48
N PHE A 17 5.97 -2.34 -3.87
CA PHE A 17 6.82 -3.05 -2.94
C PHE A 17 8.25 -2.92 -3.50
N PRO A 18 9.23 -2.49 -2.66
CA PRO A 18 9.04 -1.98 -1.31
C PRO A 18 8.57 -0.51 -1.33
N PHE A 19 7.57 -0.20 -0.48
CA PHE A 19 7.11 1.19 -0.33
C PHE A 19 7.68 1.66 1.01
N ARG A 20 8.06 2.95 1.03
CA ARG A 20 8.68 3.54 2.20
C ARG A 20 7.64 4.41 2.93
N PHE A 21 7.39 4.03 4.21
CA PHE A 21 6.40 4.68 5.06
C PHE A 21 7.03 4.83 6.45
N GLN A 22 6.74 5.94 7.13
CA GLN A 22 7.31 6.21 8.45
C GLN A 22 8.86 6.11 8.41
N GLY A 23 9.47 6.52 7.27
CA GLY A 23 10.92 6.42 7.16
C GLY A 23 11.45 4.95 7.21
N THR A 24 10.52 3.99 7.11
CA THR A 24 10.78 2.56 7.19
C THR A 24 10.33 1.90 5.88
N SER A 25 11.04 0.81 5.52
CA SER A 25 10.78 0.08 4.28
C SER A 25 9.78 -1.07 4.51
N TYR A 26 8.74 -1.11 3.66
CA TYR A 26 7.70 -2.13 3.74
C TYR A 26 7.60 -2.88 2.40
N ASP A 27 7.57 -4.21 2.51
CA ASP A 27 7.42 -5.11 1.36
C ASP A 27 6.15 -5.97 1.53
N SER A 28 5.25 -5.50 2.41
CA SER A 28 4.05 -6.26 2.70
C SER A 28 2.89 -5.35 3.12
N CYS A 29 1.68 -5.89 2.88
CA CYS A 29 0.42 -5.26 3.26
C CYS A 29 0.34 -4.90 4.77
N THR A 30 0.05 -3.62 5.10
CA THR A 30 -0.04 -3.21 6.50
C THR A 30 -1.45 -2.70 6.83
N THR A 31 -1.68 -2.56 8.15
CA THR A 31 -2.92 -2.01 8.69
C THR A 31 -2.62 -0.73 9.49
N GLU A 32 -1.33 -0.29 9.49
CA GLU A 32 -0.98 0.90 10.24
C GLU A 32 -1.79 2.13 9.77
N GLY A 33 -2.72 2.57 10.64
CA GLY A 33 -3.55 3.73 10.36
C GLY A 33 -4.99 3.38 9.97
N ARG A 34 -5.22 2.09 9.65
CA ARG A 34 -6.60 1.69 9.28
C ARG A 34 -7.09 0.63 10.29
N THR A 35 -8.18 1.03 10.96
CA THR A 35 -8.84 0.17 11.93
C THR A 35 -10.22 -0.22 11.42
N ASP A 36 -10.32 -0.21 10.07
CA ASP A 36 -11.56 -0.55 9.37
C ASP A 36 -11.49 -1.95 8.73
N GLY A 37 -10.33 -2.62 8.96
CA GLY A 37 -10.14 -3.99 8.48
C GLY A 37 -9.42 -4.09 7.14
N TYR A 38 -9.30 -2.94 6.46
CA TYR A 38 -8.70 -2.98 5.12
C TYR A 38 -7.20 -2.74 5.22
N ARG A 39 -6.47 -3.76 4.73
CA ARG A 39 -5.00 -3.62 4.75
C ARG A 39 -4.66 -2.72 3.54
N TRP A 40 -3.73 -1.78 3.76
CA TRP A 40 -3.32 -0.90 2.68
C TRP A 40 -1.83 -1.14 2.40
N CYS A 41 -1.45 -0.70 1.20
CA CYS A 41 -0.07 -0.74 0.74
C CYS A 41 0.24 0.67 0.24
N GLY A 42 1.51 1.06 0.36
CA GLY A 42 1.85 2.33 -0.25
C GLY A 42 2.04 2.08 -1.75
N THR A 43 1.91 3.19 -2.47
CA THR A 43 2.18 3.19 -3.90
C THR A 43 3.41 4.07 -4.00
N THR A 44 4.08 3.98 -5.16
CA THR A 44 5.35 4.68 -5.38
C THR A 44 6.43 4.11 -4.43
N GLU A 45 7.68 4.50 -4.73
CA GLU A 45 8.81 4.09 -3.87
C GLU A 45 8.65 4.72 -2.47
N ASP A 46 8.09 5.94 -2.50
CA ASP A 46 7.84 6.70 -1.28
C ASP A 46 6.31 6.76 -1.11
N TYR A 47 5.92 6.75 0.18
CA TYR A 47 4.51 6.89 0.55
C TYR A 47 4.28 8.20 1.33
N ASP A 48 5.18 8.48 2.30
CA ASP A 48 5.02 9.63 3.17
C ASP A 48 4.86 10.94 2.37
N ARG A 49 5.63 11.00 1.28
CA ARG A 49 5.66 12.14 0.36
C ARG A 49 4.34 12.26 -0.44
N ASP A 50 4.04 11.17 -1.16
CA ASP A 50 2.95 11.10 -2.13
C ASP A 50 1.54 11.13 -1.50
N LYS A 51 1.40 10.33 -0.43
CA LYS A 51 0.18 10.19 0.39
C LYS A 51 -0.84 9.19 -0.20
N LYS A 52 -0.47 8.57 -1.33
CA LYS A 52 -1.48 7.79 -2.05
C LYS A 52 -1.17 6.31 -1.87
N TYR A 53 -2.25 5.54 -1.67
CA TYR A 53 -2.15 4.13 -1.34
C TYR A 53 -3.10 3.29 -2.21
N GLY A 54 -2.91 1.97 -2.00
CA GLY A 54 -3.74 0.91 -2.59
C GLY A 54 -4.24 -0.02 -1.47
N PHE A 55 -5.18 -0.94 -1.80
CA PHE A 55 -5.60 -1.94 -0.81
C PHE A 55 -4.83 -3.20 -1.15
N CYS A 56 -4.57 -3.96 -0.07
CA CYS A 56 -3.62 -5.09 -0.19
C CYS A 56 -4.29 -6.36 0.39
N PRO A 57 -3.93 -7.55 -0.15
CA PRO A 57 -4.64 -8.79 0.19
C PRO A 57 -4.21 -9.45 1.53
N GLU A 58 -5.21 -9.64 2.41
CA GLU A 58 -4.97 -10.41 3.65
C GLU A 58 -4.56 -11.85 3.29
N THR A 59 -5.34 -12.37 2.31
CA THR A 59 -5.08 -13.69 1.79
C THR A 59 -3.92 -13.61 0.80
N ALA A 60 -2.73 -13.89 1.33
CA ALA A 60 -1.49 -13.86 0.56
C ALA A 60 -0.49 -14.82 1.21
N THR A 1 5.21 -8.38 -12.01
CA THR A 1 3.97 -8.82 -11.39
C THR A 1 3.38 -7.53 -10.84
N ALA A 2 2.08 -7.58 -10.49
CA ALA A 2 1.39 -6.41 -9.97
C ALA A 2 0.14 -6.95 -9.27
N LEU A 3 -0.32 -6.19 -8.26
CA LEU A 3 -1.49 -6.57 -7.49
C LEU A 3 -2.52 -5.41 -7.51
N PHE A 4 -3.79 -5.85 -7.53
CA PHE A 4 -4.99 -5.00 -7.58
C PHE A 4 -5.01 -3.96 -6.43
N THR A 5 -5.73 -2.85 -6.69
CA THR A 5 -5.82 -1.76 -5.70
C THR A 5 -7.08 -1.85 -4.81
N MET A 6 -8.13 -2.32 -5.51
CA MET A 6 -9.49 -2.59 -5.05
C MET A 6 -9.83 -2.00 -3.66
N GLY A 7 -10.40 -0.78 -3.72
CA GLY A 7 -10.74 -0.03 -2.51
C GLY A 7 -9.80 1.18 -2.41
N GLY A 8 -8.54 0.83 -2.76
CA GLY A 8 -7.40 1.73 -2.91
C GLY A 8 -7.74 3.02 -3.65
N ASN A 9 -6.87 4.04 -3.39
CA ASN A 9 -7.12 5.36 -3.95
C ASN A 9 -6.03 5.80 -4.94
N ALA A 10 -5.02 4.94 -5.14
CA ALA A 10 -3.87 5.30 -5.98
C ALA A 10 -4.11 5.24 -7.50
N GLU A 11 -5.25 5.79 -7.96
CA GLU A 11 -5.56 5.87 -9.39
C GLU A 11 -5.45 4.50 -10.12
N GLY A 12 -5.74 3.42 -9.37
CA GLY A 12 -5.70 2.08 -9.96
C GLY A 12 -4.26 1.53 -10.09
N GLN A 13 -3.26 2.36 -9.70
CA GLN A 13 -1.87 1.94 -9.77
C GLN A 13 -1.65 0.81 -8.72
N PRO A 14 -1.11 -0.35 -9.18
CA PRO A 14 -0.99 -1.54 -8.33
C PRO A 14 -0.01 -1.33 -7.16
N CYS A 15 -0.23 -2.13 -6.09
CA CYS A 15 0.65 -2.08 -4.91
C CYS A 15 2.13 -2.10 -5.32
N LYS A 16 2.90 -1.28 -4.58
CA LYS A 16 4.32 -1.13 -4.87
C LYS A 16 5.13 -1.65 -3.67
N PHE A 17 5.93 -2.69 -3.98
CA PHE A 17 6.85 -3.29 -3.03
C PHE A 17 8.27 -3.14 -3.63
N PRO A 18 9.28 -2.82 -2.77
CA PRO A 18 9.11 -2.35 -1.38
C PRO A 18 8.74 -0.86 -1.39
N PHE A 19 7.82 -0.49 -0.46
CA PHE A 19 7.42 0.91 -0.31
C PHE A 19 7.95 1.41 1.04
N ARG A 20 8.39 2.68 1.03
CA ARG A 20 8.93 3.31 2.22
C ARG A 20 7.82 4.13 2.91
N PHE A 21 7.71 3.93 4.23
CA PHE A 21 6.74 4.65 5.06
C PHE A 21 7.35 4.73 6.46
N GLN A 22 7.15 5.86 7.15
CA GLN A 22 7.71 6.07 8.48
C GLN A 22 9.25 5.79 8.51
N GLY A 23 9.95 6.11 7.39
CA GLY A 23 11.40 5.89 7.37
C GLY A 23 11.80 4.39 7.38
N THR A 24 10.78 3.53 7.28
CA THR A 24 10.88 2.09 7.32
C THR A 24 10.44 1.56 5.95
N SER A 25 11.05 0.44 5.51
CA SER A 25 10.69 -0.12 4.21
C SER A 25 9.85 -1.39 4.44
N TYR A 26 8.78 -1.46 3.63
CA TYR A 26 7.79 -2.52 3.71
C TYR A 26 7.74 -3.26 2.38
N ASP A 27 7.55 -4.58 2.50
CA ASP A 27 7.53 -5.51 1.37
C ASP A 27 6.12 -6.13 1.16
N SER A 28 5.20 -5.78 2.07
CA SER A 28 3.88 -6.39 2.04
C SER A 28 2.92 -5.44 2.78
N CYS A 29 1.62 -5.79 2.74
CA CYS A 29 0.58 -4.96 3.36
C CYS A 29 0.86 -4.68 4.88
N THR A 30 0.49 -3.47 5.32
CA THR A 30 0.57 -3.10 6.72
C THR A 30 -0.82 -2.66 7.20
N THR A 31 -0.93 -2.54 8.54
CA THR A 31 -2.16 -2.08 9.19
C THR A 31 -1.93 -0.74 9.91
N GLU A 32 -0.68 -0.24 9.84
CA GLU A 32 -0.36 1.00 10.52
C GLU A 32 -1.22 2.16 9.99
N GLY A 33 -1.97 2.76 10.92
CA GLY A 33 -2.81 3.90 10.56
C GLY A 33 -4.28 3.53 10.31
N ARG A 34 -4.56 2.21 10.20
CA ARG A 34 -5.98 1.84 9.97
C ARG A 34 -6.50 1.03 11.17
N THR A 35 -7.55 1.60 11.76
CA THR A 35 -8.24 1.02 12.89
C THR A 35 -9.65 0.57 12.46
N ASP A 36 -9.81 0.42 11.12
CA ASP A 36 -11.08 0.02 10.53
C ASP A 36 -11.06 -1.44 10.06
N GLY A 37 -9.91 -2.11 10.31
CA GLY A 37 -9.78 -3.52 10.00
C GLY A 37 -9.01 -3.81 8.71
N TYR A 38 -8.90 -2.78 7.85
CA TYR A 38 -8.28 -3.01 6.56
C TYR A 38 -6.77 -2.78 6.63
N ARG A 39 -6.09 -3.59 5.80
CA ARG A 39 -4.63 -3.51 5.68
C ARG A 39 -4.39 -2.92 4.30
N TRP A 40 -3.40 -2.00 4.22
CA TRP A 40 -3.13 -1.28 3.00
C TRP A 40 -1.67 -1.53 2.55
N CYS A 41 -1.43 -1.19 1.26
CA CYS A 41 -0.11 -1.27 0.68
C CYS A 41 0.17 0.12 0.10
N GLY A 42 1.44 0.53 0.14
CA GLY A 42 1.75 1.83 -0.44
C GLY A 42 1.96 1.67 -1.95
N THR A 43 1.90 2.84 -2.60
CA THR A 43 2.19 2.94 -4.01
C THR A 43 3.31 3.97 -4.09
N THR A 44 4.21 3.69 -5.06
CA THR A 44 5.47 4.39 -5.32
C THR A 44 6.52 3.77 -4.39
N GLU A 45 7.78 4.19 -4.64
CA GLU A 45 8.88 3.73 -3.83
C GLU A 45 8.79 4.31 -2.40
N ASP A 46 8.18 5.52 -2.32
CA ASP A 46 8.04 6.21 -1.04
C ASP A 46 6.58 6.68 -0.86
N TYR A 47 5.90 5.99 0.08
CA TYR A 47 4.50 6.32 0.36
C TYR A 47 4.38 7.70 1.01
N ASP A 48 5.34 8.03 1.90
CA ASP A 48 5.21 9.31 2.57
C ASP A 48 5.23 10.50 1.60
N ARG A 49 6.03 10.34 0.55
CA ARG A 49 6.11 11.35 -0.49
C ARG A 49 4.72 11.65 -1.12
N ASP A 50 4.05 10.58 -1.55
CA ASP A 50 2.81 10.72 -2.34
C ASP A 50 1.46 10.67 -1.58
N LYS A 51 1.37 9.83 -0.52
CA LYS A 51 0.12 9.61 0.20
C LYS A 51 -1.03 9.03 -0.66
N LYS A 52 -0.63 8.14 -1.58
CA LYS A 52 -1.63 7.38 -2.35
C LYS A 52 -1.30 5.90 -2.05
N TYR A 53 -2.36 5.11 -1.83
CA TYR A 53 -2.23 3.71 -1.42
C TYR A 53 -3.31 2.83 -2.06
N GLY A 54 -3.14 1.54 -1.73
CA GLY A 54 -4.05 0.48 -2.13
C GLY A 54 -4.47 -0.39 -0.93
N PHE A 55 -5.47 -1.28 -1.13
CA PHE A 55 -5.90 -2.16 -0.01
C PHE A 55 -5.17 -3.48 -0.25
N CYS A 56 -5.01 -4.23 0.85
CA CYS A 56 -4.20 -5.47 0.79
C CYS A 56 -4.72 -6.43 -0.30
N PRO A 57 -3.92 -6.66 -1.39
CA PRO A 57 -4.33 -7.62 -2.41
C PRO A 57 -3.52 -8.91 -2.33
N GLU A 58 -2.83 -9.09 -1.18
CA GLU A 58 -2.00 -10.28 -1.06
C GLU A 58 -2.83 -11.56 -1.26
N THR A 59 -2.32 -12.40 -2.19
CA THR A 59 -3.00 -13.63 -2.56
C THR A 59 -4.42 -13.36 -3.13
N ALA A 60 -4.53 -12.25 -3.88
CA ALA A 60 -5.80 -11.88 -4.50
C ALA A 60 -5.54 -11.21 -5.86
N THR A 1 6.78 -7.59 -9.13
CA THR A 1 6.84 -7.33 -7.68
C THR A 1 5.74 -6.34 -7.27
N ALA A 2 4.50 -6.74 -7.62
CA ALA A 2 3.35 -5.89 -7.35
C ALA A 2 2.09 -6.76 -7.46
N LEU A 3 1.06 -6.46 -6.64
CA LEU A 3 -0.14 -7.30 -6.58
C LEU A 3 -1.48 -6.65 -7.06
N PHE A 4 -1.51 -5.77 -8.09
CA PHE A 4 -2.84 -5.20 -8.52
C PHE A 4 -3.37 -4.27 -7.36
N THR A 5 -4.57 -3.64 -7.51
CA THR A 5 -5.19 -2.85 -6.44
C THR A 5 -6.65 -3.36 -6.32
N MET A 6 -7.44 -2.64 -5.49
CA MET A 6 -8.87 -2.91 -5.38
C MET A 6 -9.54 -1.68 -4.70
N GLY A 7 -10.10 -1.87 -3.49
CA GLY A 7 -10.83 -0.79 -2.81
C GLY A 7 -10.01 0.45 -2.41
N GLY A 8 -8.68 0.26 -2.37
CA GLY A 8 -7.73 1.33 -2.01
C GLY A 8 -7.81 2.57 -2.95
N ASN A 9 -6.89 3.53 -2.71
CA ASN A 9 -6.96 4.82 -3.45
C ASN A 9 -5.75 5.06 -4.37
N ALA A 10 -4.94 4.00 -4.57
CA ALA A 10 -3.73 4.06 -5.38
C ALA A 10 -3.93 4.33 -6.89
N GLU A 11 -5.10 4.85 -7.31
CA GLU A 11 -5.42 5.22 -8.70
C GLU A 11 -4.97 4.18 -9.77
N GLY A 12 -5.14 2.89 -9.40
CA GLY A 12 -4.83 1.79 -10.33
C GLY A 12 -3.33 1.42 -10.31
N GLN A 13 -2.51 2.26 -9.62
CA GLN A 13 -1.09 1.95 -9.45
C GLN A 13 -1.04 0.69 -8.55
N PRO A 14 -0.47 -0.42 -9.08
CA PRO A 14 -0.57 -1.72 -8.43
C PRO A 14 0.17 -1.68 -7.08
N CYS A 15 -0.35 -2.42 -6.06
CA CYS A 15 0.40 -2.52 -4.80
C CYS A 15 1.80 -2.98 -5.20
N LYS A 16 2.78 -2.16 -4.80
CA LYS A 16 4.13 -2.27 -5.31
C LYS A 16 5.03 -2.54 -4.11
N PHE A 17 5.77 -3.66 -4.23
CA PHE A 17 6.73 -4.04 -3.21
C PHE A 17 8.13 -3.89 -3.87
N PRO A 18 9.18 -3.62 -3.07
CA PRO A 18 9.11 -3.06 -1.72
C PRO A 18 8.76 -1.56 -1.78
N PHE A 19 7.98 -1.13 -0.76
CA PHE A 19 7.64 0.30 -0.60
C PHE A 19 8.23 0.74 0.75
N ARG A 20 8.73 1.99 0.76
CA ARG A 20 9.35 2.57 1.94
C ARG A 20 8.32 3.53 2.59
N PHE A 21 7.98 3.20 3.84
CA PHE A 21 7.03 3.99 4.64
C PHE A 21 7.68 4.13 6.01
N GLN A 22 7.58 5.32 6.62
CA GLN A 22 8.21 5.56 7.92
C GLN A 22 9.72 5.21 7.90
N GLY A 23 10.38 5.39 6.73
CA GLY A 23 11.81 5.07 6.67
C GLY A 23 12.12 3.56 6.82
N THR A 24 11.03 2.77 6.72
CA THR A 24 11.06 1.33 6.89
C THR A 24 10.60 0.69 5.57
N SER A 25 11.31 -0.40 5.22
CA SER A 25 11.06 -1.12 3.97
C SER A 25 10.03 -2.24 4.21
N TYR A 26 8.96 -2.20 3.41
CA TYR A 26 7.88 -3.19 3.49
C TYR A 26 7.77 -3.90 2.15
N ASP A 27 7.57 -5.23 2.24
CA ASP A 27 7.44 -6.08 1.06
C ASP A 27 6.12 -6.88 1.12
N SER A 28 5.15 -6.29 1.85
CA SER A 28 3.87 -6.96 2.04
C SER A 28 2.87 -5.93 2.58
N CYS A 29 1.58 -6.32 2.56
CA CYS A 29 0.53 -5.45 3.07
C CYS A 29 0.74 -5.19 4.61
N THR A 30 0.68 -3.92 5.07
CA THR A 30 0.83 -3.60 6.50
C THR A 30 -0.52 -3.10 7.02
N THR A 31 -0.58 -2.92 8.36
CA THR A 31 -1.80 -2.41 9.00
C THR A 31 -1.54 -1.11 9.78
N GLU A 32 -0.28 -0.65 9.74
CA GLU A 32 0.06 0.56 10.48
C GLU A 32 -0.78 1.76 10.01
N GLY A 33 -1.63 2.24 10.94
CA GLY A 33 -2.46 3.40 10.67
C GLY A 33 -3.94 3.04 10.43
N ARG A 34 -4.23 1.74 10.27
CA ARG A 34 -5.65 1.38 10.06
C ARG A 34 -6.12 0.47 11.20
N THR A 35 -7.25 0.92 11.79
CA THR A 35 -7.88 0.20 12.89
C THR A 35 -9.27 -0.30 12.43
N ASP A 36 -9.41 -0.44 11.09
CA ASP A 36 -10.67 -0.85 10.49
C ASP A 36 -10.60 -2.30 9.95
N GLY A 37 -9.43 -2.94 10.16
CA GLY A 37 -9.27 -4.35 9.78
C GLY A 37 -8.54 -4.55 8.45
N TYR A 38 -8.40 -3.46 7.67
CA TYR A 38 -7.83 -3.63 6.33
C TYR A 38 -6.33 -3.35 6.34
N ARG A 39 -5.60 -4.32 5.73
CA ARG A 39 -4.15 -4.12 5.60
C ARG A 39 -3.97 -3.38 4.26
N TRP A 40 -3.12 -2.34 4.27
CA TRP A 40 -2.89 -1.51 3.10
C TRP A 40 -1.42 -1.68 2.61
N CYS A 41 -1.21 -1.28 1.35
CA CYS A 41 0.10 -1.30 0.71
C CYS A 41 0.40 0.11 0.18
N GLY A 42 1.69 0.49 0.19
CA GLY A 42 2.06 1.76 -0.41
C GLY A 42 2.44 1.49 -1.87
N THR A 43 2.49 2.58 -2.66
CA THR A 43 2.87 2.46 -4.05
C THR A 43 4.19 3.21 -4.29
N THR A 44 4.93 2.59 -5.22
CA THR A 44 6.27 3.02 -5.56
C THR A 44 7.20 2.74 -4.37
N GLU A 45 8.50 2.86 -4.68
CA GLU A 45 9.50 2.73 -3.64
C GLU A 45 9.29 3.72 -2.46
N ASP A 46 8.56 4.84 -2.68
CA ASP A 46 8.43 5.86 -1.63
C ASP A 46 6.95 6.21 -1.33
N TYR A 47 6.44 5.59 -0.23
CA TYR A 47 5.05 5.87 0.12
C TYR A 47 4.90 7.26 0.78
N ASP A 48 5.88 7.62 1.63
CA ASP A 48 5.73 8.87 2.38
C ASP A 48 5.47 10.07 1.42
N ARG A 49 6.15 9.98 0.28
CA ARG A 49 6.03 11.01 -0.76
C ARG A 49 4.63 10.97 -1.41
N ASP A 50 4.25 9.82 -2.02
CA ASP A 50 2.98 9.72 -2.75
C ASP A 50 1.73 9.85 -1.83
N LYS A 51 1.76 9.04 -0.75
CA LYS A 51 0.75 8.93 0.31
C LYS A 51 -0.49 8.12 -0.09
N LYS A 52 -0.42 7.58 -1.32
CA LYS A 52 -1.55 6.90 -1.92
C LYS A 52 -1.28 5.41 -1.76
N TYR A 53 -2.36 4.68 -1.44
CA TYR A 53 -2.21 3.29 -1.08
C TYR A 53 -3.31 2.42 -1.70
N GLY A 54 -3.04 1.12 -1.61
CA GLY A 54 -3.97 0.08 -2.04
C GLY A 54 -4.38 -0.77 -0.80
N PHE A 55 -5.34 -1.71 -0.98
CA PHE A 55 -5.69 -2.63 0.11
C PHE A 55 -5.10 -3.97 -0.30
N CYS A 56 -4.80 -4.82 0.72
CA CYS A 56 -4.09 -6.12 0.44
C CYS A 56 -4.72 -6.89 -0.77
N PRO A 57 -4.08 -6.81 -1.97
CA PRO A 57 -4.69 -7.41 -3.15
C PRO A 57 -3.98 -8.73 -3.51
N GLU A 58 -4.78 -9.68 -4.03
CA GLU A 58 -4.18 -10.99 -4.44
C GLU A 58 -3.53 -11.69 -3.24
N THR A 59 -4.34 -11.73 -2.17
CA THR A 59 -3.93 -12.33 -0.91
C THR A 59 -3.79 -13.85 -1.04
N ALA A 60 -4.87 -14.35 -1.68
CA ALA A 60 -5.27 -15.72 -1.92
C ALA A 60 -6.79 -15.72 -1.72
N THR A 1 1.24 -3.93 -15.03
CA THR A 1 0.18 -4.67 -14.37
C THR A 1 0.47 -4.77 -12.86
N ALA A 2 1.47 -5.63 -12.55
CA ALA A 2 1.87 -5.86 -11.17
C ALA A 2 0.67 -6.38 -10.36
N LEU A 3 0.32 -5.66 -9.28
CA LEU A 3 -0.81 -6.05 -8.45
C LEU A 3 -1.94 -5.01 -8.59
N PHE A 4 -3.00 -5.46 -9.29
CA PHE A 4 -4.22 -4.66 -9.46
C PHE A 4 -4.80 -4.38 -8.06
N THR A 5 -5.56 -3.26 -7.94
CA THR A 5 -6.05 -2.86 -6.64
C THR A 5 -7.55 -3.14 -6.49
N MET A 6 -7.97 -2.93 -5.22
CA MET A 6 -9.35 -3.09 -4.80
C MET A 6 -9.92 -1.67 -4.56
N GLY A 7 -10.54 -1.50 -3.36
CA GLY A 7 -11.16 -0.24 -2.94
C GLY A 7 -10.22 1.00 -2.94
N GLY A 8 -8.92 0.68 -2.91
CA GLY A 8 -7.77 1.59 -2.91
C GLY A 8 -7.96 2.93 -3.63
N ASN A 9 -7.10 3.91 -3.22
CA ASN A 9 -7.18 5.25 -3.79
C ASN A 9 -5.96 5.56 -4.64
N ALA A 10 -5.20 4.48 -4.94
CA ALA A 10 -3.90 4.56 -5.59
C ALA A 10 -3.86 5.15 -7.03
N GLU A 11 -4.88 5.93 -7.45
CA GLU A 11 -4.92 6.56 -8.78
C GLU A 11 -4.58 5.58 -9.94
N GLY A 12 -5.06 4.33 -9.77
CA GLY A 12 -4.86 3.29 -10.80
C GLY A 12 -3.48 2.59 -10.67
N GLN A 13 -2.63 3.14 -9.77
CA GLN A 13 -1.31 2.55 -9.52
C GLN A 13 -1.52 1.21 -8.77
N PRO A 14 -0.84 0.13 -9.23
CA PRO A 14 -0.88 -1.16 -8.54
C PRO A 14 -0.07 -1.10 -7.23
N CYS A 15 -0.41 -1.99 -6.27
CA CYS A 15 0.33 -2.02 -4.99
C CYS A 15 1.85 -2.09 -5.28
N LYS A 16 2.62 -1.37 -4.44
CA LYS A 16 4.05 -1.27 -4.64
C LYS A 16 4.78 -1.84 -3.42
N PHE A 17 5.54 -2.90 -3.74
CA PHE A 17 6.42 -3.57 -2.79
C PHE A 17 7.84 -3.42 -3.37
N PRO A 18 8.82 -2.98 -2.54
CA PRO A 18 8.64 -2.41 -1.21
C PRO A 18 8.16 -0.93 -1.29
N PHE A 19 7.27 -0.57 -0.34
CA PHE A 19 6.85 0.84 -0.21
C PHE A 19 7.43 1.33 1.13
N ARG A 20 8.05 2.54 1.10
CA ARG A 20 8.64 3.08 2.32
C ARG A 20 7.60 3.98 3.03
N PHE A 21 7.17 3.51 4.23
CA PHE A 21 6.22 4.25 5.06
C PHE A 21 6.93 4.53 6.39
N GLN A 22 6.76 5.75 6.89
CA GLN A 22 7.37 6.23 8.15
C GLN A 22 8.92 6.14 8.23
N GLY A 23 9.57 5.59 7.18
CA GLY A 23 11.03 5.43 7.21
C GLY A 23 11.46 3.99 6.90
N THR A 24 10.52 3.04 7.08
CA THR A 24 10.83 1.63 6.87
C THR A 24 10.16 1.14 5.58
N SER A 25 10.79 0.09 5.01
CA SER A 25 10.32 -0.56 3.80
C SER A 25 9.35 -1.69 4.19
N TYR A 26 8.18 -1.66 3.56
CA TYR A 26 7.12 -2.63 3.80
C TYR A 26 6.86 -3.38 2.48
N ASP A 27 6.73 -4.70 2.59
CA ASP A 27 6.49 -5.56 1.41
C ASP A 27 5.21 -6.38 1.61
N SER A 28 4.26 -5.79 2.38
CA SER A 28 3.01 -6.50 2.65
C SER A 28 2.03 -5.47 3.22
N CYS A 29 0.74 -5.85 3.19
CA CYS A 29 -0.26 -4.95 3.77
C CYS A 29 0.04 -4.69 5.27
N THR A 30 -0.23 -3.45 5.72
CA THR A 30 -0.11 -3.08 7.12
C THR A 30 -1.41 -2.40 7.53
N THR A 31 -1.73 -2.51 8.83
CA THR A 31 -2.85 -1.80 9.42
C THR A 31 -2.35 -0.46 9.99
N GLU A 32 -1.02 -0.42 10.24
CA GLU A 32 -0.38 0.78 10.77
C GLU A 32 -0.70 1.97 9.86
N GLY A 33 -1.32 3.00 10.48
CA GLY A 33 -1.72 4.20 9.74
C GLY A 33 -3.24 4.37 9.68
N ARG A 34 -3.97 3.26 9.93
CA ARG A 34 -5.44 3.36 9.92
C ARG A 34 -5.96 2.98 11.30
N THR A 35 -7.14 3.53 11.62
CA THR A 35 -7.80 3.26 12.89
C THR A 35 -9.23 2.73 12.68
N ASP A 36 -9.49 2.28 11.44
CA ASP A 36 -10.80 1.79 11.03
C ASP A 36 -10.81 0.26 10.82
N GLY A 37 -9.63 -0.37 11.05
CA GLY A 37 -9.53 -1.82 10.95
C GLY A 37 -8.96 -2.34 9.63
N TYR A 38 -8.85 -1.46 8.62
CA TYR A 38 -8.44 -1.96 7.31
C TYR A 38 -6.92 -2.01 7.15
N ARG A 39 -6.59 -2.98 6.28
CA ARG A 39 -5.19 -3.27 5.90
C ARG A 39 -4.94 -2.44 4.64
N TRP A 40 -3.68 -1.96 4.46
CA TRP A 40 -3.37 -1.27 3.20
C TRP A 40 -1.94 -1.56 2.73
N CYS A 41 -1.75 -1.35 1.41
CA CYS A 41 -0.45 -1.42 0.76
C CYS A 41 -0.21 -0.02 0.20
N GLY A 42 1.06 0.40 0.23
CA GLY A 42 1.36 1.72 -0.33
C GLY A 42 1.64 1.53 -1.81
N THR A 43 1.65 2.69 -2.50
CA THR A 43 2.08 2.71 -3.89
C THR A 43 3.30 3.61 -3.90
N THR A 44 4.01 3.57 -5.04
CA THR A 44 5.26 4.28 -5.22
C THR A 44 6.33 3.71 -4.25
N GLU A 45 7.59 4.07 -4.56
CA GLU A 45 8.73 3.66 -3.75
C GLU A 45 8.64 4.31 -2.35
N ASP A 46 8.02 5.51 -2.37
CA ASP A 46 7.80 6.30 -1.17
C ASP A 46 6.29 6.33 -0.97
N TYR A 47 5.91 6.42 0.31
CA TYR A 47 4.50 6.54 0.66
C TYR A 47 4.20 7.91 1.30
N ASP A 48 5.04 8.29 2.29
CA ASP A 48 4.81 9.50 3.06
C ASP A 48 4.64 10.73 2.16
N ARG A 49 5.43 10.71 1.07
CA ARG A 49 5.41 11.81 0.09
C ARG A 49 4.07 11.85 -0.69
N ASP A 50 3.81 10.73 -1.38
CA ASP A 50 2.73 10.53 -2.36
C ASP A 50 1.29 10.37 -1.81
N LYS A 51 1.17 9.58 -0.72
CA LYS A 51 -0.12 9.24 -0.12
C LYS A 51 -1.06 8.58 -1.13
N LYS A 52 -0.60 7.46 -1.69
CA LYS A 52 -1.45 6.69 -2.58
C LYS A 52 -1.36 5.24 -2.11
N TYR A 53 -2.55 4.61 -1.97
CA TYR A 53 -2.58 3.26 -1.42
C TYR A 53 -3.72 2.41 -1.97
N GLY A 54 -3.60 1.14 -1.56
CA GLY A 54 -4.52 0.06 -1.85
C GLY A 54 -4.85 -0.67 -0.54
N PHE A 55 -5.78 -1.67 -0.55
CA PHE A 55 -6.16 -2.30 0.74
C PHE A 55 -5.38 -3.60 1.06
N CYS A 56 -4.56 -4.05 0.10
CA CYS A 56 -3.76 -5.32 0.23
C CYS A 56 -3.43 -5.76 -1.22
N PRO A 57 -2.55 -6.79 -1.35
CA PRO A 57 -2.52 -7.64 -2.52
C PRO A 57 -3.58 -8.76 -2.40
N GLU A 58 -3.21 -9.95 -2.94
CA GLU A 58 -4.07 -11.12 -2.90
C GLU A 58 -3.55 -12.03 -1.78
N THR A 59 -2.36 -12.59 -2.06
CA THR A 59 -1.68 -13.47 -1.11
C THR A 59 -2.59 -14.66 -0.72
N ALA A 60 -2.88 -14.77 0.59
CA ALA A 60 -3.72 -15.82 1.13
C ALA A 60 -4.00 -15.48 2.60
N THR A 1 -0.39 -8.24 -13.30
CA THR A 1 -1.18 -8.17 -12.08
C THR A 1 -0.92 -6.78 -11.55
N ALA A 2 -1.73 -6.34 -10.57
CA ALA A 2 -1.59 -5.02 -9.99
C ALA A 2 -2.47 -5.00 -8.73
N LEU A 3 -2.43 -3.84 -8.07
CA LEU A 3 -3.26 -3.57 -6.91
C LEU A 3 -4.26 -2.50 -7.40
N PHE A 4 -5.25 -2.17 -6.54
CA PHE A 4 -6.34 -1.29 -6.96
C PHE A 4 -6.60 -0.27 -5.83
N THR A 5 -7.41 0.78 -6.10
CA THR A 5 -7.73 1.80 -5.09
C THR A 5 -8.97 1.36 -4.29
N MET A 6 -9.87 0.74 -5.06
CA MET A 6 -11.08 0.09 -4.55
C MET A 6 -11.95 1.01 -3.67
N GLY A 7 -11.91 2.31 -3.97
CA GLY A 7 -12.67 3.28 -3.16
C GLY A 7 -11.78 4.45 -2.75
N GLY A 8 -10.49 4.11 -2.59
CA GLY A 8 -9.48 5.10 -2.22
C GLY A 8 -9.29 6.16 -3.32
N ASN A 9 -8.31 7.06 -3.08
CA ASN A 9 -8.11 8.22 -3.96
C ASN A 9 -6.77 8.04 -4.74
N ALA A 10 -5.76 8.86 -4.41
CA ALA A 10 -4.39 8.72 -4.97
C ALA A 10 -4.36 8.97 -6.47
N GLU A 11 -5.30 9.83 -6.89
CA GLU A 11 -5.43 10.17 -8.29
C GLU A 11 -5.69 8.92 -9.17
N GLY A 12 -6.30 7.90 -8.52
CA GLY A 12 -6.64 6.65 -9.22
C GLY A 12 -5.46 5.65 -9.24
N GLN A 13 -4.31 6.08 -8.69
CA GLN A 13 -3.14 5.20 -8.70
C GLN A 13 -3.36 4.02 -7.71
N PRO A 14 -2.85 2.81 -8.07
CA PRO A 14 -2.99 1.62 -7.24
C PRO A 14 -1.96 1.61 -6.10
N CYS A 15 -2.13 0.64 -5.17
CA CYS A 15 -1.17 0.50 -4.08
C CYS A 15 0.26 0.42 -4.62
N LYS A 16 1.16 1.12 -3.90
CA LYS A 16 2.56 1.16 -4.26
C LYS A 16 3.37 0.62 -3.10
N PHE A 17 4.30 -0.26 -3.48
CA PHE A 17 5.20 -0.88 -2.53
C PHE A 17 6.61 -0.66 -3.11
N PRO A 18 7.60 -0.27 -2.24
CA PRO A 18 7.41 0.15 -0.85
C PRO A 18 6.96 1.63 -0.82
N PHE A 19 5.85 1.91 -0.11
CA PHE A 19 5.40 3.30 0.00
C PHE A 19 5.90 3.83 1.36
N ARG A 20 6.35 5.10 1.33
CA ARG A 20 6.87 5.76 2.51
C ARG A 20 5.73 6.55 3.15
N PHE A 21 5.53 6.32 4.46
CA PHE A 21 4.50 7.02 5.22
C PHE A 21 5.09 7.23 6.61
N GLN A 22 4.88 8.43 7.16
CA GLN A 22 5.46 8.77 8.46
C GLN A 22 7.00 8.53 8.42
N GLY A 23 7.62 8.79 7.25
CA GLY A 23 9.07 8.59 7.16
C GLY A 23 9.53 7.12 7.34
N THR A 24 8.55 6.19 7.34
CA THR A 24 8.79 4.77 7.50
C THR A 24 8.34 4.08 6.20
N SER A 25 9.05 2.99 5.78
CA SER A 25 8.69 2.32 4.52
C SER A 25 7.78 1.11 4.81
N TYR A 26 6.74 1.00 3.95
CA TYR A 26 5.71 -0.02 4.04
C TYR A 26 5.67 -0.80 2.71
N ASP A 27 5.75 -2.13 2.82
CA ASP A 27 5.71 -2.99 1.64
C ASP A 27 4.52 -3.96 1.74
N SER A 28 3.42 -3.44 2.33
CA SER A 28 2.24 -4.28 2.51
C SER A 28 1.08 -3.33 2.82
N CYS A 29 -0.12 -3.94 2.91
CA CYS A 29 -1.26 -3.21 3.44
C CYS A 29 -0.89 -2.68 4.86
N THR A 30 -1.55 -1.59 5.28
CA THR A 30 -1.45 -1.15 6.68
C THR A 30 -2.88 -0.80 7.14
N THR A 31 -2.99 -0.63 8.46
CA THR A 31 -4.23 -0.20 9.08
C THR A 31 -3.98 1.01 10.01
N GLU A 32 -2.73 1.52 9.97
CA GLU A 32 -2.39 2.63 10.85
C GLU A 32 -3.25 3.87 10.52
N GLY A 33 -4.08 4.23 11.52
CA GLY A 33 -4.93 5.42 11.38
C GLY A 33 -6.40 5.08 11.08
N ARG A 34 -6.66 3.81 10.70
CA ARG A 34 -8.07 3.45 10.39
C ARG A 34 -8.54 2.34 11.34
N THR A 35 -9.57 2.71 12.11
CA THR A 35 -10.19 1.81 13.07
C THR A 35 -11.61 1.44 12.60
N ASP A 36 -11.81 1.58 11.26
CA ASP A 36 -13.10 1.31 10.63
C ASP A 36 -13.09 -0.02 9.86
N GLY A 37 -11.94 -0.73 9.91
CA GLY A 37 -11.82 -2.03 9.27
C GLY A 37 -11.10 -1.99 7.93
N TYR A 38 -11.04 -0.78 7.34
CA TYR A 38 -10.48 -0.69 5.99
C TYR A 38 -8.96 -0.49 6.03
N ARG A 39 -8.28 -1.60 5.69
CA ARG A 39 -6.80 -1.54 5.58
C ARG A 39 -6.51 -0.70 4.33
N TRP A 40 -5.55 0.24 4.47
CA TRP A 40 -5.21 1.14 3.38
C TRP A 40 -3.74 0.94 2.99
N CYS A 41 -3.43 1.39 1.77
CA CYS A 41 -2.08 1.37 1.23
C CYS A 41 -1.81 2.77 0.64
N GLY A 42 -0.52 3.15 0.60
CA GLY A 42 -0.16 4.41 -0.05
C GLY A 42 0.19 4.10 -1.51
N THR A 43 0.26 5.20 -2.30
CA THR A 43 0.69 5.08 -3.68
C THR A 43 1.84 6.07 -3.85
N THR A 44 2.55 5.88 -4.98
CA THR A 44 3.82 6.56 -5.23
C THR A 44 4.81 6.01 -4.17
N GLU A 45 6.12 6.14 -4.46
CA GLU A 45 7.05 5.58 -3.48
C GLU A 45 6.98 6.34 -2.13
N ASP A 46 6.33 7.53 -2.18
CA ASP A 46 6.08 8.34 -0.99
C ASP A 46 4.60 8.74 -0.93
N TYR A 47 4.01 8.57 0.27
CA TYR A 47 2.61 8.91 0.54
C TYR A 47 2.52 10.33 1.12
N ASP A 48 3.43 10.62 2.08
CA ASP A 48 3.39 11.88 2.81
C ASP A 48 3.32 13.11 1.88
N ARG A 49 4.09 13.00 0.78
CA ARG A 49 4.18 14.08 -0.20
C ARG A 49 2.85 14.28 -0.98
N ASP A 50 2.41 13.22 -1.68
CA ASP A 50 1.19 13.33 -2.51
C ASP A 50 -0.06 12.65 -1.97
N LYS A 51 0.18 11.37 -1.59
CA LYS A 51 -0.96 10.49 -1.49
C LYS A 51 -1.87 10.86 -0.31
N LYS A 52 -3.05 10.30 -0.55
CA LYS A 52 -4.26 10.48 0.21
C LYS A 52 -4.71 9.09 0.69
N TYR A 53 -4.42 8.07 -0.18
CA TYR A 53 -4.49 6.59 0.04
C TYR A 53 -5.25 5.86 -1.08
N GLY A 54 -5.21 4.54 -0.88
CA GLY A 54 -5.91 3.51 -1.62
C GLY A 54 -6.35 2.49 -0.56
N PHE A 55 -7.29 1.59 -0.92
CA PHE A 55 -7.69 0.55 0.03
C PHE A 55 -6.88 -0.66 -0.40
N CYS A 56 -6.33 -1.35 0.61
CA CYS A 56 -5.31 -2.37 0.26
C CYS A 56 -5.96 -3.71 -0.15
N PRO A 57 -5.69 -4.20 -1.39
CA PRO A 57 -6.10 -5.55 -1.76
C PRO A 57 -5.25 -6.62 -1.04
N GLU A 58 -5.96 -7.58 -0.40
CA GLU A 58 -5.33 -8.69 0.30
C GLU A 58 -4.30 -9.40 -0.61
N THR A 59 -3.02 -9.17 -0.26
CA THR A 59 -1.91 -9.76 -1.00
C THR A 59 -1.69 -11.20 -0.48
N ALA A 60 -0.84 -11.91 -1.24
CA ALA A 60 -0.48 -13.27 -0.94
C ALA A 60 0.81 -13.59 -1.72
N THR A 1 1.65 -10.21 -10.85
CA THR A 1 2.56 -9.32 -10.17
C THR A 1 1.85 -7.97 -10.17
N ALA A 2 2.29 -7.06 -9.29
CA ALA A 2 1.66 -5.76 -9.12
C ALA A 2 0.28 -5.97 -8.44
N LEU A 3 -0.31 -4.84 -8.02
CA LEU A 3 -1.60 -4.88 -7.35
C LEU A 3 -2.50 -3.78 -7.95
N PHE A 4 -3.77 -4.17 -8.13
CA PHE A 4 -4.81 -3.25 -8.58
C PHE A 4 -5.11 -2.32 -7.37
N THR A 5 -5.88 -1.23 -7.57
CA THR A 5 -6.11 -0.33 -6.45
C THR A 5 -7.29 -0.80 -5.59
N MET A 6 -8.35 -1.10 -6.35
CA MET A 6 -9.63 -1.60 -5.84
C MET A 6 -10.46 -0.47 -5.21
N GLY A 7 -9.81 0.13 -4.19
CA GLY A 7 -10.32 1.27 -3.47
C GLY A 7 -9.10 2.12 -3.13
N GLY A 8 -9.36 3.23 -2.42
CA GLY A 8 -8.26 4.13 -2.05
C GLY A 8 -8.37 5.41 -2.88
N ASN A 9 -7.26 6.17 -3.04
CA ASN A 9 -7.33 7.45 -3.75
C ASN A 9 -6.26 7.54 -4.87
N ALA A 10 -5.55 6.43 -5.12
CA ALA A 10 -4.44 6.39 -6.08
C ALA A 10 -4.79 6.69 -7.56
N GLU A 11 -6.03 7.10 -7.87
CA GLU A 11 -6.41 7.43 -9.25
C GLU A 11 -6.15 6.27 -10.24
N GLY A 12 -6.29 5.03 -9.72
CA GLY A 12 -6.10 3.85 -10.56
C GLY A 12 -4.63 3.40 -10.64
N GLN A 13 -3.72 4.21 -10.05
CA GLN A 13 -2.31 3.83 -10.08
C GLN A 13 -2.12 2.59 -9.17
N PRO A 14 -1.49 1.51 -9.72
CA PRO A 14 -1.33 0.26 -8.98
C PRO A 14 -0.41 0.43 -7.75
N CYS A 15 -0.63 -0.46 -6.77
CA CYS A 15 0.16 -0.44 -5.53
C CYS A 15 1.66 -0.35 -5.82
N LYS A 16 2.33 0.40 -4.92
CA LYS A 16 3.76 0.61 -5.05
C LYS A 16 4.47 -0.06 -3.87
N PHE A 17 5.27 -1.06 -4.26
CA PHE A 17 6.12 -1.80 -3.33
C PHE A 17 7.57 -1.62 -3.86
N PRO A 18 8.55 -1.31 -2.97
CA PRO A 18 8.34 -0.84 -1.60
C PRO A 18 7.92 0.64 -1.60
N PHE A 19 6.98 0.97 -0.71
CA PHE A 19 6.54 2.36 -0.53
C PHE A 19 7.00 2.79 0.86
N ARG A 20 7.31 4.09 0.95
CA ARG A 20 7.77 4.66 2.21
C ARG A 20 6.55 5.27 2.94
N PHE A 21 6.46 4.95 4.25
CA PHE A 21 5.40 5.44 5.13
C PHE A 21 6.03 5.47 6.52
N GLN A 22 5.63 6.43 7.37
CA GLN A 22 6.20 6.53 8.71
C GLN A 22 7.76 6.54 8.67
N GLY A 23 8.34 7.12 7.59
CA GLY A 23 9.80 7.15 7.50
C GLY A 23 10.48 5.77 7.27
N THR A 24 9.64 4.72 7.18
CA THR A 24 10.08 3.32 7.04
C THR A 24 9.57 2.75 5.70
N SER A 25 10.29 1.75 5.14
CA SER A 25 9.86 1.15 3.87
C SER A 25 8.96 -0.07 4.15
N TYR A 26 7.91 -0.17 3.31
CA TYR A 26 6.89 -1.21 3.39
C TYR A 26 6.83 -1.91 2.02
N ASP A 27 6.92 -3.25 2.07
CA ASP A 27 6.88 -4.06 0.85
C ASP A 27 5.72 -5.07 0.96
N SER A 28 4.65 -4.61 1.63
CA SER A 28 3.51 -5.49 1.82
C SER A 28 2.29 -4.65 2.19
N CYS A 29 1.13 -5.32 2.05
CA CYS A 29 -0.17 -4.75 2.39
C CYS A 29 -0.24 -4.42 3.91
N THR A 30 -0.37 -3.11 4.26
CA THR A 30 -0.32 -2.70 5.66
C THR A 30 -1.71 -2.25 6.13
N THR A 31 -1.92 -2.44 7.44
CA THR A 31 -3.14 -1.99 8.11
C THR A 31 -2.86 -0.73 8.97
N GLU A 32 -1.55 -0.52 9.20
CA GLU A 32 -1.06 0.50 10.08
C GLU A 32 -1.54 1.89 9.63
N GLY A 33 -1.99 2.64 10.65
CA GLY A 33 -2.54 3.98 10.44
C GLY A 33 -4.07 4.00 10.47
N ARG A 34 -4.68 2.83 10.19
CA ARG A 34 -6.16 2.76 10.17
C ARG A 34 -6.64 1.70 11.16
N THR A 35 -7.86 1.96 11.65
CA THR A 35 -8.51 1.09 12.64
C THR A 35 -9.91 0.65 12.14
N ASP A 36 -10.07 0.72 10.81
CA ASP A 36 -11.34 0.37 10.15
C ASP A 36 -11.31 -1.09 9.62
N GLY A 37 -10.08 -1.58 9.33
CA GLY A 37 -9.85 -2.98 9.00
C GLY A 37 -9.73 -3.32 7.50
N TYR A 38 -9.22 -2.38 6.65
CA TYR A 38 -9.08 -2.78 5.23
C TYR A 38 -7.63 -2.46 4.85
N ARG A 39 -6.89 -3.54 4.53
CA ARG A 39 -5.42 -3.36 4.27
C ARG A 39 -5.23 -2.36 3.10
N TRP A 40 -4.19 -1.49 3.19
CA TRP A 40 -3.88 -0.56 2.13
C TRP A 40 -2.40 -0.69 1.75
N CYS A 41 -2.09 -0.13 0.56
CA CYS A 41 -0.72 -0.04 0.07
C CYS A 41 -0.51 1.42 -0.33
N GLY A 42 0.73 1.89 -0.15
CA GLY A 42 1.00 3.24 -0.62
C GLY A 42 1.22 3.19 -2.14
N THR A 43 1.11 4.39 -2.72
CA THR A 43 1.47 4.58 -4.12
C THR A 43 2.58 5.62 -4.05
N THR A 44 3.25 5.84 -5.21
CA THR A 44 4.42 6.70 -5.26
C THR A 44 5.55 6.04 -4.43
N GLU A 45 6.78 6.57 -4.59
CA GLU A 45 7.89 6.02 -3.82
C GLU A 45 7.68 6.29 -2.32
N ASP A 46 6.97 7.41 -2.07
CA ASP A 46 6.63 7.86 -0.73
C ASP A 46 5.11 7.98 -0.64
N TYR A 47 4.67 7.83 0.61
CA TYR A 47 3.30 8.03 1.02
C TYR A 47 3.17 9.27 1.93
N ASP A 48 4.15 9.49 2.83
CA ASP A 48 4.02 10.59 3.76
C ASP A 48 3.93 11.94 3.02
N ARG A 49 4.81 12.08 2.02
CA ARG A 49 4.81 13.31 1.22
C ARG A 49 3.51 13.46 0.39
N ASP A 50 3.23 12.41 -0.39
CA ASP A 50 2.19 12.33 -1.42
C ASP A 50 0.73 12.17 -0.93
N LYS A 51 0.55 11.28 0.05
CA LYS A 51 -0.74 10.89 0.64
C LYS A 51 -1.67 10.16 -0.35
N LYS A 52 -1.03 9.44 -1.29
CA LYS A 52 -1.83 8.70 -2.24
C LYS A 52 -1.60 7.19 -2.00
N TYR A 53 -2.73 6.46 -1.89
CA TYR A 53 -2.73 5.04 -1.60
C TYR A 53 -3.89 4.33 -2.29
N GLY A 54 -3.82 3.00 -2.11
CA GLY A 54 -4.79 2.06 -2.66
C GLY A 54 -5.17 1.01 -1.60
N PHE A 55 -6.14 0.12 -1.94
CA PHE A 55 -6.57 -0.92 -0.99
C PHE A 55 -5.85 -2.24 -1.38
N CYS A 56 -5.86 -3.16 -0.39
CA CYS A 56 -5.13 -4.44 -0.48
C CYS A 56 -6.08 -5.53 0.10
N PRO A 57 -5.73 -6.82 -0.17
CA PRO A 57 -6.50 -7.96 0.35
C PRO A 57 -6.08 -8.35 1.79
N GLU A 58 -7.10 -8.54 2.66
CA GLU A 58 -6.81 -9.02 4.02
C GLU A 58 -6.63 -10.55 3.99
N THR A 59 -7.78 -11.24 3.91
CA THR A 59 -7.80 -12.69 3.86
C THR A 59 -7.00 -13.23 2.65
N ALA A 60 -6.21 -14.27 2.96
CA ALA A 60 -5.40 -14.96 1.97
C ALA A 60 -5.04 -16.34 2.55
N THR A 1 2.51 -9.88 -9.77
CA THR A 1 2.07 -8.97 -8.73
C THR A 1 0.54 -8.99 -8.64
N ALA A 2 -0.09 -8.29 -9.62
CA ALA A 2 -1.55 -8.19 -9.70
C ALA A 2 -2.11 -7.47 -8.45
N LEU A 3 -1.51 -6.28 -8.22
CA LEU A 3 -1.90 -5.44 -7.09
C LEU A 3 -2.59 -4.19 -7.65
N PHE A 4 -3.90 -4.40 -7.85
CA PHE A 4 -4.82 -3.37 -8.32
C PHE A 4 -5.07 -2.41 -7.14
N THR A 5 -5.70 -1.24 -7.39
CA THR A 5 -5.89 -0.29 -6.30
C THR A 5 -7.18 -0.57 -5.51
N MET A 6 -8.11 -1.11 -6.29
CA MET A 6 -9.42 -1.63 -5.90
C MET A 6 -9.96 -1.06 -4.57
N GLY A 7 -10.56 0.15 -4.68
CA GLY A 7 -11.17 0.80 -3.52
C GLY A 7 -10.31 1.95 -2.99
N GLY A 8 -8.99 1.70 -2.98
CA GLY A 8 -8.03 2.70 -2.54
C GLY A 8 -8.03 3.94 -3.45
N ASN A 9 -7.09 4.88 -3.18
CA ASN A 9 -7.13 6.18 -3.87
C ASN A 9 -5.94 6.39 -4.83
N ALA A 10 -5.23 5.28 -5.11
CA ALA A 10 -4.05 5.28 -5.96
C ALA A 10 -4.29 5.63 -7.45
N GLU A 11 -5.55 5.94 -7.82
CA GLU A 11 -5.87 6.35 -9.20
C GLU A 11 -5.42 5.30 -10.25
N GLY A 12 -5.58 4.03 -9.86
CA GLY A 12 -5.22 2.92 -10.76
C GLY A 12 -3.72 2.56 -10.72
N GLN A 13 -2.92 3.39 -10.01
CA GLN A 13 -1.48 3.08 -9.92
C GLN A 13 -1.28 1.79 -9.09
N PRO A 14 -0.53 0.81 -9.65
CA PRO A 14 -0.32 -0.46 -8.95
C PRO A 14 0.59 -0.31 -7.72
N CYS A 15 0.20 -1.06 -6.66
CA CYS A 15 0.93 -1.07 -5.37
C CYS A 15 2.43 -1.07 -5.61
N LYS A 16 3.14 -0.36 -4.71
CA LYS A 16 4.58 -0.24 -4.88
C LYS A 16 5.27 -0.87 -3.68
N PHE A 17 6.31 -1.64 -4.04
CA PHE A 17 7.10 -2.37 -3.07
C PHE A 17 8.58 -2.16 -3.48
N PRO A 18 9.49 -1.85 -2.52
CA PRO A 18 9.20 -1.48 -1.14
C PRO A 18 8.74 -0.01 -1.07
N PHE A 19 7.63 0.23 -0.34
CA PHE A 19 7.15 1.60 -0.18
C PHE A 19 7.52 2.05 1.24
N ARG A 20 7.90 3.34 1.33
CA ARG A 20 8.32 3.93 2.59
C ARG A 20 7.11 4.63 3.25
N PHE A 21 6.89 4.29 4.54
CA PHE A 21 5.83 4.90 5.34
C PHE A 21 6.39 4.98 6.77
N GLN A 22 6.10 6.09 7.46
CA GLN A 22 6.63 6.31 8.80
C GLN A 22 8.17 6.12 8.82
N GLY A 23 8.85 6.51 7.71
CA GLY A 23 10.31 6.36 7.67
C GLY A 23 10.80 4.90 7.71
N THR A 24 9.83 3.96 7.57
CA THR A 24 10.07 2.53 7.60
C THR A 24 9.70 1.97 6.21
N SER A 25 10.47 0.96 5.74
CA SER A 25 10.18 0.40 4.42
C SER A 25 9.30 -0.86 4.58
N TYR A 26 8.28 -0.93 3.70
CA TYR A 26 7.30 -2.00 3.69
C TYR A 26 7.35 -2.67 2.32
N ASP A 27 7.44 -4.01 2.35
CA ASP A 27 7.50 -4.80 1.11
C ASP A 27 6.34 -5.80 1.07
N SER A 28 5.21 -5.37 1.68
CA SER A 28 4.05 -6.23 1.75
C SER A 28 2.84 -5.38 2.17
N CYS A 29 1.66 -6.01 1.99
CA CYS A 29 0.38 -5.40 2.38
C CYS A 29 0.37 -5.07 3.90
N THR A 30 0.18 -3.76 4.25
CA THR A 30 0.24 -3.36 5.66
C THR A 30 -1.12 -2.87 6.16
N THR A 31 -1.41 -3.20 7.44
CA THR A 31 -2.60 -2.71 8.13
C THR A 31 -2.25 -1.48 8.97
N GLU A 32 -0.94 -1.35 9.20
CA GLU A 32 -0.35 -0.31 10.01
C GLU A 32 -0.70 1.06 9.38
N GLY A 33 -1.50 1.82 10.15
CA GLY A 33 -1.95 3.14 9.69
C GLY A 33 -3.48 3.22 9.62
N ARG A 34 -4.14 2.04 9.61
CA ARG A 34 -5.62 2.06 9.56
C ARG A 34 -6.14 1.30 10.79
N THR A 35 -7.43 1.56 11.07
CA THR A 35 -8.10 0.90 12.19
C THR A 35 -9.52 0.42 11.78
N ASP A 36 -9.67 0.23 10.45
CA ASP A 36 -10.96 -0.15 9.86
C ASP A 36 -11.00 -1.60 9.32
N GLY A 37 -9.84 -2.29 9.41
CA GLY A 37 -9.79 -3.72 9.05
C GLY A 37 -9.41 -4.04 7.60
N TYR A 38 -8.69 -3.11 6.92
CA TYR A 38 -8.29 -3.37 5.53
C TYR A 38 -6.78 -3.17 5.40
N ARG A 39 -6.17 -4.07 4.60
CA ARG A 39 -4.71 -3.90 4.38
C ARG A 39 -4.56 -2.91 3.20
N TRP A 40 -3.61 -1.97 3.33
CA TRP A 40 -3.32 -1.01 2.28
C TRP A 40 -1.86 -1.19 1.85
N CYS A 41 -1.57 -0.63 0.67
CA CYS A 41 -0.21 -0.59 0.14
C CYS A 41 0.02 0.84 -0.34
N GLY A 42 1.27 1.30 -0.20
CA GLY A 42 1.58 2.63 -0.69
C GLY A 42 1.84 2.57 -2.20
N THR A 43 1.60 3.73 -2.83
CA THR A 43 1.93 3.89 -4.24
C THR A 43 3.01 4.98 -4.27
N THR A 44 3.93 4.73 -5.21
CA THR A 44 5.16 5.50 -5.31
C THR A 44 6.09 4.96 -4.20
N GLU A 45 7.40 5.14 -4.44
CA GLU A 45 8.39 4.54 -3.54
C GLU A 45 8.31 5.09 -2.10
N ASP A 46 7.75 6.32 -1.98
CA ASP A 46 7.66 6.98 -0.68
C ASP A 46 6.22 7.50 -0.44
N TYR A 47 5.51 6.74 0.42
CA TYR A 47 4.12 7.08 0.74
C TYR A 47 4.07 8.37 1.57
N ASP A 48 5.09 8.52 2.44
CA ASP A 48 5.08 9.70 3.29
C ASP A 48 5.07 10.99 2.45
N ARG A 49 5.79 10.92 1.31
CA ARG A 49 5.83 12.04 0.39
C ARG A 49 4.52 12.14 -0.44
N ASP A 50 4.18 11.05 -1.18
CA ASP A 50 3.03 11.02 -2.10
C ASP A 50 1.61 11.06 -1.47
N LYS A 51 1.39 10.28 -0.39
CA LYS A 51 0.09 10.13 0.30
C LYS A 51 -1.01 9.47 -0.55
N LYS A 52 -0.59 8.60 -1.48
CA LYS A 52 -1.58 7.90 -2.30
C LYS A 52 -1.33 6.41 -2.07
N TYR A 53 -2.46 5.68 -1.93
CA TYR A 53 -2.40 4.27 -1.61
C TYR A 53 -3.54 3.51 -2.30
N GLY A 54 -3.37 2.18 -2.21
CA GLY A 54 -4.34 1.23 -2.73
C GLY A 54 -4.69 0.21 -1.65
N PHE A 55 -5.68 -0.69 -1.94
CA PHE A 55 -5.99 -1.74 -0.97
C PHE A 55 -5.28 -3.02 -1.45
N CYS A 56 -4.98 -3.85 -0.43
CA CYS A 56 -4.16 -5.04 -0.63
C CYS A 56 -4.92 -6.19 0.05
N PRO A 57 -4.73 -7.44 -0.42
CA PRO A 57 -5.52 -8.57 0.05
C PRO A 57 -5.08 -9.09 1.44
N GLU A 58 -6.07 -9.27 2.34
CA GLU A 58 -5.77 -9.83 3.67
C GLU A 58 -5.28 -11.29 3.51
N THR A 59 -6.10 -12.02 2.72
CA THR A 59 -5.83 -13.41 2.42
C THR A 59 -4.79 -13.50 1.30
N ALA A 60 -3.88 -14.48 1.45
CA ALA A 60 -2.83 -14.74 0.48
C ALA A 60 -2.34 -16.18 0.71
N THR A 1 0.17 -6.15 -10.27
CA THR A 1 1.42 -6.86 -10.32
C THR A 1 1.05 -8.33 -10.10
N ALA A 2 1.91 -9.10 -9.41
CA ALA A 2 1.51 -10.48 -9.08
C ALA A 2 0.25 -10.49 -8.18
N LEU A 3 0.11 -9.34 -7.50
CA LEU A 3 -1.01 -8.99 -6.66
C LEU A 3 -1.74 -7.89 -7.47
N PHE A 4 -3.09 -8.01 -7.46
CA PHE A 4 -3.97 -7.09 -8.19
C PHE A 4 -4.64 -6.19 -7.15
N THR A 5 -4.87 -4.94 -7.59
CA THR A 5 -5.35 -3.88 -6.72
C THR A 5 -6.64 -3.28 -7.28
N MET A 6 -7.42 -2.64 -6.38
CA MET A 6 -8.70 -2.08 -6.82
C MET A 6 -9.16 -0.87 -5.97
N GLY A 7 -9.26 -1.08 -4.64
CA GLY A 7 -9.76 -0.02 -3.76
C GLY A 7 -8.78 1.12 -3.46
N GLY A 8 -7.51 0.83 -3.79
CA GLY A 8 -6.37 1.74 -3.60
C GLY A 8 -6.55 3.14 -4.18
N ASN A 9 -5.60 4.00 -3.78
CA ASN A 9 -5.57 5.39 -4.26
C ASN A 9 -4.37 5.61 -5.20
N ALA A 10 -3.68 4.48 -5.49
CA ALA A 10 -2.48 4.40 -6.31
C ALA A 10 -2.65 4.78 -7.80
N GLU A 11 -3.64 5.63 -8.14
CA GLU A 11 -3.87 6.09 -9.52
C GLU A 11 -3.90 4.93 -10.56
N GLY A 12 -4.41 3.77 -10.08
CA GLY A 12 -4.56 2.57 -10.93
C GLY A 12 -3.28 1.70 -10.96
N GLN A 13 -2.17 2.25 -10.44
CA GLN A 13 -0.92 1.50 -10.38
C GLN A 13 -1.06 0.40 -9.31
N PRO A 14 -0.71 -0.87 -9.66
CA PRO A 14 -0.81 -1.95 -8.69
C PRO A 14 0.38 -1.94 -7.72
N CYS A 15 0.34 -2.92 -6.79
CA CYS A 15 1.33 -3.01 -5.70
C CYS A 15 2.78 -2.90 -6.20
N LYS A 16 3.56 -2.19 -5.35
CA LYS A 16 4.96 -1.92 -5.59
C LYS A 16 5.76 -2.43 -4.40
N PHE A 17 6.79 -3.23 -4.75
CA PHE A 17 7.73 -3.77 -3.79
C PHE A 17 9.10 -3.40 -4.39
N PRO A 18 10.09 -2.99 -3.54
CA PRO A 18 9.94 -2.69 -2.12
C PRO A 18 9.33 -1.27 -1.94
N PHE A 19 8.42 -1.15 -0.96
CA PHE A 19 7.86 0.15 -0.59
C PHE A 19 8.32 0.42 0.84
N ARG A 20 8.77 1.66 1.08
CA ARG A 20 9.28 2.04 2.39
C ARG A 20 8.15 2.68 3.20
N PHE A 21 7.94 2.14 4.42
CA PHE A 21 6.95 2.74 5.32
C PHE A 21 7.52 2.60 6.74
N GLN A 22 7.32 3.66 7.54
CA GLN A 22 7.81 3.72 8.91
C GLN A 22 9.35 3.63 8.97
N GLY A 23 9.98 3.96 7.82
CA GLY A 23 11.44 3.88 7.75
C GLY A 23 11.97 2.46 7.49
N THR A 24 11.05 1.51 7.26
CA THR A 24 11.44 0.12 6.97
C THR A 24 10.92 -0.26 5.56
N SER A 25 11.77 -1.01 4.82
CA SER A 25 11.39 -1.43 3.48
C SER A 25 10.56 -2.72 3.59
N TYR A 26 9.42 -2.70 2.89
CA TYR A 26 8.46 -3.78 2.90
C TYR A 26 8.29 -4.30 1.46
N ASP A 27 8.26 -5.64 1.35
CA ASP A 27 8.12 -6.31 0.05
C ASP A 27 6.92 -7.28 0.10
N SER A 28 5.92 -6.91 0.91
CA SER A 28 4.77 -7.77 1.05
C SER A 28 3.61 -6.95 1.63
N CYS A 29 2.42 -7.56 1.50
CA CYS A 29 1.19 -6.97 2.01
C CYS A 29 1.28 -6.69 3.53
N THR A 30 1.12 -5.41 3.94
CA THR A 30 1.19 -5.06 5.36
C THR A 30 -0.19 -4.57 5.80
N THR A 31 -0.37 -4.57 7.12
CA THR A 31 -1.59 -4.06 7.74
C THR A 31 -1.29 -2.85 8.63
N GLU A 32 0.01 -2.46 8.66
CA GLU A 32 0.39 -1.32 9.50
C GLU A 32 -0.36 -0.06 9.06
N GLY A 33 -1.23 0.41 9.96
CA GLY A 33 -2.00 1.63 9.70
C GLY A 33 -3.49 1.36 9.42
N ARG A 34 -3.85 0.08 9.17
CA ARG A 34 -5.27 -0.20 8.91
C ARG A 34 -5.83 -1.15 9.97
N THR A 35 -6.96 -0.70 10.54
CA THR A 35 -7.69 -1.43 11.56
C THR A 35 -9.08 -1.82 11.02
N ASP A 36 -9.20 -1.79 9.67
CA ASP A 36 -10.46 -2.07 9.00
C ASP A 36 -10.48 -3.47 8.34
N GLY A 37 -9.36 -4.20 8.53
CA GLY A 37 -9.27 -5.57 8.03
C GLY A 37 -8.45 -5.72 6.74
N TYR A 38 -8.27 -4.59 6.03
CA TYR A 38 -7.59 -4.69 4.73
C TYR A 38 -6.08 -4.48 4.89
N ARG A 39 -5.39 -5.25 4.04
CA ARG A 39 -3.91 -5.19 3.99
C ARG A 39 -3.61 -4.34 2.74
N TRP A 40 -2.60 -3.47 2.86
CA TRP A 40 -2.25 -2.58 1.77
C TRP A 40 -0.77 -2.78 1.39
N CYS A 41 -0.46 -2.28 0.20
CA CYS A 41 0.89 -2.28 -0.33
C CYS A 41 1.17 -0.85 -0.80
N GLY A 42 2.44 -0.45 -0.69
CA GLY A 42 2.80 0.87 -1.20
C GLY A 42 2.79 0.81 -2.72
N THR A 43 2.61 1.99 -3.32
CA THR A 43 2.61 2.05 -4.78
C THR A 43 3.57 3.13 -5.29
N THR A 44 4.58 3.33 -4.43
CA THR A 44 5.66 4.27 -4.67
C THR A 44 6.85 3.66 -3.89
N GLU A 45 8.07 4.07 -4.28
CA GLU A 45 9.26 3.54 -3.63
C GLU A 45 9.23 3.83 -2.12
N ASP A 46 8.77 5.06 -1.84
CA ASP A 46 8.61 5.52 -0.46
C ASP A 46 7.13 5.89 -0.28
N TYR A 47 6.58 5.41 0.86
CA TYR A 47 5.17 5.65 1.14
C TYR A 47 5.00 6.86 2.07
N ASP A 48 5.90 6.95 3.09
CA ASP A 48 5.75 8.02 4.06
C ASP A 48 5.70 9.39 3.35
N ARG A 49 6.57 9.50 2.33
CA ARG A 49 6.69 10.68 1.50
C ARG A 49 5.47 10.87 0.57
N ASP A 50 5.29 9.93 -0.39
CA ASP A 50 4.24 10.06 -1.40
C ASP A 50 2.79 9.91 -0.89
N LYS A 51 2.57 8.86 -0.07
CA LYS A 51 1.28 8.53 0.56
C LYS A 51 0.26 7.90 -0.40
N LYS A 52 0.78 7.26 -1.47
CA LYS A 52 -0.14 6.62 -2.41
C LYS A 52 0.03 5.09 -2.24
N TYR A 53 -1.11 4.44 -1.93
CA TYR A 53 -1.14 3.02 -1.66
C TYR A 53 -2.21 2.32 -2.50
N GLY A 54 -2.08 1.00 -2.38
CA GLY A 54 -2.92 0.05 -3.08
C GLY A 54 -3.31 -1.04 -2.06
N PHE A 55 -4.20 -1.97 -2.48
CA PHE A 55 -4.70 -3.02 -1.59
C PHE A 55 -3.96 -4.29 -2.01
N CYS A 56 -3.64 -5.08 -0.97
CA CYS A 56 -2.82 -6.28 -1.16
C CYS A 56 -3.61 -7.43 -0.52
N PRO A 57 -3.39 -8.69 -1.00
CA PRO A 57 -4.04 -9.84 -0.37
C PRO A 57 -3.24 -10.28 0.89
N GLU A 58 -2.85 -11.58 0.90
CA GLU A 58 -2.10 -12.17 2.04
C GLU A 58 -3.02 -12.27 3.27
N THR A 59 -2.47 -12.91 4.30
CA THR A 59 -3.15 -13.15 5.55
C THR A 59 -2.16 -13.03 6.72
N ALA A 60 -0.91 -13.50 6.49
CA ALA A 60 0.14 -13.44 7.50
C ALA A 60 0.83 -12.05 7.45
N THR A 1 -0.64 -12.84 -7.47
CA THR A 1 -0.27 -11.60 -6.83
C THR A 1 -0.58 -10.55 -7.88
N ALA A 2 -1.00 -9.36 -7.43
CA ALA A 2 -1.41 -8.23 -8.25
C ALA A 2 -2.37 -7.42 -7.38
N LEU A 3 -1.99 -6.13 -7.23
CA LEU A 3 -2.69 -5.17 -6.39
C LEU A 3 -2.97 -3.87 -7.17
N PHE A 4 -4.28 -3.68 -7.49
CA PHE A 4 -4.79 -2.48 -8.17
C PHE A 4 -5.09 -1.42 -7.07
N THR A 5 -6.34 -0.88 -6.94
CA THR A 5 -6.65 0.11 -5.90
C THR A 5 -7.76 -0.42 -4.97
N MET A 6 -8.99 -0.01 -5.33
CA MET A 6 -10.22 -0.33 -4.62
C MET A 6 -10.27 0.42 -3.26
N GLY A 7 -11.48 0.92 -2.95
CA GLY A 7 -11.76 1.55 -1.66
C GLY A 7 -11.14 2.94 -1.44
N GLY A 8 -9.79 2.93 -1.46
CA GLY A 8 -8.93 4.08 -1.24
C GLY A 8 -9.10 5.19 -2.29
N ASN A 9 -8.10 6.11 -2.38
CA ASN A 9 -8.27 7.31 -3.20
C ASN A 9 -7.26 7.40 -4.36
N ALA A 10 -6.46 6.34 -4.55
CA ALA A 10 -5.43 6.35 -5.59
C ALA A 10 -5.95 5.97 -6.99
N GLU A 11 -7.28 6.15 -7.14
CA GLU A 11 -8.06 5.90 -8.34
C GLU A 11 -7.58 4.65 -9.16
N GLY A 12 -6.49 4.77 -9.98
CA GLY A 12 -6.03 3.60 -10.76
C GLY A 12 -4.52 3.26 -10.62
N GLN A 13 -3.77 3.88 -9.69
CA GLN A 13 -2.37 3.48 -9.55
C GLN A 13 -2.35 2.16 -8.76
N PRO A 14 -1.63 1.12 -9.28
CA PRO A 14 -1.48 -0.13 -8.54
C PRO A 14 -0.65 0.15 -7.28
N CYS A 15 -0.89 -0.67 -6.22
CA CYS A 15 -0.12 -0.47 -4.98
C CYS A 15 1.38 -0.36 -5.31
N LYS A 16 2.02 0.58 -4.60
CA LYS A 16 3.42 0.83 -4.83
C LYS A 16 4.20 0.43 -3.59
N PHE A 17 5.25 -0.35 -3.90
CA PHE A 17 6.14 -0.86 -2.88
C PHE A 17 7.55 -0.47 -3.35
N PRO A 18 8.49 -0.25 -2.41
CA PRO A 18 8.24 0.02 -0.99
C PRO A 18 7.71 1.47 -0.88
N PHE A 19 6.67 1.67 -0.06
CA PHE A 19 6.15 3.04 0.14
C PHE A 19 6.61 3.48 1.54
N ARG A 20 7.07 4.74 1.61
CA ARG A 20 7.59 5.31 2.84
C ARG A 20 6.48 6.11 3.54
N PHE A 21 6.25 5.74 4.82
CA PHE A 21 5.25 6.41 5.64
C PHE A 21 5.82 6.40 7.07
N GLN A 22 5.55 7.48 7.83
CA GLN A 22 6.07 7.62 9.19
C GLN A 22 7.63 7.63 9.27
N GLY A 23 8.31 7.60 8.11
CA GLY A 23 9.77 7.50 8.11
C GLY A 23 10.24 6.01 8.03
N THR A 24 9.24 5.11 7.93
CA THR A 24 9.43 3.67 7.81
C THR A 24 9.00 3.24 6.40
N SER A 25 9.62 2.16 5.90
CA SER A 25 9.30 1.66 4.57
C SER A 25 8.45 0.39 4.71
N TYR A 26 7.38 0.37 3.89
CA TYR A 26 6.40 -0.72 3.90
C TYR A 26 6.39 -1.34 2.49
N ASP A 27 6.38 -2.68 2.47
CA ASP A 27 6.42 -3.41 1.19
C ASP A 27 5.20 -4.36 1.07
N SER A 28 4.10 -3.93 1.74
CA SER A 28 2.90 -4.74 1.75
C SER A 28 1.76 -3.86 2.31
N CYS A 29 0.51 -4.37 2.19
CA CYS A 29 -0.62 -3.62 2.75
C CYS A 29 -0.42 -3.43 4.28
N THR A 30 -0.52 -2.17 4.78
CA THR A 30 -0.35 -1.93 6.21
C THR A 30 -1.68 -1.45 6.84
N THR A 31 -1.64 -1.36 8.18
CA THR A 31 -2.80 -0.96 8.98
C THR A 31 -2.67 0.49 9.49
N GLU A 32 -1.44 0.75 9.94
CA GLU A 32 -1.07 2.00 10.60
C GLU A 32 -1.53 3.20 9.76
N GLY A 33 -2.35 4.03 10.45
CA GLY A 33 -2.95 5.20 9.81
C GLY A 33 -4.48 5.08 9.80
N ARG A 34 -4.96 3.83 9.93
CA ARG A 34 -6.42 3.60 9.95
C ARG A 34 -6.79 2.93 11.27
N THR A 35 -8.02 3.24 11.70
CA THR A 35 -8.57 2.68 12.93
C THR A 35 -9.96 2.05 12.66
N ASP A 36 -10.20 1.77 11.36
CA ASP A 36 -11.48 1.21 10.91
C ASP A 36 -11.38 -0.27 10.51
N GLY A 37 -10.16 -0.83 10.65
CA GLY A 37 -9.95 -2.25 10.39
C GLY A 37 -9.36 -2.56 9.00
N TYR A 38 -9.41 -1.57 8.10
CA TYR A 38 -8.98 -1.86 6.74
C TYR A 38 -7.47 -1.62 6.59
N ARG A 39 -6.90 -2.48 5.72
CA ARG A 39 -5.45 -2.38 5.44
C ARG A 39 -5.34 -1.64 4.10
N TRP A 40 -4.37 -0.70 4.04
CA TRP A 40 -4.17 0.14 2.87
C TRP A 40 -2.72 0.01 2.38
N CYS A 41 -2.50 0.47 1.13
CA CYS A 41 -1.16 0.52 0.57
C CYS A 41 -0.91 1.92 -0.01
N GLY A 42 0.36 2.37 0.07
CA GLY A 42 0.74 3.64 -0.54
C GLY A 42 0.83 3.42 -2.05
N THR A 43 0.80 4.54 -2.80
CA THR A 43 0.81 4.42 -4.26
C THR A 43 1.90 5.27 -4.94
N THR A 44 2.96 5.46 -4.15
CA THR A 44 4.17 6.14 -4.57
C THR A 44 5.25 5.66 -3.58
N GLU A 45 6.52 5.84 -3.98
CA GLU A 45 7.64 5.40 -3.14
C GLU A 45 7.66 6.15 -1.79
N ASP A 46 7.01 7.33 -1.80
CA ASP A 46 6.79 8.07 -0.57
C ASP A 46 5.28 8.25 -0.50
N TYR A 47 4.78 8.17 0.74
CA TYR A 47 3.35 8.31 0.99
C TYR A 47 3.05 9.65 1.66
N ASP A 48 3.85 10.03 2.68
CA ASP A 48 3.50 11.24 3.42
C ASP A 48 3.42 12.50 2.55
N ARG A 49 4.29 12.54 1.52
CA ARG A 49 4.26 13.68 0.63
C ARG A 49 2.95 13.70 -0.21
N ASP A 50 2.63 12.50 -0.70
CA ASP A 50 1.55 12.26 -1.66
C ASP A 50 0.11 12.22 -1.11
N LYS A 51 -0.12 11.40 -0.05
CA LYS A 51 -1.46 11.17 0.48
C LYS A 51 -2.45 10.59 -0.58
N LYS A 52 -1.88 9.68 -1.37
CA LYS A 52 -2.67 8.88 -2.30
C LYS A 52 -2.39 7.42 -1.91
N TYR A 53 -3.49 6.70 -1.61
CA TYR A 53 -3.42 5.33 -1.16
C TYR A 53 -4.59 4.56 -1.77
N GLY A 54 -4.47 3.24 -1.61
CA GLY A 54 -5.53 2.31 -2.04
C GLY A 54 -5.85 1.37 -0.87
N PHE A 55 -6.90 0.52 -1.03
CA PHE A 55 -7.17 -0.44 0.06
C PHE A 55 -6.43 -1.70 -0.37
N CYS A 56 -6.21 -2.63 0.59
CA CYS A 56 -5.38 -3.85 0.27
C CYS A 56 -5.93 -4.56 -0.99
N PRO A 57 -5.27 -4.41 -2.18
CA PRO A 57 -5.87 -4.98 -3.38
C PRO A 57 -5.26 -6.32 -3.81
N GLU A 58 -4.42 -6.88 -2.92
CA GLU A 58 -3.75 -8.15 -3.20
C GLU A 58 -4.75 -9.23 -3.67
N THR A 59 -4.24 -10.08 -4.57
CA THR A 59 -5.05 -11.14 -5.14
C THR A 59 -5.27 -12.28 -4.10
N ALA A 60 -6.27 -12.03 -3.24
CA ALA A 60 -6.66 -12.96 -2.20
C ALA A 60 -8.15 -12.77 -1.89
N THR A 1 3.27 -4.70 -10.21
CA THR A 1 4.06 -5.76 -9.64
C THR A 1 3.20 -6.34 -8.55
N ALA A 2 3.83 -7.16 -7.69
CA ALA A 2 3.15 -7.73 -6.53
C ALA A 2 2.07 -8.75 -6.96
N LEU A 3 1.14 -8.98 -6.03
CA LEU A 3 0.17 -10.06 -6.15
C LEU A 3 -1.26 -9.60 -6.59
N PHE A 4 -1.35 -8.55 -7.45
CA PHE A 4 -2.67 -7.93 -7.84
C PHE A 4 -3.30 -7.27 -6.60
N THR A 5 -3.95 -6.11 -6.77
CA THR A 5 -4.38 -5.32 -5.61
C THR A 5 -5.85 -5.47 -5.27
N MET A 6 -6.11 -5.42 -3.95
CA MET A 6 -7.47 -5.39 -3.45
C MET A 6 -7.75 -3.92 -3.08
N GLY A 7 -8.94 -3.45 -3.50
CA GLY A 7 -9.32 -2.06 -3.23
C GLY A 7 -8.19 -1.10 -3.66
N GLY A 8 -7.88 -0.18 -2.72
CA GLY A 8 -6.73 0.70 -2.97
C GLY A 8 -7.11 2.00 -3.66
N ASN A 9 -6.09 2.88 -3.73
CA ASN A 9 -6.17 4.16 -4.43
C ASN A 9 -5.09 4.09 -5.55
N ALA A 10 -4.10 5.01 -5.51
CA ALA A 10 -2.96 4.96 -6.46
C ALA A 10 -3.38 4.88 -7.93
N GLU A 11 -4.58 5.40 -8.20
CA GLU A 11 -5.13 5.44 -9.54
C GLU A 11 -5.15 4.03 -10.20
N GLY A 12 -5.29 2.99 -9.34
CA GLY A 12 -5.37 1.62 -9.83
C GLY A 12 -3.99 0.96 -10.04
N GLN A 13 -2.90 1.68 -9.67
CA GLN A 13 -1.57 1.09 -9.84
C GLN A 13 -1.39 -0.15 -8.94
N PRO A 14 -0.61 -1.16 -9.45
CA PRO A 14 -0.40 -2.41 -8.74
C PRO A 14 0.56 -2.23 -7.53
N CYS A 15 0.30 -3.01 -6.46
CA CYS A 15 1.13 -2.90 -5.25
C CYS A 15 2.64 -2.97 -5.58
N LYS A 16 3.36 -2.26 -4.69
CA LYS A 16 4.80 -2.13 -4.80
C LYS A 16 5.47 -2.75 -3.58
N PHE A 17 6.43 -3.62 -3.95
CA PHE A 17 7.31 -4.28 -3.01
C PHE A 17 8.68 -4.03 -3.65
N PRO A 18 9.71 -3.62 -2.88
CA PRO A 18 9.60 -3.13 -1.50
C PRO A 18 9.09 -1.67 -1.48
N PHE A 19 8.17 -1.36 -0.56
CA PHE A 19 7.71 0.02 -0.40
C PHE A 19 8.25 0.53 0.94
N ARG A 20 8.66 1.82 0.95
CA ARG A 20 9.21 2.45 2.14
C ARG A 20 8.06 3.14 2.87
N PHE A 21 7.96 2.86 4.17
CA PHE A 21 6.97 3.54 4.99
C PHE A 21 7.69 3.76 6.32
N GLN A 22 7.49 4.95 6.91
CA GLN A 22 8.20 5.35 8.12
C GLN A 22 9.74 5.25 7.93
N GLY A 23 10.18 5.33 6.65
CA GLY A 23 11.62 5.22 6.37
C GLY A 23 12.16 3.77 6.38
N THR A 24 11.25 2.77 6.44
CA THR A 24 11.65 1.36 6.46
C THR A 24 11.02 0.63 5.25
N SER A 25 11.77 -0.33 4.65
CA SER A 25 11.22 -1.08 3.54
C SER A 25 10.30 -2.21 4.05
N TYR A 26 9.21 -2.39 3.29
CA TYR A 26 8.20 -3.39 3.52
C TYR A 26 7.96 -4.17 2.21
N ASP A 27 7.96 -5.50 2.35
CA ASP A 27 7.67 -6.41 1.22
C ASP A 27 6.47 -7.29 1.60
N SER A 28 5.64 -6.70 2.47
CA SER A 28 4.48 -7.39 3.02
C SER A 28 3.52 -6.31 3.52
N CYS A 29 2.23 -6.54 3.28
CA CYS A 29 1.20 -5.59 3.71
C CYS A 29 1.24 -5.36 5.24
N THR A 30 1.06 -4.10 5.68
CA THR A 30 1.08 -3.79 7.11
C THR A 30 -0.25 -3.16 7.53
N THR A 31 -0.49 -3.23 8.86
CA THR A 31 -1.64 -2.62 9.48
C THR A 31 -1.28 -1.21 10.00
N GLU A 32 0.05 -0.97 10.11
CA GLU A 32 0.51 0.30 10.66
C GLU A 32 -0.06 1.49 9.84
N GLY A 33 -0.96 2.25 10.51
CA GLY A 33 -1.57 3.41 9.89
C GLY A 33 -3.09 3.29 9.76
N ARG A 34 -3.58 2.03 9.85
CA ARG A 34 -5.04 1.83 9.74
C ARG A 34 -5.55 1.18 11.03
N THR A 35 -6.75 1.64 11.43
CA THR A 35 -7.39 1.14 12.63
C THR A 35 -8.73 0.47 12.27
N ASP A 36 -8.83 0.05 10.99
CA ASP A 36 -10.05 -0.57 10.47
C ASP A 36 -9.88 -2.07 10.18
N GLY A 37 -8.67 -2.59 10.48
CA GLY A 37 -8.42 -4.02 10.34
C GLY A 37 -7.73 -4.41 9.03
N TYR A 38 -7.71 -3.49 8.06
CA TYR A 38 -7.18 -3.85 6.75
C TYR A 38 -5.67 -3.59 6.66
N ARG A 39 -5.01 -4.56 6.00
CA ARG A 39 -3.55 -4.44 5.79
C ARG A 39 -3.39 -3.74 4.44
N TRP A 40 -2.49 -2.73 4.39
CA TRP A 40 -2.28 -2.00 3.15
C TRP A 40 -0.82 -2.23 2.64
N CYS A 41 -0.63 -1.92 1.34
CA CYS A 41 0.65 -2.00 0.65
C CYS A 41 0.92 -0.62 0.00
N GLY A 42 2.21 -0.25 -0.11
CA GLY A 42 2.51 1.00 -0.81
C GLY A 42 2.46 0.73 -2.32
N THR A 43 2.32 1.81 -3.11
CA THR A 43 2.27 1.68 -4.58
C THR A 43 3.38 2.47 -5.25
N THR A 44 4.47 2.68 -4.49
CA THR A 44 5.60 3.42 -5.01
C THR A 44 6.78 3.01 -4.12
N GLU A 45 8.01 3.32 -4.60
CA GLU A 45 9.21 2.93 -3.87
C GLU A 45 9.16 3.55 -2.46
N ASP A 46 8.64 4.80 -2.46
CA ASP A 46 8.39 5.51 -1.22
C ASP A 46 6.88 5.76 -1.05
N TYR A 47 6.37 5.33 0.12
CA TYR A 47 4.98 5.60 0.45
C TYR A 47 4.88 6.97 1.15
N ASP A 48 5.88 7.25 2.00
CA ASP A 48 5.82 8.47 2.80
C ASP A 48 5.66 9.71 1.90
N ARG A 49 6.45 9.75 0.82
CA ARG A 49 6.36 10.86 -0.12
C ARG A 49 5.02 10.86 -0.88
N ASP A 50 4.82 9.80 -1.70
CA ASP A 50 3.68 9.68 -2.60
C ASP A 50 2.28 9.61 -1.92
N LYS A 51 2.19 8.74 -0.90
CA LYS A 51 0.99 8.52 -0.10
C LYS A 51 -0.12 7.77 -0.84
N LYS A 52 0.32 6.89 -1.76
CA LYS A 52 -0.66 6.09 -2.49
C LYS A 52 -0.44 4.62 -2.12
N TYR A 53 -1.59 3.93 -1.88
CA TYR A 53 -1.55 2.54 -1.44
C TYR A 53 -2.68 1.68 -2.07
N GLY A 54 -2.55 0.39 -1.73
CA GLY A 54 -3.47 -0.72 -2.04
C GLY A 54 -3.91 -1.38 -0.71
N PHE A 55 -4.98 -2.21 -0.71
CA PHE A 55 -5.38 -2.90 0.55
C PHE A 55 -4.78 -4.31 0.52
N CYS A 56 -3.44 -4.29 0.37
CA CYS A 56 -2.64 -5.57 0.28
C CYS A 56 -2.87 -6.14 -1.14
N PRO A 57 -1.85 -6.79 -1.76
CA PRO A 57 -2.14 -7.50 -2.98
C PRO A 57 -2.45 -8.97 -2.65
N GLU A 58 -3.53 -9.48 -3.28
CA GLU A 58 -4.00 -10.84 -2.99
C GLU A 58 -3.26 -11.88 -3.86
N THR A 59 -3.95 -12.29 -4.94
CA THR A 59 -3.43 -13.26 -5.89
C THR A 59 -4.45 -13.38 -7.05
N ALA A 60 -5.72 -13.35 -6.61
CA ALA A 60 -6.87 -13.41 -7.49
C ALA A 60 -8.03 -12.73 -6.75
N THR A 1 -0.69 -11.82 -5.72
CA THR A 1 0.02 -10.95 -6.63
C THR A 1 -1.08 -10.22 -7.41
N ALA A 2 -0.66 -9.22 -8.22
CA ALA A 2 -1.62 -8.42 -8.99
C ALA A 2 -2.50 -7.61 -8.03
N LEU A 3 -1.83 -6.61 -7.44
CA LEU A 3 -2.44 -5.77 -6.43
C LEU A 3 -2.83 -4.44 -7.11
N PHE A 4 -4.14 -4.33 -7.36
CA PHE A 4 -4.72 -3.14 -8.00
C PHE A 4 -4.91 -2.03 -6.91
N THR A 5 -6.15 -1.65 -6.55
CA THR A 5 -6.35 -0.58 -5.56
C THR A 5 -7.35 -1.08 -4.50
N MET A 6 -8.61 -1.01 -4.94
CA MET A 6 -9.78 -1.43 -4.19
C MET A 6 -10.00 -0.51 -2.98
N GLY A 7 -11.22 0.07 -2.91
CA GLY A 7 -11.64 0.88 -1.77
C GLY A 7 -11.00 2.28 -1.66
N GLY A 8 -9.66 2.28 -1.63
CA GLY A 8 -8.84 3.48 -1.48
C GLY A 8 -8.88 4.39 -2.73
N ASN A 9 -7.78 5.15 -2.96
CA ASN A 9 -7.76 6.14 -4.03
C ASN A 9 -6.67 5.75 -5.07
N ALA A 10 -5.68 6.64 -5.27
CA ALA A 10 -4.54 6.33 -6.17
C ALA A 10 -4.90 5.99 -7.62
N GLU A 11 -5.99 6.62 -8.10
CA GLU A 11 -6.44 6.52 -9.50
C GLU A 11 -6.34 5.10 -10.15
N GLY A 12 -6.58 4.04 -9.35
CA GLY A 12 -6.59 2.68 -9.92
C GLY A 12 -5.16 2.10 -10.13
N GLN A 13 -4.13 2.87 -9.75
CA GLN A 13 -2.75 2.44 -9.93
C GLN A 13 -2.42 1.31 -8.91
N PRO A 14 -1.66 0.27 -9.39
CA PRO A 14 -1.34 -0.89 -8.58
C PRO A 14 -0.36 -0.58 -7.43
N CYS A 15 -0.39 -1.45 -6.40
CA CYS A 15 0.50 -1.30 -5.24
C CYS A 15 1.95 -1.09 -5.71
N LYS A 16 2.60 -0.21 -4.94
CA LYS A 16 3.98 0.17 -5.15
C LYS A 16 4.67 -0.37 -3.88
N PHE A 17 5.51 -1.40 -4.10
CA PHE A 17 6.30 -1.99 -3.02
C PHE A 17 7.76 -1.79 -3.45
N PRO A 18 8.67 -1.38 -2.52
CA PRO A 18 8.38 -0.93 -1.16
C PRO A 18 7.87 0.52 -1.18
N PHE A 19 6.91 0.80 -0.28
CA PHE A 19 6.33 2.13 -0.13
C PHE A 19 6.78 2.70 1.23
N ARG A 20 7.10 4.01 1.19
CA ARG A 20 7.57 4.71 2.39
C ARG A 20 6.41 5.51 3.03
N PHE A 21 6.32 5.39 4.37
CA PHE A 21 5.32 6.11 5.17
C PHE A 21 5.92 6.24 6.59
N GLN A 22 5.68 7.41 7.22
CA GLN A 22 6.20 7.73 8.55
C GLN A 22 7.74 7.60 8.66
N GLY A 23 8.44 7.63 7.50
CA GLY A 23 9.89 7.44 7.54
C GLY A 23 10.31 5.95 7.46
N THR A 24 9.29 5.07 7.51
CA THR A 24 9.47 3.63 7.50
C THR A 24 9.13 3.06 6.11
N SER A 25 9.86 1.97 5.77
CA SER A 25 9.70 1.27 4.52
C SER A 25 8.81 0.04 4.75
N TYR A 26 7.78 -0.07 3.89
CA TYR A 26 6.82 -1.15 3.94
C TYR A 26 6.85 -1.89 2.60
N ASP A 27 6.80 -3.25 2.68
CA ASP A 27 6.86 -4.09 1.47
C ASP A 27 5.67 -5.06 1.41
N SER A 28 4.57 -4.62 2.05
CA SER A 28 3.36 -5.43 2.10
C SER A 28 2.25 -4.54 2.62
N CYS A 29 1.00 -5.01 2.51
CA CYS A 29 -0.11 -4.23 3.07
C CYS A 29 0.17 -3.92 4.57
N THR A 30 -0.11 -2.67 5.00
CA THR A 30 0.09 -2.30 6.40
C THR A 30 -1.24 -1.81 6.97
N THR A 31 -1.26 -1.79 8.31
CA THR A 31 -2.42 -1.30 9.06
C THR A 31 -2.11 0.05 9.72
N GLU A 32 -0.81 0.42 9.74
CA GLU A 32 -0.46 1.69 10.39
C GLU A 32 -1.16 2.85 9.67
N GLY A 33 -1.90 3.62 10.48
CA GLY A 33 -2.65 4.76 9.96
C GLY A 33 -4.16 4.50 9.94
N ARG A 34 -4.54 3.20 9.97
CA ARG A 34 -5.98 2.90 9.96
C ARG A 34 -6.35 2.16 11.25
N THR A 35 -7.50 2.58 11.80
CA THR A 35 -8.05 1.99 13.02
C THR A 35 -9.49 1.52 12.75
N ASP A 36 -9.78 1.31 11.46
CA ASP A 36 -11.11 0.90 11.01
C ASP A 36 -11.15 -0.57 10.55
N GLY A 37 -10.00 -1.25 10.75
CA GLY A 37 -9.91 -2.67 10.42
C GLY A 37 -9.25 -2.95 9.07
N TYR A 38 -9.13 -1.90 8.24
CA TYR A 38 -8.62 -2.11 6.90
C TYR A 38 -7.10 -1.87 6.83
N ARG A 39 -6.53 -2.65 5.90
CA ARG A 39 -5.08 -2.63 5.65
C ARG A 39 -4.91 -2.07 4.24
N TRP A 40 -3.89 -1.21 4.06
CA TRP A 40 -3.67 -0.51 2.80
C TRP A 40 -2.25 -0.71 2.27
N CYS A 41 -2.07 -0.36 0.97
CA CYS A 41 -0.76 -0.36 0.33
C CYS A 41 -0.56 1.04 -0.29
N GLY A 42 0.73 1.48 -0.31
CA GLY A 42 1.06 2.78 -0.86
C GLY A 42 1.23 2.67 -2.38
N THR A 43 0.91 3.79 -3.04
CA THR A 43 0.97 3.85 -4.49
C THR A 43 1.72 5.09 -4.98
N THR A 44 2.92 5.23 -4.40
CA THR A 44 3.84 6.31 -4.69
C THR A 44 5.11 5.95 -3.91
N GLU A 45 6.11 6.83 -3.95
CA GLU A 45 7.28 6.67 -3.10
C GLU A 45 6.97 7.02 -1.61
N ASP A 46 6.95 8.34 -1.31
CA ASP A 46 6.78 8.81 0.08
C ASP A 46 5.33 9.25 0.35
N TYR A 47 4.87 8.82 1.55
CA TYR A 47 3.50 9.10 1.97
C TYR A 47 3.31 10.45 2.57
N ASP A 48 4.26 10.79 3.43
CA ASP A 48 4.05 12.01 4.18
C ASP A 48 3.96 13.23 3.22
N ARG A 49 4.82 13.14 2.18
CA ARG A 49 4.86 14.15 1.12
C ARG A 49 3.69 14.00 0.09
N ASP A 50 3.72 12.92 -0.74
CA ASP A 50 2.79 12.82 -1.88
C ASP A 50 1.54 11.94 -1.69
N LYS A 51 1.89 10.72 -1.23
CA LYS A 51 1.08 9.52 -1.40
C LYS A 51 -0.43 9.67 -1.56
N LYS A 52 -0.86 8.59 -2.19
CA LYS A 52 -2.18 8.15 -2.53
C LYS A 52 -2.07 6.67 -2.16
N TYR A 53 -3.20 6.07 -1.75
CA TYR A 53 -3.16 4.71 -1.26
C TYR A 53 -4.29 3.88 -1.86
N GLY A 54 -4.21 2.58 -1.55
CA GLY A 54 -5.23 1.60 -1.94
C GLY A 54 -5.49 0.67 -0.75
N PHE A 55 -6.54 -0.20 -0.85
CA PHE A 55 -6.76 -1.12 0.29
C PHE A 55 -5.93 -2.35 -0.09
N CYS A 56 -5.75 -3.29 0.87
CA CYS A 56 -4.89 -4.48 0.61
C CYS A 56 -5.41 -5.24 -0.64
N PRO A 57 -4.79 -5.07 -1.86
CA PRO A 57 -5.44 -5.62 -3.04
C PRO A 57 -4.79 -6.97 -3.37
N GLU A 58 -5.61 -8.03 -3.33
CA GLU A 58 -5.08 -9.36 -3.64
C GLU A 58 -6.25 -10.17 -4.20
N THR A 59 -5.85 -11.29 -4.83
CA THR A 59 -6.76 -12.20 -5.50
C THR A 59 -7.50 -13.14 -4.51
N ALA A 60 -7.10 -13.03 -3.22
CA ALA A 60 -7.68 -13.83 -2.16
C ALA A 60 -7.37 -13.15 -0.82
N THR A 1 6.28 -7.73 -9.33
CA THR A 1 4.92 -7.71 -9.82
C THR A 1 4.27 -6.59 -9.01
N ALA A 2 2.95 -6.42 -9.21
CA ALA A 2 2.18 -5.40 -8.50
C ALA A 2 0.78 -6.00 -8.39
N LEU A 3 0.08 -5.64 -7.30
CA LEU A 3 -1.25 -6.20 -7.02
C LEU A 3 -2.33 -5.11 -7.24
N PHE A 4 -3.59 -5.59 -7.38
CA PHE A 4 -4.79 -4.75 -7.63
C PHE A 4 -4.94 -3.61 -6.57
N THR A 5 -5.81 -2.62 -6.86
CA THR A 5 -6.01 -1.51 -5.91
C THR A 5 -7.25 -1.72 -5.01
N MET A 6 -8.24 -2.33 -5.68
CA MET A 6 -9.56 -2.70 -5.14
C MET A 6 -10.00 -1.89 -3.91
N GLY A 7 -10.41 -0.63 -4.21
CA GLY A 7 -10.87 0.31 -3.18
C GLY A 7 -9.95 1.54 -3.14
N GLY A 8 -8.67 1.20 -3.37
CA GLY A 8 -7.52 2.09 -3.44
C GLY A 8 -7.77 3.46 -4.08
N ASN A 9 -6.90 4.43 -3.66
CA ASN A 9 -7.07 5.81 -4.11
C ASN A 9 -5.93 6.26 -5.03
N ALA A 10 -4.96 5.36 -5.26
CA ALA A 10 -3.77 5.71 -6.04
C ALA A 10 -3.96 5.76 -7.57
N GLU A 11 -5.02 6.46 -8.02
CA GLU A 11 -5.26 6.65 -9.45
C GLU A 11 -5.27 5.33 -10.26
N GLY A 12 -5.71 4.25 -9.59
CA GLY A 12 -5.79 2.94 -10.25
C GLY A 12 -4.42 2.22 -10.35
N GLN A 13 -3.36 2.91 -9.90
CA GLN A 13 -2.02 2.31 -9.93
C GLN A 13 -1.99 1.13 -8.93
N PRO A 14 -1.48 -0.05 -9.37
CA PRO A 14 -1.45 -1.24 -8.53
C PRO A 14 -0.40 -1.14 -7.40
N CYS A 15 -0.67 -1.86 -6.29
CA CYS A 15 0.23 -1.93 -5.13
C CYS A 15 1.71 -2.03 -5.57
N LYS A 16 2.52 -1.20 -4.89
CA LYS A 16 3.93 -1.08 -5.19
C LYS A 16 4.75 -1.67 -4.05
N PHE A 17 5.52 -2.71 -4.45
CA PHE A 17 6.45 -3.38 -3.56
C PHE A 17 7.85 -3.19 -4.20
N PRO A 18 8.87 -2.80 -3.40
CA PRO A 18 8.74 -2.33 -2.01
C PRO A 18 8.27 -0.85 -1.95
N PHE A 19 7.45 -0.57 -0.93
CA PHE A 19 7.02 0.79 -0.62
C PHE A 19 7.58 1.09 0.77
N ARG A 20 8.13 2.30 0.92
CA ARG A 20 8.78 2.69 2.17
C ARG A 20 7.83 3.58 2.97
N PHE A 21 7.57 3.15 4.23
CA PHE A 21 6.69 3.90 5.14
C PHE A 21 7.37 3.96 6.52
N GLN A 22 7.20 5.13 7.15
CA GLN A 22 7.73 5.44 8.48
C GLN A 22 9.26 5.19 8.56
N GLY A 23 9.94 5.25 7.40
CA GLY A 23 11.40 5.08 7.38
C GLY A 23 11.85 3.63 7.14
N THR A 24 10.89 2.70 7.05
CA THR A 24 11.19 1.29 6.83
C THR A 24 10.55 0.83 5.50
N SER A 25 11.29 -0.07 4.81
CA SER A 25 10.87 -0.65 3.55
C SER A 25 9.91 -1.84 3.80
N TYR A 26 8.74 -1.76 3.15
CA TYR A 26 7.68 -2.76 3.28
C TYR A 26 7.49 -3.41 1.90
N ASP A 27 7.28 -4.74 1.90
CA ASP A 27 7.13 -5.50 0.65
C ASP A 27 5.86 -6.39 0.73
N SER A 28 4.86 -5.90 1.50
CA SER A 28 3.64 -6.66 1.70
C SER A 28 2.59 -5.69 2.23
N CYS A 29 1.32 -6.14 2.29
CA CYS A 29 0.28 -5.25 2.82
C CYS A 29 0.61 -4.92 4.32
N THR A 30 0.14 -3.75 4.80
CA THR A 30 0.28 -3.42 6.23
C THR A 30 -1.09 -2.93 6.72
N THR A 31 -1.13 -2.71 8.04
CA THR A 31 -2.32 -2.17 8.70
C THR A 31 -1.98 -0.88 9.48
N GLU A 32 -0.69 -0.49 9.45
CA GLU A 32 -0.29 0.69 10.20
C GLU A 32 -0.96 1.93 9.62
N GLY A 33 -1.82 2.54 10.46
CA GLY A 33 -2.54 3.74 10.06
C GLY A 33 -4.05 3.51 9.89
N ARG A 34 -4.46 2.22 9.82
CA ARG A 34 -5.90 1.97 9.65
C ARG A 34 -6.43 1.18 10.86
N THR A 35 -7.50 1.76 11.44
CA THR A 35 -8.17 1.16 12.58
C THR A 35 -9.61 0.76 12.19
N ASP A 36 -9.78 0.56 10.86
CA ASP A 36 -11.08 0.21 10.29
C ASP A 36 -11.13 -1.26 9.81
N GLY A 37 -10.02 -1.97 10.06
CA GLY A 37 -9.97 -3.40 9.72
C GLY A 37 -9.27 -3.70 8.39
N TYR A 38 -9.03 -2.64 7.59
CA TYR A 38 -8.47 -2.89 6.25
C TYR A 38 -6.95 -2.74 6.25
N ARG A 39 -6.33 -3.68 5.52
CA ARG A 39 -4.87 -3.65 5.33
C ARG A 39 -4.65 -2.97 3.98
N TRP A 40 -3.67 -2.03 3.93
CA TRP A 40 -3.39 -1.26 2.74
C TRP A 40 -1.94 -1.51 2.26
N CYS A 41 -1.71 -1.13 0.98
CA CYS A 41 -0.38 -1.22 0.37
C CYS A 41 -0.06 0.16 -0.22
N GLY A 42 1.23 0.54 -0.16
CA GLY A 42 1.61 1.82 -0.76
C GLY A 42 1.71 1.66 -2.27
N THR A 43 1.76 2.80 -2.98
CA THR A 43 1.86 2.74 -4.43
C THR A 43 3.09 3.48 -4.97
N THR A 44 4.03 3.79 -4.08
CA THR A 44 5.25 4.45 -4.50
C THR A 44 6.38 3.91 -3.63
N GLU A 45 7.61 4.20 -4.10
CA GLU A 45 8.79 3.80 -3.36
C GLU A 45 8.85 4.53 -2.00
N ASP A 46 8.40 5.80 -2.06
CA ASP A 46 8.38 6.66 -0.86
C ASP A 46 6.92 7.01 -0.55
N TYR A 47 6.34 6.20 0.36
CA TYR A 47 4.92 6.41 0.67
C TYR A 47 4.72 7.66 1.52
N ASP A 48 5.66 7.86 2.47
CA ASP A 48 5.52 8.98 3.39
C ASP A 48 5.35 10.32 2.64
N ARG A 49 6.09 10.39 1.52
CA ARG A 49 6.03 11.56 0.66
C ARG A 49 4.67 11.67 -0.07
N ASP A 50 4.32 10.62 -0.83
CA ASP A 50 3.14 10.60 -1.71
C ASP A 50 1.73 10.49 -1.05
N LYS A 51 1.58 9.54 -0.10
CA LYS A 51 0.30 9.25 0.56
C LYS A 51 -0.80 8.72 -0.37
N LYS A 52 -0.39 7.92 -1.38
CA LYS A 52 -1.40 7.28 -2.23
C LYS A 52 -1.21 5.77 -2.07
N TYR A 53 -2.35 5.07 -1.89
CA TYR A 53 -2.35 3.65 -1.58
C TYR A 53 -3.48 2.89 -2.28
N GLY A 54 -3.40 1.57 -2.02
CA GLY A 54 -4.37 0.56 -2.45
C GLY A 54 -4.75 -0.32 -1.24
N PHE A 55 -5.76 -1.21 -1.42
CA PHE A 55 -6.19 -2.09 -0.32
C PHE A 55 -5.59 -3.45 -0.62
N CYS A 56 -5.38 -4.22 0.48
CA CYS A 56 -4.67 -5.53 0.35
C CYS A 56 -5.38 -6.44 -0.68
N PRO A 57 -4.69 -6.75 -1.82
CA PRO A 57 -5.22 -7.77 -2.74
C PRO A 57 -4.94 -9.19 -2.19
N GLU A 58 -4.17 -9.98 -2.96
CA GLU A 58 -3.82 -11.33 -2.50
C GLU A 58 -3.13 -11.26 -1.14
N THR A 59 -3.52 -12.24 -0.29
CA THR A 59 -3.06 -12.36 1.09
C THR A 59 -1.57 -11.99 1.27
N ALA A 60 -1.41 -10.87 1.99
CA ALA A 60 -0.10 -10.32 2.30
C ALA A 60 -0.26 -9.38 3.50
N THR A 1 5.69 -9.36 -7.91
CA THR A 1 5.58 -7.95 -7.61
C THR A 1 4.49 -7.48 -8.56
N ALA A 2 4.08 -6.19 -8.44
CA ALA A 2 3.03 -5.64 -9.31
C ALA A 2 1.72 -6.44 -9.17
N LEU A 3 1.13 -6.31 -7.98
CA LEU A 3 -0.11 -7.00 -7.69
C LEU A 3 -1.25 -6.00 -7.99
N PHE A 4 -2.34 -6.55 -8.55
CA PHE A 4 -3.53 -5.77 -8.90
C PHE A 4 -4.08 -5.06 -7.65
N THR A 5 -4.85 -3.97 -7.86
CA THR A 5 -5.39 -3.24 -6.71
C THR A 5 -6.82 -3.77 -6.44
N MET A 6 -7.47 -3.11 -5.46
CA MET A 6 -8.81 -3.49 -5.02
C MET A 6 -9.48 -2.20 -4.50
N GLY A 7 -10.01 -2.26 -3.27
CA GLY A 7 -10.70 -1.11 -2.66
C GLY A 7 -9.79 0.08 -2.28
N GLY A 8 -8.47 -0.16 -2.36
CA GLY A 8 -7.48 0.87 -2.06
C GLY A 8 -7.52 1.99 -3.13
N ASN A 9 -6.47 2.85 -3.13
CA ASN A 9 -6.44 3.97 -4.09
C ASN A 9 -5.27 3.77 -5.07
N ALA A 10 -4.39 4.79 -5.18
CA ALA A 10 -3.24 4.72 -6.11
C ALA A 10 -3.69 4.67 -7.58
N GLU A 11 -4.98 4.99 -7.76
CA GLU A 11 -5.63 5.12 -9.05
C GLU A 11 -5.36 3.94 -10.00
N GLY A 12 -5.36 2.73 -9.38
CA GLY A 12 -5.19 1.49 -10.14
C GLY A 12 -3.72 1.03 -10.23
N GLN A 13 -2.79 1.87 -9.72
CA GLN A 13 -1.39 1.47 -9.75
C GLN A 13 -1.20 0.22 -8.84
N PRO A 14 -0.63 -0.87 -9.42
CA PRO A 14 -0.50 -2.14 -8.70
C PRO A 14 0.48 -2.03 -7.53
N CYS A 15 0.21 -2.82 -6.46
CA CYS A 15 1.09 -2.85 -5.29
C CYS A 15 2.57 -3.01 -5.73
N LYS A 16 3.38 -2.16 -5.10
CA LYS A 16 4.80 -2.02 -5.37
C LYS A 16 5.51 -2.47 -4.08
N PHE A 17 6.35 -3.51 -4.27
CA PHE A 17 7.20 -4.02 -3.20
C PHE A 17 8.62 -3.91 -3.76
N PRO A 18 9.62 -3.46 -2.94
CA PRO A 18 9.45 -2.92 -1.59
C PRO A 18 8.95 -1.47 -1.63
N PHE A 19 8.06 -1.16 -0.67
CA PHE A 19 7.53 0.20 -0.51
C PHE A 19 8.09 0.71 0.82
N ARG A 20 8.23 2.05 0.91
CA ARG A 20 8.85 2.65 2.09
C ARG A 20 7.81 3.46 2.88
N PHE A 21 7.71 3.13 4.18
CA PHE A 21 6.81 3.85 5.09
C PHE A 21 7.52 3.97 6.45
N GLN A 22 7.31 5.15 7.09
CA GLN A 22 7.90 5.51 8.37
C GLN A 22 9.45 5.41 8.30
N GLY A 23 10.01 5.54 7.08
CA GLY A 23 11.46 5.45 6.94
C GLY A 23 11.99 4.01 6.78
N THR A 24 11.07 3.03 6.87
CA THR A 24 11.43 1.62 6.76
C THR A 24 10.81 1.01 5.49
N SER A 25 11.61 0.14 4.85
CA SER A 25 11.18 -0.56 3.63
C SER A 25 10.48 -1.86 4.03
N TYR A 26 9.32 -2.06 3.37
CA TYR A 26 8.39 -3.16 3.59
C TYR A 26 8.23 -3.92 2.25
N ASP A 27 8.17 -5.26 2.37
CA ASP A 27 8.06 -6.12 1.18
C ASP A 27 6.78 -6.99 1.22
N SER A 28 5.76 -6.49 1.94
CA SER A 28 4.52 -7.26 2.01
C SER A 28 3.44 -6.34 2.59
N CYS A 29 2.18 -6.80 2.47
CA CYS A 29 1.05 -6.02 3.00
C CYS A 29 1.25 -5.70 4.52
N THR A 30 1.08 -4.41 4.88
CA THR A 30 1.19 -4.01 6.29
C THR A 30 -0.20 -3.53 6.74
N THR A 31 -0.23 -3.01 7.99
CA THR A 31 -1.45 -2.46 8.56
C THR A 31 -1.16 -1.26 9.49
N GLU A 32 0.11 -0.81 9.51
CA GLU A 32 0.44 0.34 10.32
C GLU A 32 -0.30 1.57 9.76
N GLY A 33 -1.02 2.23 10.68
CA GLY A 33 -1.79 3.41 10.28
C GLY A 33 -3.28 3.10 10.06
N ARG A 34 -3.61 1.80 9.89
CA ARG A 34 -5.03 1.48 9.69
C ARG A 34 -5.53 0.59 10.84
N THR A 35 -6.51 1.15 11.56
CA THR A 35 -7.14 0.46 12.66
C THR A 35 -8.59 0.11 12.30
N ASP A 36 -8.82 -0.01 10.97
CA ASP A 36 -10.14 -0.29 10.42
C ASP A 36 -10.24 -1.71 9.83
N GLY A 37 -9.14 -2.48 9.98
CA GLY A 37 -9.15 -3.87 9.52
C GLY A 37 -8.47 -4.09 8.16
N TYR A 38 -8.31 -3.00 7.40
CA TYR A 38 -7.79 -3.16 6.05
C TYR A 38 -6.25 -3.11 6.02
N ARG A 39 -5.71 -4.23 5.49
CA ARG A 39 -4.23 -4.31 5.36
C ARG A 39 -3.91 -3.67 4.01
N TRP A 40 -2.89 -2.77 4.01
CA TRP A 40 -2.56 -1.99 2.83
C TRP A 40 -1.11 -2.24 2.34
N CYS A 41 -0.90 -1.89 1.05
CA CYS A 41 0.39 -1.98 0.38
C CYS A 41 0.70 -0.60 -0.22
N GLY A 42 2.00 -0.26 -0.28
CA GLY A 42 2.39 1.02 -0.88
C GLY A 42 2.47 0.88 -2.40
N THR A 43 2.36 2.05 -3.04
CA THR A 43 2.39 2.08 -4.50
C THR A 43 3.42 3.05 -5.07
N THR A 44 4.39 3.44 -4.22
CA THR A 44 5.46 4.32 -4.69
C THR A 44 6.71 3.96 -3.89
N GLU A 45 7.84 4.43 -4.46
CA GLU A 45 9.15 4.32 -3.81
C GLU A 45 9.18 5.02 -2.43
N ASP A 46 8.22 5.96 -2.21
CA ASP A 46 8.15 6.68 -0.94
C ASP A 46 6.66 6.93 -0.61
N TYR A 47 6.16 6.08 0.33
CA TYR A 47 4.75 6.25 0.70
C TYR A 47 4.58 7.49 1.58
N ASP A 48 5.59 7.72 2.43
CA ASP A 48 5.50 8.83 3.36
C ASP A 48 5.26 10.16 2.62
N ARG A 49 5.95 10.26 1.46
CA ARG A 49 5.80 11.43 0.61
C ARG A 49 4.43 11.45 -0.13
N ASP A 50 4.19 10.41 -0.96
CA ASP A 50 3.03 10.37 -1.86
C ASP A 50 1.64 10.09 -1.21
N LYS A 51 1.63 9.15 -0.26
CA LYS A 51 0.40 8.67 0.37
C LYS A 51 -0.58 8.10 -0.64
N LYS A 52 -0.11 7.08 -1.36
CA LYS A 52 -1.01 6.35 -2.26
C LYS A 52 -0.73 4.87 -1.99
N TYR A 53 -1.83 4.12 -1.79
CA TYR A 53 -1.76 2.71 -1.46
C TYR A 53 -2.85 1.91 -2.20
N GLY A 54 -2.68 0.60 -2.02
CA GLY A 54 -3.62 -0.43 -2.44
C GLY A 54 -4.00 -1.26 -1.18
N PHE A 55 -4.96 -2.20 -1.33
CA PHE A 55 -5.32 -3.09 -0.21
C PHE A 55 -4.65 -4.43 -0.54
N CYS A 56 -4.43 -5.22 0.53
CA CYS A 56 -3.67 -6.50 0.37
C CYS A 56 -4.29 -7.37 -0.76
N PRO A 57 -3.63 -7.46 -1.94
CA PRO A 57 -4.30 -8.12 -3.07
C PRO A 57 -3.98 -9.61 -3.19
N GLU A 58 -3.19 -10.07 -2.21
CA GLU A 58 -2.79 -11.48 -2.15
C GLU A 58 -3.96 -12.29 -1.56
N THR A 59 -4.61 -11.62 -0.60
CA THR A 59 -5.78 -12.18 0.07
C THR A 59 -6.96 -12.26 -0.92
N ALA A 60 -7.51 -13.49 -0.98
CA ALA A 60 -8.65 -13.77 -1.84
C ALA A 60 -9.30 -15.07 -1.34
N THR A 1 1.69 -9.26 -14.98
CA THR A 1 0.66 -9.01 -13.98
C THR A 1 1.26 -7.92 -13.10
N ALA A 2 0.53 -7.54 -12.05
CA ALA A 2 1.00 -6.51 -11.13
C ALA A 2 0.18 -6.71 -9.85
N LEU A 3 0.39 -5.80 -8.89
CA LEU A 3 -0.35 -5.87 -7.64
C LEU A 3 -1.50 -4.87 -7.77
N PHE A 4 -2.57 -5.41 -8.39
CA PHE A 4 -3.81 -4.67 -8.63
C PHE A 4 -4.27 -3.98 -7.33
N THR A 5 -4.99 -2.87 -7.51
CA THR A 5 -5.31 -2.03 -6.37
C THR A 5 -6.58 -2.53 -5.66
N MET A 6 -7.63 -2.59 -6.50
CA MET A 6 -9.01 -2.97 -6.20
C MET A 6 -9.69 -1.98 -5.23
N GLY A 7 -9.07 -1.84 -4.05
CA GLY A 7 -9.48 -0.85 -3.05
C GLY A 7 -8.25 0.01 -2.78
N GLY A 8 -8.48 1.18 -2.16
CA GLY A 8 -7.37 2.08 -1.86
C GLY A 8 -7.56 3.41 -2.61
N ASN A 9 -6.50 4.24 -2.66
CA ASN A 9 -6.61 5.55 -3.30
C ASN A 9 -5.50 5.79 -4.34
N ALA A 10 -4.79 4.71 -4.69
CA ALA A 10 -3.58 4.69 -5.52
C ALA A 10 -3.60 5.41 -6.89
N GLU A 11 -4.66 6.14 -7.24
CA GLU A 11 -4.73 6.81 -8.54
C GLU A 11 -4.49 5.81 -9.72
N GLY A 12 -4.96 4.57 -9.45
CA GLY A 12 -4.90 3.47 -10.43
C GLY A 12 -3.55 2.72 -10.42
N GLN A 13 -2.55 3.27 -9.70
CA GLN A 13 -1.23 2.62 -9.69
C GLN A 13 -1.27 1.34 -8.82
N PRO A 14 -0.76 0.19 -9.35
CA PRO A 14 -0.69 -1.06 -8.58
C PRO A 14 0.33 -0.92 -7.43
N CYS A 15 0.04 -1.62 -6.30
CA CYS A 15 0.95 -1.53 -5.14
C CYS A 15 2.40 -1.81 -5.54
N LYS A 16 3.27 -1.10 -4.80
CA LYS A 16 4.69 -1.16 -5.04
C LYS A 16 5.38 -1.79 -3.83
N PHE A 17 6.17 -2.81 -4.18
CA PHE A 17 7.02 -3.51 -3.24
C PHE A 17 8.41 -3.40 -3.89
N PRO A 18 9.44 -2.92 -3.13
CA PRO A 18 9.34 -2.37 -1.77
C PRO A 18 8.86 -0.90 -1.79
N PHE A 19 7.98 -0.58 -0.82
CA PHE A 19 7.53 0.79 -0.62
C PHE A 19 8.08 1.22 0.75
N ARG A 20 8.50 2.49 0.81
CA ARG A 20 9.06 3.04 2.03
C ARG A 20 7.96 3.85 2.73
N PHE A 21 7.80 3.61 4.03
CA PHE A 21 6.78 4.27 4.84
C PHE A 21 7.40 4.46 6.23
N GLN A 22 7.11 5.60 6.86
CA GLN A 22 7.63 5.95 8.18
C GLN A 22 9.18 5.98 8.24
N GLY A 23 9.82 6.05 7.05
CA GLY A 23 11.28 5.98 7.05
C GLY A 23 11.81 4.52 7.07
N THR A 24 10.87 3.56 7.02
CA THR A 24 11.14 2.12 7.04
C THR A 24 10.75 1.50 5.68
N SER A 25 11.46 0.42 5.31
CA SER A 25 11.24 -0.28 4.05
C SER A 25 10.26 -1.45 4.27
N TYR A 26 9.19 -1.49 3.44
CA TYR A 26 8.19 -2.54 3.49
C TYR A 26 8.12 -3.25 2.13
N ASP A 27 8.11 -4.59 2.21
CA ASP A 27 8.00 -5.45 1.02
C ASP A 27 6.84 -6.44 1.24
N SER A 28 5.84 -5.95 2.00
CA SER A 28 4.71 -6.81 2.31
C SER A 28 3.56 -5.90 2.81
N CYS A 29 2.38 -6.55 2.86
CA CYS A 29 1.15 -5.91 3.33
C CYS A 29 1.27 -5.46 4.81
N THR A 30 0.67 -4.28 5.12
CA THR A 30 0.66 -3.80 6.51
C THR A 30 -0.77 -3.37 6.87
N THR A 31 -0.99 -3.26 8.19
CA THR A 31 -2.25 -2.78 8.75
C THR A 31 -2.01 -1.48 9.53
N GLU A 32 -0.76 -0.98 9.49
CA GLU A 32 -0.42 0.23 10.23
C GLU A 32 -1.34 1.41 9.85
N GLY A 33 -2.03 1.91 10.90
CA GLY A 33 -2.90 3.08 10.71
C GLY A 33 -4.35 2.72 10.39
N ARG A 34 -4.66 1.42 10.27
CA ARG A 34 -6.06 1.06 9.99
C ARG A 34 -6.65 0.29 11.18
N THR A 35 -7.83 0.76 11.57
CA THR A 35 -8.60 0.18 12.67
C THR A 35 -9.88 -0.47 12.12
N ASP A 36 -9.92 -0.61 10.78
CA ASP A 36 -11.08 -1.18 10.09
C ASP A 36 -10.84 -2.65 9.66
N GLY A 37 -9.60 -3.14 9.90
CA GLY A 37 -9.26 -4.53 9.63
C GLY A 37 -8.57 -4.76 8.29
N TYR A 38 -8.59 -3.74 7.43
CA TYR A 38 -8.06 -3.97 6.09
C TYR A 38 -6.54 -3.76 6.06
N ARG A 39 -5.98 -4.49 5.08
CA ARG A 39 -4.52 -4.51 4.91
C ARG A 39 -4.25 -3.64 3.68
N TRP A 40 -3.23 -2.76 3.79
CA TRP A 40 -2.88 -1.86 2.70
C TRP A 40 -1.39 -2.00 2.37
N CYS A 41 -1.07 -1.53 1.15
CA CYS A 41 0.31 -1.48 0.71
C CYS A 41 0.49 -0.14 0.00
N GLY A 42 1.72 0.40 0.13
CA GLY A 42 2.00 1.69 -0.48
C GLY A 42 2.20 1.54 -1.99
N THR A 43 2.18 2.71 -2.64
CA THR A 43 2.51 2.81 -4.06
C THR A 43 3.71 3.75 -4.08
N THR A 44 4.52 3.55 -5.14
CA THR A 44 5.78 4.24 -5.36
C THR A 44 6.83 3.63 -4.41
N GLU A 45 8.07 4.07 -4.66
CA GLU A 45 9.17 3.65 -3.80
C GLU A 45 9.04 4.31 -2.41
N ASP A 46 8.39 5.50 -2.40
CA ASP A 46 8.23 6.25 -1.15
C ASP A 46 6.76 6.70 -0.95
N TYR A 47 6.11 5.98 -0.02
CA TYR A 47 4.74 6.34 0.36
C TYR A 47 4.71 7.70 1.07
N ASP A 48 5.79 7.93 1.86
CA ASP A 48 5.83 9.14 2.67
C ASP A 48 5.76 10.40 1.80
N ARG A 49 6.49 10.36 0.66
CA ARG A 49 6.46 11.49 -0.25
C ARG A 49 5.09 11.66 -0.95
N ASP A 50 4.70 10.61 -1.71
CA ASP A 50 3.53 10.67 -2.60
C ASP A 50 2.13 10.61 -1.93
N LYS A 51 2.02 9.80 -0.87
CA LYS A 51 0.73 9.55 -0.23
C LYS A 51 -0.27 8.90 -1.21
N LYS A 52 0.09 7.64 -1.55
CA LYS A 52 -0.82 6.84 -2.35
C LYS A 52 -0.70 5.40 -1.90
N TYR A 53 -1.86 4.72 -1.81
CA TYR A 53 -1.85 3.34 -1.41
C TYR A 53 -3.00 2.58 -2.06
N GLY A 54 -2.84 1.26 -1.96
CA GLY A 54 -3.83 0.31 -2.47
C GLY A 54 -4.17 -0.67 -1.35
N PHE A 55 -5.17 -1.56 -1.58
CA PHE A 55 -5.47 -2.55 -0.55
C PHE A 55 -4.62 -3.78 -0.95
N CYS A 56 -4.14 -4.48 0.08
CA CYS A 56 -3.19 -5.58 -0.14
C CYS A 56 -4.00 -6.89 0.06
N PRO A 57 -3.60 -7.98 -0.64
CA PRO A 57 -4.40 -9.19 -0.65
C PRO A 57 -4.54 -9.80 0.75
N GLU A 58 -5.78 -10.25 1.02
CA GLU A 58 -6.14 -10.86 2.28
C GLU A 58 -5.46 -12.24 2.43
N THR A 59 -5.32 -12.90 1.25
CA THR A 59 -4.71 -14.21 1.09
C THR A 59 -3.64 -14.54 2.15
N ALA A 60 -4.00 -15.51 2.99
CA ALA A 60 -3.14 -16.00 4.06
C ALA A 60 -3.65 -17.39 4.47
N THR A 1 4.75 -7.16 -13.00
CA THR A 1 3.48 -7.56 -12.44
C THR A 1 3.31 -6.66 -11.23
N ALA A 2 2.09 -6.66 -10.65
CA ALA A 2 1.78 -5.85 -9.48
C ALA A 2 0.53 -6.49 -8.86
N LEU A 3 0.16 -6.00 -7.66
CA LEU A 3 -0.92 -6.64 -6.89
C LEU A 3 -2.27 -5.87 -6.94
N PHE A 4 -2.63 -5.37 -8.16
CA PHE A 4 -3.99 -4.76 -8.40
C PHE A 4 -4.28 -3.51 -7.49
N THR A 5 -5.39 -2.77 -7.81
CA THR A 5 -5.92 -1.74 -6.91
C THR A 5 -7.39 -2.15 -6.68
N MET A 6 -8.04 -1.43 -5.75
CA MET A 6 -9.41 -1.68 -5.35
C MET A 6 -10.00 -0.31 -4.94
N GLY A 7 -10.26 -0.16 -3.61
CA GLY A 7 -10.76 1.10 -3.06
C GLY A 7 -9.67 2.19 -2.90
N GLY A 8 -8.45 1.79 -3.29
CA GLY A 8 -7.23 2.60 -3.27
C GLY A 8 -7.40 3.99 -3.91
N ASN A 9 -6.37 4.83 -3.63
CA ASN A 9 -6.39 6.21 -4.14
C ASN A 9 -5.27 6.42 -5.18
N ALA A 10 -4.54 5.32 -5.46
CA ALA A 10 -3.40 5.35 -6.38
C ALA A 10 -3.74 5.62 -7.87
N GLU A 11 -4.95 6.13 -8.17
CA GLU A 11 -5.34 6.43 -9.55
C GLU A 11 -5.21 5.19 -10.47
N GLY A 12 -5.50 4.02 -9.87
CA GLY A 12 -5.45 2.76 -10.62
C GLY A 12 -4.04 2.16 -10.66
N GLN A 13 -3.04 2.92 -10.14
CA GLN A 13 -1.69 2.38 -10.12
C GLN A 13 -1.63 1.25 -9.07
N PRO A 14 -1.26 0.02 -9.49
CA PRO A 14 -1.32 -1.15 -8.62
C PRO A 14 -0.24 -1.09 -7.53
N CYS A 15 -0.38 -2.01 -6.55
CA CYS A 15 0.60 -2.06 -5.46
C CYS A 15 2.04 -2.08 -6.01
N LYS A 16 2.86 -1.29 -5.29
CA LYS A 16 4.26 -1.09 -5.57
C LYS A 16 4.98 -1.63 -4.33
N PHE A 17 5.77 -2.70 -4.57
CA PHE A 17 6.58 -3.30 -3.54
C PHE A 17 8.02 -3.18 -4.08
N PRO A 18 9.01 -2.79 -3.22
CA PRO A 18 8.85 -2.34 -1.84
C PRO A 18 8.40 -0.87 -1.79
N PHE A 19 7.53 -0.56 -0.83
CA PHE A 19 7.10 0.82 -0.59
C PHE A 19 7.63 1.20 0.79
N ARG A 20 8.12 2.45 0.89
CA ARG A 20 8.65 2.91 2.17
C ARG A 20 7.53 3.63 2.92
N PHE A 21 7.49 3.40 4.24
CA PHE A 21 6.55 4.07 5.13
C PHE A 21 7.20 4.07 6.52
N GLN A 22 6.90 5.12 7.32
CA GLN A 22 7.49 5.31 8.64
C GLN A 22 9.03 5.16 8.58
N GLY A 23 9.64 5.67 7.48
CA GLY A 23 11.10 5.57 7.36
C GLY A 23 11.62 4.17 7.01
N THR A 24 10.71 3.19 7.11
CA THR A 24 10.99 1.77 6.95
C THR A 24 10.55 1.33 5.54
N SER A 25 10.96 0.10 5.19
CA SER A 25 10.70 -0.51 3.90
C SER A 25 9.73 -1.69 4.08
N TYR A 26 8.68 -1.71 3.24
CA TYR A 26 7.66 -2.77 3.29
C TYR A 26 7.55 -3.44 1.92
N ASP A 27 7.46 -4.78 1.97
CA ASP A 27 7.32 -5.60 0.77
C ASP A 27 6.04 -6.44 0.84
N SER A 28 5.07 -5.94 1.64
CA SER A 28 3.85 -6.72 1.81
C SER A 28 2.75 -5.81 2.39
N CYS A 29 1.53 -6.38 2.28
CA CYS A 29 0.30 -5.79 2.79
C CYS A 29 0.38 -5.46 4.32
N THR A 30 0.21 -4.16 4.68
CA THR A 30 0.24 -3.78 6.10
C THR A 30 -1.13 -3.24 6.51
N THR A 31 -1.27 -3.08 7.84
CA THR A 31 -2.49 -2.54 8.45
C THR A 31 -2.17 -1.28 9.28
N GLU A 32 -0.88 -0.89 9.30
CA GLU A 32 -0.52 0.28 10.10
C GLU A 32 -1.24 1.52 9.55
N GLY A 33 -2.02 2.15 10.45
CA GLY A 33 -2.76 3.35 10.08
C GLY A 33 -4.24 3.08 9.77
N ARG A 34 -4.60 1.78 9.67
CA ARG A 34 -6.02 1.47 9.40
C ARG A 34 -6.58 0.65 10.56
N THR A 35 -7.81 1.03 10.95
CA THR A 35 -8.53 0.33 12.01
C THR A 35 -9.92 -0.06 11.48
N ASP A 36 -9.98 -0.22 10.14
CA ASP A 36 -11.22 -0.55 9.45
C ASP A 36 -11.22 -2.01 8.92
N GLY A 37 -10.12 -2.73 9.23
CA GLY A 37 -10.02 -4.14 8.84
C GLY A 37 -9.23 -4.37 7.56
N TYR A 38 -9.06 -3.30 6.77
CA TYR A 38 -8.42 -3.47 5.46
C TYR A 38 -6.91 -3.28 5.57
N ARG A 39 -6.24 -4.00 4.66
CA ARG A 39 -4.77 -3.95 4.59
C ARG A 39 -4.44 -3.11 3.35
N TRP A 40 -3.39 -2.27 3.43
CA TRP A 40 -3.02 -1.43 2.29
C TRP A 40 -1.56 -1.70 1.87
N CYS A 41 -1.28 -1.27 0.63
CA CYS A 41 0.05 -1.35 0.03
C CYS A 41 0.35 0.04 -0.54
N GLY A 42 1.65 0.42 -0.50
CA GLY A 42 2.01 1.71 -1.08
C GLY A 42 2.03 1.57 -2.61
N THR A 43 1.85 2.73 -3.27
CA THR A 43 1.84 2.75 -4.74
C THR A 43 2.80 3.82 -5.25
N THR A 44 3.78 4.08 -4.38
CA THR A 44 4.74 5.13 -4.66
C THR A 44 5.99 4.83 -3.80
N GLU A 45 7.13 5.35 -4.30
CA GLU A 45 8.44 5.15 -3.66
C GLU A 45 8.43 5.43 -2.15
N ASP A 46 8.21 6.73 -1.81
CA ASP A 46 8.17 7.11 -0.39
C ASP A 46 6.73 7.48 -0.06
N TYR A 47 6.08 6.48 0.58
CA TYR A 47 4.66 6.66 0.89
C TYR A 47 4.42 7.88 1.77
N ASP A 48 5.35 8.16 2.69
CA ASP A 48 5.05 9.31 3.55
C ASP A 48 4.99 10.63 2.78
N ARG A 49 5.84 10.74 1.76
CA ARG A 49 5.78 11.93 0.93
C ARG A 49 4.51 11.92 0.04
N ASP A 50 4.34 10.77 -0.64
CA ASP A 50 3.28 10.62 -1.65
C ASP A 50 1.81 10.50 -1.12
N LYS A 51 1.58 9.69 -0.06
CA LYS A 51 0.24 9.41 0.46
C LYS A 51 -0.72 8.85 -0.63
N LYS A 52 -0.12 7.98 -1.46
CA LYS A 52 -0.89 7.28 -2.48
C LYS A 52 -0.67 5.77 -2.24
N TYR A 53 -1.82 5.06 -2.11
CA TYR A 53 -1.86 3.66 -1.80
C TYR A 53 -3.02 2.95 -2.52
N GLY A 54 -2.94 1.62 -2.34
CA GLY A 54 -3.89 0.65 -2.84
C GLY A 54 -4.27 -0.27 -1.66
N PHE A 55 -5.24 -1.18 -1.91
CA PHE A 55 -5.71 -2.08 -0.85
C PHE A 55 -5.05 -3.43 -1.15
N CYS A 56 -5.14 -4.27 -0.12
CA CYS A 56 -4.49 -5.60 -0.17
C CYS A 56 -5.55 -6.59 0.32
N PRO A 57 -5.30 -7.90 0.10
CA PRO A 57 -6.19 -8.94 0.60
C PRO A 57 -5.87 -9.21 2.10
N GLU A 58 -5.76 -10.49 2.46
CA GLU A 58 -5.51 -10.90 3.84
C GLU A 58 -4.02 -11.20 4.07
N THR A 59 -3.61 -12.35 3.52
CA THR A 59 -2.25 -12.85 3.69
C THR A 59 -1.25 -12.24 2.68
N ALA A 60 -1.81 -11.53 1.69
CA ALA A 60 -1.14 -10.83 0.59
C ALA A 60 -1.50 -11.51 -0.74
N THR A 1 3.26 -8.27 -13.86
CA THR A 1 3.47 -7.04 -13.11
C THR A 1 3.45 -7.53 -11.67
N ALA A 2 3.19 -6.63 -10.71
CA ALA A 2 3.07 -7.03 -9.32
C ALA A 2 1.61 -7.47 -9.10
N LEU A 3 1.02 -7.00 -7.99
CA LEU A 3 -0.35 -7.37 -7.64
C LEU A 3 -1.31 -6.18 -7.87
N PHE A 4 -2.45 -6.53 -8.52
CA PHE A 4 -3.53 -5.62 -8.88
C PHE A 4 -4.15 -4.95 -7.63
N THR A 5 -4.82 -3.80 -7.83
CA THR A 5 -5.42 -3.05 -6.73
C THR A 5 -6.92 -3.38 -6.64
N MET A 6 -7.60 -2.64 -5.75
CA MET A 6 -9.05 -2.75 -5.57
C MET A 6 -9.53 -1.52 -4.79
N GLY A 7 -10.14 -1.74 -3.60
CA GLY A 7 -10.72 -0.67 -2.78
C GLY A 7 -9.78 0.50 -2.37
N GLY A 8 -8.46 0.23 -2.44
CA GLY A 8 -7.44 1.24 -2.14
C GLY A 8 -7.50 2.46 -3.08
N ASN A 9 -6.47 3.35 -3.01
CA ASN A 9 -6.55 4.61 -3.78
C ASN A 9 -5.44 4.74 -4.85
N ALA A 10 -4.70 3.65 -5.07
CA ALA A 10 -3.54 3.62 -5.97
C ALA A 10 -3.81 3.82 -7.48
N GLU A 11 -4.99 4.34 -7.85
CA GLU A 11 -5.34 4.57 -9.26
C GLU A 11 -4.96 3.42 -10.24
N GLY A 12 -5.10 2.17 -9.74
CA GLY A 12 -4.85 0.99 -10.58
C GLY A 12 -3.36 0.54 -10.55
N GLN A 13 -2.48 1.40 -10.01
CA GLN A 13 -1.07 1.06 -9.92
C GLN A 13 -0.89 -0.11 -8.91
N PRO A 14 -0.28 -1.23 -9.38
CA PRO A 14 -0.18 -2.45 -8.57
C PRO A 14 0.77 -2.24 -7.37
N CYS A 15 0.53 -3.06 -6.31
CA CYS A 15 1.36 -3.02 -5.10
C CYS A 15 2.85 -2.98 -5.45
N LYS A 16 3.55 -2.14 -4.66
CA LYS A 16 4.96 -1.91 -4.87
C LYS A 16 5.75 -2.37 -3.65
N PHE A 17 6.76 -3.18 -3.97
CA PHE A 17 7.70 -3.70 -3.00
C PHE A 17 9.08 -3.39 -3.60
N PRO A 18 10.04 -2.89 -2.78
CA PRO A 18 9.85 -2.43 -1.40
C PRO A 18 9.26 -0.99 -1.38
N PHE A 19 8.24 -0.80 -0.51
CA PHE A 19 7.70 0.55 -0.32
C PHE A 19 8.14 0.98 1.09
N ARG A 20 8.58 2.26 1.18
CA ARG A 20 9.01 2.78 2.47
C ARG A 20 7.80 3.46 3.13
N PHE A 21 7.63 3.16 4.42
CA PHE A 21 6.59 3.77 5.23
C PHE A 21 7.24 3.90 6.61
N GLN A 22 6.98 5.00 7.30
CA GLN A 22 7.60 5.28 8.59
C GLN A 22 9.15 5.28 8.48
N GLY A 23 9.67 5.47 7.24
CA GLY A 23 11.12 5.41 7.01
C GLY A 23 11.70 3.97 6.95
N THR A 24 10.79 2.97 7.00
CA THR A 24 11.14 1.56 6.99
C THR A 24 10.60 0.92 5.70
N SER A 25 11.40 0.00 5.13
CA SER A 25 11.00 -0.71 3.92
C SER A 25 10.07 -1.89 4.27
N TYR A 26 9.01 -2.00 3.45
CA TYR A 26 8.00 -3.04 3.54
C TYR A 26 7.91 -3.71 2.16
N ASP A 27 7.92 -5.06 2.19
CA ASP A 27 7.86 -5.86 0.96
C ASP A 27 6.66 -6.81 0.99
N SER A 28 5.61 -6.35 1.68
CA SER A 28 4.40 -7.16 1.81
C SER A 28 3.31 -6.23 2.37
N CYS A 29 2.06 -6.73 2.37
CA CYS A 29 0.97 -5.92 2.93
C CYS A 29 1.26 -5.61 4.43
N THR A 30 0.97 -4.36 4.83
CA THR A 30 1.20 -3.90 6.20
C THR A 30 -0.15 -3.33 6.71
N THR A 31 -0.34 -3.36 8.04
CA THR A 31 -1.58 -2.80 8.63
C THR A 31 -1.31 -1.46 9.34
N GLU A 32 -0.03 -1.23 9.59
CA GLU A 32 0.46 -0.12 10.39
C GLU A 32 -0.14 1.21 9.88
N GLY A 33 -0.65 1.96 10.88
CA GLY A 33 -1.31 3.24 10.64
C GLY A 33 -2.84 3.12 10.61
N ARG A 34 -3.32 1.89 10.31
CA ARG A 34 -4.78 1.69 10.19
C ARG A 34 -5.24 0.52 11.07
N THR A 35 -6.17 0.88 11.97
CA THR A 35 -6.78 -0.08 12.88
C THR A 35 -8.26 -0.29 12.48
N ASP A 36 -8.48 -0.18 11.15
CA ASP A 36 -9.83 -0.30 10.58
C ASP A 36 -10.11 -1.71 10.02
N GLY A 37 -9.04 -2.41 9.58
CA GLY A 37 -9.18 -3.78 9.12
C GLY A 37 -8.69 -4.09 7.70
N TYR A 38 -8.22 -3.11 6.88
CA TYR A 38 -7.84 -3.54 5.51
C TYR A 38 -6.35 -3.31 5.31
N ARG A 39 -5.61 -4.42 5.46
CA ARG A 39 -4.11 -4.36 5.28
C ARG A 39 -3.84 -3.79 3.87
N TRP A 40 -2.81 -2.92 3.78
CA TRP A 40 -2.54 -2.17 2.57
C TRP A 40 -1.06 -2.29 2.14
N CYS A 41 -0.82 -1.92 0.87
CA CYS A 41 0.54 -1.87 0.31
C CYS A 41 0.75 -0.48 -0.29
N GLY A 42 2.02 -0.02 -0.23
CA GLY A 42 2.38 1.25 -0.88
C GLY A 42 2.54 0.96 -2.37
N THR A 43 2.42 2.00 -3.21
CA THR A 43 2.56 1.79 -4.66
C THR A 43 3.70 2.59 -5.29
N THR A 44 4.64 2.96 -4.42
CA THR A 44 5.83 3.67 -4.85
C THR A 44 6.95 3.20 -3.91
N GLU A 45 8.19 3.66 -4.19
CA GLU A 45 9.27 3.33 -3.29
C GLU A 45 9.12 4.10 -1.96
N ASP A 46 8.33 5.21 -2.01
CA ASP A 46 8.15 6.07 -0.84
C ASP A 46 6.68 6.40 -0.60
N TYR A 47 6.12 5.70 0.40
CA TYR A 47 4.72 5.98 0.75
C TYR A 47 4.62 7.28 1.54
N ASP A 48 5.63 7.49 2.40
CA ASP A 48 5.58 8.63 3.30
C ASP A 48 5.46 9.97 2.54
N ARG A 49 6.21 10.03 1.44
CA ARG A 49 6.24 11.23 0.61
C ARG A 49 4.93 11.33 -0.23
N ASP A 50 4.64 10.26 -0.99
CA ASP A 50 3.54 10.22 -1.97
C ASP A 50 2.08 10.08 -1.42
N LYS A 51 1.90 9.16 -0.45
CA LYS A 51 0.60 8.83 0.15
C LYS A 51 -0.40 8.12 -0.79
N LYS A 52 0.12 7.23 -1.66
CA LYS A 52 -0.80 6.43 -2.47
C LYS A 52 -0.58 4.96 -2.09
N TYR A 53 -1.73 4.25 -1.97
CA TYR A 53 -1.71 2.86 -1.55
C TYR A 53 -2.87 2.08 -2.18
N GLY A 54 -2.73 0.77 -2.00
CA GLY A 54 -3.73 -0.21 -2.41
C GLY A 54 -4.11 -1.05 -1.19
N PHE A 55 -5.15 -1.91 -1.33
CA PHE A 55 -5.49 -2.81 -0.22
C PHE A 55 -4.83 -4.15 -0.57
N CYS A 56 -4.66 -4.96 0.48
CA CYS A 56 -3.89 -6.22 0.35
C CYS A 56 -4.48 -7.11 -0.77
N PRO A 57 -3.72 -7.35 -1.88
CA PRO A 57 -4.22 -8.23 -2.93
C PRO A 57 -3.73 -9.68 -2.78
N GLU A 58 -3.01 -9.90 -1.67
CA GLU A 58 -2.48 -11.22 -1.35
C GLU A 58 -3.64 -12.09 -0.82
N THR A 59 -3.45 -13.41 -0.99
CA THR A 59 -4.47 -14.33 -0.51
C THR A 59 -4.36 -14.47 1.01
N ALA A 60 -5.48 -15.02 1.52
CA ALA A 60 -5.61 -15.42 2.90
C ALA A 60 -5.75 -16.96 2.90
N THR A 1 3.66 -3.48 -7.94
CA THR A 1 3.12 -3.01 -9.20
C THR A 1 2.63 -4.19 -10.08
N ALA A 2 1.86 -5.08 -9.43
CA ALA A 2 1.38 -6.27 -10.15
C ALA A 2 0.06 -6.82 -9.59
N LEU A 3 -0.52 -6.07 -8.63
CA LEU A 3 -1.77 -6.44 -8.00
C LEU A 3 -2.78 -5.35 -8.37
N PHE A 4 -3.93 -5.76 -8.90
CA PHE A 4 -4.98 -4.80 -9.21
C PHE A 4 -5.64 -4.38 -7.88
N THR A 5 -6.03 -3.10 -7.81
CA THR A 5 -6.52 -2.53 -6.56
C THR A 5 -7.96 -2.00 -6.70
N MET A 6 -8.51 -1.73 -5.51
CA MET A 6 -9.83 -1.14 -5.33
C MET A 6 -9.75 -0.30 -4.04
N GLY A 7 -10.81 0.50 -3.83
CA GLY A 7 -10.96 1.34 -2.63
C GLY A 7 -10.09 2.63 -2.64
N GLY A 8 -8.79 2.39 -2.82
CA GLY A 8 -7.68 3.35 -2.86
C GLY A 8 -7.93 4.65 -3.64
N ASN A 9 -6.92 5.55 -3.51
CA ASN A 9 -7.07 6.89 -4.10
C ASN A 9 -6.19 7.13 -5.33
N ALA A 10 -5.27 6.19 -5.59
CA ALA A 10 -4.32 6.36 -6.68
C ALA A 10 -4.88 5.95 -8.06
N GLU A 11 -6.06 6.50 -8.39
CA GLU A 11 -6.87 6.26 -9.60
C GLU A 11 -6.54 5.03 -10.52
N GLY A 12 -5.36 4.97 -11.18
CA GLY A 12 -5.06 3.83 -12.10
C GLY A 12 -4.20 2.75 -11.40
N GLN A 13 -4.19 2.79 -10.04
CA GLN A 13 -3.31 1.95 -9.22
C GLN A 13 -3.22 0.45 -9.60
N PRO A 14 -1.94 -0.01 -9.54
CA PRO A 14 -1.56 -1.34 -9.08
C PRO A 14 -0.84 -1.23 -7.71
N CYS A 15 -1.19 -2.11 -6.74
CA CYS A 15 -0.42 -2.03 -5.48
C CYS A 15 1.08 -2.26 -5.77
N LYS A 16 1.87 -1.45 -5.03
CA LYS A 16 3.30 -1.35 -5.17
C LYS A 16 3.90 -1.74 -3.81
N PHE A 17 4.86 -2.68 -3.93
CA PHE A 17 5.66 -3.15 -2.82
C PHE A 17 7.09 -3.11 -3.40
N PRO A 18 8.10 -2.72 -2.60
CA PRO A 18 7.97 -2.16 -1.25
C PRO A 18 7.66 -0.64 -1.30
N PHE A 19 6.86 -0.21 -0.31
CA PHE A 19 6.56 1.21 -0.13
C PHE A 19 7.16 1.65 1.20
N ARG A 20 7.51 2.95 1.24
CA ARG A 20 8.17 3.52 2.41
C ARG A 20 7.21 4.50 3.11
N PHE A 21 6.96 4.22 4.41
CA PHE A 21 6.06 5.01 5.25
C PHE A 21 6.67 5.04 6.65
N GLN A 22 6.52 6.18 7.35
CA GLN A 22 7.09 6.37 8.67
C GLN A 22 8.63 6.05 8.64
N GLY A 23 9.29 6.38 7.50
CA GLY A 23 10.73 6.10 7.42
C GLY A 23 11.09 4.60 7.46
N THR A 24 10.04 3.76 7.34
CA THR A 24 10.11 2.32 7.41
C THR A 24 9.62 1.72 6.08
N SER A 25 10.21 0.56 5.72
CA SER A 25 9.84 -0.15 4.49
C SER A 25 8.76 -1.19 4.79
N TYR A 26 7.83 -1.31 3.83
CA TYR A 26 6.72 -2.26 3.90
C TYR A 26 6.69 -3.03 2.58
N ASP A 27 6.69 -4.36 2.72
CA ASP A 27 6.72 -5.28 1.58
C ASP A 27 5.42 -6.10 1.49
N SER A 28 4.38 -5.55 2.13
CA SER A 28 3.08 -6.21 2.15
C SER A 28 2.08 -5.16 2.66
N CYS A 29 0.78 -5.52 2.56
CA CYS A 29 -0.25 -4.58 3.03
C CYS A 29 -0.05 -4.28 4.54
N THR A 30 -0.10 -3.00 4.94
CA THR A 30 0.12 -2.62 6.34
C THR A 30 -1.19 -2.13 6.99
N THR A 31 -1.30 -2.41 8.31
CA THR A 31 -2.43 -1.92 9.09
C THR A 31 -2.11 -0.50 9.63
N GLU A 32 -0.80 -0.29 9.78
CA GLU A 32 -0.26 0.90 10.38
C GLU A 32 -0.75 2.15 9.61
N GLY A 33 -1.67 2.87 10.28
CA GLY A 33 -2.26 4.08 9.71
C GLY A 33 -3.79 4.02 9.68
N ARG A 34 -4.34 2.80 9.76
CA ARG A 34 -5.81 2.66 9.73
C ARG A 34 -6.26 1.88 10.98
N THR A 35 -7.45 2.31 11.46
CA THR A 35 -8.06 1.68 12.64
C THR A 35 -9.46 1.14 12.27
N ASP A 36 -9.63 0.86 10.96
CA ASP A 36 -10.92 0.38 10.44
C ASP A 36 -10.87 -1.09 10.03
N GLY A 37 -9.70 -1.72 10.27
CA GLY A 37 -9.56 -3.15 10.00
C GLY A 37 -8.90 -3.46 8.65
N TYR A 38 -8.80 -2.44 7.79
CA TYR A 38 -8.29 -2.70 6.44
C TYR A 38 -6.79 -2.41 6.34
N ARG A 39 -6.14 -3.33 5.62
CA ARG A 39 -4.69 -3.20 5.39
C ARG A 39 -4.53 -2.47 4.05
N TRP A 40 -3.61 -1.47 4.02
CA TRP A 40 -3.40 -0.66 2.83
C TRP A 40 -1.98 -0.88 2.26
N CYS A 41 -1.83 -0.51 0.96
CA CYS A 41 -0.55 -0.52 0.27
C CYS A 41 -0.27 0.92 -0.20
N GLY A 42 1.02 1.29 -0.17
CA GLY A 42 1.43 2.61 -0.67
C GLY A 42 1.63 2.44 -2.17
N THR A 43 1.17 3.42 -2.97
CA THR A 43 1.28 3.25 -4.43
C THR A 43 2.14 4.36 -5.04
N THR A 44 3.23 4.63 -4.32
CA THR A 44 4.29 5.53 -4.74
C THR A 44 5.44 5.29 -3.74
N GLU A 45 6.67 5.29 -4.29
CA GLU A 45 7.90 4.97 -3.56
C GLU A 45 8.09 5.66 -2.20
N ASP A 46 7.60 6.91 -2.04
CA ASP A 46 7.78 7.62 -0.77
C ASP A 46 6.39 8.05 -0.29
N TYR A 47 5.76 7.15 0.48
CA TYR A 47 4.37 7.42 0.88
C TYR A 47 4.26 8.68 1.73
N ASP A 48 5.28 8.87 2.59
CA ASP A 48 5.21 10.01 3.49
C ASP A 48 5.05 11.34 2.72
N ARG A 49 5.80 11.41 1.61
CA ARG A 49 5.71 12.56 0.72
C ARG A 49 4.38 12.52 -0.08
N ASP A 50 4.21 11.40 -0.79
CA ASP A 50 3.14 11.11 -1.75
C ASP A 50 1.67 11.08 -1.25
N LYS A 51 1.36 10.24 -0.26
CA LYS A 51 -0.02 10.02 0.20
C LYS A 51 -0.93 9.39 -0.88
N LYS A 52 -0.39 8.34 -1.51
CA LYS A 52 -1.20 7.57 -2.46
C LYS A 52 -1.26 6.17 -1.89
N TYR A 53 -2.52 5.66 -1.81
CA TYR A 53 -2.69 4.34 -1.29
C TYR A 53 -3.84 3.60 -2.00
N GLY A 54 -3.83 2.33 -1.61
CA GLY A 54 -4.66 1.25 -2.10
C GLY A 54 -4.99 0.32 -0.92
N PHE A 55 -5.88 -0.67 -1.15
CA PHE A 55 -6.31 -1.61 -0.10
C PHE A 55 -5.70 -2.96 -0.49
N CYS A 56 -5.53 -3.81 0.54
CA CYS A 56 -4.84 -5.12 0.30
C CYS A 56 -5.47 -5.88 -0.89
N PRO A 57 -4.73 -6.05 -2.02
CA PRO A 57 -5.30 -6.79 -3.15
C PRO A 57 -4.87 -8.27 -3.18
N GLU A 58 -4.36 -8.70 -2.01
CA GLU A 58 -3.85 -10.05 -1.81
C GLU A 58 -4.26 -10.41 -0.37
N THR A 59 -4.05 -11.69 -0.01
CA THR A 59 -4.37 -12.14 1.33
C THR A 59 -3.55 -13.41 1.61
N ALA A 60 -2.24 -13.20 1.46
CA ALA A 60 -1.23 -14.22 1.66
C ALA A 60 0.10 -13.52 1.93
N THR A 1 0.61 -11.40 -6.73
CA THR A 1 1.11 -10.20 -7.35
C THR A 1 0.01 -9.45 -8.12
N ALA A 2 -1.13 -9.24 -7.42
CA ALA A 2 -2.24 -8.56 -8.10
C ALA A 2 -3.17 -7.85 -7.10
N LEU A 3 -2.75 -6.62 -6.73
CA LEU A 3 -3.53 -5.74 -5.88
C LEU A 3 -3.59 -4.41 -6.66
N PHE A 4 -4.80 -4.15 -7.21
CA PHE A 4 -5.00 -2.99 -8.08
C PHE A 4 -5.22 -1.72 -7.19
N THR A 5 -6.47 -1.26 -7.03
CA THR A 5 -6.78 -0.14 -6.13
C THR A 5 -7.91 -0.56 -5.21
N MET A 6 -8.93 -1.10 -5.91
CA MET A 6 -10.14 -1.65 -5.29
C MET A 6 -10.71 -0.66 -4.24
N GLY A 7 -10.78 0.59 -4.74
CA GLY A 7 -11.22 1.73 -3.96
C GLY A 7 -9.99 2.58 -3.65
N GLY A 8 -10.19 3.50 -2.69
CA GLY A 8 -9.08 4.38 -2.29
C GLY A 8 -9.12 5.65 -3.16
N ASN A 9 -7.96 6.34 -3.30
CA ASN A 9 -7.89 7.58 -4.08
C ASN A 9 -6.79 7.44 -5.18
N ALA A 10 -5.78 8.32 -5.14
CA ALA A 10 -4.62 8.25 -6.06
C ALA A 10 -5.00 8.23 -7.55
N GLU A 11 -6.18 8.78 -7.86
CA GLU A 11 -6.66 8.85 -9.24
C GLU A 11 -6.73 7.44 -9.91
N GLY A 12 -6.93 6.42 -9.04
CA GLY A 12 -7.05 5.05 -9.58
C GLY A 12 -5.67 4.41 -9.86
N GLN A 13 -4.57 5.09 -9.46
CA GLN A 13 -3.25 4.48 -9.67
C GLN A 13 -3.13 3.24 -8.74
N PRO A 14 -2.60 2.10 -9.28
CA PRO A 14 -2.53 0.84 -8.53
C PRO A 14 -1.52 0.90 -7.38
N CYS A 15 -1.65 -0.08 -6.45
CA CYS A 15 -0.75 -0.16 -5.30
C CYS A 15 0.73 -0.05 -5.73
N LYS A 16 1.46 0.73 -4.91
CA LYS A 16 2.86 1.00 -5.15
C LYS A 16 3.66 0.47 -3.95
N PHE A 17 4.50 -0.53 -4.28
CA PHE A 17 5.39 -1.15 -3.33
C PHE A 17 6.82 -0.88 -3.86
N PRO A 18 7.79 -0.59 -2.94
CA PRO A 18 7.58 -0.30 -1.52
C PRO A 18 7.09 1.15 -1.34
N PHE A 19 6.17 1.34 -0.38
CA PHE A 19 5.66 2.66 -0.04
C PHE A 19 6.20 2.99 1.37
N ARG A 20 6.79 4.18 1.48
CA ARG A 20 7.42 4.62 2.72
C ARG A 20 6.43 5.52 3.46
N PHE A 21 6.12 5.12 4.71
CA PHE A 21 5.14 5.81 5.55
C PHE A 21 5.71 5.79 6.99
N GLN A 22 5.48 6.89 7.72
CA GLN A 22 5.97 7.07 9.08
C GLN A 22 7.51 6.87 9.20
N GLY A 23 8.22 7.01 8.06
CA GLY A 23 9.67 6.81 8.10
C GLY A 23 10.09 5.33 7.98
N THR A 24 9.09 4.45 7.76
CA THR A 24 9.30 3.02 7.61
C THR A 24 8.85 2.58 6.19
N SER A 25 9.56 1.58 5.66
CA SER A 25 9.28 1.03 4.35
C SER A 25 8.28 -0.12 4.47
N TYR A 26 7.18 -0.02 3.70
CA TYR A 26 6.15 -1.05 3.67
C TYR A 26 6.11 -1.62 2.25
N ASP A 27 6.01 -2.97 2.18
CA ASP A 27 5.96 -3.67 0.90
C ASP A 27 4.74 -4.60 0.85
N SER A 28 3.68 -4.20 1.60
CA SER A 28 2.49 -5.05 1.64
C SER A 28 1.33 -4.24 2.26
N CYS A 29 0.13 -4.82 2.10
CA CYS A 29 -1.12 -4.26 2.62
C CYS A 29 -1.03 -3.94 4.13
N THR A 30 -1.13 -2.64 4.52
CA THR A 30 -0.96 -2.29 5.94
C THR A 30 -2.22 -1.64 6.53
N THR A 31 -2.37 -1.82 7.86
CA THR A 31 -3.50 -1.26 8.61
C THR A 31 -3.14 0.14 9.16
N GLU A 32 -1.87 0.24 9.62
CA GLU A 32 -1.38 1.48 10.23
C GLU A 32 -1.73 2.70 9.35
N GLY A 33 -2.54 3.59 9.95
CA GLY A 33 -2.97 4.79 9.25
C GLY A 33 -4.50 4.91 9.23
N ARG A 34 -5.17 3.74 9.40
CA ARG A 34 -6.64 3.76 9.42
C ARG A 34 -7.10 3.12 10.73
N THR A 35 -8.36 3.44 11.08
CA THR A 35 -8.97 2.92 12.31
C THR A 35 -10.34 2.26 11.99
N ASP A 36 -10.52 1.94 10.70
CA ASP A 36 -11.77 1.36 10.21
C ASP A 36 -11.63 -0.13 9.83
N GLY A 37 -10.40 -0.66 9.99
CA GLY A 37 -10.18 -2.09 9.75
C GLY A 37 -9.64 -2.41 8.36
N TYR A 38 -9.69 -1.42 7.45
CA TYR A 38 -9.31 -1.71 6.07
C TYR A 38 -7.81 -1.50 5.88
N ARG A 39 -7.27 -2.44 5.09
CA ARG A 39 -5.82 -2.40 4.83
C ARG A 39 -5.64 -1.55 3.56
N TRP A 40 -4.60 -0.70 3.56
CA TRP A 40 -4.34 0.19 2.43
C TRP A 40 -2.91 -0.03 1.94
N CYS A 41 -2.68 0.45 0.70
CA CYS A 41 -1.38 0.44 0.09
C CYS A 41 -1.10 1.87 -0.39
N GLY A 42 0.17 2.28 -0.26
CA GLY A 42 0.53 3.62 -0.72
C GLY A 42 0.65 3.63 -2.24
N THR A 43 0.48 4.85 -2.78
CA THR A 43 0.69 5.10 -4.20
C THR A 43 1.70 6.24 -4.26
N THR A 44 2.92 5.84 -4.67
CA THR A 44 4.13 6.64 -4.76
C THR A 44 5.01 6.27 -3.55
N GLU A 45 6.32 6.16 -3.82
CA GLU A 45 7.28 5.67 -2.83
C GLU A 45 7.35 6.46 -1.51
N ASP A 46 6.95 7.76 -1.53
CA ASP A 46 7.01 8.57 -0.31
C ASP A 46 5.58 9.01 0.05
N TYR A 47 4.94 8.11 0.83
CA TYR A 47 3.53 8.36 1.19
C TYR A 47 3.39 9.58 2.09
N ASP A 48 4.39 9.74 2.98
CA ASP A 48 4.29 10.86 3.91
C ASP A 48 4.21 12.21 3.17
N ARG A 49 4.94 12.27 2.05
CA ARG A 49 4.93 13.45 1.19
C ARG A 49 3.64 13.54 0.35
N ASP A 50 3.40 12.48 -0.45
CA ASP A 50 2.29 12.41 -1.42
C ASP A 50 0.84 12.29 -0.86
N LYS A 51 0.69 11.40 0.14
CA LYS A 51 -0.60 11.07 0.75
C LYS A 51 -1.67 10.64 -0.25
N LYS A 52 -1.35 9.59 -1.02
CA LYS A 52 -2.37 9.02 -1.90
C LYS A 52 -2.26 7.51 -1.71
N TYR A 53 -3.42 6.84 -1.63
CA TYR A 53 -3.44 5.42 -1.41
C TYR A 53 -4.55 4.75 -2.23
N GLY A 54 -4.49 3.42 -2.10
CA GLY A 54 -5.47 2.47 -2.63
C GLY A 54 -5.81 1.51 -1.49
N PHE A 55 -6.84 0.65 -1.69
CA PHE A 55 -7.14 -0.35 -0.66
C PHE A 55 -6.43 -1.63 -1.10
N CYS A 56 -6.00 -2.36 -0.07
CA CYS A 56 -5.15 -3.55 -0.31
C CYS A 56 -5.88 -4.71 0.38
N PRO A 57 -5.78 -5.94 -0.17
CA PRO A 57 -6.45 -7.09 0.45
C PRO A 57 -5.50 -7.66 1.53
N GLU A 58 -5.37 -9.00 1.49
CA GLU A 58 -4.47 -9.74 2.37
C GLU A 58 -4.18 -11.07 1.63
N THR A 59 -3.90 -10.82 0.34
CA THR A 59 -3.63 -11.87 -0.63
C THR A 59 -2.12 -11.86 -0.92
N ALA A 60 -1.76 -11.68 -2.21
CA ALA A 60 -0.37 -11.62 -2.60
C ALA A 60 -0.30 -10.96 -3.99
N THR A 1 0.70 -12.78 -9.34
CA THR A 1 0.76 -11.78 -8.29
C THR A 1 -0.58 -11.02 -8.19
N ALA A 2 -0.84 -10.19 -9.24
CA ALA A 2 -2.08 -9.42 -9.33
C ALA A 2 -2.23 -8.40 -8.18
N LEU A 3 -1.26 -7.48 -8.17
CA LEU A 3 -1.21 -6.42 -7.16
C LEU A 3 -1.47 -5.07 -7.87
N PHE A 4 -2.76 -4.87 -8.18
CA PHE A 4 -3.21 -3.63 -8.82
C PHE A 4 -3.58 -2.66 -7.65
N THR A 5 -4.72 -1.93 -7.69
CA THR A 5 -5.06 -1.03 -6.59
C THR A 5 -6.22 -1.61 -5.75
N MET A 6 -7.09 -2.29 -6.51
CA MET A 6 -8.25 -3.02 -6.02
C MET A 6 -9.33 -2.07 -5.44
N GLY A 7 -9.02 -1.54 -4.24
CA GLY A 7 -9.94 -0.63 -3.54
C GLY A 7 -9.22 0.56 -2.89
N GLY A 8 -7.88 0.53 -2.97
CA GLY A 8 -7.08 1.63 -2.43
C GLY A 8 -7.05 2.79 -3.46
N ASN A 9 -5.99 3.64 -3.44
CA ASN A 9 -5.90 4.74 -4.40
C ASN A 9 -4.78 4.39 -5.42
N ALA A 10 -3.77 5.27 -5.52
CA ALA A 10 -2.61 5.10 -6.42
C ALA A 10 -2.95 5.40 -7.88
N GLU A 11 -4.20 5.87 -8.08
CA GLU A 11 -4.67 6.31 -9.38
C GLU A 11 -4.38 5.28 -10.51
N GLY A 12 -4.52 3.99 -10.11
CA GLY A 12 -4.38 2.87 -11.04
C GLY A 12 -2.99 2.20 -11.00
N GLN A 13 -2.02 2.81 -10.29
CA GLN A 13 -0.69 2.21 -10.26
C GLN A 13 -0.69 0.88 -9.45
N PRO A 14 0.07 -0.14 -9.95
CA PRO A 14 0.23 -1.41 -9.24
C PRO A 14 1.18 -1.23 -8.04
N CYS A 15 1.04 -2.13 -7.05
CA CYS A 15 1.84 -2.05 -5.82
C CYS A 15 3.34 -1.81 -6.08
N LYS A 16 3.92 -1.05 -5.14
CA LYS A 16 5.32 -0.72 -5.16
C LYS A 16 6.01 -1.48 -4.03
N PHE A 17 6.98 -2.29 -4.48
CA PHE A 17 7.81 -3.07 -3.59
C PHE A 17 9.26 -2.77 -4.02
N PRO A 18 10.17 -2.49 -3.05
CA PRO A 18 9.86 -2.09 -1.69
C PRO A 18 9.23 -0.68 -1.73
N PHE A 19 8.41 -0.40 -0.71
CA PHE A 19 7.89 0.95 -0.51
C PHE A 19 8.39 1.37 0.88
N ARG A 20 8.64 2.68 1.05
CA ARG A 20 9.16 3.20 2.31
C ARG A 20 8.04 3.91 3.08
N PHE A 21 7.81 3.46 4.33
CA PHE A 21 6.76 4.00 5.19
C PHE A 21 7.21 3.98 6.67
N GLN A 22 6.92 5.09 7.37
CA GLN A 22 7.33 5.27 8.77
C GLN A 22 8.88 5.19 8.94
N GLY A 23 9.60 5.37 7.82
CA GLY A 23 11.06 5.30 7.88
C GLY A 23 11.65 3.90 7.63
N THR A 24 10.78 2.92 7.33
CA THR A 24 11.24 1.55 7.06
C THR A 24 10.83 1.14 5.64
N SER A 25 11.47 0.08 5.11
CA SER A 25 11.16 -0.45 3.79
C SER A 25 10.34 -1.74 3.97
N TYR A 26 9.28 -1.85 3.13
CA TYR A 26 8.33 -2.95 3.17
C TYR A 26 8.29 -3.55 1.76
N ASP A 27 8.42 -4.89 1.71
CA ASP A 27 8.38 -5.61 0.44
C ASP A 27 7.20 -6.61 0.47
N SER A 28 6.13 -6.19 1.21
CA SER A 28 4.98 -7.07 1.34
C SER A 28 3.82 -6.24 1.92
N CYS A 29 2.63 -6.87 1.82
CA CYS A 29 1.35 -6.35 2.31
C CYS A 29 1.41 -5.92 3.82
N THR A 30 1.17 -4.62 4.12
CA THR A 30 1.21 -4.12 5.50
C THR A 30 -0.21 -3.74 5.99
N THR A 31 -0.38 -3.77 7.33
CA THR A 31 -1.62 -3.30 7.99
C THR A 31 -1.28 -2.16 8.94
N GLU A 32 -0.01 -1.75 8.86
CA GLU A 32 0.52 -0.84 9.86
C GLU A 32 -0.14 0.56 9.69
N GLY A 33 -1.13 0.78 10.57
CA GLY A 33 -1.92 2.02 10.58
C GLY A 33 -3.43 1.75 10.42
N ARG A 34 -3.74 0.57 9.85
CA ARG A 34 -5.15 0.18 9.61
C ARG A 34 -5.41 -1.18 10.24
N THR A 35 -6.27 -1.14 11.27
CA THR A 35 -6.68 -2.34 11.98
C THR A 35 -8.14 -2.66 11.59
N ASP A 36 -8.45 -2.36 10.31
CA ASP A 36 -9.80 -2.56 9.77
C ASP A 36 -9.91 -3.90 9.00
N GLY A 37 -8.79 -4.34 8.38
CA GLY A 37 -8.79 -5.64 7.72
C GLY A 37 -8.20 -5.72 6.30
N TYR A 38 -7.82 -4.61 5.61
CA TYR A 38 -7.34 -4.82 4.23
C TYR A 38 -5.87 -4.45 4.19
N ARG A 39 -5.02 -5.50 4.07
CA ARG A 39 -3.56 -5.20 4.04
C ARG A 39 -3.31 -4.38 2.74
N TRP A 40 -2.50 -3.31 2.84
CA TRP A 40 -2.23 -2.41 1.73
C TRP A 40 -0.74 -2.40 1.40
N CYS A 41 -0.43 -1.85 0.22
CA CYS A 41 0.93 -1.66 -0.24
C CYS A 41 1.07 -0.19 -0.65
N GLY A 42 2.29 0.35 -0.47
CA GLY A 42 2.56 1.70 -0.94
C GLY A 42 2.65 1.63 -2.48
N THR A 43 2.52 2.79 -3.14
CA THR A 43 2.64 2.81 -4.60
C THR A 43 3.68 3.82 -5.09
N THR A 44 4.52 4.24 -4.12
CA THR A 44 5.61 5.15 -4.44
C THR A 44 6.77 4.68 -3.56
N GLU A 45 7.97 5.12 -3.96
CA GLU A 45 9.16 4.72 -3.21
C GLU A 45 9.08 5.31 -1.79
N ASP A 46 8.56 6.56 -1.76
CA ASP A 46 8.37 7.32 -0.51
C ASP A 46 6.86 7.45 -0.27
N TYR A 47 6.35 6.50 0.55
CA TYR A 47 4.92 6.50 0.81
C TYR A 47 4.51 7.66 1.71
N ASP A 48 5.37 7.93 2.72
CA ASP A 48 5.00 8.96 3.69
C ASP A 48 4.66 10.30 3.00
N ARG A 49 5.50 10.60 1.99
CA ARG A 49 5.31 11.79 1.18
C ARG A 49 3.99 11.75 0.40
N ASP A 50 3.88 10.80 -0.56
CA ASP A 50 2.68 10.78 -1.42
C ASP A 50 1.37 10.42 -0.70
N LYS A 51 1.44 9.29 0.02
CA LYS A 51 0.28 8.67 0.64
C LYS A 51 -0.68 8.11 -0.40
N LYS A 52 -0.02 7.43 -1.36
CA LYS A 52 -0.73 6.74 -2.41
C LYS A 52 -0.43 5.26 -2.19
N TYR A 53 -1.52 4.50 -2.00
CA TYR A 53 -1.43 3.07 -1.76
C TYR A 53 -2.50 2.40 -2.60
N GLY A 54 -2.37 1.07 -2.56
CA GLY A 54 -3.32 0.15 -3.16
C GLY A 54 -3.61 -0.92 -2.11
N PHE A 55 -4.56 -1.83 -2.41
CA PHE A 55 -4.82 -2.91 -1.47
C PHE A 55 -4.09 -4.15 -2.00
N CYS A 56 -3.85 -5.03 -1.01
CA CYS A 56 -3.09 -6.28 -1.23
C CYS A 56 -4.20 -7.35 -1.21
N PRO A 57 -3.85 -8.65 -1.45
CA PRO A 57 -4.87 -9.67 -1.66
C PRO A 57 -5.63 -10.08 -0.36
N GLU A 58 -5.43 -11.35 0.01
CA GLU A 58 -6.11 -11.92 1.18
C GLU A 58 -5.32 -11.60 2.46
N THR A 59 -4.83 -12.68 3.10
CA THR A 59 -4.02 -12.59 4.32
C THR A 59 -4.65 -11.65 5.38
N ALA A 60 -5.94 -11.94 5.62
CA ALA A 60 -6.73 -11.23 6.60
C ALA A 60 -7.71 -12.23 7.24
N THR A 1 -1.13 -12.40 -5.82
CA THR A 1 -0.67 -11.47 -6.85
C THR A 1 -1.87 -10.75 -7.50
N ALA A 2 -2.56 -9.95 -6.65
CA ALA A 2 -3.73 -9.22 -7.14
C ALA A 2 -3.86 -7.89 -6.38
N LEU A 3 -2.75 -7.13 -6.45
CA LEU A 3 -2.67 -5.88 -5.70
C LEU A 3 -2.78 -4.64 -6.62
N PHE A 4 -4.05 -4.45 -7.04
CA PHE A 4 -4.43 -3.30 -7.87
C PHE A 4 -4.79 -2.17 -6.86
N THR A 5 -5.69 -1.20 -7.16
CA THR A 5 -6.00 -0.21 -6.13
C THR A 5 -7.23 -0.62 -5.34
N MET A 6 -8.14 -1.22 -6.13
CA MET A 6 -9.46 -1.60 -5.65
C MET A 6 -10.16 -0.27 -5.29
N GLY A 7 -10.68 -0.20 -4.05
CA GLY A 7 -11.26 1.02 -3.52
C GLY A 7 -10.25 2.19 -3.35
N GLY A 8 -8.96 1.80 -3.42
CA GLY A 8 -7.79 2.67 -3.32
C GLY A 8 -7.92 3.97 -4.11
N ASN A 9 -7.05 4.93 -3.72
CA ASN A 9 -7.17 6.28 -4.29
C ASN A 9 -5.98 6.67 -5.18
N ALA A 10 -5.02 5.74 -5.34
CA ALA A 10 -3.80 6.03 -6.10
C ALA A 10 -3.95 6.04 -7.64
N GLU A 11 -4.99 6.74 -8.15
CA GLU A 11 -5.15 6.90 -9.60
C GLU A 11 -5.04 5.58 -10.42
N GLY A 12 -5.59 4.49 -9.84
CA GLY A 12 -5.58 3.19 -10.54
C GLY A 12 -4.20 2.50 -10.55
N GLN A 13 -3.20 3.12 -9.89
CA GLN A 13 -1.86 2.54 -9.87
C GLN A 13 -1.82 1.29 -8.94
N PRO A 14 -1.19 0.19 -9.41
CA PRO A 14 -1.05 -1.02 -8.60
C PRO A 14 -0.07 -0.78 -7.45
N CYS A 15 -0.19 -1.63 -6.40
CA CYS A 15 0.70 -1.50 -5.24
C CYS A 15 2.17 -1.48 -5.69
N LYS A 16 2.92 -0.63 -4.96
CA LYS A 16 4.32 -0.39 -5.23
C LYS A 16 5.07 -0.90 -3.98
N PHE A 17 6.01 -1.82 -4.23
CA PHE A 17 6.87 -2.36 -3.19
C PHE A 17 8.30 -2.06 -3.68
N PRO A 18 9.22 -1.64 -2.79
CA PRO A 18 8.98 -1.25 -1.39
C PRO A 18 8.42 0.18 -1.32
N PHE A 19 7.35 0.40 -0.53
CA PHE A 19 6.86 1.76 -0.31
C PHE A 19 7.29 2.10 1.11
N ARG A 20 7.92 3.28 1.27
CA ARG A 20 8.41 3.62 2.61
C ARG A 20 7.35 4.46 3.34
N PHE A 21 6.96 3.95 4.53
CA PHE A 21 6.00 4.64 5.39
C PHE A 21 6.64 4.69 6.78
N GLN A 22 6.41 5.82 7.45
CA GLN A 22 6.98 6.12 8.77
C GLN A 22 8.53 6.03 8.73
N GLY A 23 9.10 6.21 7.51
CA GLY A 23 10.55 6.18 7.34
C GLY A 23 11.12 4.78 7.12
N THR A 24 10.23 3.77 7.02
CA THR A 24 10.67 2.38 6.84
C THR A 24 10.03 1.78 5.58
N SER A 25 10.88 1.07 4.82
CA SER A 25 10.48 0.40 3.58
C SER A 25 9.59 -0.82 3.88
N TYR A 26 8.41 -0.83 3.24
CA TYR A 26 7.42 -1.89 3.41
C TYR A 26 7.25 -2.59 2.04
N ASP A 27 7.30 -3.93 2.07
CA ASP A 27 7.15 -4.74 0.85
C ASP A 27 5.93 -5.67 0.98
N SER A 28 4.89 -5.18 1.69
CA SER A 28 3.73 -6.03 1.86
C SER A 28 2.54 -5.19 2.31
N CYS A 29 1.36 -5.84 2.18
CA CYS A 29 0.09 -5.27 2.60
C CYS A 29 0.10 -4.95 4.12
N THR A 30 -0.06 -3.66 4.51
CA THR A 30 -0.05 -3.30 5.94
C THR A 30 -1.44 -2.84 6.38
N THR A 31 -1.56 -2.67 7.70
CA THR A 31 -2.77 -2.16 8.34
C THR A 31 -2.45 -0.94 9.23
N GLU A 32 -1.17 -0.51 9.24
CA GLU A 32 -0.84 0.64 10.08
C GLU A 32 -1.60 1.89 9.60
N GLY A 33 -2.47 2.38 10.50
CA GLY A 33 -3.28 3.55 10.21
C GLY A 33 -4.75 3.20 9.92
N ARG A 34 -4.97 1.91 9.58
CA ARG A 34 -6.36 1.49 9.29
C ARG A 34 -6.80 0.45 10.33
N THR A 35 -7.84 0.86 11.07
CA THR A 35 -8.44 0.00 12.08
C THR A 35 -9.88 -0.33 11.64
N ASP A 36 -10.06 -0.32 10.30
CA ASP A 36 -11.36 -0.58 9.67
C ASP A 36 -11.39 -1.95 8.98
N GLY A 37 -10.27 -2.70 9.12
CA GLY A 37 -10.20 -4.05 8.58
C GLY A 37 -9.41 -4.14 7.27
N TYR A 38 -9.32 -3.00 6.56
CA TYR A 38 -8.72 -3.04 5.23
C TYR A 38 -7.20 -2.81 5.30
N ARG A 39 -6.53 -3.63 4.46
CA ARG A 39 -5.05 -3.54 4.39
C ARG A 39 -4.74 -2.61 3.21
N TRP A 40 -3.72 -1.75 3.37
CA TRP A 40 -3.35 -0.82 2.30
C TRP A 40 -1.86 -0.99 1.96
N CYS A 41 -1.53 -0.46 0.76
CA CYS A 41 -0.16 -0.41 0.28
C CYS A 41 0.07 1.01 -0.25
N GLY A 42 1.32 1.47 -0.11
CA GLY A 42 1.68 2.78 -0.67
C GLY A 42 1.90 2.59 -2.17
N THR A 43 1.74 3.71 -2.89
CA THR A 43 1.87 3.66 -4.34
C THR A 43 2.91 4.63 -4.87
N THR A 44 3.87 4.96 -3.97
CA THR A 44 4.96 5.84 -4.36
C THR A 44 6.19 5.38 -3.56
N GLU A 45 7.34 5.88 -4.04
CA GLU A 45 8.62 5.64 -3.39
C GLU A 45 8.58 6.07 -1.91
N ASP A 46 8.11 7.31 -1.77
CA ASP A 46 8.00 7.90 -0.44
C ASP A 46 6.52 8.11 -0.16
N TYR A 47 5.98 7.19 0.67
CA TYR A 47 4.55 7.28 0.90
C TYR A 47 4.20 8.55 1.69
N ASP A 48 5.07 8.86 2.66
CA ASP A 48 4.74 9.99 3.51
C ASP A 48 4.60 11.32 2.78
N ARG A 49 5.45 11.51 1.76
CA ARG A 49 5.34 12.75 0.99
C ARG A 49 3.99 12.82 0.22
N ASP A 50 3.62 11.67 -0.38
CA ASP A 50 2.46 11.63 -1.28
C ASP A 50 1.05 11.41 -0.64
N LYS A 51 0.93 10.41 0.27
CA LYS A 51 -0.37 10.03 0.83
C LYS A 51 -1.41 9.61 -0.24
N LYS A 52 -0.93 8.83 -1.22
CA LYS A 52 -1.83 8.21 -2.18
C LYS A 52 -1.52 6.70 -2.09
N TYR A 53 -2.60 5.92 -1.80
CA TYR A 53 -2.49 4.50 -1.52
C TYR A 53 -3.50 3.69 -2.33
N GLY A 54 -3.30 2.38 -2.16
CA GLY A 54 -4.19 1.37 -2.73
C GLY A 54 -4.58 0.39 -1.62
N PHE A 55 -5.57 -0.50 -1.92
CA PHE A 55 -5.93 -1.52 -0.95
C PHE A 55 -5.16 -2.76 -1.41
N CYS A 56 -4.59 -3.43 -0.40
CA CYS A 56 -3.67 -4.54 -0.68
C CYS A 56 -4.38 -5.82 -0.19
N PRO A 57 -4.33 -6.92 -0.99
CA PRO A 57 -5.15 -8.10 -0.67
C PRO A 57 -4.47 -8.99 0.39
N GLU A 58 -5.27 -9.41 1.39
CA GLU A 58 -4.78 -10.30 2.43
C GLU A 58 -4.08 -11.56 1.83
N THR A 59 -4.70 -12.02 0.72
CA THR A 59 -4.25 -13.20 -0.01
C THR A 59 -2.92 -13.01 -0.76
N ALA A 60 -2.62 -11.72 -1.04
CA ALA A 60 -1.48 -11.26 -1.82
C ALA A 60 -1.84 -11.26 -3.32
N THR A 1 0.27 -5.38 -12.30
CA THR A 1 1.63 -5.83 -12.15
C THR A 1 1.80 -6.04 -10.65
N ALA A 2 2.90 -6.72 -10.25
CA ALA A 2 3.11 -7.02 -8.84
C ALA A 2 1.86 -7.75 -8.31
N LEU A 3 1.39 -7.30 -7.14
CA LEU A 3 0.18 -7.95 -6.59
C LEU A 3 -1.17 -7.31 -7.04
N PHE A 4 -1.18 -6.32 -7.99
CA PHE A 4 -2.48 -5.68 -8.36
C PHE A 4 -3.10 -5.02 -7.05
N THR A 5 -4.27 -4.33 -7.14
CA THR A 5 -4.94 -3.78 -5.95
C THR A 5 -6.43 -3.99 -6.26
N MET A 6 -7.30 -3.50 -5.36
CA MET A 6 -8.73 -3.70 -5.51
C MET A 6 -9.54 -2.75 -4.58
N GLY A 7 -9.10 -1.48 -4.54
CA GLY A 7 -9.87 -0.53 -3.72
C GLY A 7 -9.15 0.81 -3.52
N GLY A 8 -7.82 0.68 -3.46
CA GLY A 8 -6.84 1.76 -3.29
C GLY A 8 -7.09 3.03 -4.11
N ASN A 9 -6.27 4.06 -3.80
CA ASN A 9 -6.57 5.40 -4.34
C ASN A 9 -5.63 5.87 -5.46
N ALA A 10 -4.58 5.10 -5.74
CA ALA A 10 -3.59 5.56 -6.72
C ALA A 10 -3.94 5.19 -8.19
N GLU A 11 -5.15 5.65 -8.59
CA GLU A 11 -5.72 5.52 -9.95
C GLU A 11 -5.15 4.37 -10.86
N GLY A 12 -5.45 3.08 -10.51
CA GLY A 12 -5.13 1.99 -11.47
C GLY A 12 -3.84 1.19 -11.09
N GLN A 13 -3.17 1.69 -10.05
CA GLN A 13 -1.97 1.11 -9.42
C GLN A 13 -1.85 -0.45 -9.40
N PRO A 14 -0.56 -0.88 -9.34
CA PRO A 14 -0.15 -2.14 -8.72
C PRO A 14 0.56 -1.92 -7.35
N CYS A 15 0.07 -2.65 -6.31
CA CYS A 15 0.71 -2.58 -4.97
C CYS A 15 2.23 -2.72 -5.14
N LYS A 16 2.96 -1.94 -4.35
CA LYS A 16 4.40 -1.80 -4.54
C LYS A 16 5.16 -2.24 -3.29
N PHE A 17 6.23 -2.97 -3.61
CA PHE A 17 7.14 -3.50 -2.61
C PHE A 17 8.55 -3.35 -3.22
N PRO A 18 9.58 -3.01 -2.41
CA PRO A 18 9.48 -2.51 -1.04
C PRO A 18 9.11 -1.02 -1.06
N PHE A 19 8.09 -0.65 -0.25
CA PHE A 19 7.69 0.76 -0.16
C PHE A 19 8.22 1.30 1.17
N ARG A 20 8.76 2.54 1.10
CA ARG A 20 9.33 3.16 2.29
C ARG A 20 8.25 4.01 2.99
N PHE A 21 8.15 3.81 4.32
CA PHE A 21 7.21 4.56 5.15
C PHE A 21 7.86 4.64 6.54
N GLN A 22 7.62 5.75 7.24
CA GLN A 22 8.18 5.99 8.58
C GLN A 22 9.74 5.92 8.65
N GLY A 23 10.42 5.74 7.50
CA GLY A 23 11.87 5.58 7.48
C GLY A 23 12.29 4.11 7.26
N THR A 24 11.29 3.21 7.34
CA THR A 24 11.47 1.77 7.20
C THR A 24 10.87 1.30 5.85
N SER A 25 11.49 0.25 5.28
CA SER A 25 10.98 -0.32 4.03
C SER A 25 10.13 -1.55 4.39
N TYR A 26 8.98 -1.60 3.71
CA TYR A 26 7.96 -2.63 3.89
C TYR A 26 7.84 -3.41 2.58
N ASP A 27 8.01 -4.74 2.71
CA ASP A 27 7.96 -5.64 1.56
C ASP A 27 6.78 -6.63 1.70
N SER A 28 5.71 -6.11 2.35
CA SER A 28 4.51 -6.91 2.55
C SER A 28 3.43 -5.93 3.02
N CYS A 29 2.17 -6.42 3.04
CA CYS A 29 1.06 -5.58 3.51
C CYS A 29 1.32 -5.12 4.97
N THR A 30 0.97 -3.86 5.29
CA THR A 30 1.11 -3.42 6.68
C THR A 30 -0.24 -2.87 7.17
N THR A 31 -0.26 -2.46 8.45
CA THR A 31 -1.49 -1.92 9.05
C THR A 31 -1.31 -0.54 9.73
N GLU A 32 -0.05 -0.14 9.99
CA GLU A 32 0.18 1.14 10.65
C GLU A 32 -0.53 2.29 9.89
N GLY A 33 -1.42 2.96 10.64
CA GLY A 33 -2.18 4.08 10.08
C GLY A 33 -3.67 3.76 9.95
N ARG A 34 -4.00 2.45 9.95
CA ARG A 34 -5.42 2.08 9.82
C ARG A 34 -5.86 1.27 11.05
N THR A 35 -7.00 1.73 11.59
CA THR A 35 -7.62 1.11 12.75
C THR A 35 -9.00 0.55 12.37
N ASP A 36 -9.18 0.36 11.04
CA ASP A 36 -10.46 -0.09 10.49
C ASP A 36 -10.41 -1.56 10.02
N GLY A 37 -9.23 -2.20 10.24
CA GLY A 37 -9.08 -3.62 9.91
C GLY A 37 -8.33 -3.87 8.60
N TYR A 38 -8.31 -2.83 7.73
CA TYR A 38 -7.71 -3.04 6.42
C TYR A 38 -6.19 -2.82 6.48
N ARG A 39 -5.52 -3.78 5.83
CA ARG A 39 -4.05 -3.73 5.75
C ARG A 39 -3.77 -3.12 4.37
N TRP A 40 -2.80 -2.18 4.32
CA TRP A 40 -2.52 -1.44 3.10
C TRP A 40 -1.06 -1.64 2.61
N CYS A 41 -0.86 -1.28 1.32
CA CYS A 41 0.43 -1.30 0.65
C CYS A 41 0.70 0.12 0.10
N GLY A 42 1.99 0.50 0.06
CA GLY A 42 2.31 1.77 -0.59
C GLY A 42 2.37 1.49 -2.10
N THR A 43 2.31 2.58 -2.89
CA THR A 43 2.36 2.39 -4.34
C THR A 43 3.46 3.18 -5.03
N THR A 44 4.47 3.55 -4.23
CA THR A 44 5.60 4.30 -4.77
C THR A 44 6.84 3.84 -3.98
N GLU A 45 8.00 4.42 -4.39
CA GLU A 45 9.26 4.13 -3.72
C GLU A 45 9.18 4.61 -2.26
N ASP A 46 8.64 5.83 -2.12
CA ASP A 46 8.45 6.43 -0.80
C ASP A 46 6.96 6.80 -0.67
N TYR A 47 6.31 6.11 0.30
CA TYR A 47 4.89 6.34 0.55
C TYR A 47 4.68 7.70 1.21
N ASP A 48 5.58 8.05 2.15
CA ASP A 48 5.35 9.31 2.86
C ASP A 48 5.30 10.52 1.92
N ARG A 49 6.14 10.42 0.89
CA ARG A 49 6.24 11.42 -0.16
C ARG A 49 4.87 11.62 -0.87
N ASP A 50 4.15 10.49 -1.05
CA ASP A 50 2.89 10.50 -1.80
C ASP A 50 1.57 10.57 -0.98
N LYS A 51 1.40 9.60 -0.05
CA LYS A 51 0.10 9.36 0.58
C LYS A 51 -0.92 8.87 -0.49
N LYS A 52 -0.44 7.84 -1.21
CA LYS A 52 -1.22 7.10 -2.19
C LYS A 52 -0.96 5.65 -1.77
N TYR A 53 -2.05 4.87 -1.64
CA TYR A 53 -1.89 3.51 -1.17
C TYR A 53 -2.94 2.62 -1.85
N GLY A 54 -2.69 1.33 -1.62
CA GLY A 54 -3.49 0.21 -2.11
C GLY A 54 -3.86 -0.67 -0.89
N PHE A 55 -4.72 -1.70 -1.11
CA PHE A 55 -5.11 -2.59 -0.01
C PHE A 55 -4.40 -3.93 -0.22
N CYS A 56 -4.25 -4.69 0.88
CA CYS A 56 -3.51 -6.00 0.86
C CYS A 56 -4.05 -6.91 -0.26
N PRO A 57 -3.33 -7.05 -1.42
CA PRO A 57 -3.88 -7.86 -2.49
C PRO A 57 -3.51 -9.34 -2.34
N GLU A 58 -4.56 -10.17 -2.25
CA GLU A 58 -4.39 -11.62 -2.17
C GLU A 58 -5.70 -12.23 -2.68
N THR A 59 -5.52 -13.28 -3.49
CA THR A 59 -6.62 -14.02 -4.07
C THR A 59 -7.02 -15.19 -3.16
N ALA A 60 -5.94 -15.78 -2.59
CA ALA A 60 -6.00 -16.96 -1.74
C ALA A 60 -6.21 -18.23 -2.59
N THR A 1 1.36 -4.11 -9.25
CA THR A 1 1.95 -4.99 -10.26
C THR A 1 0.99 -6.18 -10.36
N ALA A 2 1.51 -7.42 -10.19
CA ALA A 2 0.66 -8.62 -10.17
C ALA A 2 -0.47 -8.53 -9.10
N LEU A 3 -0.24 -7.59 -8.16
CA LEU A 3 -1.20 -7.17 -7.16
C LEU A 3 -1.61 -5.76 -7.66
N PHE A 4 -2.95 -5.64 -7.88
CA PHE A 4 -3.61 -4.51 -8.55
C PHE A 4 -3.78 -3.33 -7.52
N THR A 5 -4.83 -2.47 -7.64
CA THR A 5 -5.13 -1.42 -6.66
C THR A 5 -6.34 -1.84 -5.80
N MET A 6 -7.21 -2.58 -6.50
CA MET A 6 -8.44 -3.21 -6.03
C MET A 6 -9.10 -2.52 -4.80
N GLY A 7 -9.58 -1.29 -5.06
CA GLY A 7 -10.32 -0.52 -4.06
C GLY A 7 -9.55 0.68 -3.49
N GLY A 8 -8.22 0.50 -3.40
CA GLY A 8 -7.36 1.57 -2.91
C GLY A 8 -7.30 2.76 -3.90
N ASN A 9 -6.32 3.67 -3.72
CA ASN A 9 -6.25 4.87 -4.58
C ASN A 9 -5.12 4.69 -5.62
N ALA A 10 -4.12 5.59 -5.60
CA ALA A 10 -2.96 5.48 -6.53
C ALA A 10 -3.33 5.78 -7.98
N GLU A 11 -4.58 6.22 -8.19
CA GLU A 11 -5.08 6.59 -9.50
C GLU A 11 -4.88 5.47 -10.56
N GLY A 12 -5.02 4.23 -10.04
CA GLY A 12 -4.90 3.04 -10.91
C GLY A 12 -3.49 2.44 -10.88
N GLN A 13 -2.52 3.18 -10.31
CA GLN A 13 -1.17 2.63 -10.23
C GLN A 13 -1.19 1.45 -9.22
N PRO A 14 -0.86 0.22 -9.71
CA PRO A 14 -1.11 -1.01 -8.94
C PRO A 14 -0.05 -1.16 -7.83
N CYS A 15 -0.31 -2.10 -6.87
CA CYS A 15 0.64 -2.30 -5.76
C CYS A 15 2.10 -2.36 -6.26
N LYS A 16 2.94 -1.61 -5.52
CA LYS A 16 4.33 -1.38 -5.83
C LYS A 16 5.12 -1.80 -4.58
N PHE A 17 6.06 -2.74 -4.80
CA PHE A 17 6.98 -3.14 -3.74
C PHE A 17 8.39 -2.69 -4.19
N PRO A 18 9.38 -2.62 -3.26
CA PRO A 18 9.19 -2.35 -1.84
C PRO A 18 8.71 -0.89 -1.68
N PHE A 19 7.86 -0.70 -0.67
CA PHE A 19 7.36 0.63 -0.34
C PHE A 19 7.92 0.96 1.05
N ARG A 20 8.42 2.20 1.16
CA ARG A 20 9.04 2.69 2.39
C ARG A 20 8.00 3.54 3.14
N PHE A 21 7.70 3.09 4.37
CA PHE A 21 6.69 3.71 5.22
C PHE A 21 7.26 3.69 6.65
N GLN A 22 6.91 4.70 7.44
CA GLN A 22 7.41 4.87 8.80
C GLN A 22 8.96 4.89 8.87
N GLY A 23 9.60 5.19 7.72
CA GLY A 23 11.07 5.16 7.70
C GLY A 23 11.66 3.73 7.59
N THR A 24 10.77 2.73 7.41
CA THR A 24 11.12 1.32 7.27
C THR A 24 10.62 0.80 5.90
N SER A 25 11.32 -0.23 5.40
CA SER A 25 11.00 -0.83 4.12
C SER A 25 9.99 -1.99 4.33
N TYR A 26 8.96 -1.98 3.45
CA TYR A 26 7.89 -2.97 3.43
C TYR A 26 7.92 -3.60 2.03
N ASP A 27 7.82 -4.95 2.00
CA ASP A 27 7.84 -5.67 0.72
C ASP A 27 6.66 -6.66 0.64
N SER A 28 5.57 -6.29 1.33
CA SER A 28 4.42 -7.18 1.35
C SER A 28 3.21 -6.39 1.86
N CYS A 29 2.03 -7.01 1.67
CA CYS A 29 0.77 -6.45 2.13
C CYS A 29 0.79 -6.17 3.65
N THR A 30 0.57 -4.89 4.06
CA THR A 30 0.67 -4.54 5.48
C THR A 30 -0.68 -4.03 6.02
N THR A 31 -0.90 -4.32 7.31
CA THR A 31 -2.06 -3.83 8.04
C THR A 31 -1.73 -2.48 8.70
N GLU A 32 -0.44 -2.35 9.01
CA GLU A 32 0.14 -1.25 9.73
C GLU A 32 -0.19 0.07 9.02
N GLY A 33 -1.06 0.86 9.69
CA GLY A 33 -1.51 2.13 9.16
C GLY A 33 -3.04 2.21 9.09
N ARG A 34 -3.68 1.03 9.07
CA ARG A 34 -5.16 1.01 9.00
C ARG A 34 -5.70 0.24 10.21
N THR A 35 -6.93 0.66 10.61
CA THR A 35 -7.62 0.04 11.74
C THR A 35 -9.01 -0.46 11.30
N ASP A 36 -9.15 -0.67 9.98
CA ASP A 36 -10.42 -1.09 9.39
C ASP A 36 -10.40 -2.54 8.86
N GLY A 37 -9.25 -3.22 9.05
CA GLY A 37 -9.15 -4.62 8.66
C GLY A 37 -8.47 -4.86 7.31
N TYR A 38 -8.33 -3.77 6.52
CA TYR A 38 -7.82 -3.96 5.16
C TYR A 38 -6.29 -3.82 5.12
N ARG A 39 -5.71 -4.70 4.29
CA ARG A 39 -4.24 -4.69 4.12
C ARG A 39 -3.97 -3.83 2.88
N TRP A 40 -2.95 -2.95 3.00
CA TRP A 40 -2.62 -2.02 1.92
C TRP A 40 -1.17 -2.22 1.48
N CYS A 41 -0.90 -1.67 0.29
CA CYS A 41 0.42 -1.66 -0.31
C CYS A 41 0.70 -0.23 -0.77
N GLY A 42 1.97 0.16 -0.69
CA GLY A 42 2.33 1.47 -1.21
C GLY A 42 2.31 1.40 -2.73
N THR A 43 2.12 2.59 -3.34
CA THR A 43 2.09 2.67 -4.80
C THR A 43 3.08 3.71 -5.31
N THR A 44 4.06 3.94 -4.43
CA THR A 44 5.15 4.85 -4.70
C THR A 44 6.18 4.49 -3.63
N GLU A 45 7.47 4.54 -4.06
CA GLU A 45 8.54 4.05 -3.19
C GLU A 45 8.66 4.76 -1.82
N ASP A 46 8.40 6.09 -1.79
CA ASP A 46 8.53 6.82 -0.51
C ASP A 46 7.11 7.19 -0.06
N TYR A 47 6.45 6.17 0.51
CA TYR A 47 5.04 6.35 0.88
C TYR A 47 4.84 7.53 1.84
N ASP A 48 5.82 7.66 2.75
CA ASP A 48 5.69 8.71 3.76
C ASP A 48 5.52 10.08 3.09
N ARG A 49 6.27 10.28 2.00
CA ARG A 49 6.16 11.50 1.23
C ARG A 49 4.89 11.44 0.33
N ASP A 50 4.89 10.45 -0.57
CA ASP A 50 3.89 10.23 -1.62
C ASP A 50 2.40 10.21 -1.14
N LYS A 51 2.08 9.35 -0.15
CA LYS A 51 0.74 9.19 0.48
C LYS A 51 -0.18 8.11 -0.15
N LYS A 52 0.15 7.74 -1.40
CA LYS A 52 -0.84 7.00 -2.20
C LYS A 52 -0.56 5.48 -2.16
N TYR A 53 -1.69 4.76 -2.01
CA TYR A 53 -1.67 3.32 -1.81
C TYR A 53 -2.76 2.62 -2.63
N GLY A 54 -2.64 1.29 -2.56
CA GLY A 54 -3.59 0.33 -3.13
C GLY A 54 -3.95 -0.68 -2.01
N PHE A 55 -4.95 -1.55 -2.27
CA PHE A 55 -5.27 -2.60 -1.29
C PHE A 55 -4.50 -3.83 -1.79
N CYS A 56 -3.97 -4.55 -0.80
CA CYS A 56 -3.03 -5.64 -1.12
C CYS A 56 -3.69 -6.99 -0.77
N PRO A 57 -3.52 -8.04 -1.64
CA PRO A 57 -4.13 -9.34 -1.37
C PRO A 57 -3.18 -10.20 -0.52
N GLU A 58 -3.64 -10.52 0.70
CA GLU A 58 -2.83 -11.33 1.60
C GLU A 58 -3.81 -12.00 2.58
N THR A 59 -3.38 -13.18 3.04
CA THR A 59 -4.20 -13.98 3.94
C THR A 59 -4.01 -13.52 5.38
N ALA A 60 -4.78 -14.25 6.21
CA ALA A 60 -4.75 -14.20 7.65
C ALA A 60 -4.44 -15.63 8.13
N THR A 1 2.65 -6.87 -13.60
CA THR A 1 2.47 -7.23 -12.21
C THR A 1 1.07 -7.80 -12.12
N ALA A 2 0.79 -8.54 -11.03
CA ALA A 2 -0.55 -9.12 -10.83
C ALA A 2 -1.04 -8.82 -9.41
N LEU A 3 -0.55 -7.67 -8.90
CA LEU A 3 -0.92 -7.21 -7.57
C LEU A 3 -1.71 -5.91 -7.76
N PHE A 4 -2.94 -6.16 -8.25
CA PHE A 4 -3.94 -5.14 -8.59
C PHE A 4 -4.21 -4.20 -7.39
N THR A 5 -4.79 -3.01 -7.69
CA THR A 5 -5.03 -2.04 -6.61
C THR A 5 -6.26 -2.41 -5.75
N MET A 6 -7.20 -3.02 -6.47
CA MET A 6 -8.47 -3.54 -5.96
C MET A 6 -9.02 -2.74 -4.76
N GLY A 7 -9.38 -1.48 -5.08
CA GLY A 7 -9.94 -0.55 -4.10
C GLY A 7 -9.02 0.66 -3.91
N GLY A 8 -7.72 0.33 -4.00
CA GLY A 8 -6.58 1.24 -3.90
C GLY A 8 -6.77 2.60 -4.59
N ASN A 9 -5.92 3.55 -4.14
CA ASN A 9 -6.04 4.94 -4.62
C ASN A 9 -4.84 5.36 -5.48
N ALA A 10 -3.89 4.43 -5.67
CA ALA A 10 -2.67 4.74 -6.41
C ALA A 10 -2.82 4.74 -7.94
N GLU A 11 -3.87 5.42 -8.43
CA GLU A 11 -4.09 5.58 -9.87
C GLU A 11 -4.03 4.26 -10.69
N GLY A 12 -4.51 3.17 -10.05
CA GLY A 12 -4.53 1.87 -10.75
C GLY A 12 -3.16 1.15 -10.75
N GLN A 13 -2.13 1.83 -10.20
CA GLN A 13 -0.79 1.25 -10.16
C GLN A 13 -0.77 0.05 -9.17
N PRO A 14 -0.21 -1.11 -9.61
CA PRO A 14 -0.14 -2.30 -8.75
C PRO A 14 0.86 -2.07 -7.60
N CYS A 15 0.71 -2.92 -6.56
CA CYS A 15 1.58 -2.81 -5.37
C CYS A 15 3.07 -2.69 -5.74
N LYS A 16 3.76 -1.89 -4.91
CA LYS A 16 5.18 -1.66 -5.07
C LYS A 16 5.91 -2.29 -3.88
N PHE A 17 6.70 -3.31 -4.25
CA PHE A 17 7.56 -4.02 -3.33
C PHE A 17 8.99 -3.82 -3.86
N PRO A 18 9.95 -3.43 -2.98
CA PRO A 18 9.72 -2.93 -1.62
C PRO A 18 9.13 -1.51 -1.65
N PHE A 19 8.32 -1.21 -0.62
CA PHE A 19 7.86 0.16 -0.39
C PHE A 19 8.40 0.56 1.00
N ARG A 20 8.89 1.80 1.10
CA ARG A 20 9.44 2.30 2.37
C ARG A 20 8.30 3.02 3.10
N PHE A 21 8.04 2.53 4.32
CA PHE A 21 7.03 3.15 5.17
C PHE A 21 7.69 3.18 6.55
N GLN A 22 7.39 4.23 7.32
CA GLN A 22 8.00 4.40 8.63
C GLN A 22 9.57 4.40 8.60
N GLY A 23 10.14 4.55 7.39
CA GLY A 23 11.59 4.52 7.22
C GLY A 23 12.17 3.10 7.03
N THR A 24 11.28 2.10 6.93
CA THR A 24 11.67 0.70 6.75
C THR A 24 11.06 0.15 5.45
N SER A 25 11.78 -0.80 4.79
CA SER A 25 11.22 -1.41 3.58
C SER A 25 10.25 -2.53 3.97
N TYR A 26 9.18 -2.57 3.17
CA TYR A 26 8.14 -3.57 3.29
C TYR A 26 8.08 -4.26 1.93
N ASP A 27 8.38 -5.57 1.98
CA ASP A 27 8.45 -6.42 0.78
C ASP A 27 7.29 -7.43 0.82
N SER A 28 6.20 -6.97 1.47
CA SER A 28 5.02 -7.79 1.62
C SER A 28 3.92 -6.84 2.12
N CYS A 29 2.68 -7.36 2.07
CA CYS A 29 1.52 -6.60 2.51
C CYS A 29 1.65 -6.19 4.00
N THR A 30 1.09 -5.00 4.35
CA THR A 30 1.12 -4.56 5.75
C THR A 30 -0.29 -4.16 6.23
N THR A 31 -0.52 -4.41 7.52
CA THR A 31 -1.74 -4.01 8.21
C THR A 31 -1.55 -2.65 8.90
N GLU A 32 -0.28 -2.47 9.30
CA GLU A 32 0.23 -1.37 10.05
C GLU A 32 -0.16 -0.05 9.34
N GLY A 33 -0.98 0.72 10.08
CA GLY A 33 -1.50 1.99 9.57
C GLY A 33 -3.04 1.97 9.45
N ARG A 34 -3.61 0.76 9.43
CA ARG A 34 -5.07 0.65 9.31
C ARG A 34 -5.62 -0.14 10.51
N THR A 35 -6.87 0.23 10.87
CA THR A 35 -7.57 -0.40 11.98
C THR A 35 -8.96 -0.91 11.52
N ASP A 36 -9.10 -1.05 10.19
CA ASP A 36 -10.37 -1.44 9.57
C ASP A 36 -10.37 -2.89 9.02
N GLY A 37 -9.19 -3.56 9.10
CA GLY A 37 -9.11 -4.97 8.75
C GLY A 37 -8.73 -5.30 7.30
N TYR A 38 -7.93 -4.41 6.67
CA TYR A 38 -7.49 -4.70 5.29
C TYR A 38 -5.98 -4.45 5.20
N ARG A 39 -5.27 -5.44 4.62
CA ARG A 39 -3.82 -5.28 4.45
C ARG A 39 -3.57 -4.55 3.11
N TRP A 40 -2.73 -3.49 3.21
CA TRP A 40 -2.43 -2.58 2.12
C TRP A 40 -0.93 -2.67 1.77
N CYS A 41 -0.62 -2.11 0.59
CA CYS A 41 0.76 -2.01 0.13
C CYS A 41 0.98 -0.59 -0.40
N GLY A 42 2.22 -0.09 -0.25
CA GLY A 42 2.56 1.20 -0.81
C GLY A 42 2.76 1.01 -2.33
N THR A 43 2.78 2.15 -3.05
CA THR A 43 2.93 2.07 -4.50
C THR A 43 4.15 2.84 -5.01
N THR A 44 5.08 3.13 -4.09
CA THR A 44 6.30 3.83 -4.47
C THR A 44 7.40 3.33 -3.52
N GLU A 45 8.65 3.65 -3.92
CA GLU A 45 9.80 3.33 -3.08
C GLU A 45 9.67 4.07 -1.74
N ASP A 46 9.13 5.31 -1.83
CA ASP A 46 8.92 6.13 -0.63
C ASP A 46 7.40 6.33 -0.46
N TYR A 47 6.84 5.48 0.42
CA TYR A 47 5.40 5.59 0.66
C TYR A 47 5.09 6.86 1.44
N ASP A 48 5.96 7.17 2.41
CA ASP A 48 5.63 8.31 3.26
C ASP A 48 5.53 9.64 2.50
N ARG A 49 6.37 9.78 1.47
CA ARG A 49 6.31 10.98 0.66
C ARG A 49 4.99 11.07 -0.15
N ASP A 50 4.64 9.94 -0.80
CA ASP A 50 3.50 9.90 -1.72
C ASP A 50 2.09 9.70 -1.10
N LYS A 51 2.00 8.82 -0.09
CA LYS A 51 0.72 8.40 0.47
C LYS A 51 -0.28 7.99 -0.63
N LYS A 52 0.20 7.04 -1.46
CA LYS A 52 -0.65 6.40 -2.46
C LYS A 52 -0.43 4.91 -2.24
N TYR A 53 -1.55 4.18 -2.13
CA TYR A 53 -1.48 2.75 -1.83
C TYR A 53 -2.56 1.99 -2.60
N GLY A 54 -2.42 0.68 -2.37
CA GLY A 54 -3.35 -0.31 -2.91
C GLY A 54 -3.70 -1.33 -1.82
N PHE A 55 -4.69 -2.21 -2.12
CA PHE A 55 -5.01 -3.27 -1.18
C PHE A 55 -4.24 -4.48 -1.68
N CYS A 56 -3.90 -5.30 -0.69
CA CYS A 56 -2.98 -6.42 -0.94
C CYS A 56 -3.78 -7.69 -0.60
N PRO A 57 -3.27 -8.88 -1.03
CA PRO A 57 -3.91 -10.12 -0.62
C PRO A 57 -3.75 -10.29 0.91
N GLU A 58 -4.90 -10.41 1.58
CA GLU A 58 -4.90 -10.54 3.04
C GLU A 58 -3.98 -11.69 3.53
N THR A 59 -4.03 -12.77 2.70
CA THR A 59 -3.23 -13.97 2.93
C THR A 59 -1.79 -13.77 2.39
N ALA A 60 -1.16 -12.73 2.93
CA ALA A 60 0.21 -12.34 2.63
C ALA A 60 0.62 -11.30 3.70
N THR A 1 3.28 -8.57 -13.99
CA THR A 1 2.36 -8.95 -12.94
C THR A 1 2.30 -7.70 -12.07
N ALA A 2 1.38 -7.70 -11.09
CA ALA A 2 1.18 -6.58 -10.18
C ALA A 2 0.13 -7.02 -9.16
N LEU A 3 -0.13 -6.11 -8.20
CA LEU A 3 -1.12 -6.37 -7.17
C LEU A 3 -2.30 -5.44 -7.49
N PHE A 4 -3.40 -6.08 -7.90
CA PHE A 4 -4.62 -5.34 -8.26
C PHE A 4 -5.19 -4.66 -7.01
N THR A 5 -5.75 -3.46 -7.23
CA THR A 5 -6.31 -2.67 -6.14
C THR A 5 -7.71 -2.18 -6.54
N MET A 6 -8.47 -1.85 -5.48
CA MET A 6 -9.81 -1.32 -5.57
C MET A 6 -10.09 -0.71 -4.18
N GLY A 7 -11.16 0.11 -4.11
CA GLY A 7 -11.56 0.72 -2.84
C GLY A 7 -10.70 1.92 -2.41
N GLY A 8 -9.36 1.68 -2.39
CA GLY A 8 -8.39 2.71 -2.04
C GLY A 8 -8.37 3.83 -3.10
N ASN A 9 -7.36 4.74 -3.00
CA ASN A 9 -7.30 5.87 -3.94
C ASN A 9 -6.13 5.63 -4.91
N ALA A 10 -5.27 6.64 -5.11
CA ALA A 10 -4.12 6.49 -6.03
C ALA A 10 -4.51 5.93 -7.42
N GLU A 11 -5.69 6.37 -7.89
CA GLU A 11 -6.21 5.96 -9.20
C GLU A 11 -6.40 4.43 -9.34
N GLY A 12 -6.42 3.71 -8.20
CA GLY A 12 -6.55 2.24 -8.25
C GLY A 12 -5.23 1.59 -8.75
N GLN A 13 -4.14 2.40 -8.80
CA GLN A 13 -2.85 1.91 -9.28
C GLN A 13 -2.34 0.78 -8.35
N PRO A 14 -1.57 -0.17 -8.96
CA PRO A 14 -1.08 -1.34 -8.25
C PRO A 14 -0.18 -0.97 -7.06
N CYS A 15 -0.31 -1.79 -5.98
CA CYS A 15 0.50 -1.56 -4.78
C CYS A 15 1.99 -1.37 -5.16
N LYS A 16 2.61 -0.42 -4.44
CA LYS A 16 3.98 -0.06 -4.72
C LYS A 16 4.86 -0.54 -3.56
N PHE A 17 5.74 -1.47 -3.95
CA PHE A 17 6.75 -2.04 -3.06
C PHE A 17 8.12 -1.73 -3.69
N PRO A 18 9.11 -1.30 -2.87
CA PRO A 18 8.95 -0.86 -1.48
C PRO A 18 8.36 0.57 -1.43
N PHE A 19 7.41 0.77 -0.50
CA PHE A 19 6.90 2.13 -0.26
C PHE A 19 7.40 2.53 1.13
N ARG A 20 7.86 3.78 1.24
CA ARG A 20 8.42 4.30 2.48
C ARG A 20 7.34 5.12 3.21
N PHE A 21 6.97 4.63 4.40
CA PHE A 21 5.99 5.33 5.24
C PHE A 21 6.59 5.37 6.66
N GLN A 22 6.39 6.50 7.34
CA GLN A 22 6.98 6.75 8.66
C GLN A 22 8.53 6.62 8.64
N GLY A 23 9.12 6.76 7.43
CA GLY A 23 10.57 6.60 7.30
C GLY A 23 11.03 5.13 7.19
N THR A 24 10.03 4.23 7.20
CA THR A 24 10.25 2.79 7.14
C THR A 24 9.81 2.26 5.77
N SER A 25 10.65 1.36 5.22
CA SER A 25 10.34 0.72 3.94
C SER A 25 9.41 -0.48 4.22
N TYR A 26 8.37 -0.54 3.38
CA TYR A 26 7.37 -1.61 3.44
C TYR A 26 7.30 -2.28 2.06
N ASP A 27 7.42 -3.61 2.11
CA ASP A 27 7.37 -4.46 0.92
C ASP A 27 6.14 -5.39 0.96
N SER A 28 5.17 -5.02 1.83
CA SER A 28 3.97 -5.84 1.98
C SER A 28 2.82 -4.96 2.47
N CYS A 29 1.62 -5.58 2.38
CA CYS A 29 0.38 -4.97 2.86
C CYS A 29 0.47 -4.60 4.36
N THR A 30 0.22 -3.31 4.72
CA THR A 30 0.27 -2.92 6.14
C THR A 30 -1.15 -2.50 6.57
N THR A 31 -1.25 -2.11 7.85
CA THR A 31 -2.51 -1.66 8.43
C THR A 31 -2.35 -0.42 9.33
N GLU A 32 -1.09 0.07 9.44
CA GLU A 32 -0.85 1.22 10.31
C GLU A 32 -1.66 2.43 9.83
N GLY A 33 -2.45 2.97 10.77
CA GLY A 33 -3.27 4.14 10.47
C GLY A 33 -4.73 3.79 10.17
N ARG A 34 -4.99 2.48 9.93
CA ARG A 34 -6.40 2.11 9.66
C ARG A 34 -6.90 1.18 10.77
N THR A 35 -7.96 1.66 11.42
CA THR A 35 -8.61 0.92 12.50
C THR A 35 -10.00 0.44 12.02
N ASP A 36 -10.13 0.35 10.68
CA ASP A 36 -11.39 -0.05 10.05
C ASP A 36 -11.30 -1.47 9.44
N GLY A 37 -10.12 -2.11 9.62
CA GLY A 37 -9.96 -3.49 9.17
C GLY A 37 -9.23 -3.63 7.83
N TYR A 38 -9.11 -2.53 7.08
CA TYR A 38 -8.55 -2.64 5.74
C TYR A 38 -7.03 -2.44 5.74
N ARG A 39 -6.39 -3.37 5.00
CA ARG A 39 -4.91 -3.35 4.89
C ARG A 39 -4.62 -2.53 3.62
N TRP A 40 -3.67 -1.59 3.75
CA TRP A 40 -3.33 -0.69 2.66
C TRP A 40 -1.84 -0.81 2.30
N CYS A 41 -1.55 -0.32 1.09
CA CYS A 41 -0.19 -0.25 0.60
C CYS A 41 -0.03 1.15 -0.01
N GLY A 42 1.21 1.67 0.09
CA GLY A 42 1.48 2.95 -0.54
C GLY A 42 1.58 2.68 -2.04
N THR A 43 1.41 3.79 -2.81
CA THR A 43 1.46 3.66 -4.27
C THR A 43 2.56 4.54 -4.88
N THR A 44 3.56 4.84 -4.02
CA THR A 44 4.72 5.61 -4.45
C THR A 44 5.90 5.13 -3.60
N GLU A 45 7.11 5.50 -4.06
CA GLU A 45 8.34 5.15 -3.35
C GLU A 45 8.37 5.88 -1.98
N ASP A 46 7.91 7.14 -2.02
CA ASP A 46 7.80 7.95 -0.81
C ASP A 46 6.31 8.16 -0.53
N TYR A 47 5.82 7.41 0.47
CA TYR A 47 4.39 7.52 0.75
C TYR A 47 4.09 8.82 1.50
N ASP A 48 5.02 9.18 2.41
CA ASP A 48 4.71 10.33 3.23
C ASP A 48 4.48 11.64 2.46
N ARG A 49 5.24 11.80 1.39
CA ARG A 49 5.08 12.98 0.56
C ARG A 49 3.71 13.01 -0.16
N ASP A 50 3.34 11.83 -0.71
CA ASP A 50 2.14 11.71 -1.56
C ASP A 50 0.78 11.50 -0.84
N LYS A 51 0.79 10.61 0.18
CA LYS A 51 -0.44 10.18 0.84
C LYS A 51 -1.50 9.76 -0.21
N LYS A 52 -1.08 8.86 -1.11
CA LYS A 52 -1.99 8.25 -2.07
C LYS A 52 -1.72 6.75 -1.91
N TYR A 53 -2.80 6.02 -1.58
CA TYR A 53 -2.69 4.62 -1.26
C TYR A 53 -3.74 3.84 -2.03
N GLY A 54 -3.57 2.53 -1.85
CA GLY A 54 -4.45 1.53 -2.42
C GLY A 54 -4.73 0.51 -1.31
N PHE A 55 -5.74 -0.37 -1.51
CA PHE A 55 -5.95 -1.42 -0.52
C PHE A 55 -5.12 -2.59 -1.07
N CYS A 56 -4.45 -3.25 -0.12
CA CYS A 56 -3.46 -4.27 -0.53
C CYS A 56 -4.17 -5.64 -0.49
N PRO A 57 -3.95 -6.50 -1.54
CA PRO A 57 -4.73 -7.73 -1.58
C PRO A 57 -4.09 -8.82 -0.71
N GLU A 58 -4.64 -8.90 0.52
CA GLU A 58 -4.16 -9.90 1.48
C GLU A 58 -4.61 -11.31 1.06
N THR A 59 -5.94 -11.37 0.89
CA THR A 59 -6.63 -12.61 0.55
C THR A 59 -7.90 -12.20 -0.19
N ALA A 60 -8.33 -13.08 -1.10
CA ALA A 60 -9.54 -12.89 -1.88
C ALA A 60 -9.99 -14.28 -2.38
N THR A 1 5.95 -7.29 -12.37
CA THR A 1 5.58 -6.62 -11.12
C THR A 1 4.06 -6.36 -11.00
N ALA A 2 3.25 -6.99 -11.88
CA ALA A 2 1.81 -6.77 -11.82
C ALA A 2 1.20 -7.62 -10.69
N LEU A 3 1.26 -7.04 -9.49
CA LEU A 3 0.83 -7.77 -8.28
C LEU A 3 -0.70 -7.79 -7.94
N PHE A 4 -1.52 -6.93 -8.58
CA PHE A 4 -2.99 -6.83 -8.28
C PHE A 4 -3.20 -6.26 -6.86
N THR A 5 -4.25 -5.43 -6.73
CA THR A 5 -4.37 -4.60 -5.53
C THR A 5 -5.74 -4.57 -4.83
N MET A 6 -6.75 -4.88 -5.66
CA MET A 6 -8.19 -4.94 -5.40
C MET A 6 -8.77 -3.55 -5.03
N GLY A 7 -8.20 -2.95 -3.98
CA GLY A 7 -8.55 -1.60 -3.53
C GLY A 7 -7.26 -0.79 -3.56
N GLY A 8 -7.41 0.54 -3.38
CA GLY A 8 -6.23 1.40 -3.41
C GLY A 8 -6.67 2.81 -3.78
N ASN A 9 -5.71 3.74 -3.63
CA ASN A 9 -5.95 5.15 -3.96
C ASN A 9 -4.95 5.64 -5.03
N ALA A 10 -4.41 4.68 -5.80
CA ALA A 10 -3.43 5.01 -6.84
C ALA A 10 -3.87 4.53 -8.24
N GLU A 11 -5.04 5.06 -8.65
CA GLU A 11 -5.58 4.92 -10.01
C GLU A 11 -5.48 3.51 -10.66
N GLY A 12 -5.93 2.48 -9.90
CA GLY A 12 -6.02 1.13 -10.51
C GLY A 12 -4.69 0.33 -10.47
N GLN A 13 -3.69 0.93 -9.80
CA GLN A 13 -2.37 0.36 -9.56
C GLN A 13 -2.26 -1.17 -9.32
N PRO A 14 -1.01 -1.66 -9.59
CA PRO A 14 -0.40 -2.82 -8.94
C PRO A 14 0.44 -2.36 -7.71
N CYS A 15 0.47 -3.19 -6.63
CA CYS A 15 1.30 -2.86 -5.44
C CYS A 15 2.78 -2.71 -5.85
N LYS A 16 3.56 -2.00 -4.98
CA LYS A 16 4.99 -1.89 -5.20
C LYS A 16 5.73 -2.45 -3.98
N PHE A 17 6.73 -3.28 -4.31
CA PHE A 17 7.64 -3.85 -3.33
C PHE A 17 9.03 -3.51 -3.90
N PRO A 18 10.01 -3.13 -3.05
CA PRO A 18 9.84 -2.79 -1.64
C PRO A 18 9.29 -1.35 -1.49
N PHE A 19 8.29 -1.19 -0.60
CA PHE A 19 7.80 0.15 -0.31
C PHE A 19 8.40 0.54 1.06
N ARG A 20 9.07 1.71 1.06
CA ARG A 20 9.76 2.17 2.28
C ARG A 20 8.82 3.09 3.07
N PHE A 21 8.56 2.69 4.33
CA PHE A 21 7.69 3.43 5.24
C PHE A 21 8.40 3.46 6.61
N GLN A 22 8.28 4.61 7.30
CA GLN A 22 8.89 4.80 8.62
C GLN A 22 10.43 4.62 8.64
N GLY A 23 11.06 4.56 7.45
CA GLY A 23 12.51 4.32 7.42
C GLY A 23 12.87 2.83 7.24
N THR A 24 11.83 1.98 7.10
CA THR A 24 11.98 0.55 6.91
C THR A 24 11.33 0.12 5.58
N SER A 25 11.96 -0.87 4.93
CA SER A 25 11.45 -1.39 3.66
C SER A 25 10.48 -2.55 3.94
N TYR A 26 9.35 -2.52 3.22
CA TYR A 26 8.30 -3.53 3.34
C TYR A 26 8.08 -4.18 1.96
N ASP A 27 8.03 -5.52 1.96
CA ASP A 27 7.81 -6.29 0.72
C ASP A 27 6.61 -7.22 0.88
N SER A 28 5.63 -6.75 1.68
CA SER A 28 4.45 -7.57 1.95
C SER A 28 3.38 -6.66 2.52
N CYS A 29 2.11 -7.08 2.33
CA CYS A 29 1.02 -6.27 2.88
C CYS A 29 1.13 -6.18 4.43
N THR A 30 0.86 -4.98 4.97
CA THR A 30 0.91 -4.73 6.40
C THR A 30 -0.46 -4.18 6.84
N THR A 31 -0.57 -3.98 8.16
CA THR A 31 -1.75 -3.36 8.77
C THR A 31 -1.36 -2.08 9.54
N GLU A 32 -0.06 -1.72 9.50
CA GLU A 32 0.40 -0.55 10.23
C GLU A 32 -0.38 0.72 9.82
N GLY A 33 -0.87 1.42 10.86
CA GLY A 33 -1.61 2.65 10.63
C GLY A 33 -3.10 2.45 10.36
N ARG A 34 -3.53 1.18 10.24
CA ARG A 34 -4.98 0.95 10.01
C ARG A 34 -5.56 0.21 11.22
N THR A 35 -6.70 0.75 11.67
CA THR A 35 -7.43 0.16 12.79
C THR A 35 -8.80 -0.35 12.32
N ASP A 36 -8.89 -0.54 10.98
CA ASP A 36 -10.13 -0.99 10.34
C ASP A 36 -10.08 -2.46 9.85
N GLY A 37 -8.88 -3.08 9.97
CA GLY A 37 -8.73 -4.49 9.64
C GLY A 37 -8.13 -4.78 8.26
N TYR A 38 -7.99 -3.74 7.41
CA TYR A 38 -7.55 -4.02 6.04
C TYR A 38 -6.02 -4.02 5.94
N ARG A 39 -5.57 -4.92 5.04
CA ARG A 39 -4.11 -5.07 4.83
C ARG A 39 -3.79 -4.23 3.59
N TRP A 40 -2.77 -3.36 3.73
CA TRP A 40 -2.39 -2.46 2.63
C TRP A 40 -0.92 -2.70 2.22
N CYS A 41 -0.63 -2.23 0.98
CA CYS A 41 0.71 -2.26 0.41
C CYS A 41 0.99 -0.85 -0.12
N GLY A 42 2.26 -0.44 -0.08
CA GLY A 42 2.61 0.88 -0.62
C GLY A 42 2.72 0.75 -2.15
N THR A 43 2.73 1.93 -2.82
CA THR A 43 2.85 1.90 -4.28
C THR A 43 4.03 2.72 -4.81
N THR A 44 4.99 3.00 -3.90
CA THR A 44 6.18 3.70 -4.33
C THR A 44 7.32 3.17 -3.47
N GLU A 45 8.53 3.46 -3.97
CA GLU A 45 9.74 3.09 -3.26
C GLU A 45 9.82 3.85 -1.92
N ASP A 46 9.27 5.08 -1.95
CA ASP A 46 9.24 5.96 -0.79
C ASP A 46 7.77 6.28 -0.48
N TYR A 47 7.21 5.45 0.42
CA TYR A 47 5.80 5.62 0.74
C TYR A 47 5.59 6.88 1.58
N ASP A 48 6.57 7.14 2.46
CA ASP A 48 6.40 8.28 3.37
C ASP A 48 6.16 9.59 2.58
N ARG A 49 6.89 9.71 1.47
CA ARG A 49 6.80 10.87 0.59
C ARG A 49 5.43 10.96 -0.14
N ASP A 50 5.08 9.87 -0.84
CA ASP A 50 3.90 9.88 -1.73
C ASP A 50 2.52 9.66 -1.04
N LYS A 51 2.54 8.79 -0.01
CA LYS A 51 1.38 8.38 0.80
C LYS A 51 0.34 7.53 0.05
N LYS A 52 0.63 7.14 -1.19
CA LYS A 52 -0.40 6.46 -1.97
C LYS A 52 -0.19 4.94 -1.89
N TYR A 53 -1.32 4.25 -1.63
CA TYR A 53 -1.30 2.83 -1.32
C TYR A 53 -2.44 2.06 -2.01
N GLY A 54 -2.32 0.75 -1.78
CA GLY A 54 -3.19 -0.29 -2.33
C GLY A 54 -3.64 -1.26 -1.23
N PHE A 55 -4.59 -2.20 -1.56
CA PHE A 55 -5.13 -3.10 -0.52
C PHE A 55 -4.70 -4.58 -0.74
N CYS A 56 -3.38 -4.75 -0.98
CA CYS A 56 -2.81 -6.17 -1.03
C CYS A 56 -3.32 -6.92 -2.31
N PRO A 57 -2.73 -8.13 -2.62
CA PRO A 57 -3.42 -9.03 -3.56
C PRO A 57 -4.57 -9.74 -2.80
N GLU A 58 -4.64 -11.07 -2.96
CA GLU A 58 -5.62 -11.87 -2.25
C GLU A 58 -5.16 -11.98 -0.78
N THR A 59 -6.07 -12.57 0.02
CA THR A 59 -5.87 -12.76 1.45
C THR A 59 -4.51 -13.42 1.78
N ALA A 60 -4.19 -14.41 0.92
CA ALA A 60 -2.97 -15.19 1.00
C ALA A 60 -2.86 -16.00 -0.31
N THR A 1 4.36 -4.54 -8.29
CA THR A 1 4.52 -4.95 -9.66
C THR A 1 3.19 -4.74 -10.42
N ALA A 2 2.29 -5.73 -10.25
CA ALA A 2 1.00 -5.68 -10.94
C ALA A 2 -0.06 -6.44 -10.13
N LEU A 3 -0.16 -6.05 -8.85
CA LEU A 3 -1.12 -6.72 -7.96
C LEU A 3 -2.49 -5.99 -7.89
N PHE A 4 -2.87 -5.24 -8.97
CA PHE A 4 -4.15 -4.47 -8.95
C PHE A 4 -4.09 -3.38 -7.82
N THR A 5 -5.08 -2.45 -7.80
CA THR A 5 -5.19 -1.50 -6.70
C THR A 5 -6.35 -1.86 -5.78
N MET A 6 -7.35 -2.41 -6.49
CA MET A 6 -8.62 -2.78 -5.90
C MET A 6 -9.29 -1.48 -5.46
N GLY A 7 -9.74 -1.46 -4.18
CA GLY A 7 -10.35 -0.27 -3.59
C GLY A 7 -9.39 0.94 -3.47
N GLY A 8 -8.08 0.62 -3.64
CA GLY A 8 -6.95 1.55 -3.57
C GLY A 8 -7.20 2.94 -4.18
N ASN A 9 -6.36 3.89 -3.73
CA ASN A 9 -6.48 5.28 -4.19
C ASN A 9 -5.29 5.67 -5.09
N ALA A 10 -4.44 4.67 -5.37
CA ALA A 10 -3.22 4.83 -6.16
C ALA A 10 -3.41 5.17 -7.66
N GLU A 11 -4.53 5.84 -8.02
CA GLU A 11 -4.80 6.24 -9.40
C GLU A 11 -4.59 5.11 -10.44
N GLY A 12 -4.96 3.89 -10.00
CA GLY A 12 -4.88 2.70 -10.89
C GLY A 12 -3.49 2.04 -10.87
N GLN A 13 -2.50 2.73 -10.28
CA GLN A 13 -1.16 2.17 -10.19
C GLN A 13 -1.16 1.03 -9.15
N PRO A 14 -0.83 -0.22 -9.57
CA PRO A 14 -0.94 -1.39 -8.70
C PRO A 14 0.14 -1.37 -7.61
N CYS A 15 -0.01 -2.31 -6.64
CA CYS A 15 0.99 -2.36 -5.56
C CYS A 15 2.43 -2.37 -6.10
N LYS A 16 3.24 -1.59 -5.37
CA LYS A 16 4.64 -1.35 -5.65
C LYS A 16 5.38 -1.78 -4.38
N PHE A 17 6.41 -2.60 -4.63
CA PHE A 17 7.31 -3.04 -3.58
C PHE A 17 8.70 -2.76 -4.15
N PRO A 18 9.67 -2.29 -3.33
CA PRO A 18 9.53 -1.86 -1.94
C PRO A 18 9.10 -0.38 -1.82
N PHE A 19 8.23 -0.10 -0.83
CA PHE A 19 7.79 1.26 -0.51
C PHE A 19 8.27 1.60 0.91
N ARG A 20 8.64 2.89 1.09
CA ARG A 20 9.13 3.36 2.40
C ARG A 20 7.97 4.10 3.12
N PHE A 21 7.61 3.57 4.31
CA PHE A 21 6.56 4.15 5.14
C PHE A 21 7.12 4.20 6.58
N GLN A 22 6.84 5.30 7.29
CA GLN A 22 7.32 5.52 8.65
C GLN A 22 8.86 5.50 8.81
N GLY A 23 9.59 5.47 7.67
CA GLY A 23 11.04 5.38 7.73
C GLY A 23 11.55 3.93 7.55
N THR A 24 10.57 3.02 7.42
CA THR A 24 10.83 1.59 7.25
C THR A 24 10.48 1.21 5.80
N SER A 25 11.35 0.34 5.26
CA SER A 25 11.17 -0.19 3.92
C SER A 25 10.34 -1.48 4.00
N TYR A 26 9.28 -1.50 3.17
CA TYR A 26 8.35 -2.61 3.12
C TYR A 26 8.33 -3.20 1.71
N ASP A 27 8.54 -4.53 1.69
CA ASP A 27 8.51 -5.31 0.45
C ASP A 27 7.37 -6.34 0.54
N SER A 28 6.30 -5.93 1.26
CA SER A 28 5.17 -6.84 1.43
C SER A 28 4.00 -6.02 1.99
N CYS A 29 2.83 -6.66 1.87
CA CYS A 29 1.54 -6.15 2.35
C CYS A 29 1.54 -5.86 3.87
N THR A 30 1.18 -4.61 4.27
CA THR A 30 1.13 -4.28 5.71
C THR A 30 -0.31 -3.95 6.12
N THR A 31 -0.48 -3.85 7.44
CA THR A 31 -1.77 -3.48 8.06
C THR A 31 -1.61 -2.23 8.97
N GLU A 32 -0.37 -1.72 9.06
CA GLU A 32 -0.14 -0.57 9.94
C GLU A 32 -0.99 0.63 9.48
N GLY A 33 -1.77 1.17 10.44
CA GLY A 33 -2.60 2.32 10.14
C GLY A 33 -4.05 1.93 9.82
N ARG A 34 -4.28 0.63 9.59
CA ARG A 34 -5.67 0.21 9.29
C ARG A 34 -6.15 -0.73 10.41
N THR A 35 -7.39 -0.45 10.84
CA THR A 35 -8.04 -1.26 11.88
C THR A 35 -9.40 -1.76 11.33
N ASP A 36 -9.44 -1.84 9.99
CA ASP A 36 -10.65 -2.25 9.28
C ASP A 36 -10.53 -3.66 8.65
N GLY A 37 -9.34 -4.29 8.86
CA GLY A 37 -9.15 -5.66 8.39
C GLY A 37 -8.58 -5.75 6.97
N TYR A 38 -8.08 -4.63 6.43
CA TYR A 38 -7.54 -4.67 5.07
C TYR A 38 -6.04 -4.38 5.10
N ARG A 39 -5.33 -5.15 4.24
CA ARG A 39 -3.88 -4.95 4.15
C ARG A 39 -3.67 -3.99 2.98
N TRP A 40 -2.71 -3.04 3.13
CA TRP A 40 -2.43 -2.09 2.06
C TRP A 40 -0.93 -2.16 1.68
N CYS A 41 -0.66 -1.62 0.48
CA CYS A 41 0.68 -1.48 -0.05
C CYS A 41 0.85 -0.03 -0.52
N GLY A 42 2.05 0.52 -0.31
CA GLY A 42 2.30 1.87 -0.80
C GLY A 42 2.48 1.78 -2.32
N THR A 43 2.20 2.90 -3.00
CA THR A 43 2.33 2.88 -4.45
C THR A 43 3.39 3.86 -4.96
N THR A 44 4.34 4.19 -4.06
CA THR A 44 5.48 5.03 -4.42
C THR A 44 6.64 4.64 -3.48
N GLU A 45 7.86 5.00 -3.94
CA GLU A 45 9.06 4.77 -3.14
C GLU A 45 8.97 5.46 -1.76
N ASP A 46 8.24 6.60 -1.74
CA ASP A 46 8.09 7.39 -0.52
C ASP A 46 6.60 7.55 -0.24
N TYR A 47 6.12 6.66 0.65
CA TYR A 47 4.69 6.69 0.93
C TYR A 47 4.31 7.89 1.78
N ASP A 48 5.19 8.21 2.76
CA ASP A 48 4.85 9.29 3.69
C ASP A 48 4.53 10.61 2.94
N ARG A 49 5.38 10.84 1.92
CA ARG A 49 5.24 12.03 1.09
C ARG A 49 3.95 11.95 0.24
N ASP A 50 3.87 10.94 -0.63
CA ASP A 50 2.73 10.85 -1.54
C ASP A 50 1.40 10.57 -0.83
N LYS A 51 1.37 9.44 -0.11
CA LYS A 51 0.21 8.97 0.67
C LYS A 51 -0.85 8.31 -0.21
N LYS A 52 -0.37 7.69 -1.30
CA LYS A 52 -1.27 6.99 -2.20
C LYS A 52 -0.89 5.51 -2.12
N TYR A 53 -1.93 4.68 -1.93
CA TYR A 53 -1.78 3.25 -1.72
C TYR A 53 -2.83 2.46 -2.51
N GLY A 54 -2.61 1.15 -2.42
CA GLY A 54 -3.51 0.15 -2.96
C GLY A 54 -3.76 -0.93 -1.90
N PHE A 55 -4.70 -1.87 -2.21
CA PHE A 55 -4.98 -2.93 -1.22
C PHE A 55 -4.22 -4.20 -1.62
N CYS A 56 -4.10 -5.03 -0.58
CA CYS A 56 -3.34 -6.28 -0.62
C CYS A 56 -4.33 -7.34 -0.11
N PRO A 57 -3.96 -8.65 -0.21
CA PRO A 57 -4.87 -9.73 0.18
C PRO A 57 -4.94 -9.92 1.72
N GLU A 58 -4.83 -11.19 2.17
CA GLU A 58 -4.90 -11.66 3.59
C GLU A 58 -5.52 -10.62 4.57
N THR A 59 -6.80 -10.32 4.28
CA THR A 59 -7.53 -9.35 5.07
C THR A 59 -7.84 -9.92 6.47
N ALA A 60 -8.53 -11.06 6.40
CA ALA A 60 -8.93 -11.83 7.57
C ALA A 60 -9.25 -13.26 7.12
N THR A 1 -5.08 -11.39 -10.55
CA THR A 1 -3.72 -11.84 -10.38
C THR A 1 -2.94 -10.59 -10.01
N ALA A 2 -1.77 -10.79 -9.37
CA ALA A 2 -0.93 -9.68 -8.93
C ALA A 2 -1.68 -8.82 -7.89
N LEU A 3 -1.02 -7.71 -7.51
CA LEU A 3 -1.55 -6.78 -6.52
C LEU A 3 -1.55 -5.38 -7.15
N PHE A 4 -2.67 -5.14 -7.89
CA PHE A 4 -2.88 -3.87 -8.62
C PHE A 4 -3.17 -2.71 -7.62
N THR A 5 -4.46 -2.46 -7.32
CA THR A 5 -4.89 -1.42 -6.39
C THR A 5 -6.02 -1.97 -5.52
N MET A 6 -6.98 -2.53 -6.26
CA MET A 6 -8.10 -3.27 -5.67
C MET A 6 -8.83 -2.49 -4.56
N GLY A 7 -9.15 -1.22 -4.91
CA GLY A 7 -9.82 -0.33 -3.95
C GLY A 7 -8.94 0.90 -3.65
N GLY A 8 -7.64 0.65 -3.86
CA GLY A 8 -6.55 1.62 -3.69
C GLY A 8 -6.84 3.00 -4.27
N ASN A 9 -6.05 3.99 -3.76
CA ASN A 9 -6.25 5.38 -4.18
C ASN A 9 -5.09 5.83 -5.08
N ALA A 10 -4.21 4.86 -5.40
CA ALA A 10 -3.02 5.14 -6.21
C ALA A 10 -3.30 5.37 -7.71
N GLU A 11 -4.56 5.72 -8.05
CA GLU A 11 -4.91 6.07 -9.41
C GLU A 11 -4.54 4.98 -10.44
N GLY A 12 -4.71 3.72 -9.96
CA GLY A 12 -4.44 2.54 -10.81
C GLY A 12 -2.97 2.08 -10.75
N GLN A 13 -2.11 2.88 -10.08
CA GLN A 13 -0.71 2.49 -10.01
C GLN A 13 -0.55 1.20 -9.15
N PRO A 14 0.30 0.25 -9.64
CA PRO A 14 0.50 -1.04 -8.96
C PRO A 14 1.33 -0.92 -7.66
N CYS A 15 0.91 -1.74 -6.66
CA CYS A 15 1.60 -1.83 -5.36
C CYS A 15 3.12 -1.81 -5.59
N LYS A 16 3.81 -1.11 -4.67
CA LYS A 16 5.24 -0.91 -4.85
C LYS A 16 5.99 -1.54 -3.68
N PHE A 17 7.01 -2.31 -4.11
CA PHE A 17 7.89 -3.01 -3.19
C PHE A 17 9.30 -2.75 -3.72
N PRO A 18 10.24 -2.28 -2.85
CA PRO A 18 10.03 -1.86 -1.47
C PRO A 18 9.42 -0.44 -1.38
N PHE A 19 8.36 -0.30 -0.55
CA PHE A 19 7.83 1.04 -0.31
C PHE A 19 8.22 1.41 1.12
N ARG A 20 8.61 2.68 1.29
CA ARG A 20 8.96 3.15 2.63
C ARG A 20 7.71 3.77 3.25
N PHE A 21 7.52 3.42 4.54
CA PHE A 21 6.43 3.98 5.35
C PHE A 21 7.02 4.02 6.76
N GLN A 22 6.75 5.12 7.48
CA GLN A 22 7.33 5.37 8.79
C GLN A 22 8.89 5.33 8.74
N GLY A 23 9.45 5.57 7.52
CA GLY A 23 10.90 5.50 7.35
C GLY A 23 11.45 4.05 7.28
N THR A 24 10.52 3.08 7.26
CA THR A 24 10.83 1.65 7.22
C THR A 24 10.44 1.11 5.84
N SER A 25 11.32 0.25 5.29
CA SER A 25 11.09 -0.37 4.00
C SER A 25 10.19 -1.62 4.18
N TYR A 26 9.20 -1.70 3.28
CA TYR A 26 8.23 -2.79 3.26
C TYR A 26 8.16 -3.40 1.86
N ASP A 27 8.35 -4.74 1.84
CA ASP A 27 8.28 -5.50 0.60
C ASP A 27 7.12 -6.52 0.68
N SER A 28 6.09 -6.11 1.44
CA SER A 28 4.95 -7.00 1.62
C SER A 28 3.80 -6.17 2.22
N CYS A 29 2.61 -6.81 2.14
CA CYS A 29 1.36 -6.25 2.65
C CYS A 29 1.45 -5.93 4.16
N THR A 30 1.01 -4.70 4.55
CA THR A 30 0.98 -4.36 5.97
C THR A 30 -0.44 -3.95 6.36
N THR A 31 -0.66 -3.98 7.69
CA THR A 31 -1.93 -3.57 8.28
C THR A 31 -1.75 -2.30 9.14
N GLU A 32 -0.48 -1.85 9.25
CA GLU A 32 -0.21 -0.67 10.08
C GLU A 32 -0.98 0.55 9.55
N GLY A 33 -1.87 1.06 10.42
CA GLY A 33 -2.66 2.23 10.07
C GLY A 33 -4.12 1.89 9.75
N ARG A 34 -4.39 0.59 9.50
CA ARG A 34 -5.78 0.22 9.20
C ARG A 34 -6.30 -0.72 10.30
N THR A 35 -7.52 -0.38 10.74
CA THR A 35 -8.22 -1.17 11.75
C THR A 35 -9.59 -1.60 11.20
N ASP A 36 -9.65 -1.67 9.85
CA ASP A 36 -10.87 -2.03 9.15
C ASP A 36 -10.79 -3.44 8.51
N GLY A 37 -9.66 -4.13 8.80
CA GLY A 37 -9.48 -5.48 8.31
C GLY A 37 -8.60 -5.59 7.06
N TYR A 38 -8.43 -4.45 6.37
CA TYR A 38 -7.70 -4.50 5.11
C TYR A 38 -6.21 -4.20 5.31
N ARG A 39 -5.45 -4.82 4.39
CA ARG A 39 -3.98 -4.67 4.39
C ARG A 39 -3.67 -3.89 3.12
N TRP A 40 -2.70 -2.95 3.24
CA TRP A 40 -2.36 -2.06 2.16
C TRP A 40 -0.87 -2.16 1.82
N CYS A 41 -0.56 -1.62 0.63
CA CYS A 41 0.79 -1.51 0.11
C CYS A 41 0.96 -0.05 -0.31
N GLY A 42 2.19 0.47 -0.16
CA GLY A 42 2.42 1.83 -0.64
C GLY A 42 2.60 1.76 -2.16
N THR A 43 2.35 2.92 -2.79
CA THR A 43 2.61 3.06 -4.21
C THR A 43 3.61 4.19 -4.27
N THR A 44 4.68 3.89 -5.06
CA THR A 44 5.84 4.76 -5.11
C THR A 44 6.66 4.47 -3.84
N GLU A 45 7.97 4.68 -4.04
CA GLU A 45 8.99 4.25 -3.10
C GLU A 45 8.94 4.95 -1.72
N ASP A 46 8.26 6.10 -1.64
CA ASP A 46 8.23 6.85 -0.38
C ASP A 46 6.79 7.21 0.00
N TYR A 47 6.13 6.23 0.64
CA TYR A 47 4.72 6.43 0.99
C TYR A 47 4.53 7.66 1.88
N ASP A 48 5.51 7.87 2.77
CA ASP A 48 5.37 8.98 3.70
C ASP A 48 5.21 10.32 2.95
N ARG A 49 6.04 10.49 1.91
CA ARG A 49 5.99 11.71 1.10
C ARG A 49 4.77 11.70 0.14
N ASP A 50 4.64 10.57 -0.58
CA ASP A 50 3.63 10.39 -1.64
C ASP A 50 2.17 10.35 -1.12
N LYS A 51 1.94 9.47 -0.13
CA LYS A 51 0.64 9.26 0.53
C LYS A 51 -0.41 8.59 -0.37
N LYS A 52 0.10 7.79 -1.32
CA LYS A 52 -0.80 7.08 -2.21
C LYS A 52 -0.53 5.59 -1.99
N TYR A 53 -1.65 4.83 -1.93
CA TYR A 53 -1.56 3.41 -1.64
C TYR A 53 -2.58 2.60 -2.45
N GLY A 54 -2.36 1.29 -2.26
CA GLY A 54 -3.18 0.25 -2.85
C GLY A 54 -3.50 -0.80 -1.76
N PHE A 55 -4.37 -1.77 -2.12
CA PHE A 55 -4.78 -2.82 -1.19
C PHE A 55 -3.94 -4.03 -1.58
N CYS A 56 -3.56 -4.76 -0.53
CA CYS A 56 -2.63 -5.88 -0.68
C CYS A 56 -3.36 -7.11 -0.10
N PRO A 57 -3.07 -8.32 -0.62
CA PRO A 57 -3.78 -9.50 -0.17
C PRO A 57 -3.23 -10.00 1.19
N GLU A 58 -3.52 -11.30 1.43
CA GLU A 58 -3.07 -12.07 2.58
C GLU A 58 -3.70 -13.47 2.46
N THR A 59 -5.04 -13.40 2.33
CA THR A 59 -5.92 -14.55 2.20
C THR A 59 -6.04 -15.29 3.55
N ALA A 60 -5.72 -16.59 3.54
CA ALA A 60 -5.80 -17.41 4.74
C ALA A 60 -5.12 -18.76 4.44
N THR A 1 3.32 -10.94 -10.37
CA THR A 1 3.41 -9.79 -11.27
C THR A 1 2.84 -8.54 -10.58
N ALA A 2 3.45 -8.24 -9.41
CA ALA A 2 2.93 -7.18 -8.55
C ALA A 2 1.49 -7.54 -8.14
N LEU A 3 0.77 -6.52 -7.66
CA LEU A 3 -0.62 -6.64 -7.28
C LEU A 3 -1.40 -5.53 -8.02
N PHE A 4 -2.60 -5.96 -8.46
CA PHE A 4 -3.57 -5.08 -9.12
C PHE A 4 -4.38 -4.41 -7.99
N THR A 5 -4.99 -3.25 -8.29
CA THR A 5 -5.72 -2.54 -7.24
C THR A 5 -7.23 -2.80 -7.45
N MET A 6 -8.01 -2.16 -6.56
CA MET A 6 -9.47 -2.22 -6.65
C MET A 6 -10.08 -1.09 -5.82
N GLY A 7 -9.88 -1.20 -4.49
CA GLY A 7 -10.39 -0.18 -3.58
C GLY A 7 -9.41 1.01 -3.43
N GLY A 8 -8.12 0.64 -3.63
CA GLY A 8 -6.96 1.51 -3.60
C GLY A 8 -7.19 2.90 -4.23
N ASN A 9 -6.41 3.89 -3.75
CA ASN A 9 -6.65 5.28 -4.16
C ASN A 9 -5.52 5.87 -5.02
N ALA A 10 -4.46 5.07 -5.22
CA ALA A 10 -3.29 5.51 -5.98
C ALA A 10 -3.50 5.51 -7.51
N GLU A 11 -4.58 6.15 -7.97
CA GLU A 11 -4.89 6.25 -9.40
C GLU A 11 -4.94 4.86 -10.11
N GLY A 12 -5.28 3.82 -9.31
CA GLY A 12 -5.36 2.47 -9.87
C GLY A 12 -3.97 1.88 -10.18
N GLN A 13 -2.91 2.60 -9.76
CA GLN A 13 -1.55 2.14 -10.02
C GLN A 13 -1.26 0.89 -9.16
N PRO A 14 -0.71 -0.18 -9.79
CA PRO A 14 -0.40 -1.42 -9.08
C PRO A 14 0.64 -1.18 -7.98
N CYS A 15 0.52 -2.01 -6.93
CA CYS A 15 1.44 -1.93 -5.79
C CYS A 15 2.91 -1.83 -6.25
N LYS A 16 3.62 -0.95 -5.52
CA LYS A 16 5.01 -0.63 -5.79
C LYS A 16 5.78 -1.04 -4.52
N PHE A 17 6.67 -2.03 -4.70
CA PHE A 17 7.51 -2.54 -3.61
C PHE A 17 8.96 -2.23 -4.00
N PRO A 18 9.85 -1.95 -3.00
CA PRO A 18 9.53 -1.68 -1.59
C PRO A 18 9.03 -0.24 -1.44
N PHE A 19 7.99 -0.08 -0.61
CA PHE A 19 7.42 1.25 -0.37
C PHE A 19 7.89 1.67 1.03
N ARG A 20 8.16 2.98 1.13
CA ARG A 20 8.68 3.54 2.38
C ARG A 20 7.53 4.23 3.13
N PHE A 21 7.42 3.87 4.41
CA PHE A 21 6.42 4.47 5.29
C PHE A 21 6.99 4.32 6.71
N GLN A 22 6.72 5.33 7.56
CA GLN A 22 7.26 5.34 8.93
C GLN A 22 8.80 5.32 8.89
N GLY A 23 9.38 5.89 7.81
CA GLY A 23 10.84 5.87 7.68
C GLY A 23 11.42 4.44 7.55
N THR A 24 10.49 3.46 7.37
CA THR A 24 10.81 2.05 7.28
C THR A 24 10.42 1.57 5.88
N SER A 25 11.23 0.65 5.32
CA SER A 25 10.95 0.14 3.99
C SER A 25 10.22 -1.19 4.14
N TYR A 26 9.11 -1.27 3.39
CA TYR A 26 8.20 -2.40 3.41
C TYR A 26 8.20 -3.03 2.02
N ASP A 27 8.48 -4.34 2.02
CA ASP A 27 8.56 -5.13 0.78
C ASP A 27 7.50 -6.23 0.77
N SER A 28 6.41 -5.91 1.49
CA SER A 28 5.32 -6.87 1.59
C SER A 28 4.11 -6.09 2.11
N CYS A 29 2.96 -6.75 1.94
CA CYS A 29 1.68 -6.18 2.39
C CYS A 29 1.69 -5.88 3.91
N THR A 30 1.54 -4.58 4.29
CA THR A 30 1.54 -4.25 5.72
C THR A 30 0.13 -3.84 6.13
N THR A 31 -0.02 -3.83 7.46
CA THR A 31 -1.26 -3.44 8.10
C THR A 31 -1.03 -2.21 9.00
N GLU A 32 0.24 -1.77 9.08
CA GLU A 32 0.54 -0.62 9.93
C GLU A 32 -0.22 0.61 9.42
N GLY A 33 -1.04 1.18 10.32
CA GLY A 33 -1.82 2.35 9.98
C GLY A 33 -3.31 2.01 9.75
N ARG A 34 -3.58 0.71 9.53
CA ARG A 34 -5.00 0.32 9.32
C ARG A 34 -5.42 -0.68 10.41
N THR A 35 -6.46 -0.23 11.15
CA THR A 35 -7.03 -1.04 12.22
C THR A 35 -8.46 -1.49 11.82
N ASP A 36 -8.66 -1.56 10.49
CA ASP A 36 -9.95 -1.91 9.92
C ASP A 36 -9.95 -3.32 9.27
N GLY A 37 -8.79 -4.00 9.35
CA GLY A 37 -8.69 -5.36 8.84
C GLY A 37 -8.10 -5.49 7.44
N TYR A 38 -7.74 -4.34 6.82
CA TYR A 38 -7.24 -4.42 5.44
C TYR A 38 -5.73 -4.14 5.40
N ARG A 39 -5.04 -5.03 4.65
CA ARG A 39 -3.59 -4.81 4.46
C ARG A 39 -3.48 -3.88 3.25
N TRP A 40 -2.54 -2.92 3.30
CA TRP A 40 -2.35 -2.01 2.18
C TRP A 40 -0.89 -2.09 1.72
N CYS A 41 -0.68 -1.58 0.49
CA CYS A 41 0.64 -1.49 -0.10
C CYS A 41 0.82 -0.03 -0.55
N GLY A 42 2.07 0.44 -0.45
CA GLY A 42 2.36 1.79 -0.91
C GLY A 42 2.52 1.73 -2.43
N THR A 43 2.44 2.94 -3.02
CA THR A 43 2.50 3.01 -4.48
C THR A 43 3.59 3.94 -5.00
N THR A 44 4.54 4.29 -4.10
CA THR A 44 5.63 5.16 -4.51
C THR A 44 6.89 4.84 -3.68
N GLU A 45 7.93 5.60 -4.02
CA GLU A 45 9.17 5.61 -3.26
C GLU A 45 8.99 6.22 -1.85
N ASP A 46 7.93 7.05 -1.69
CA ASP A 46 7.68 7.68 -0.39
C ASP A 46 6.15 7.77 -0.19
N TYR A 47 5.66 6.86 0.69
CA TYR A 47 4.22 6.85 0.95
C TYR A 47 3.81 8.06 1.79
N ASP A 48 4.69 8.43 2.73
CA ASP A 48 4.34 9.55 3.61
C ASP A 48 4.05 10.82 2.78
N ARG A 49 4.92 11.02 1.76
CA ARG A 49 4.77 12.14 0.84
C ARG A 49 3.42 12.11 0.07
N ASP A 50 3.20 10.99 -0.65
CA ASP A 50 2.05 10.88 -1.56
C ASP A 50 0.69 10.65 -0.87
N LYS A 51 0.73 9.79 0.17
CA LYS A 51 -0.43 9.40 0.99
C LYS A 51 -1.45 8.59 0.18
N LYS A 52 -0.93 7.95 -0.89
CA LYS A 52 -1.80 7.19 -1.78
C LYS A 52 -1.26 5.76 -1.86
N TYR A 53 -2.21 4.82 -1.67
CA TYR A 53 -1.93 3.40 -1.52
C TYR A 53 -2.92 2.57 -2.36
N GLY A 54 -2.66 1.27 -2.23
CA GLY A 54 -3.49 0.20 -2.79
C GLY A 54 -3.79 -0.83 -1.68
N PHE A 55 -4.65 -1.83 -1.99
CA PHE A 55 -4.98 -2.86 -1.00
C PHE A 55 -4.22 -4.14 -1.35
N CYS A 56 -4.13 -4.98 -0.30
CA CYS A 56 -3.35 -6.22 -0.39
C CYS A 56 -4.27 -7.37 0.09
N PRO A 57 -3.90 -8.63 -0.26
CA PRO A 57 -4.72 -9.80 0.06
C PRO A 57 -4.74 -10.09 1.57
N GLU A 58 -5.97 -10.15 2.11
CA GLU A 58 -6.22 -10.42 3.54
C GLU A 58 -7.73 -10.40 3.78
N THR A 59 -8.31 -9.30 3.24
CA THR A 59 -9.73 -9.09 3.43
C THR A 59 -10.58 -10.21 2.83
N ALA A 60 -11.78 -10.22 3.42
CA ALA A 60 -12.91 -11.02 2.99
C ALA A 60 -14.00 -10.02 2.60
N THR A 1 1.99 -11.92 -9.85
CA THR A 1 0.80 -11.59 -9.10
C THR A 1 0.47 -10.18 -9.56
N ALA A 2 -0.61 -9.60 -9.00
CA ALA A 2 -1.00 -8.24 -9.34
C ALA A 2 -1.78 -7.73 -8.14
N LEU A 3 -1.64 -6.41 -7.90
CA LEU A 3 -2.29 -5.76 -6.78
C LEU A 3 -3.16 -4.58 -7.28
N PHE A 4 -4.38 -5.02 -7.68
CA PHE A 4 -5.43 -4.09 -8.10
C PHE A 4 -5.89 -3.37 -6.82
N THR A 5 -6.40 -2.14 -7.02
CA THR A 5 -6.69 -1.25 -5.91
C THR A 5 -8.19 -1.15 -5.64
N MET A 6 -8.89 -0.67 -6.67
CA MET A 6 -10.35 -0.53 -6.71
C MET A 6 -10.96 -0.03 -5.37
N GLY A 7 -10.46 1.13 -4.95
CA GLY A 7 -10.91 1.74 -3.70
C GLY A 7 -10.06 2.98 -3.42
N GLY A 8 -8.76 2.74 -3.67
CA GLY A 8 -7.68 3.72 -3.62
C GLY A 8 -8.06 5.06 -4.28
N ASN A 9 -7.39 6.13 -3.79
CA ASN A 9 -7.78 7.49 -4.21
C ASN A 9 -6.75 8.16 -5.13
N ALA A 10 -5.74 7.37 -5.56
CA ALA A 10 -4.72 7.95 -6.42
C ALA A 10 -5.00 7.73 -7.93
N GLU A 11 -6.07 8.39 -8.40
CA GLU A 11 -6.36 8.51 -9.83
C GLU A 11 -6.28 7.19 -10.66
N GLY A 12 -6.82 6.09 -10.09
CA GLY A 12 -6.92 4.84 -10.86
C GLY A 12 -5.70 3.88 -10.70
N GLN A 13 -4.75 4.33 -9.85
CA GLN A 13 -3.53 3.59 -9.49
C GLN A 13 -3.65 2.04 -9.33
N PRO A 14 -2.47 1.39 -9.54
CA PRO A 14 -2.10 0.11 -8.91
C PRO A 14 -1.25 0.37 -7.64
N CYS A 15 -1.23 -0.60 -6.71
CA CYS A 15 -0.35 -0.44 -5.53
C CYS A 15 1.14 -0.33 -5.94
N LYS A 16 1.91 0.37 -5.07
CA LYS A 16 3.35 0.53 -5.30
C LYS A 16 4.11 -0.02 -4.09
N PHE A 17 5.21 -0.72 -4.43
CA PHE A 17 6.16 -1.23 -3.44
C PHE A 17 7.53 -0.86 -4.00
N PRO A 18 8.52 -0.51 -3.13
CA PRO A 18 8.35 -0.19 -1.71
C PRO A 18 7.90 1.27 -1.56
N PHE A 19 6.89 1.47 -0.68
CA PHE A 19 6.44 2.83 -0.37
C PHE A 19 6.89 3.09 1.07
N ARG A 20 7.08 4.37 1.41
CA ARG A 20 7.55 4.72 2.75
C ARG A 20 6.43 5.44 3.52
N PHE A 21 6.47 5.25 4.84
CA PHE A 21 5.47 5.85 5.75
C PHE A 21 6.07 5.78 7.16
N GLN A 22 5.95 6.90 7.88
CA GLN A 22 6.54 7.04 9.22
C GLN A 22 8.08 6.90 9.18
N GLY A 23 8.67 7.06 7.97
CA GLY A 23 10.12 6.95 7.83
C GLY A 23 10.59 5.57 7.32
N THR A 24 9.76 4.55 7.56
CA THR A 24 10.11 3.18 7.20
C THR A 24 9.57 2.86 5.81
N SER A 25 10.12 1.79 5.19
CA SER A 25 9.69 1.32 3.89
C SER A 25 8.89 0.01 4.09
N TYR A 26 7.83 -0.07 3.28
CA TYR A 26 6.83 -1.12 3.29
C TYR A 26 6.80 -1.70 1.87
N ASP A 27 7.04 -3.02 1.81
CA ASP A 27 7.08 -3.74 0.53
C ASP A 27 5.95 -4.77 0.49
N SER A 28 4.83 -4.40 1.17
CA SER A 28 3.70 -5.30 1.23
C SER A 28 2.50 -4.50 1.77
N CYS A 29 1.32 -5.12 1.60
CA CYS A 29 0.05 -4.55 2.05
C CYS A 29 0.05 -4.27 3.59
N THR A 30 -0.12 -2.99 4.02
CA THR A 30 -0.12 -2.71 5.47
C THR A 30 -1.54 -2.36 5.95
N THR A 31 -1.68 -2.41 7.28
CA THR A 31 -2.91 -2.00 7.96
C THR A 31 -2.63 -0.86 8.95
N GLU A 32 -1.35 -0.44 9.01
CA GLU A 32 -1.00 0.58 9.99
C GLU A 32 -1.75 1.90 9.67
N GLY A 33 -2.67 2.23 10.61
CA GLY A 33 -3.48 3.45 10.49
C GLY A 33 -4.96 3.16 10.23
N ARG A 34 -5.25 1.96 9.70
CA ARG A 34 -6.66 1.62 9.39
C ARG A 34 -7.04 0.36 10.16
N THR A 35 -8.08 0.54 11.00
CA THR A 35 -8.57 -0.54 11.87
C THR A 35 -9.98 -0.97 11.43
N ASP A 36 -10.20 -0.88 10.10
CA ASP A 36 -11.50 -1.25 9.51
C ASP A 36 -11.43 -2.65 8.85
N GLY A 37 -10.37 -2.88 8.04
CA GLY A 37 -10.18 -4.22 7.45
C GLY A 37 -9.79 -4.32 5.97
N TYR A 38 -9.20 -3.28 5.32
CA TYR A 38 -8.81 -3.44 3.91
C TYR A 38 -7.37 -2.97 3.90
N ARG A 39 -6.45 -3.86 3.52
CA ARG A 39 -5.02 -3.47 3.69
C ARG A 39 -4.69 -2.37 2.64
N TRP A 40 -3.93 -1.33 3.05
CA TRP A 40 -3.61 -0.22 2.17
C TRP A 40 -2.13 -0.26 1.74
N CYS A 41 -1.87 0.43 0.62
CA CYS A 41 -0.54 0.57 0.08
C CYS A 41 -0.37 2.04 -0.33
N GLY A 42 0.89 2.50 -0.30
CA GLY A 42 1.19 3.83 -0.83
C GLY A 42 1.45 3.64 -2.33
N THR A 43 1.46 4.78 -3.05
CA THR A 43 1.69 4.71 -4.49
C THR A 43 2.90 5.53 -4.94
N THR A 44 3.68 5.97 -3.94
CA THR A 44 4.86 6.77 -4.20
C THR A 44 5.95 6.28 -3.25
N GLU A 45 7.17 6.82 -3.48
CA GLU A 45 8.31 6.50 -2.63
C GLU A 45 7.98 6.89 -1.19
N ASP A 46 7.43 8.12 -1.05
CA ASP A 46 7.03 8.62 0.27
C ASP A 46 5.51 8.90 0.29
N TYR A 47 4.84 8.18 1.20
CA TYR A 47 3.41 8.38 1.39
C TYR A 47 3.17 9.68 2.18
N ASP A 48 4.07 9.93 3.15
CA ASP A 48 3.83 11.08 4.00
C ASP A 48 3.78 12.41 3.24
N ARG A 49 4.66 12.54 2.25
CA ARG A 49 4.64 13.74 1.43
C ARG A 49 3.31 13.88 0.63
N ASP A 50 2.90 12.74 0.03
CA ASP A 50 1.75 12.75 -0.88
C ASP A 50 0.33 12.71 -0.25
N LYS A 51 0.10 11.81 0.73
CA LYS A 51 -1.25 11.59 1.28
C LYS A 51 -2.29 11.22 0.20
N LYS A 52 -1.82 10.29 -0.66
CA LYS A 52 -2.66 9.60 -1.61
C LYS A 52 -2.29 8.15 -1.36
N TYR A 53 -3.32 7.29 -1.34
CA TYR A 53 -3.10 5.90 -1.00
C TYR A 53 -4.02 5.04 -1.84
N GLY A 54 -3.72 3.75 -1.67
CA GLY A 54 -4.37 2.69 -2.42
C GLY A 54 -4.75 1.54 -1.49
N PHE A 55 -5.50 0.57 -2.08
CA PHE A 55 -5.94 -0.61 -1.37
C PHE A 55 -5.13 -1.72 -2.03
N CYS A 56 -4.79 -2.70 -1.20
CA CYS A 56 -3.90 -3.79 -1.62
C CYS A 56 -4.79 -5.04 -1.61
N PRO A 57 -4.43 -6.09 -2.39
CA PRO A 57 -5.33 -7.25 -2.49
C PRO A 57 -5.34 -8.16 -1.25
N GLU A 58 -6.00 -7.66 -0.19
CA GLU A 58 -6.16 -8.39 1.07
C GLU A 58 -7.03 -7.55 2.02
N THR A 59 -7.81 -8.28 2.82
CA THR A 59 -8.68 -7.69 3.82
C THR A 59 -8.47 -8.49 5.12
N ALA A 60 -7.27 -8.24 5.66
CA ALA A 60 -6.76 -8.88 6.86
C ALA A 60 -5.58 -8.01 7.33
N THR A 1 -3.54 -12.33 -8.29
CA THR A 1 -2.33 -12.68 -9.01
C THR A 1 -1.39 -11.48 -9.09
N ALA A 2 -1.67 -10.61 -10.08
CA ALA A 2 -0.91 -9.37 -10.16
C ALA A 2 -1.42 -8.45 -9.03
N LEU A 3 -0.61 -7.41 -8.77
CA LEU A 3 -0.91 -6.46 -7.71
C LEU A 3 -1.19 -5.10 -8.35
N PHE A 4 -2.47 -4.97 -8.80
CA PHE A 4 -2.94 -3.71 -9.36
C PHE A 4 -3.21 -2.74 -8.18
N THR A 5 -4.49 -2.52 -7.81
CA THR A 5 -4.83 -1.63 -6.70
C THR A 5 -5.74 -2.35 -5.71
N MET A 6 -6.81 -2.88 -6.31
CA MET A 6 -7.84 -3.64 -5.59
C MET A 6 -8.58 -2.74 -4.58
N GLY A 7 -8.53 -1.43 -4.88
CA GLY A 7 -9.08 -0.40 -4.03
C GLY A 7 -7.93 0.53 -3.66
N GLY A 8 -8.21 1.40 -2.66
CA GLY A 8 -7.16 2.34 -2.26
C GLY A 8 -7.31 3.63 -3.07
N ASN A 9 -6.23 4.44 -3.20
CA ASN A 9 -6.35 5.74 -3.88
C ASN A 9 -5.29 5.92 -4.99
N ALA A 10 -4.59 4.84 -5.34
CA ALA A 10 -3.47 4.84 -6.28
C ALA A 10 -3.74 5.18 -7.77
N GLU A 11 -4.94 5.69 -8.11
CA GLU A 11 -5.24 6.00 -9.52
C GLU A 11 -5.00 4.81 -10.50
N GLY A 12 -5.16 3.57 -9.97
CA GLY A 12 -4.97 2.38 -10.82
C GLY A 12 -3.49 1.94 -10.92
N GLN A 13 -2.58 2.72 -10.29
CA GLN A 13 -1.16 2.37 -10.33
C GLN A 13 -0.92 1.05 -9.55
N PRO A 14 -0.02 0.17 -10.10
CA PRO A 14 0.30 -1.11 -9.47
C PRO A 14 1.09 -0.93 -8.16
N CYS A 15 0.84 -1.84 -7.20
CA CYS A 15 1.55 -1.81 -5.91
C CYS A 15 3.06 -1.63 -6.11
N LYS A 16 3.64 -0.88 -5.15
CA LYS A 16 5.05 -0.57 -5.18
C LYS A 16 5.74 -1.20 -3.97
N PHE A 17 6.62 -2.13 -4.34
CA PHE A 17 7.50 -2.81 -3.39
C PHE A 17 8.93 -2.50 -3.88
N PRO A 18 9.85 -2.13 -2.96
CA PRO A 18 9.57 -1.78 -1.56
C PRO A 18 8.98 -0.36 -1.46
N PHE A 19 8.05 -0.21 -0.49
CA PHE A 19 7.48 1.09 -0.17
C PHE A 19 7.94 1.42 1.27
N ARG A 20 8.34 2.69 1.45
CA ARG A 20 8.88 3.16 2.71
C ARG A 20 7.80 4.02 3.41
N PHE A 21 7.47 3.60 4.64
CA PHE A 21 6.42 4.24 5.45
C PHE A 21 6.93 4.25 6.91
N GLN A 22 6.64 5.35 7.63
CA GLN A 22 7.10 5.52 8.99
C GLN A 22 8.64 5.31 9.09
N GLY A 23 9.38 5.75 8.04
CA GLY A 23 10.83 5.58 8.08
C GLY A 23 11.29 4.09 8.06
N THR A 24 10.31 3.21 7.78
CA THR A 24 10.49 1.76 7.77
C THR A 24 10.20 1.25 6.35
N SER A 25 10.97 0.23 5.94
CA SER A 25 10.87 -0.36 4.61
C SER A 25 9.93 -1.59 4.64
N TYR A 26 8.94 -1.58 3.72
CA TYR A 26 7.99 -2.68 3.58
C TYR A 26 8.10 -3.23 2.16
N ASP A 27 8.12 -4.57 2.07
CA ASP A 27 8.22 -5.25 0.77
C ASP A 27 7.07 -6.27 0.63
N SER A 28 5.95 -5.95 1.31
CA SER A 28 4.82 -6.86 1.27
C SER A 28 3.59 -6.10 1.79
N CYS A 29 2.43 -6.71 1.49
CA CYS A 29 1.14 -6.18 1.95
C CYS A 29 1.10 -6.06 3.49
N THR A 30 0.96 -4.82 4.01
CA THR A 30 0.96 -4.64 5.47
C THR A 30 -0.38 -4.09 5.93
N THR A 31 -0.60 -4.30 7.23
CA THR A 31 -1.78 -3.76 7.91
C THR A 31 -1.34 -2.58 8.80
N GLU A 32 -0.01 -2.35 8.82
CA GLU A 32 0.53 -1.29 9.67
C GLU A 32 -0.03 0.07 9.21
N GLY A 33 -0.73 0.73 10.15
CA GLY A 33 -1.33 2.02 9.87
C GLY A 33 -2.86 1.93 9.74
N ARG A 34 -3.38 0.70 9.57
CA ARG A 34 -4.85 0.56 9.45
C ARG A 34 -5.36 -0.28 10.63
N THR A 35 -6.57 0.11 11.07
CA THR A 35 -7.26 -0.58 12.16
C THR A 35 -8.67 -0.99 11.73
N ASP A 36 -8.86 -1.03 10.39
CA ASP A 36 -10.15 -1.35 9.79
C ASP A 36 -10.16 -2.76 9.15
N GLY A 37 -9.03 -3.47 9.31
CA GLY A 37 -8.94 -4.86 8.83
C GLY A 37 -8.24 -5.01 7.49
N TYR A 38 -8.06 -3.89 6.76
CA TYR A 38 -7.52 -4.02 5.41
C TYR A 38 -5.99 -3.90 5.37
N ARG A 39 -5.46 -4.66 4.40
CA ARG A 39 -4.00 -4.71 4.15
C ARG A 39 -3.79 -3.86 2.89
N TRP A 40 -2.74 -3.01 2.94
CA TRP A 40 -2.44 -2.08 1.87
C TRP A 40 -0.97 -2.19 1.43
N CYS A 41 -0.72 -1.61 0.23
CA CYS A 41 0.62 -1.48 -0.33
C CYS A 41 0.77 -0.01 -0.75
N GLY A 42 1.98 0.52 -0.55
CA GLY A 42 2.24 1.89 -1.00
C GLY A 42 2.42 1.83 -2.53
N THR A 43 2.25 2.97 -3.22
CA THR A 43 2.49 2.97 -4.67
C THR A 43 3.66 3.88 -5.05
N THR A 44 4.47 4.19 -4.04
CA THR A 44 5.68 4.97 -4.27
C THR A 44 6.73 4.39 -3.34
N GLU A 45 7.99 4.73 -3.67
CA GLU A 45 9.10 4.31 -2.84
C GLU A 45 9.03 5.01 -1.46
N ASP A 46 8.54 6.27 -1.51
CA ASP A 46 8.40 7.10 -0.30
C ASP A 46 6.92 7.41 -0.08
N TYR A 47 6.31 6.52 0.73
CA TYR A 47 4.87 6.67 0.97
C TYR A 47 4.57 7.89 1.84
N ASP A 48 5.48 8.11 2.82
CA ASP A 48 5.25 9.19 3.76
C ASP A 48 5.09 10.54 3.04
N ARG A 49 5.90 10.68 1.98
CA ARG A 49 5.88 11.87 1.16
C ARG A 49 4.60 11.95 0.29
N ASP A 50 4.41 10.90 -0.55
CA ASP A 50 3.32 10.91 -1.54
C ASP A 50 1.87 10.65 -1.05
N LYS A 51 1.71 9.67 -0.14
CA LYS A 51 0.41 9.24 0.39
C LYS A 51 -0.50 8.54 -0.64
N LYS A 52 0.12 7.83 -1.62
CA LYS A 52 -0.71 7.07 -2.55
C LYS A 52 -0.47 5.58 -2.27
N TYR A 53 -1.59 4.84 -2.27
CA TYR A 53 -1.59 3.42 -1.95
C TYR A 53 -2.77 2.71 -2.60
N GLY A 54 -2.67 1.38 -2.45
CA GLY A 54 -3.67 0.45 -2.95
C GLY A 54 -3.97 -0.58 -1.83
N PHE A 55 -4.98 -1.44 -2.06
CA PHE A 55 -5.32 -2.47 -1.07
C PHE A 55 -4.56 -3.73 -1.52
N CYS A 56 -4.59 -4.73 -0.63
CA CYS A 56 -3.78 -5.95 -0.86
C CYS A 56 -4.64 -7.15 -0.42
N PRO A 57 -4.27 -8.37 -0.92
CA PRO A 57 -5.03 -9.58 -0.63
C PRO A 57 -4.91 -10.05 0.83
N GLU A 58 -6.06 -10.46 1.37
CA GLU A 58 -6.15 -10.97 2.72
C GLU A 58 -5.22 -12.21 2.88
N THR A 59 -4.84 -12.45 4.14
CA THR A 59 -3.97 -13.58 4.44
C THR A 59 -4.81 -14.86 4.40
N ALA A 60 -4.56 -15.65 3.34
CA ALA A 60 -5.23 -16.92 3.13
C ALA A 60 -4.32 -17.79 2.24
N THR A 1 3.04 -8.58 -8.17
CA THR A 1 3.30 -7.20 -8.52
C THR A 1 2.08 -6.77 -9.32
N ALA A 2 1.88 -5.45 -9.47
CA ALA A 2 0.71 -4.93 -10.19
C ALA A 2 -0.61 -5.43 -9.57
N LEU A 3 -0.86 -4.93 -8.35
CA LEU A 3 -2.04 -5.34 -7.61
C LEU A 3 -3.13 -4.25 -7.71
N PHE A 4 -4.39 -4.75 -7.64
CA PHE A 4 -5.60 -3.94 -7.68
C PHE A 4 -5.61 -2.88 -6.56
N THR A 5 -6.43 -1.82 -6.75
CA THR A 5 -6.53 -0.74 -5.77
C THR A 5 -7.76 -0.92 -4.85
N MET A 6 -8.80 -1.42 -5.52
CA MET A 6 -10.11 -1.67 -4.93
C MET A 6 -10.75 -0.33 -4.50
N GLY A 7 -10.87 -0.13 -3.18
CA GLY A 7 -11.46 1.13 -2.69
C GLY A 7 -10.48 2.32 -2.73
N GLY A 8 -9.22 1.97 -3.05
CA GLY A 8 -8.07 2.86 -3.17
C GLY A 8 -8.35 4.23 -3.81
N ASN A 9 -7.46 5.18 -3.47
CA ASN A 9 -7.60 6.56 -3.96
C ASN A 9 -6.44 6.98 -4.89
N ALA A 10 -5.52 6.03 -5.13
CA ALA A 10 -4.32 6.32 -5.90
C ALA A 10 -4.50 6.47 -7.42
N GLU A 11 -5.62 7.08 -7.83
CA GLU A 11 -5.87 7.35 -9.25
C GLU A 11 -5.76 6.10 -10.17
N GLY A 12 -6.08 4.94 -9.56
CA GLY A 12 -6.05 3.67 -10.32
C GLY A 12 -4.65 3.02 -10.34
N GLN A 13 -3.64 3.71 -9.77
CA GLN A 13 -2.30 3.14 -9.74
C GLN A 13 -2.31 1.89 -8.82
N PRO A 14 -1.71 0.77 -9.31
CA PRO A 14 -1.66 -0.47 -8.54
C PRO A 14 -0.69 -0.33 -7.34
N CYS A 15 -0.95 -1.12 -6.27
CA CYS A 15 -0.11 -1.06 -5.07
C CYS A 15 1.40 -1.04 -5.41
N LYS A 16 2.11 -0.23 -4.61
CA LYS A 16 3.54 -0.06 -4.78
C LYS A 16 4.26 -0.67 -3.59
N PHE A 17 5.01 -1.72 -3.93
CA PHE A 17 5.89 -2.43 -3.01
C PHE A 17 7.31 -2.31 -3.61
N PRO A 18 8.32 -1.95 -2.77
CA PRO A 18 8.18 -1.41 -1.42
C PRO A 18 7.77 0.08 -1.45
N PHE A 19 6.91 0.46 -0.48
CA PHE A 19 6.54 1.87 -0.28
C PHE A 19 7.09 2.29 1.09
N ARG A 20 7.59 3.54 1.14
CA ARG A 20 8.15 4.08 2.37
C ARG A 20 7.11 5.01 3.01
N PHE A 21 6.78 4.70 4.28
CA PHE A 21 5.78 5.46 5.03
C PHE A 21 6.29 5.51 6.49
N GLN A 22 6.05 6.65 7.16
CA GLN A 22 6.49 6.81 8.55
C GLN A 22 8.01 6.49 8.69
N GLY A 23 8.81 6.86 7.67
CA GLY A 23 10.25 6.59 7.75
C GLY A 23 10.62 5.08 7.77
N THR A 24 9.59 4.25 7.49
CA THR A 24 9.68 2.81 7.52
C THR A 24 9.37 2.25 6.12
N SER A 25 10.08 1.17 5.77
CA SER A 25 9.94 0.52 4.48
C SER A 25 8.94 -0.63 4.60
N TYR A 26 7.90 -0.59 3.75
CA TYR A 26 6.85 -1.62 3.75
C TYR A 26 6.79 -2.31 2.38
N ASP A 27 6.72 -3.66 2.46
CA ASP A 27 6.61 -4.50 1.27
C ASP A 27 5.35 -5.38 1.36
N SER A 28 4.35 -4.83 2.08
CA SER A 28 3.08 -5.53 2.26
C SER A 28 2.09 -4.51 2.81
N CYS A 29 0.79 -4.89 2.80
CA CYS A 29 -0.23 -3.98 3.30
C CYS A 29 -0.01 -3.64 4.79
N THR A 30 -0.14 -2.35 5.15
CA THR A 30 0.03 -1.87 6.51
C THR A 30 -1.30 -1.22 6.94
N THR A 31 -1.43 -0.93 8.25
CA THR A 31 -2.69 -0.38 8.79
C THR A 31 -2.58 1.06 9.33
N GLU A 32 -1.42 1.31 9.96
CA GLU A 32 -1.09 2.53 10.70
C GLU A 32 -1.63 3.80 10.00
N GLY A 33 -2.45 4.51 10.80
CA GLY A 33 -3.12 5.72 10.35
C GLY A 33 -4.65 5.53 10.36
N ARG A 34 -5.04 4.25 10.19
CA ARG A 34 -6.48 3.92 10.15
C ARG A 34 -6.75 2.86 11.23
N THR A 35 -7.92 3.05 11.88
CA THR A 35 -8.38 2.15 12.93
C THR A 35 -9.76 1.55 12.56
N ASP A 36 -9.98 1.47 11.23
CA ASP A 36 -11.24 0.95 10.69
C ASP A 36 -11.13 -0.56 10.34
N GLY A 37 -9.87 -0.99 10.11
CA GLY A 37 -9.53 -2.40 9.91
C GLY A 37 -9.29 -2.84 8.46
N TYR A 38 -8.98 -1.91 7.50
CA TYR A 38 -8.78 -2.41 6.13
C TYR A 38 -7.36 -2.02 5.70
N ARG A 39 -6.45 -3.00 5.91
CA ARG A 39 -5.00 -2.82 5.63
C ARG A 39 -4.85 -2.28 4.19
N TRP A 40 -3.97 -1.26 4.03
CA TRP A 40 -3.76 -0.57 2.77
C TRP A 40 -2.28 -0.64 2.36
N CYS A 41 -2.04 -0.29 1.08
CA CYS A 41 -0.69 -0.22 0.54
C CYS A 41 -0.46 1.19 -0.03
N GLY A 42 0.80 1.66 0.07
CA GLY A 42 1.11 2.95 -0.55
C GLY A 42 1.25 2.72 -2.06
N THR A 43 1.23 3.83 -2.81
CA THR A 43 1.34 3.70 -4.28
C THR A 43 2.51 4.48 -4.87
N THR A 44 3.48 4.80 -4.00
CA THR A 44 4.68 5.48 -4.44
C THR A 44 5.83 4.98 -3.57
N GLU A 45 7.05 5.31 -4.03
CA GLU A 45 8.26 4.96 -3.31
C GLU A 45 8.30 5.71 -1.96
N ASP A 46 7.80 6.96 -2.04
CA ASP A 46 7.69 7.83 -0.86
C ASP A 46 6.21 8.13 -0.68
N TYR A 47 5.62 7.30 0.20
CA TYR A 47 4.19 7.47 0.45
C TYR A 47 3.96 8.78 1.20
N ASP A 48 4.91 9.12 2.07
CA ASP A 48 4.65 10.27 2.92
C ASP A 48 4.39 11.59 2.18
N ARG A 49 5.10 11.73 1.06
CA ARG A 49 4.96 12.93 0.23
C ARG A 49 3.57 13.00 -0.45
N ASP A 50 3.21 11.85 -1.05
CA ASP A 50 2.03 11.78 -1.91
C ASP A 50 0.66 11.47 -1.23
N LYS A 51 0.75 10.64 -0.16
CA LYS A 51 -0.42 10.09 0.52
C LYS A 51 -1.51 9.64 -0.48
N LYS A 52 -1.13 8.65 -1.31
CA LYS A 52 -2.06 8.02 -2.23
C LYS A 52 -1.87 6.52 -1.97
N TYR A 53 -3.00 5.82 -1.77
CA TYR A 53 -2.96 4.41 -1.43
C TYR A 53 -4.07 3.61 -2.12
N GLY A 54 -3.94 2.30 -1.85
CA GLY A 54 -4.88 1.28 -2.28
C GLY A 54 -5.20 0.35 -1.09
N PHE A 55 -6.17 -0.58 -1.26
CA PHE A 55 -6.54 -1.47 -0.15
C PHE A 55 -5.85 -2.81 -0.40
N CYS A 56 -5.64 -3.55 0.71
CA CYS A 56 -4.81 -4.81 0.66
C CYS A 56 -5.29 -5.75 -0.47
N PRO A 57 -4.54 -5.81 -1.62
CA PRO A 57 -5.03 -6.62 -2.73
C PRO A 57 -4.27 -7.94 -2.80
N GLU A 58 -5.00 -9.01 -2.43
CA GLU A 58 -4.47 -10.36 -2.44
C GLU A 58 -5.67 -11.28 -2.29
N THR A 59 -5.45 -12.56 -2.64
CA THR A 59 -6.50 -13.56 -2.54
C THR A 59 -5.85 -14.95 -2.49
N ALA A 60 -4.97 -15.05 -1.48
CA ALA A 60 -4.19 -16.24 -1.21
C ALA A 60 -3.80 -16.22 0.27
N THR A 1 2.69 -10.88 -8.29
CA THR A 1 1.38 -11.48 -8.52
C THR A 1 0.58 -10.39 -9.20
N ALA A 2 -0.63 -10.75 -9.68
CA ALA A 2 -1.49 -9.77 -10.35
C ALA A 2 -2.11 -8.81 -9.31
N LEU A 3 -1.27 -7.82 -8.93
CA LEU A 3 -1.62 -6.84 -7.93
C LEU A 3 -1.74 -5.46 -8.60
N PHE A 4 -3.00 -5.18 -9.00
CA PHE A 4 -3.35 -3.90 -9.61
C PHE A 4 -3.50 -2.91 -8.42
N THR A 5 -4.68 -2.30 -8.19
CA THR A 5 -4.89 -1.46 -7.01
C THR A 5 -5.83 -2.22 -6.06
N MET A 6 -6.93 -2.63 -6.70
CA MET A 6 -7.95 -3.46 -6.09
C MET A 6 -8.63 -2.72 -4.92
N GLY A 7 -8.78 -1.41 -5.17
CA GLY A 7 -9.31 -0.49 -4.19
C GLY A 7 -8.17 0.45 -3.84
N GLY A 8 -8.46 1.32 -2.85
CA GLY A 8 -7.40 2.27 -2.45
C GLY A 8 -7.41 3.46 -3.43
N ASN A 9 -6.26 4.13 -3.59
CA ASN A 9 -6.18 5.31 -4.45
C ASN A 9 -5.07 5.08 -5.50
N ALA A 10 -4.05 5.97 -5.54
CA ALA A 10 -2.90 5.79 -6.47
C ALA A 10 -3.29 5.67 -7.95
N GLU A 11 -4.44 6.27 -8.30
CA GLU A 11 -4.97 6.34 -9.66
C GLU A 11 -4.69 5.11 -10.58
N GLY A 12 -4.95 3.90 -10.03
CA GLY A 12 -4.85 2.69 -10.88
C GLY A 12 -3.42 2.11 -10.98
N GLN A 13 -2.46 2.76 -10.28
CA GLN A 13 -1.08 2.27 -10.33
C GLN A 13 -1.00 0.88 -9.64
N PRO A 14 -0.28 -0.08 -10.27
CA PRO A 14 -0.16 -1.43 -9.73
C PRO A 14 0.73 -1.46 -8.48
N CYS A 15 0.44 -2.42 -7.57
CA CYS A 15 1.29 -2.55 -6.39
C CYS A 15 2.76 -2.74 -6.83
N LYS A 16 3.58 -2.01 -6.08
CA LYS A 16 5.01 -1.88 -6.26
C LYS A 16 5.56 -2.24 -4.86
N PHE A 17 6.69 -2.97 -4.87
CA PHE A 17 7.42 -3.32 -3.65
C PHE A 17 8.88 -3.05 -4.01
N PRO A 18 9.72 -2.56 -3.05
CA PRO A 18 9.39 -2.19 -1.67
C PRO A 18 8.75 -0.80 -1.55
N PHE A 19 8.02 -0.65 -0.43
CA PHE A 19 7.41 0.63 -0.06
C PHE A 19 7.91 0.97 1.35
N ARG A 20 8.22 2.28 1.51
CA ARG A 20 8.82 2.75 2.76
C ARG A 20 7.82 3.66 3.48
N PHE A 21 7.42 3.24 4.69
CA PHE A 21 6.45 3.99 5.50
C PHE A 21 6.86 3.86 6.98
N GLN A 22 6.65 4.97 7.71
CA GLN A 22 7.06 5.10 9.10
C GLN A 22 8.60 4.97 9.15
N GLY A 23 9.27 5.49 8.09
CA GLY A 23 10.73 5.39 8.03
C GLY A 23 11.24 3.92 7.98
N THR A 24 10.29 2.98 7.74
CA THR A 24 10.59 1.56 7.72
C THR A 24 10.24 1.00 6.32
N SER A 25 11.14 0.15 5.81
CA SER A 25 10.96 -0.48 4.51
C SER A 25 10.09 -1.75 4.67
N TYR A 26 9.13 -1.88 3.74
CA TYR A 26 8.21 -3.00 3.68
C TYR A 26 8.36 -3.62 2.27
N ASP A 27 8.59 -4.95 2.27
CA ASP A 27 8.79 -5.68 1.01
C ASP A 27 7.67 -6.72 0.82
N SER A 28 6.50 -6.39 1.41
CA SER A 28 5.38 -7.30 1.35
C SER A 28 4.13 -6.53 1.79
N CYS A 29 2.97 -7.07 1.38
CA CYS A 29 1.68 -6.48 1.75
C CYS A 29 1.60 -6.22 3.28
N THR A 30 1.39 -4.94 3.66
CA THR A 30 1.44 -4.59 5.08
C THR A 30 0.06 -4.20 5.59
N THR A 31 -0.01 -4.20 6.93
CA THR A 31 -1.19 -3.75 7.66
C THR A 31 -0.81 -2.54 8.55
N GLU A 32 0.46 -2.10 8.45
CA GLU A 32 0.88 -0.95 9.25
C GLU A 32 0.05 0.28 8.87
N GLY A 33 -0.73 0.76 9.86
CA GLY A 33 -1.58 1.93 9.65
C GLY A 33 -3.05 1.58 9.45
N ARG A 34 -3.34 0.30 9.13
CA ARG A 34 -4.77 -0.07 8.94
C ARG A 34 -5.19 -1.07 10.03
N THR A 35 -6.29 -0.70 10.68
CA THR A 35 -6.87 -1.52 11.74
C THR A 35 -8.29 -1.95 11.32
N ASP A 36 -8.48 -2.02 9.99
CA ASP A 36 -9.78 -2.38 9.41
C ASP A 36 -9.78 -3.79 8.77
N GLY A 37 -8.61 -4.46 8.88
CA GLY A 37 -8.52 -5.83 8.38
C GLY A 37 -8.07 -5.94 6.93
N TYR A 38 -7.55 -4.84 6.35
CA TYR A 38 -7.12 -4.89 4.96
C TYR A 38 -5.63 -4.51 4.89
N ARG A 39 -4.98 -5.17 3.91
CA ARG A 39 -3.52 -4.95 3.73
C ARG A 39 -3.38 -3.94 2.58
N TRP A 40 -2.34 -3.08 2.62
CA TRP A 40 -2.12 -2.13 1.54
C TRP A 40 -0.67 -2.21 1.02
N CYS A 41 -0.48 -1.64 -0.18
CA CYS A 41 0.82 -1.51 -0.85
C CYS A 41 1.03 -0.02 -1.19
N GLY A 42 2.30 0.41 -1.11
CA GLY A 42 2.68 1.79 -1.38
C GLY A 42 3.29 1.90 -2.79
N THR A 43 2.58 2.69 -3.60
CA THR A 43 2.82 2.82 -5.03
C THR A 43 3.87 3.89 -5.36
N THR A 44 4.67 4.24 -4.34
CA THR A 44 5.80 5.14 -4.52
C THR A 44 6.89 4.62 -3.57
N GLU A 45 8.14 4.67 -4.04
CA GLU A 45 9.30 4.22 -3.25
C GLU A 45 9.37 4.90 -1.85
N ASP A 46 8.77 6.12 -1.75
CA ASP A 46 8.69 6.84 -0.49
C ASP A 46 7.20 7.10 -0.22
N TYR A 47 6.64 6.30 0.70
CA TYR A 47 5.20 6.45 0.93
C TYR A 47 4.91 7.65 1.83
N ASP A 48 5.80 7.82 2.82
CA ASP A 48 5.58 8.89 3.79
C ASP A 48 5.41 10.26 3.08
N ARG A 49 6.17 10.40 1.99
CA ARG A 49 6.11 11.61 1.18
C ARG A 49 4.75 11.75 0.43
N ASP A 50 4.47 10.76 -0.43
CA ASP A 50 3.30 10.82 -1.34
C ASP A 50 1.90 10.55 -0.74
N LYS A 51 1.80 9.50 0.10
CA LYS A 51 0.54 9.04 0.69
C LYS A 51 -0.49 8.53 -0.34
N LYS A 52 -0.01 7.81 -1.36
CA LYS A 52 -0.94 7.21 -2.33
C LYS A 52 -0.66 5.70 -2.35
N TYR A 53 -1.74 4.93 -2.09
CA TYR A 53 -1.67 3.48 -1.90
C TYR A 53 -2.73 2.74 -2.71
N GLY A 54 -2.58 1.41 -2.61
CA GLY A 54 -3.47 0.40 -3.17
C GLY A 54 -3.72 -0.69 -2.12
N PHE A 55 -4.64 -1.64 -2.41
CA PHE A 55 -4.95 -2.72 -1.46
C PHE A 55 -4.14 -3.96 -1.88
N CYS A 56 -4.02 -4.85 -0.89
CA CYS A 56 -3.26 -6.09 -1.01
C CYS A 56 -4.19 -7.18 -0.42
N PRO A 57 -3.91 -8.47 -0.76
CA PRO A 57 -4.75 -9.57 -0.29
C PRO A 57 -4.52 -9.95 1.19
N GLU A 58 -5.60 -9.79 1.99
CA GLU A 58 -5.57 -10.26 3.38
C GLU A 58 -6.01 -11.74 3.35
N THR A 59 -5.50 -12.51 4.32
CA THR A 59 -5.88 -13.92 4.38
C THR A 59 -5.53 -14.44 5.78
N ALA A 60 -6.60 -14.94 6.45
CA ALA A 60 -6.51 -15.45 7.80
C ALA A 60 -7.84 -16.19 8.10
#